data_4D69
#
_entry.id   4D69
#
_cell.length_a   114.232
_cell.length_b   114.232
_cell.length_c   202.893
_cell.angle_alpha   90.00
_cell.angle_beta   90.00
_cell.angle_gamma   120.00
#
_symmetry.space_group_name_H-M   'P 32'
#
loop_
_entity.id
_entity.type
_entity.pdbx_description
1 polymer LECTIN
2 polymer 'SHORT ANTIGEN PEPTIDE'
3 branched 2-acetamido-2-deoxy-beta-D-glucopyranose-(1-4)-2-acetamido-2-deoxy-beta-D-glucopyranose
4 non-polymer 2-acetamido-2-deoxy-alpha-D-galactopyranose
5 non-polymer 'MANGANESE (II) ION'
6 water water
#
loop_
_entity_poly.entity_id
_entity_poly.type
_entity_poly.pdbx_seq_one_letter_code
_entity_poly.pdbx_strand_id
1 'polypeptide(L)'
;AETVSFSWNKFVPKQPNMILQGDAIVTSSGKLQLNKVDENGTPKPSSLGRALYSTPIHIWDKETGSVASFAASFNFTFYA
PDTKRLADGLAFFLAPIDTKPQTHAGYLGLFNENESGDQVVAVEFDTFRNSWDPPNPHIGINVNSIRSIKTTSWDLANNK
VAKVLITYDASTSLLVASLVYPSQRTSNILSDVVDLKTSLPEWVRIGFSAATGLDIPGESHDVLSWSFASNLPHASSNID
PLDLTSFVLHEAI
;
A,B,C,D,E,F,G,H,I,J,K,L
2 'polypeptide(L)' APDTR O,P,Q,R,S,T,U,V,W,X,Y,Z
#
# COMPACT_ATOMS: atom_id res chain seq x y z
N ALA A 1 40.41 29.44 -15.70
CA ALA A 1 39.74 29.20 -14.38
C ALA A 1 40.27 30.20 -13.35
N GLU A 2 39.39 31.09 -12.92
CA GLU A 2 39.68 31.97 -11.80
C GLU A 2 39.30 31.34 -10.50
N THR A 3 40.17 31.43 -9.53
CA THR A 3 39.88 30.95 -8.20
C THR A 3 40.23 32.02 -7.17
N VAL A 4 39.56 31.96 -6.03
CA VAL A 4 39.94 32.72 -4.87
C VAL A 4 39.57 31.92 -3.64
N SER A 5 40.33 32.08 -2.58
CA SER A 5 39.91 31.54 -1.29
C SER A 5 40.56 32.29 -0.18
N PHE A 6 39.97 32.17 0.99
CA PHE A 6 40.62 32.60 2.21
C PHE A 6 40.03 31.89 3.41
N SER A 7 40.73 31.94 4.52
CA SER A 7 40.18 31.46 5.79
C SER A 7 40.87 32.06 6.95
N TRP A 8 40.09 32.23 8.02
CA TRP A 8 40.66 32.59 9.31
C TRP A 8 39.73 32.19 10.43
N ASN A 9 40.32 32.00 11.60
CA ASN A 9 39.60 31.51 12.77
C ASN A 9 39.46 32.59 13.87
N LYS A 10 40.10 33.76 13.70
CA LYS A 10 39.70 34.90 14.46
C LYS A 10 39.78 36.17 13.63
N PHE A 11 39.02 37.17 14.01
CA PHE A 11 39.07 38.48 13.33
C PHE A 11 40.04 39.36 14.10
N VAL A 12 40.62 40.33 13.44
CA VAL A 12 41.48 41.32 14.11
C VAL A 12 41.01 42.74 13.81
N PRO A 13 40.92 43.60 14.85
CA PRO A 13 40.48 45.01 14.65
C PRO A 13 41.20 45.71 13.50
N LYS A 14 40.48 46.52 12.74
CA LYS A 14 41.04 47.29 11.64
C LYS A 14 41.72 46.45 10.54
N GLN A 15 41.39 45.17 10.44
CA GLN A 15 41.95 44.40 9.37
C GLN A 15 41.44 44.96 8.03
N PRO A 16 42.36 45.27 7.12
CA PRO A 16 42.03 45.97 5.88
C PRO A 16 41.43 45.10 4.77
N ASN A 17 41.15 43.85 5.06
CA ASN A 17 40.48 42.98 4.11
C ASN A 17 39.01 42.81 4.46
N MET A 18 38.48 43.72 5.28
CA MET A 18 37.11 43.66 5.77
C MET A 18 36.51 45.04 5.76
N ILE A 19 35.29 45.16 5.25
CA ILE A 19 34.56 46.42 5.21
C ILE A 19 33.43 46.35 6.22
N LEU A 20 33.46 47.23 7.21
CA LEU A 20 32.40 47.27 8.21
C LEU A 20 31.34 48.30 7.86
N GLN A 21 30.11 47.97 8.24
CA GLN A 21 28.99 48.84 7.99
C GLN A 21 28.07 48.83 9.21
N GLY A 22 27.40 49.96 9.44
CA GLY A 22 26.48 50.11 10.57
C GLY A 22 27.17 49.91 11.91
N ASP A 23 26.57 49.12 12.78
CA ASP A 23 27.05 48.95 14.16
C ASP A 23 28.19 47.94 14.30
N ALA A 24 28.59 47.29 13.23
CA ALA A 24 29.57 46.23 13.29
C ALA A 24 30.91 46.68 13.83
N ILE A 25 31.49 45.92 14.75
CA ILE A 25 32.90 46.10 15.14
C ILE A 25 33.59 44.75 15.34
N VAL A 26 34.93 44.77 15.25
CA VAL A 26 35.73 43.59 15.56
C VAL A 26 36.38 43.79 16.90
N THR A 27 36.08 42.91 17.86
CA THR A 27 36.50 43.07 19.25
C THR A 27 37.96 42.68 19.43
N SER A 28 38.54 43.13 20.55
CA SER A 28 39.89 42.72 20.92
C SER A 28 39.97 41.20 21.12
N SER A 29 38.86 40.57 21.54
CA SER A 29 38.81 39.10 21.69
C SER A 29 38.67 38.34 20.36
N GLY A 30 38.61 39.07 19.26
CA GLY A 30 38.65 38.44 17.93
C GLY A 30 37.29 38.08 17.33
N LYS A 31 36.21 38.65 17.85
CA LYS A 31 34.87 38.34 17.36
C LYS A 31 34.37 39.44 16.45
N LEU A 32 33.60 39.07 15.43
CA LEU A 32 32.89 40.03 14.62
C LEU A 32 31.56 40.30 15.27
N GLN A 33 31.49 41.34 16.06
CA GLN A 33 30.25 41.73 16.73
C GLN A 33 29.42 42.55 15.78
N LEU A 34 28.33 42.00 15.27
CA LEU A 34 27.55 42.73 14.29
C LEU A 34 26.60 43.76 14.91
N ASN A 35 26.20 43.56 16.15
CA ASN A 35 25.25 44.45 16.80
C ASN A 35 25.81 45.19 18.04
N LYS A 36 25.25 46.35 18.37
CA LYS A 36 25.68 47.05 19.58
C LYS A 36 25.21 46.29 20.82
N VAL A 37 26.01 46.37 21.87
CA VAL A 37 25.73 45.72 23.13
C VAL A 37 26.13 46.66 24.27
N ASP A 38 25.32 46.69 25.33
CA ASP A 38 25.60 47.58 26.47
C ASP A 38 26.69 46.98 27.37
N GLU A 39 27.11 47.70 28.40
CA GLU A 39 28.38 47.29 29.00
C GLU A 39 28.36 45.96 29.76
N ASN A 40 27.18 45.42 30.12
CA ASN A 40 27.12 44.08 30.74
C ASN A 40 26.83 42.93 29.75
N GLY A 41 26.70 43.24 28.45
CA GLY A 41 26.57 42.21 27.40
C GLY A 41 25.23 42.21 26.68
N THR A 42 24.28 43.05 27.10
CA THR A 42 22.91 42.99 26.56
C THR A 42 22.76 43.77 25.25
N PRO A 43 22.14 43.13 24.25
CA PRO A 43 21.84 43.76 22.97
C PRO A 43 20.98 44.99 23.05
N LYS A 44 21.27 45.99 22.24
CA LYS A 44 20.46 47.20 22.18
C LYS A 44 19.44 47.01 21.05
N PRO A 45 18.18 47.46 21.23
CA PRO A 45 17.24 47.39 20.11
C PRO A 45 17.65 48.31 18.94
N SER A 46 17.06 48.05 17.78
CA SER A 46 17.35 48.71 16.50
C SER A 46 18.81 48.84 16.09
N SER A 47 19.65 47.97 16.64
CA SER A 47 20.96 47.73 16.06
C SER A 47 20.89 47.01 14.72
N LEU A 48 21.80 47.37 13.84
CA LEU A 48 21.99 46.76 12.52
C LEU A 48 23.49 46.84 12.22
N GLY A 49 24.13 45.72 11.89
CA GLY A 49 25.51 45.75 11.43
C GLY A 49 25.75 44.81 10.27
N ARG A 50 26.70 45.15 9.43
CA ARG A 50 27.14 44.26 8.36
C ARG A 50 28.64 44.31 8.23
N ALA A 51 29.14 43.30 7.54
CA ALA A 51 30.57 43.13 7.29
C ALA A 51 30.75 42.46 5.95
N LEU A 52 31.60 43.01 5.10
CA LEU A 52 31.85 42.52 3.74
C LEU A 52 33.33 42.14 3.62
N TYR A 53 33.65 41.09 2.88
CA TYR A 53 35.03 40.82 2.50
C TYR A 53 35.40 41.81 1.41
N SER A 54 36.54 42.49 1.56
CA SER A 54 36.94 43.59 0.68
C SER A 54 36.86 43.25 -0.79
N THR A 55 37.44 42.13 -1.11
CA THR A 55 37.64 41.78 -2.47
C THR A 55 36.44 41.26 -3.14
N PRO A 56 36.17 41.92 -4.35
CA PRO A 56 35.00 41.40 -5.06
C PRO A 56 35.22 40.03 -5.60
N ILE A 57 34.17 39.24 -5.68
CA ILE A 57 34.25 37.88 -6.18
C ILE A 57 33.58 37.80 -7.56
N HIS A 58 34.26 37.15 -8.49
CA HIS A 58 33.73 37.00 -9.82
C HIS A 58 32.76 35.81 -9.89
N ILE A 59 31.47 36.11 -9.93
CA ILE A 59 30.41 35.13 -9.78
C ILE A 59 29.90 34.55 -11.11
N TRP A 60 29.87 35.37 -12.16
CA TRP A 60 29.57 34.87 -13.50
C TRP A 60 30.13 35.79 -14.56
N ASP A 61 30.26 35.23 -15.77
CA ASP A 61 30.85 35.92 -16.92
C ASP A 61 29.83 36.03 -18.03
N LYS A 62 29.61 37.25 -18.54
CA LYS A 62 28.58 37.52 -19.56
C LYS A 62 28.97 36.93 -20.90
N GLU A 63 30.22 37.17 -21.30
CA GLU A 63 30.71 36.65 -22.59
C GLU A 63 30.45 35.14 -22.73
N THR A 64 30.96 34.34 -21.77
CA THR A 64 30.89 32.89 -21.84
C THR A 64 29.61 32.32 -21.21
N GLY A 65 28.94 33.09 -20.36
CA GLY A 65 27.77 32.60 -19.66
C GLY A 65 28.03 31.61 -18.55
N SER A 66 29.31 31.39 -18.18
CA SER A 66 29.64 30.43 -17.12
C SER A 66 29.51 31.05 -15.74
N VAL A 67 29.29 30.20 -14.75
CA VAL A 67 28.96 30.62 -13.41
C VAL A 67 29.90 29.94 -12.41
N ALA A 68 30.15 30.63 -11.31
CA ALA A 68 31.03 30.15 -10.25
C ALA A 68 30.39 29.07 -9.41
N SER A 69 31.19 28.14 -8.93
CA SER A 69 30.84 27.30 -7.80
C SER A 69 31.62 27.79 -6.61
N PHE A 70 31.05 27.62 -5.42
CA PHE A 70 31.73 28.11 -4.25
C PHE A 70 31.21 27.55 -2.95
N ALA A 71 31.96 27.77 -1.89
CA ALA A 71 31.62 27.29 -0.57
C ALA A 71 31.99 28.36 0.46
N ALA A 72 31.12 28.53 1.45
CA ALA A 72 31.43 29.40 2.58
C ALA A 72 31.11 28.66 3.86
N SER A 73 32.00 28.80 4.83
CA SER A 73 31.72 28.31 6.17
C SER A 73 32.06 29.35 7.22
N PHE A 74 31.37 29.27 8.35
CA PHE A 74 31.58 30.18 9.44
C PHE A 74 30.98 29.64 10.73
N ASN A 75 31.54 30.04 11.86
CA ASN A 75 30.91 29.83 13.17
C ASN A 75 30.26 31.12 13.62
N PHE A 76 29.05 31.03 14.17
CA PHE A 76 28.44 32.20 14.83
C PHE A 76 27.64 31.80 16.07
N THR A 77 27.49 32.78 16.96
CA THR A 77 26.69 32.63 18.17
C THR A 77 25.71 33.77 18.27
N PHE A 78 24.77 33.63 19.20
CA PHE A 78 23.93 34.74 19.58
C PHE A 78 23.65 34.70 21.08
N TYR A 79 23.44 35.89 21.66
CA TYR A 79 23.09 36.08 23.07
C TYR A 79 21.69 36.69 23.13
N ALA A 80 20.74 35.92 23.65
CA ALA A 80 19.38 36.38 23.86
C ALA A 80 19.15 36.47 25.37
N PRO A 81 18.89 37.69 25.91
CA PRO A 81 18.64 37.81 27.33
C PRO A 81 17.28 37.19 27.71
N ASP A 82 16.27 37.41 26.87
CA ASP A 82 15.00 36.70 26.98
C ASP A 82 14.88 35.75 25.81
N THR A 83 15.08 34.47 26.10
CA THR A 83 15.06 33.44 25.08
C THR A 83 13.70 33.22 24.39
N LYS A 84 12.63 33.74 24.98
CA LYS A 84 11.31 33.60 24.38
C LYS A 84 10.82 34.86 23.65
N ARG A 85 11.73 35.79 23.39
CA ARG A 85 11.43 36.94 22.53
C ARG A 85 12.66 37.35 21.72
N LEU A 86 12.66 36.93 20.45
CA LEU A 86 13.87 36.95 19.62
C LEU A 86 13.86 38.02 18.53
N ALA A 87 15.06 38.37 18.06
CA ALA A 87 15.29 39.63 17.33
C ALA A 87 15.70 39.51 15.88
N ASP A 88 14.75 39.15 15.02
CA ASP A 88 14.95 39.15 13.55
C ASP A 88 15.99 38.18 13.04
N GLY A 89 17.30 38.42 13.27
CA GLY A 89 18.32 37.41 12.96
C GLY A 89 19.59 37.82 12.24
N LEU A 90 20.22 36.85 11.56
CA LEU A 90 21.52 36.99 10.86
C LEU A 90 21.46 36.41 9.45
N ALA A 91 22.31 36.89 8.57
CA ALA A 91 22.31 36.44 7.19
C ALA A 91 23.71 36.45 6.56
N PHE A 92 24.01 35.44 5.75
CA PHE A 92 25.17 35.48 4.89
C PHE A 92 24.65 35.84 3.50
N PHE A 93 25.34 36.71 2.78
CA PHE A 93 24.80 37.14 1.51
C PHE A 93 25.83 37.56 0.47
N LEU A 94 25.30 37.72 -0.75
CA LEU A 94 26.01 38.26 -1.90
C LEU A 94 25.22 39.44 -2.44
N ALA A 95 25.91 40.49 -2.80
CA ALA A 95 25.28 41.71 -3.29
C ALA A 95 26.25 42.43 -4.23
N PRO A 96 25.77 43.52 -4.92
CA PRO A 96 26.67 44.33 -5.76
C PRO A 96 27.86 44.90 -5.00
N ILE A 97 28.96 45.10 -5.71
CA ILE A 97 30.20 45.66 -5.15
C ILE A 97 29.92 46.81 -4.17
N ASP A 98 29.00 47.71 -4.54
CA ASP A 98 28.78 48.94 -3.82
C ASP A 98 27.65 48.83 -2.79
N THR A 99 27.30 47.61 -2.37
CA THR A 99 26.16 47.41 -1.48
C THR A 99 26.28 48.20 -0.17
N LYS A 100 25.17 48.87 0.19
CA LYS A 100 25.00 49.63 1.43
C LYS A 100 23.89 49.00 2.27
N PRO A 101 23.88 49.22 3.60
CA PRO A 101 22.81 48.64 4.42
C PRO A 101 21.41 49.16 4.08
N GLN A 102 20.43 48.28 4.13
CA GLN A 102 19.05 48.61 3.86
C GLN A 102 18.27 48.60 5.20
N THR A 103 16.99 48.31 5.16
CA THR A 103 16.08 48.48 6.28
C THR A 103 16.48 47.62 7.45
N HIS A 104 16.27 48.09 8.66
CA HIS A 104 17.01 47.62 9.81
C HIS A 104 16.40 46.68 10.81
N ALA A 105 15.48 45.86 10.37
CA ALA A 105 15.11 44.69 11.12
C ALA A 105 14.34 43.92 10.12
N GLY A 106 13.83 42.75 10.45
CA GLY A 106 12.94 42.07 9.55
C GLY A 106 13.44 41.95 8.13
N TYR A 107 14.00 43.02 7.58
CA TYR A 107 14.66 42.93 6.31
C TYR A 107 16.12 42.85 6.58
N LEU A 108 16.45 42.73 7.86
CA LEU A 108 17.82 42.25 8.17
C LEU A 108 18.96 43.03 7.54
N GLY A 109 18.70 44.28 7.18
CA GLY A 109 19.75 45.11 6.59
C GLY A 109 20.00 44.80 5.13
N LEU A 110 19.14 44.00 4.51
CA LEU A 110 19.33 43.53 3.14
C LEU A 110 18.26 43.98 2.15
N PHE A 111 17.05 44.28 2.61
CA PHE A 111 15.91 44.54 1.75
C PHE A 111 15.05 45.68 2.32
N ASN A 112 14.01 46.07 1.58
CA ASN A 112 13.14 47.21 1.95
C ASN A 112 11.67 46.87 1.73
N GLU A 113 10.79 47.60 2.41
CA GLU A 113 9.35 47.43 2.17
C GLU A 113 9.00 47.75 0.70
N ASN A 114 9.65 48.77 0.14
CA ASN A 114 9.52 49.15 -1.27
C ASN A 114 9.96 48.03 -2.23
N GLU A 115 9.69 48.23 -3.52
CA GLU A 115 10.16 47.32 -4.56
C GLU A 115 11.51 46.68 -4.23
N SER A 116 12.55 47.52 -4.13
CA SER A 116 13.93 47.05 -4.01
C SER A 116 14.93 48.21 -4.00
N GLY A 117 16.20 47.86 -3.79
CA GLY A 117 17.32 48.76 -4.02
C GLY A 117 18.43 48.00 -4.73
N ASP A 118 18.98 46.98 -4.05
CA ASP A 118 20.02 46.12 -4.60
C ASP A 118 19.44 44.83 -5.27
N GLN A 119 20.33 44.07 -5.91
CA GLN A 119 20.10 42.67 -6.24
C GLN A 119 20.81 41.84 -5.18
N VAL A 120 20.07 41.26 -4.25
CA VAL A 120 20.68 40.55 -3.14
C VAL A 120 20.23 39.10 -3.08
N VAL A 121 21.17 38.22 -2.78
CA VAL A 121 20.89 36.78 -2.60
C VAL A 121 21.53 36.40 -1.27
N ALA A 122 20.80 35.72 -0.40
CA ALA A 122 21.28 35.43 0.93
C ALA A 122 20.73 34.14 1.52
N VAL A 123 21.39 33.67 2.55
CA VAL A 123 20.89 32.58 3.35
C VAL A 123 20.68 33.15 4.72
N GLU A 124 19.42 33.17 5.14
CA GLU A 124 18.98 33.87 6.36
C GLU A 124 18.82 32.91 7.50
N PHE A 125 19.09 33.43 8.70
CA PHE A 125 18.91 32.67 9.91
C PHE A 125 18.01 33.54 10.80
N ASP A 126 16.71 33.22 10.72
CA ASP A 126 15.62 34.12 11.01
C ASP A 126 14.95 33.74 12.30
N THR A 127 14.99 34.63 13.29
CA THR A 127 14.50 34.33 14.63
C THR A 127 13.06 34.81 14.92
N PHE A 128 12.58 35.82 14.17
CA PHE A 128 11.28 36.44 14.44
C PHE A 128 10.32 36.25 13.26
N ARG A 129 9.06 36.02 13.61
CA ARG A 129 8.04 35.76 12.59
C ARG A 129 7.37 37.02 12.05
N ASN A 130 7.80 37.44 10.88
CA ASN A 130 7.16 38.53 10.14
C ASN A 130 5.98 37.98 9.36
N SER A 131 5.22 38.87 8.70
CA SER A 131 4.03 38.48 7.96
C SER A 131 4.32 37.50 6.81
N TRP A 132 5.50 37.65 6.21
CA TRP A 132 5.94 36.81 5.08
C TRP A 132 6.55 35.47 5.52
N ASP A 133 6.72 35.29 6.84
CA ASP A 133 7.50 34.19 7.38
C ASP A 133 6.64 32.99 7.72
N PRO A 134 7.23 31.79 7.67
CA PRO A 134 6.55 30.68 8.31
C PRO A 134 6.71 30.82 9.82
N PRO A 135 5.98 29.99 10.58
CA PRO A 135 6.07 30.02 12.04
C PRO A 135 7.43 29.51 12.50
N ASN A 136 7.97 30.11 13.56
CA ASN A 136 9.16 29.60 14.24
C ASN A 136 10.48 29.88 13.51
N PRO A 137 11.58 29.93 14.29
CA PRO A 137 12.93 30.14 13.77
C PRO A 137 13.24 29.20 12.62
N HIS A 138 13.91 29.74 11.58
CA HIS A 138 14.14 28.99 10.35
C HIS A 138 15.37 29.46 9.61
N ILE A 139 15.92 28.58 8.78
CA ILE A 139 16.92 28.95 7.80
C ILE A 139 16.13 29.19 6.53
N GLY A 140 16.53 30.16 5.74
CA GLY A 140 15.87 30.46 4.48
C GLY A 140 16.83 30.83 3.39
N ILE A 141 16.47 30.49 2.16
CA ILE A 141 17.19 30.93 0.97
C ILE A 141 16.37 32.07 0.36
N ASN A 142 16.98 33.26 0.32
CA ASN A 142 16.30 34.45 -0.16
C ASN A 142 16.90 34.97 -1.46
N VAL A 143 16.03 35.11 -2.48
CA VAL A 143 16.44 35.57 -3.81
C VAL A 143 15.74 36.89 -4.15
N ASN A 144 16.48 37.98 -4.02
CA ASN A 144 16.02 39.36 -4.24
C ASN A 144 14.77 39.73 -3.47
N SER A 145 14.56 39.09 -2.34
CA SER A 145 13.35 39.30 -1.55
C SER A 145 13.51 38.70 -0.17
N ILE A 146 12.92 39.34 0.83
CA ILE A 146 12.92 38.86 2.22
C ILE A 146 11.97 37.66 2.43
N ARG A 147 11.05 37.45 1.49
CA ARG A 147 10.24 36.23 1.43
C ARG A 147 11.09 35.13 0.80
N SER A 148 11.54 34.20 1.63
CA SER A 148 12.44 33.14 1.20
C SER A 148 11.76 32.26 0.17
N ILE A 149 12.50 31.84 -0.85
CA ILE A 149 11.95 30.94 -1.85
C ILE A 149 11.73 29.54 -1.26
N LYS A 150 12.44 29.23 -0.17
CA LYS A 150 12.29 27.97 0.57
C LYS A 150 12.95 28.10 1.95
N THR A 151 12.32 27.55 3.00
CA THR A 151 12.87 27.57 4.35
C THR A 151 12.79 26.19 4.99
N THR A 152 13.55 26.00 6.05
CA THR A 152 13.44 24.83 6.89
C THR A 152 13.62 25.25 8.34
N SER A 153 13.19 24.40 9.24
CA SER A 153 13.27 24.66 10.66
C SER A 153 14.70 24.86 11.11
N TRP A 154 14.90 25.81 12.01
CA TRP A 154 16.20 26.06 12.63
C TRP A 154 16.12 25.77 14.14
N ASP A 155 16.75 24.70 14.58
CA ASP A 155 16.83 24.35 16.00
C ASP A 155 17.85 25.22 16.75
N LEU A 156 17.46 26.48 16.97
CA LEU A 156 18.20 27.42 17.81
C LEU A 156 18.85 26.81 19.05
N ALA A 157 20.03 27.35 19.37
CA ALA A 157 20.59 27.18 20.70
C ALA A 157 21.21 28.51 21.12
N ASN A 158 20.70 29.11 22.20
CA ASN A 158 21.26 30.35 22.71
C ASN A 158 22.74 30.13 23.09
N ASN A 159 23.58 31.09 22.72
CA ASN A 159 25.03 31.10 23.08
C ASN A 159 25.90 30.01 22.47
N LYS A 160 25.32 28.93 21.95
CA LYS A 160 26.14 27.82 21.47
C LYS A 160 26.67 28.15 20.09
N VAL A 161 27.76 27.46 19.74
CA VAL A 161 28.45 27.62 18.47
C VAL A 161 27.68 26.92 17.33
N ALA A 162 27.27 27.72 16.33
CA ALA A 162 26.65 27.20 15.10
C ALA A 162 27.69 27.17 13.98
N LYS A 163 27.93 25.97 13.43
CA LYS A 163 28.90 25.72 12.35
C LYS A 163 28.05 25.72 11.08
N VAL A 164 28.21 26.71 10.20
CA VAL A 164 27.44 26.75 8.95
C VAL A 164 28.31 26.36 7.78
N LEU A 165 27.73 25.71 6.81
CA LEU A 165 28.37 25.47 5.53
C LEU A 165 27.36 25.81 4.45
N ILE A 166 27.72 26.73 3.56
CA ILE A 166 26.89 27.03 2.41
C ILE A 166 27.67 26.70 1.15
N THR A 167 27.01 26.06 0.21
CA THR A 167 27.66 25.65 -1.03
C THR A 167 26.76 25.96 -2.21
N TYR A 168 27.39 26.22 -3.34
CA TYR A 168 26.71 26.43 -4.59
C TYR A 168 27.38 25.55 -5.65
N ASP A 169 26.60 24.70 -6.29
CA ASP A 169 27.08 23.87 -7.40
C ASP A 169 26.52 24.46 -8.71
N ALA A 170 27.37 25.10 -9.50
CA ALA A 170 26.90 25.70 -10.73
C ALA A 170 26.39 24.67 -11.76
N SER A 171 26.86 23.43 -11.72
CA SER A 171 26.41 22.43 -12.71
C SER A 171 24.93 22.07 -12.52
N THR A 172 24.41 22.21 -11.29
CA THR A 172 23.00 21.95 -10.96
C THR A 172 22.25 23.21 -10.51
N SER A 173 22.97 24.32 -10.37
CA SER A 173 22.40 25.56 -9.82
C SER A 173 21.88 25.41 -8.39
N LEU A 174 22.38 24.42 -7.67
CA LEU A 174 21.83 24.11 -6.35
C LEU A 174 22.59 24.83 -5.25
N LEU A 175 21.85 25.61 -4.49
CA LEU A 175 22.34 26.28 -3.31
C LEU A 175 21.96 25.44 -2.09
N VAL A 176 22.95 25.11 -1.26
CA VAL A 176 22.71 24.30 -0.07
C VAL A 176 23.28 24.99 1.13
N ALA A 177 22.50 25.03 2.19
CA ALA A 177 22.94 25.57 3.47
C ALA A 177 22.70 24.53 4.54
N SER A 178 23.73 24.23 5.29
CA SER A 178 23.59 23.36 6.45
C SER A 178 24.03 24.12 7.71
N LEU A 179 23.43 23.78 8.84
CA LEU A 179 23.78 24.36 10.10
C LEU A 179 23.87 23.28 11.16
N VAL A 180 24.93 23.33 11.96
CA VAL A 180 25.20 22.31 12.91
C VAL A 180 25.62 22.91 14.25
N TYR A 181 25.11 22.35 15.34
CA TYR A 181 25.53 22.72 16.68
C TYR A 181 26.27 21.53 17.24
N PRO A 182 27.61 21.54 17.19
CA PRO A 182 28.39 20.42 17.71
C PRO A 182 28.02 19.99 19.11
N SER A 183 27.87 20.97 19.98
CA SER A 183 27.55 20.70 21.38
C SER A 183 26.22 19.96 21.55
N GLN A 184 25.25 20.21 20.67
CA GLN A 184 23.96 19.52 20.73
C GLN A 184 23.85 18.33 19.80
N ARG A 185 24.87 18.13 18.96
CA ARG A 185 24.80 17.18 17.85
C ARG A 185 23.51 17.33 16.98
N THR A 186 23.02 18.55 16.81
CA THR A 186 21.82 18.82 15.98
C THR A 186 22.27 19.36 14.64
N SER A 187 21.46 19.08 13.62
CA SER A 187 21.77 19.47 12.24
C SER A 187 20.53 19.97 11.56
N ASN A 188 20.69 20.96 10.69
CA ASN A 188 19.61 21.40 9.80
C ASN A 188 20.15 21.58 8.39
N ILE A 189 19.29 21.45 7.40
CA ILE A 189 19.72 21.60 6.02
C ILE A 189 18.60 22.07 5.11
N LEU A 190 18.99 22.76 4.06
CA LEU A 190 18.09 23.44 3.17
C LEU A 190 18.70 23.45 1.79
N SER A 191 17.89 23.26 0.75
CA SER A 191 18.41 23.29 -0.58
C SER A 191 17.38 23.67 -1.61
N ASP A 192 17.79 24.53 -2.55
CA ASP A 192 16.95 24.92 -3.66
C ASP A 192 17.80 25.50 -4.79
N VAL A 193 17.21 25.63 -5.97
CA VAL A 193 17.89 26.13 -7.13
C VAL A 193 17.87 27.65 -7.17
N VAL A 194 18.94 28.27 -7.67
CA VAL A 194 19.00 29.71 -7.88
C VAL A 194 19.84 30.01 -9.11
N ASP A 195 19.28 30.88 -9.96
CA ASP A 195 19.98 31.35 -11.14
C ASP A 195 20.72 32.61 -10.75
N LEU A 196 22.04 32.51 -10.60
CA LEU A 196 22.83 33.68 -10.19
C LEU A 196 22.85 34.74 -11.30
N LYS A 197 22.82 34.34 -12.57
CA LYS A 197 22.90 35.34 -13.65
C LYS A 197 21.74 36.31 -13.65
N THR A 198 20.57 35.86 -13.20
CA THR A 198 19.40 36.71 -13.18
C THR A 198 19.13 37.31 -11.78
N SER A 199 19.97 37.00 -10.78
CA SER A 199 19.78 37.54 -9.42
C SER A 199 20.94 38.32 -8.84
N LEU A 200 22.06 38.33 -9.54
CA LEU A 200 23.25 39.06 -9.11
C LEU A 200 24.05 39.60 -10.29
N PRO A 201 24.84 40.66 -10.08
CA PRO A 201 25.76 41.11 -11.13
C PRO A 201 26.98 40.17 -11.25
N GLU A 202 27.76 40.34 -12.30
CA GLU A 202 28.90 39.45 -12.58
C GLU A 202 29.89 39.45 -11.44
N TRP A 203 30.15 40.62 -10.89
CA TRP A 203 31.02 40.74 -9.75
C TRP A 203 30.18 41.12 -8.56
N VAL A 204 30.49 40.53 -7.41
CA VAL A 204 29.75 40.83 -6.19
C VAL A 204 30.72 40.91 -5.03
N ARG A 205 30.13 41.26 -3.89
CA ARG A 205 30.82 41.16 -2.64
C ARG A 205 29.99 40.29 -1.73
N ILE A 206 30.67 39.68 -0.75
CA ILE A 206 30.02 38.74 0.12
C ILE A 206 30.21 39.13 1.55
N GLY A 207 29.30 38.72 2.41
CA GLY A 207 29.37 39.17 3.76
C GLY A 207 28.22 38.78 4.63
N PHE A 208 28.14 39.42 5.78
CA PHE A 208 27.14 39.14 6.76
C PHE A 208 26.33 40.39 7.08
N SER A 209 25.10 40.17 7.48
CA SER A 209 24.27 41.23 8.00
C SER A 209 23.44 40.64 9.14
N ALA A 210 23.29 41.41 10.22
CA ALA A 210 22.57 40.95 11.40
C ALA A 210 21.80 42.07 12.03
N ALA A 211 20.52 41.84 12.34
CA ALA A 211 19.64 42.88 12.86
C ALA A 211 19.07 42.45 14.19
N THR A 212 18.98 43.40 15.12
CA THR A 212 18.33 43.18 16.39
C THR A 212 16.87 43.67 16.26
N GLY A 213 16.04 43.49 17.29
CA GLY A 213 14.61 43.88 17.19
C GLY A 213 14.36 45.38 17.29
N LEU A 214 13.26 45.85 16.73
CA LEU A 214 12.88 47.29 16.80
C LEU A 214 12.73 47.77 18.23
N ASP A 215 11.70 47.25 18.92
CA ASP A 215 11.34 47.72 20.28
C ASP A 215 12.10 46.93 21.35
N ILE A 216 12.50 45.71 20.98
CA ILE A 216 13.03 44.77 21.97
C ILE A 216 14.50 44.47 21.69
N PRO A 217 15.25 44.07 22.74
CA PRO A 217 16.64 43.67 22.51
C PRO A 217 16.74 42.42 21.62
N GLY A 218 15.99 41.36 21.96
CA GLY A 218 16.02 40.13 21.17
C GLY A 218 17.32 39.37 21.31
N GLU A 219 18.23 39.43 20.34
CA GLU A 219 19.51 38.73 20.41
C GLU A 219 20.62 39.45 19.62
N SER A 220 21.84 39.38 20.15
CA SER A 220 23.02 39.87 19.48
C SER A 220 23.52 38.73 18.58
N HIS A 221 24.40 39.05 17.64
CA HIS A 221 24.93 38.08 16.70
C HIS A 221 26.42 38.32 16.49
N ASP A 222 27.22 37.30 16.75
CA ASP A 222 28.65 37.37 16.58
C ASP A 222 29.12 36.28 15.59
N VAL A 223 29.89 36.66 14.58
CA VAL A 223 30.56 35.70 13.73
C VAL A 223 31.99 35.53 14.20
N LEU A 224 32.43 34.28 14.35
CA LEU A 224 33.70 33.96 14.98
C LEU A 224 34.82 33.51 14.04
N SER A 225 34.46 32.96 12.88
CA SER A 225 35.42 32.48 11.88
C SER A 225 34.77 32.54 10.52
N TRP A 226 35.57 32.45 9.47
CA TRP A 226 35.04 32.52 8.13
C TRP A 226 36.01 31.94 7.12
N SER A 227 35.44 31.09 6.24
CA SER A 227 36.16 30.54 5.12
C SER A 227 35.35 30.65 3.85
N PHE A 228 36.04 30.84 2.75
CA PHE A 228 35.39 30.99 1.47
C PHE A 228 36.30 30.48 0.37
N ALA A 229 35.72 29.84 -0.64
CA ALA A 229 36.46 29.47 -1.85
C ALA A 229 35.51 29.52 -3.04
N SER A 230 35.98 30.05 -4.16
CA SER A 230 35.20 30.13 -5.34
C SER A 230 36.02 29.73 -6.56
N ASN A 231 35.34 29.17 -7.55
CA ASN A 231 35.95 28.75 -8.76
C ASN A 231 35.07 29.15 -9.93
N LEU A 232 35.61 29.94 -10.85
CA LEU A 232 34.91 30.32 -12.05
C LEU A 232 35.61 29.72 -13.25
N PRO A 233 35.04 28.64 -13.82
CA PRO A 233 35.66 28.16 -15.05
C PRO A 233 35.35 29.05 -16.24
N HIS A 234 36.25 29.01 -17.24
CA HIS A 234 36.04 29.64 -18.57
C HIS A 234 34.58 29.71 -19.03
N ALA B 1 -8.50 -31.33 -27.30
CA ALA B 1 -7.40 -30.50 -27.86
C ALA B 1 -6.54 -29.92 -26.76
N GLU B 2 -5.30 -30.36 -26.71
CA GLU B 2 -4.29 -29.62 -25.96
C GLU B 2 -3.62 -28.63 -26.89
N THR B 3 -3.52 -27.36 -26.49
CA THR B 3 -2.89 -26.33 -27.30
C THR B 3 -1.94 -25.51 -26.42
N VAL B 4 -0.95 -24.93 -27.06
CA VAL B 4 -0.06 -23.98 -26.42
C VAL B 4 0.51 -23.07 -27.47
N SER B 5 0.63 -21.77 -27.16
CA SER B 5 1.28 -20.83 -28.05
C SER B 5 2.08 -19.84 -27.24
N PHE B 6 3.07 -19.25 -27.92
CA PHE B 6 3.70 -18.02 -27.42
C PHE B 6 4.36 -17.28 -28.56
N SER B 7 4.62 -16.00 -28.33
CA SER B 7 5.37 -15.20 -29.27
C SER B 7 5.90 -13.96 -28.63
N TRP B 8 7.06 -13.52 -29.13
CA TRP B 8 7.68 -12.27 -28.69
C TRP B 8 8.74 -11.83 -29.68
N ASN B 9 8.96 -10.51 -29.74
CA ASN B 9 9.83 -9.89 -30.73
C ASN B 9 11.13 -9.34 -30.12
N LYS B 10 11.24 -9.32 -28.79
CA LYS B 10 12.55 -9.25 -28.12
C LYS B 10 12.59 -10.28 -27.01
N PHE B 11 13.81 -10.66 -26.67
CA PHE B 11 14.07 -11.46 -25.49
C PHE B 11 14.35 -10.49 -24.35
N VAL B 12 14.18 -10.94 -23.11
CA VAL B 12 14.49 -10.08 -21.98
C VAL B 12 15.38 -10.86 -20.96
N PRO B 13 16.47 -10.23 -20.48
CA PRO B 13 17.39 -10.94 -19.57
C PRO B 13 16.73 -11.59 -18.37
N LYS B 14 17.25 -12.76 -18.00
CA LYS B 14 16.73 -13.53 -16.87
C LYS B 14 15.26 -13.93 -17.00
N GLN B 15 14.70 -13.92 -18.21
CA GLN B 15 13.27 -14.23 -18.36
C GLN B 15 13.01 -15.66 -17.96
N PRO B 16 12.10 -15.89 -17.01
CA PRO B 16 11.97 -17.22 -16.43
C PRO B 16 11.08 -18.20 -17.20
N ASN B 17 10.69 -17.83 -18.42
CA ASN B 17 10.03 -18.77 -19.34
C ASN B 17 11.00 -19.37 -20.34
N MET B 18 12.28 -19.29 -19.98
CA MET B 18 13.42 -19.57 -20.86
C MET B 18 14.46 -20.32 -20.03
N ILE B 19 14.98 -21.45 -20.52
CA ILE B 19 16.09 -22.10 -19.83
C ILE B 19 17.33 -21.98 -20.70
N LEU B 20 18.33 -21.29 -20.15
CA LEU B 20 19.60 -21.12 -20.83
C LEU B 20 20.58 -22.20 -20.45
N GLN B 21 21.39 -22.60 -21.44
CA GLN B 21 22.43 -23.59 -21.22
C GLN B 21 23.69 -23.15 -21.94
N GLY B 22 24.83 -23.61 -21.40
CA GLY B 22 26.14 -23.26 -21.96
C GLY B 22 26.34 -21.75 -21.99
N ASP B 23 26.82 -21.24 -23.12
CA ASP B 23 27.22 -19.85 -23.23
C ASP B 23 26.06 -18.86 -23.46
N ALA B 24 24.83 -19.37 -23.63
CA ALA B 24 23.71 -18.51 -24.05
C ALA B 24 23.41 -17.42 -23.03
N ILE B 25 23.22 -16.20 -23.53
CA ILE B 25 22.72 -15.07 -22.73
C ILE B 25 21.78 -14.19 -23.54
N VAL B 26 21.17 -13.24 -22.84
CA VAL B 26 20.32 -12.23 -23.44
C VAL B 26 20.99 -10.87 -23.27
N THR B 27 21.22 -10.18 -24.38
CA THR B 27 21.85 -8.86 -24.38
C THR B 27 20.86 -7.80 -23.92
N SER B 28 21.38 -6.63 -23.56
CA SER B 28 20.56 -5.46 -23.25
C SER B 28 19.69 -5.04 -24.45
N SER B 29 20.21 -5.26 -25.65
CA SER B 29 19.47 -4.95 -26.89
C SER B 29 18.35 -5.96 -27.20
N GLY B 30 18.21 -7.00 -26.36
CA GLY B 30 17.09 -7.95 -26.46
C GLY B 30 17.31 -9.13 -27.40
N LYS B 31 18.57 -9.45 -27.69
CA LYS B 31 18.94 -10.58 -28.56
C LYS B 31 19.31 -11.77 -27.68
N LEU B 32 18.94 -12.96 -28.14
CA LEU B 32 19.40 -14.18 -27.52
C LEU B 32 20.71 -14.54 -28.18
N GLN B 33 21.81 -14.13 -27.57
CA GLN B 33 23.14 -14.42 -28.07
C GLN B 33 23.57 -15.80 -27.58
N LEU B 34 23.63 -16.74 -28.49
CA LEU B 34 23.93 -18.08 -28.12
C LEU B 34 25.43 -18.34 -27.87
N ASN B 35 26.31 -17.57 -28.51
CA ASN B 35 27.75 -17.82 -28.41
C ASN B 35 28.53 -16.67 -27.77
N LYS B 36 29.70 -16.99 -27.22
CA LYS B 36 30.58 -16.00 -26.65
C LYS B 36 31.18 -15.10 -27.72
N VAL B 37 31.35 -13.83 -27.36
CA VAL B 37 31.94 -12.82 -28.22
C VAL B 37 32.92 -11.99 -27.35
N ASP B 38 34.09 -11.65 -27.89
CA ASP B 38 35.04 -10.77 -27.16
C ASP B 38 34.57 -9.31 -27.24
N GLU B 39 35.32 -8.41 -26.58
CA GLU B 39 34.90 -7.03 -26.34
C GLU B 39 34.48 -6.23 -27.59
N ASN B 40 35.11 -6.53 -28.74
CA ASN B 40 34.82 -5.81 -29.99
C ASN B 40 33.84 -6.52 -30.95
N GLY B 41 33.32 -7.68 -30.55
CA GLY B 41 32.30 -8.38 -31.35
C GLY B 41 32.70 -9.74 -31.91
N THR B 42 33.98 -10.11 -31.75
CA THR B 42 34.58 -11.29 -32.38
C THR B 42 34.25 -12.58 -31.63
N PRO B 43 33.70 -13.60 -32.36
CA PRO B 43 33.35 -14.92 -31.77
C PRO B 43 34.54 -15.65 -31.17
N LYS B 44 34.34 -16.31 -30.03
CA LYS B 44 35.37 -17.14 -29.41
C LYS B 44 35.23 -18.54 -29.94
N PRO B 45 36.35 -19.26 -30.22
CA PRO B 45 36.29 -20.69 -30.57
C PRO B 45 35.69 -21.55 -29.47
N SER B 46 35.19 -22.73 -29.82
CA SER B 46 34.63 -23.70 -28.88
C SER B 46 33.49 -23.18 -27.99
N SER B 47 32.87 -22.06 -28.36
CA SER B 47 31.61 -21.65 -27.76
C SER B 47 30.45 -22.55 -28.22
N LEU B 48 29.54 -22.76 -27.27
CA LEU B 48 28.33 -23.50 -27.48
C LEU B 48 27.27 -22.95 -26.51
N GLY B 49 26.11 -22.57 -27.05
CA GLY B 49 24.98 -22.08 -26.27
C GLY B 49 23.69 -22.71 -26.75
N ARG B 50 22.74 -22.79 -25.84
CA ARG B 50 21.41 -23.26 -26.18
C ARG B 50 20.39 -22.52 -25.31
N ALA B 51 19.15 -22.55 -25.78
CA ALA B 51 18.04 -21.98 -25.03
C ALA B 51 16.77 -22.78 -25.32
N LEU B 52 16.06 -23.16 -24.27
CA LEU B 52 14.82 -23.91 -24.39
C LEU B 52 13.66 -23.08 -23.81
N TYR B 53 12.48 -23.32 -24.35
CA TYR B 53 11.22 -22.86 -23.77
C TYR B 53 11.01 -23.65 -22.48
N SER B 54 10.75 -22.97 -21.37
CA SER B 54 10.43 -23.60 -20.09
C SER B 54 9.50 -24.77 -20.19
N THR B 55 8.37 -24.51 -20.81
CA THR B 55 7.26 -25.43 -20.73
C THR B 55 7.45 -26.61 -21.65
N PRO B 56 7.34 -27.83 -21.09
CA PRO B 56 7.30 -29.02 -21.92
C PRO B 56 6.11 -28.98 -22.86
N ILE B 57 6.27 -29.51 -24.06
CA ILE B 57 5.21 -29.58 -25.04
C ILE B 57 4.74 -31.04 -25.17
N HIS B 58 3.43 -31.25 -25.14
CA HIS B 58 2.85 -32.60 -25.39
C HIS B 58 2.80 -32.86 -26.88
N ILE B 59 3.75 -33.65 -27.38
CA ILE B 59 3.94 -33.87 -28.82
C ILE B 59 3.16 -35.07 -29.38
N TRP B 60 3.05 -36.13 -28.59
CA TRP B 60 2.20 -37.25 -28.95
C TRP B 60 1.72 -38.00 -27.71
N ASP B 61 0.67 -38.79 -27.90
CA ASP B 61 0.03 -39.53 -26.83
C ASP B 61 0.05 -41.02 -27.15
N LYS B 62 0.51 -41.82 -26.20
CA LYS B 62 0.64 -43.27 -26.39
C LYS B 62 -0.72 -43.96 -26.42
N GLU B 63 -1.57 -43.61 -25.47
CA GLU B 63 -2.90 -44.24 -25.43
C GLU B 63 -3.66 -44.11 -26.76
N THR B 64 -3.79 -42.90 -27.32
CA THR B 64 -4.52 -42.69 -28.57
C THR B 64 -3.65 -42.81 -29.83
N GLY B 65 -2.34 -42.70 -29.67
CA GLY B 65 -1.41 -42.71 -30.77
C GLY B 65 -1.42 -41.44 -31.64
N SER B 66 -2.15 -40.41 -31.24
CA SER B 66 -2.25 -39.20 -32.07
C SER B 66 -1.07 -38.25 -31.80
N VAL B 67 -0.81 -37.40 -32.80
CA VAL B 67 0.42 -36.59 -32.86
C VAL B 67 0.09 -35.16 -33.14
N ALA B 68 0.85 -34.26 -32.53
CA ALA B 68 0.57 -32.85 -32.61
C ALA B 68 1.01 -32.27 -33.94
N SER B 69 0.30 -31.24 -34.38
CA SER B 69 0.81 -30.37 -35.43
C SER B 69 1.31 -29.11 -34.79
N PHE B 70 2.29 -28.47 -35.39
CA PHE B 70 2.88 -27.30 -34.79
C PHE B 70 3.66 -26.45 -35.76
N ALA B 71 4.07 -25.29 -35.29
CA ALA B 71 4.81 -24.35 -36.10
C ALA B 71 5.73 -23.52 -35.22
N ALA B 72 6.91 -23.22 -35.76
CA ALA B 72 7.88 -22.38 -35.10
C ALA B 72 8.40 -21.33 -36.08
N SER B 73 8.44 -20.07 -35.68
CA SER B 73 9.14 -19.05 -36.46
C SER B 73 10.08 -18.24 -35.59
N PHE B 74 11.13 -17.74 -36.20
CA PHE B 74 12.11 -16.92 -35.51
C PHE B 74 12.98 -16.18 -36.51
N ASN B 75 13.48 -15.03 -36.10
CA ASN B 75 14.49 -14.30 -36.86
C ASN B 75 15.85 -14.58 -36.21
N PHE B 76 16.89 -14.82 -37.01
CA PHE B 76 18.23 -14.98 -36.51
C PHE B 76 19.29 -14.38 -37.45
N THR B 77 20.44 -13.99 -36.89
CA THR B 77 21.57 -13.47 -37.64
C THR B 77 22.84 -14.18 -37.21
N PHE B 78 23.92 -13.98 -37.94
CA PHE B 78 25.22 -14.40 -37.49
C PHE B 78 26.30 -13.39 -37.93
N TYR B 79 27.37 -13.30 -37.15
CA TYR B 79 28.51 -12.45 -37.48
C TYR B 79 29.73 -13.35 -37.67
N ALA B 80 30.26 -13.38 -38.88
CA ALA B 80 31.53 -14.05 -39.16
C ALA B 80 32.55 -12.99 -39.54
N PRO B 81 33.69 -12.96 -38.85
CA PRO B 81 34.69 -11.95 -39.20
C PRO B 81 35.43 -12.30 -40.50
N ASP B 82 35.72 -13.57 -40.69
CA ASP B 82 36.26 -14.06 -41.96
C ASP B 82 35.17 -14.92 -42.62
N THR B 83 34.56 -14.36 -43.65
CA THR B 83 33.48 -15.00 -44.37
C THR B 83 33.84 -16.32 -45.09
N LYS B 84 35.11 -16.57 -45.28
CA LYS B 84 35.51 -17.85 -45.93
C LYS B 84 35.48 -19.02 -44.93
N ARG B 85 35.80 -18.70 -43.70
CA ARG B 85 36.04 -19.75 -42.71
C ARG B 85 34.95 -19.73 -41.62
N LEU B 86 33.97 -20.64 -41.78
CA LEU B 86 32.70 -20.57 -41.04
C LEU B 86 32.49 -21.73 -40.06
N ALA B 87 31.67 -21.47 -39.03
CA ALA B 87 31.72 -22.25 -37.78
C ALA B 87 30.50 -23.07 -37.44
N ASP B 88 30.39 -24.20 -38.10
CA ASP B 88 29.42 -25.22 -37.70
C ASP B 88 27.96 -24.81 -37.90
N GLY B 89 27.42 -23.95 -37.05
CA GLY B 89 26.06 -23.43 -37.27
C GLY B 89 25.08 -23.36 -36.13
N LEU B 90 23.78 -23.31 -36.52
CA LEU B 90 22.62 -23.17 -35.63
C LEU B 90 21.55 -24.23 -35.90
N ALA B 91 20.75 -24.52 -34.89
CA ALA B 91 19.68 -25.53 -35.04
C ALA B 91 18.49 -25.27 -34.13
N PHE B 92 17.29 -25.49 -34.65
CA PHE B 92 16.06 -25.52 -33.83
C PHE B 92 15.73 -26.97 -33.62
N PHE B 93 15.39 -27.37 -32.40
CA PHE B 93 15.18 -28.78 -32.12
C PHE B 93 14.15 -29.06 -31.04
N LEU B 94 13.73 -30.32 -31.04
CA LEU B 94 12.92 -30.95 -29.99
C LEU B 94 13.76 -32.04 -29.35
N ALA B 95 13.66 -32.14 -28.02
CA ALA B 95 14.47 -33.08 -27.23
C ALA B 95 13.73 -33.42 -25.94
N PRO B 96 14.17 -34.50 -25.24
CA PRO B 96 13.50 -34.81 -23.97
C PRO B 96 13.57 -33.68 -22.95
N ILE B 97 12.63 -33.67 -22.03
CA ILE B 97 12.49 -32.60 -21.06
C ILE B 97 13.83 -32.19 -20.42
N ASP B 98 14.63 -33.18 -20.05
CA ASP B 98 15.86 -32.94 -19.27
C ASP B 98 17.10 -32.82 -20.16
N THR B 99 16.89 -32.52 -21.44
CA THR B 99 18.00 -32.39 -22.40
C THR B 99 19.08 -31.43 -21.94
N LYS B 100 20.33 -31.88 -22.07
CA LYS B 100 21.47 -31.02 -21.77
C LYS B 100 22.36 -30.93 -23.03
N PRO B 101 23.27 -29.95 -23.05
CA PRO B 101 24.10 -29.79 -24.24
C PRO B 101 25.05 -30.97 -24.51
N GLN B 102 25.24 -31.27 -25.78
CA GLN B 102 26.09 -32.39 -26.19
C GLN B 102 27.39 -31.83 -26.76
N THR B 103 28.10 -32.59 -27.58
CA THR B 103 29.40 -32.17 -28.05
C THR B 103 29.30 -30.97 -28.95
N HIS B 104 30.33 -30.13 -28.87
CA HIS B 104 30.29 -28.80 -29.49
C HIS B 104 30.79 -28.86 -30.95
N ALA B 105 31.15 -27.71 -31.49
CA ALA B 105 31.64 -27.61 -32.86
C ALA B 105 30.67 -28.25 -33.87
N GLY B 106 31.15 -29.18 -34.70
CA GLY B 106 30.34 -29.78 -35.76
C GLY B 106 29.11 -30.59 -35.32
N TYR B 107 29.04 -30.98 -34.05
CA TYR B 107 27.89 -31.70 -33.50
C TYR B 107 26.80 -30.71 -32.96
N LEU B 108 27.13 -29.42 -32.97
CA LEU B 108 26.17 -28.30 -32.69
C LEU B 108 25.48 -28.34 -31.33
N GLY B 109 26.04 -29.07 -30.38
CA GLY B 109 25.47 -29.22 -29.05
C GLY B 109 24.25 -30.11 -29.00
N LEU B 110 24.01 -30.84 -30.07
CA LEU B 110 22.83 -31.68 -30.17
C LEU B 110 23.12 -33.18 -30.12
N PHE B 111 24.26 -33.60 -30.68
CA PHE B 111 24.57 -35.01 -30.75
C PHE B 111 26.02 -35.31 -30.32
N ASN B 112 26.39 -36.58 -30.41
CA ASN B 112 27.74 -37.02 -30.09
C ASN B 112 28.28 -38.00 -31.12
N GLU B 113 29.61 -38.14 -31.17
CA GLU B 113 30.21 -39.12 -32.08
C GLU B 113 29.80 -40.53 -31.72
N ASN B 114 29.71 -40.84 -30.42
CA ASN B 114 29.07 -42.11 -29.96
C ASN B 114 27.54 -42.00 -30.11
N GLU B 115 26.81 -43.02 -30.60
CA GLU B 115 25.44 -42.82 -31.11
C GLU B 115 25.11 -42.13 -29.78
N GLY B 117 23.27 -39.40 -26.52
CA GLY B 117 22.43 -39.64 -25.34
C GLY B 117 20.96 -39.53 -25.77
N ASP B 118 20.55 -38.35 -26.25
CA ASP B 118 19.13 -37.96 -26.43
C ASP B 118 18.45 -38.63 -27.64
N GLN B 119 17.12 -38.56 -27.63
CA GLN B 119 16.29 -38.70 -28.82
C GLN B 119 16.01 -37.27 -29.31
N VAL B 120 16.68 -36.84 -30.39
CA VAL B 120 16.56 -35.48 -30.84
C VAL B 120 16.08 -35.39 -32.29
N VAL B 121 15.23 -34.40 -32.54
CA VAL B 121 14.82 -34.03 -33.88
C VAL B 121 15.15 -32.57 -34.06
N ALA B 122 15.76 -32.22 -35.19
CA ALA B 122 16.15 -30.84 -35.40
C ALA B 122 16.12 -30.41 -36.85
N VAL B 123 16.14 -29.10 -37.04
CA VAL B 123 16.33 -28.47 -38.34
C VAL B 123 17.60 -27.65 -38.19
N GLU B 124 18.61 -28.00 -38.96
CA GLU B 124 19.93 -27.42 -38.83
C GLU B 124 20.19 -26.41 -39.92
N PHE B 125 21.00 -25.42 -39.55
CA PHE B 125 21.47 -24.40 -40.48
C PHE B 125 22.98 -24.41 -40.36
N ASP B 126 23.57 -25.14 -41.31
CA ASP B 126 24.88 -25.71 -41.16
C ASP B 126 25.87 -25.01 -42.07
N THR B 127 26.89 -24.39 -41.47
CA THR B 127 27.84 -23.54 -42.19
C THR B 127 29.14 -24.25 -42.60
N PHE B 128 29.52 -25.33 -41.91
CA PHE B 128 30.80 -26.01 -42.18
C PHE B 128 30.59 -27.46 -42.60
N ARG B 129 31.37 -27.87 -43.60
CA ARG B 129 31.30 -29.24 -44.12
C ARG B 129 32.12 -30.23 -43.30
N ASN B 130 31.42 -31.02 -42.50
CA ASN B 130 32.02 -32.15 -41.83
C ASN B 130 31.98 -33.36 -42.77
N SER B 131 32.55 -34.49 -42.33
CA SER B 131 32.66 -35.70 -43.17
C SER B 131 31.29 -36.25 -43.61
N TRP B 132 30.30 -36.09 -42.74
CA TRP B 132 28.91 -36.58 -42.99
C TRP B 132 28.07 -35.58 -43.78
N ASP B 133 28.63 -34.41 -44.12
CA ASP B 133 27.86 -33.30 -44.70
C ASP B 133 27.90 -33.32 -46.22
N PRO B 134 26.84 -32.80 -46.86
CA PRO B 134 26.94 -32.51 -48.29
C PRO B 134 27.84 -31.29 -48.48
N PRO B 135 28.28 -31.02 -49.71
CA PRO B 135 29.06 -29.81 -49.97
C PRO B 135 28.19 -28.57 -49.83
N ASN B 136 28.81 -27.48 -49.36
CA ASN B 136 28.19 -26.16 -49.23
C ASN B 136 27.22 -26.01 -48.06
N PRO B 137 27.14 -24.79 -47.51
CA PRO B 137 26.16 -24.40 -46.50
C PRO B 137 24.76 -24.88 -46.85
N HIS B 138 24.03 -25.40 -45.86
CA HIS B 138 22.79 -26.10 -46.12
C HIS B 138 21.83 -26.07 -44.93
N ILE B 139 20.54 -26.19 -45.25
CA ILE B 139 19.51 -26.45 -44.25
C ILE B 139 19.34 -27.94 -44.26
N GLY B 140 19.09 -28.53 -43.09
CA GLY B 140 18.98 -29.97 -42.98
C GLY B 140 17.96 -30.40 -41.95
N ILE B 141 17.30 -31.53 -42.21
CA ILE B 141 16.42 -32.15 -41.24
C ILE B 141 17.14 -33.35 -40.65
N ASN B 142 17.37 -33.29 -39.35
CA ASN B 142 18.13 -34.31 -38.63
C ASN B 142 17.22 -35.13 -37.70
N VAL B 143 17.27 -36.44 -37.85
CA VAL B 143 16.45 -37.37 -37.06
C VAL B 143 17.34 -38.33 -36.27
N ASN B 144 17.52 -38.03 -34.98
CA ASN B 144 18.37 -38.80 -34.08
C ASN B 144 19.82 -38.93 -34.55
N SER B 145 20.29 -37.99 -35.35
CA SER B 145 21.61 -38.09 -35.93
C SER B 145 22.05 -36.79 -36.54
N ILE B 146 23.33 -36.46 -36.49
CA ILE B 146 23.83 -35.24 -37.16
C ILE B 146 23.99 -35.41 -38.67
N ARG B 147 23.94 -36.67 -39.15
CA ARG B 147 23.75 -36.95 -40.58
C ARG B 147 22.31 -36.70 -40.94
N SER B 148 22.07 -35.59 -41.62
CA SER B 148 20.73 -35.17 -41.99
C SER B 148 20.09 -36.21 -42.89
N ILE B 149 18.80 -36.46 -42.69
CA ILE B 149 18.10 -37.36 -43.60
C ILE B 149 17.88 -36.70 -44.97
N LYS B 150 17.96 -35.37 -45.02
CA LYS B 150 17.76 -34.58 -46.26
C LYS B 150 18.23 -33.14 -46.05
N THR B 151 18.79 -32.54 -47.10
CA THR B 151 19.27 -31.16 -47.05
C THR B 151 18.83 -30.38 -48.30
N THR B 152 18.97 -29.07 -48.21
CA THR B 152 18.93 -28.21 -49.39
C THR B 152 19.94 -27.10 -49.19
N SER B 153 20.26 -26.44 -50.28
CA SER B 153 21.19 -25.34 -50.30
C SER B 153 20.70 -24.18 -49.41
N TRP B 154 21.63 -23.58 -48.66
CA TRP B 154 21.31 -22.43 -47.79
C TRP B 154 22.13 -21.21 -48.20
N ASP B 155 21.51 -20.20 -48.79
CA ASP B 155 22.25 -19.00 -49.22
C ASP B 155 22.52 -18.00 -48.12
N LEU B 156 23.44 -18.39 -47.24
CA LEU B 156 24.00 -17.51 -46.20
C LEU B 156 24.15 -16.03 -46.59
N ALA B 157 23.86 -15.16 -45.64
CA ALA B 157 24.20 -13.73 -45.72
C ALA B 157 24.69 -13.29 -44.35
N ASN B 158 25.93 -12.81 -44.30
CA ASN B 158 26.52 -12.37 -43.05
C ASN B 158 25.74 -11.21 -42.46
N ASN B 159 25.48 -11.26 -41.14
CA ASN B 159 24.78 -10.19 -40.40
C ASN B 159 23.31 -9.95 -40.70
N LYS B 160 22.83 -10.43 -41.85
CA LYS B 160 21.48 -10.13 -42.31
C LYS B 160 20.47 -10.98 -41.57
N VAL B 161 19.24 -10.48 -41.49
CA VAL B 161 18.13 -11.17 -40.81
C VAL B 161 17.55 -12.31 -41.64
N ALA B 162 17.61 -13.54 -41.12
CA ALA B 162 16.90 -14.66 -41.72
C ALA B 162 15.61 -14.91 -40.95
N LYS B 163 14.50 -14.91 -41.68
CA LYS B 163 13.21 -15.18 -41.08
C LYS B 163 12.92 -16.65 -41.42
N VAL B 164 12.81 -17.46 -40.36
CA VAL B 164 12.59 -18.91 -40.48
C VAL B 164 11.15 -19.27 -40.14
N LEU B 165 10.61 -20.22 -40.86
CA LEU B 165 9.36 -20.83 -40.48
C LEU B 165 9.49 -22.31 -40.61
N ILE B 166 9.15 -23.01 -39.54
CA ILE B 166 9.11 -24.44 -39.53
C ILE B 166 7.72 -24.90 -39.18
N THR B 167 7.30 -25.95 -39.85
CA THR B 167 5.96 -26.49 -39.62
C THR B 167 5.99 -27.98 -39.66
N TYR B 168 5.08 -28.59 -38.91
CA TYR B 168 4.92 -30.03 -38.95
C TYR B 168 3.47 -30.38 -39.02
N ASP B 169 3.09 -31.10 -40.06
CA ASP B 169 1.70 -31.52 -40.30
C ASP B 169 1.55 -33.00 -39.97
N ALA B 170 0.90 -33.29 -38.86
CA ALA B 170 0.76 -34.69 -38.42
C ALA B 170 -0.05 -35.54 -39.43
N SER B 171 -0.95 -34.96 -40.20
CA SER B 171 -1.74 -35.74 -41.16
C SER B 171 -0.88 -36.34 -42.30
N THR B 172 0.24 -35.70 -42.61
CA THR B 172 1.21 -36.24 -43.60
C THR B 172 2.56 -36.57 -42.99
N SER B 173 2.74 -36.28 -41.70
CA SER B 173 4.04 -36.40 -41.01
C SER B 173 5.15 -35.56 -41.64
N LEU B 174 4.76 -34.49 -42.33
CA LEU B 174 5.72 -33.70 -43.10
C LEU B 174 6.23 -32.52 -42.30
N LEU B 175 7.56 -32.51 -42.14
CA LEU B 175 8.26 -31.38 -41.57
C LEU B 175 8.74 -30.49 -42.70
N VAL B 176 8.44 -29.19 -42.63
CA VAL B 176 8.84 -28.24 -43.67
C VAL B 176 9.53 -27.07 -43.00
N ALA B 177 10.61 -26.64 -43.64
CA ALA B 177 11.45 -25.58 -43.13
C ALA B 177 11.75 -24.62 -44.26
N SER B 178 11.43 -23.33 -44.06
CA SER B 178 11.73 -22.31 -45.04
C SER B 178 12.57 -21.22 -44.40
N LEU B 179 13.43 -20.57 -45.22
CA LEU B 179 14.26 -19.49 -44.74
C LEU B 179 14.29 -18.37 -45.77
N VAL B 180 14.06 -17.14 -45.30
CA VAL B 180 14.01 -15.99 -46.16
C VAL B 180 14.90 -14.87 -45.60
N TYR B 181 15.66 -14.22 -46.47
CA TYR B 181 16.47 -13.06 -46.11
C TYR B 181 15.83 -11.87 -46.84
N PRO B 182 14.94 -11.13 -46.15
CA PRO B 182 14.15 -10.04 -46.76
C PRO B 182 14.99 -9.05 -47.54
N SER B 183 16.07 -8.62 -46.92
CA SER B 183 16.95 -7.61 -47.51
C SER B 183 17.56 -8.08 -48.84
N GLN B 184 17.81 -9.39 -48.99
CA GLN B 184 18.36 -9.90 -50.27
C GLN B 184 17.27 -10.50 -51.18
N ARG B 185 16.04 -10.58 -50.69
CA ARG B 185 14.95 -11.40 -51.25
C ARG B 185 15.37 -12.77 -51.75
N THR B 186 16.23 -13.44 -50.96
CA THR B 186 16.56 -14.84 -51.23
C THR B 186 15.68 -15.75 -50.36
N SER B 187 15.40 -16.95 -50.86
CA SER B 187 14.49 -17.87 -50.22
C SER B 187 15.01 -19.31 -50.38
N ASN B 188 14.85 -20.13 -49.35
CA ASN B 188 15.19 -21.56 -49.43
C ASN B 188 14.07 -22.37 -48.74
N ILE B 189 13.95 -23.65 -49.11
CA ILE B 189 12.93 -24.51 -48.52
C ILE B 189 13.29 -26.00 -48.62
N LEU B 190 12.83 -26.77 -47.64
CA LEU B 190 13.14 -28.17 -47.52
C LEU B 190 12.00 -28.87 -46.84
N SER B 191 11.72 -30.11 -47.24
CA SER B 191 10.63 -30.87 -46.63
C SER B 191 10.89 -32.37 -46.68
N ASP B 192 10.60 -33.04 -45.57
CA ASP B 192 10.76 -34.49 -45.46
C ASP B 192 9.87 -35.03 -44.33
N VAL B 193 9.62 -36.34 -44.39
CA VAL B 193 8.73 -37.05 -43.45
C VAL B 193 9.50 -37.42 -42.17
N VAL B 194 8.84 -37.36 -41.03
CA VAL B 194 9.41 -37.80 -39.76
C VAL B 194 8.32 -38.42 -38.88
N ASP B 195 8.60 -39.59 -38.33
CA ASP B 195 7.71 -40.22 -37.35
C ASP B 195 8.15 -39.78 -35.97
N LEU B 196 7.36 -38.88 -35.39
CA LEU B 196 7.67 -38.32 -34.07
C LEU B 196 7.58 -39.38 -32.97
N LYS B 197 6.65 -40.31 -33.12
CA LYS B 197 6.43 -41.31 -32.07
C LYS B 197 7.64 -42.23 -31.86
N THR B 198 8.42 -42.45 -32.92
CA THR B 198 9.60 -43.29 -32.85
C THR B 198 10.89 -42.48 -32.74
N SER B 199 10.83 -41.16 -32.73
CA SER B 199 12.05 -40.37 -32.66
C SER B 199 12.11 -39.35 -31.50
N LEU B 200 11.01 -39.22 -30.74
CA LEU B 200 10.94 -38.33 -29.57
C LEU B 200 10.05 -38.89 -28.47
N PRO B 201 10.30 -38.52 -27.21
CA PRO B 201 9.35 -38.88 -26.14
C PRO B 201 8.07 -38.06 -26.21
N GLU B 202 7.07 -38.49 -25.46
CA GLU B 202 5.71 -37.94 -25.56
C GLU B 202 5.69 -36.46 -25.28
N TRP B 203 6.43 -36.08 -24.23
CA TRP B 203 6.60 -34.68 -23.82
C TRP B 203 8.03 -34.31 -24.10
N VAL B 204 8.27 -33.14 -24.67
CA VAL B 204 9.60 -32.69 -25.03
C VAL B 204 9.72 -31.20 -24.72
N ARG B 205 10.94 -30.70 -24.80
CA ARG B 205 11.14 -29.27 -24.78
C ARG B 205 11.69 -28.88 -26.14
N ILE B 206 11.52 -27.60 -26.47
CA ILE B 206 11.94 -27.08 -27.76
C ILE B 206 12.94 -25.97 -27.56
N GLY B 207 13.81 -25.77 -28.54
CA GLY B 207 14.73 -24.68 -28.43
C GLY B 207 15.73 -24.55 -29.53
N PHE B 208 16.75 -23.75 -29.21
CA PHE B 208 17.84 -23.44 -30.10
C PHE B 208 19.16 -23.93 -29.56
N SER B 209 20.06 -24.23 -30.49
CA SER B 209 21.43 -24.60 -30.19
C SER B 209 22.33 -24.03 -31.28
N ALA B 210 23.47 -23.48 -30.88
CA ALA B 210 24.40 -22.89 -31.83
C ALA B 210 25.82 -23.09 -31.39
N ALA B 211 26.68 -23.57 -32.30
CA ALA B 211 28.07 -23.80 -31.96
C ALA B 211 28.97 -23.01 -32.90
N THR B 212 30.04 -22.49 -32.33
CA THR B 212 31.08 -21.81 -33.07
C THR B 212 32.16 -22.87 -33.42
N GLY B 213 33.23 -22.50 -34.13
CA GLY B 213 34.23 -23.48 -34.57
C GLY B 213 35.18 -23.94 -33.48
N LEU B 214 35.76 -25.13 -33.67
CA LEU B 214 36.70 -25.69 -32.70
C LEU B 214 37.94 -24.80 -32.54
N ASP B 215 38.74 -24.70 -33.61
CA ASP B 215 40.03 -23.98 -33.57
C ASP B 215 39.90 -22.56 -34.11
N ILE B 216 38.73 -22.23 -34.71
CA ILE B 216 38.53 -20.95 -35.36
C ILE B 216 37.33 -20.21 -34.77
N PRO B 217 37.30 -18.88 -34.92
CA PRO B 217 36.14 -18.08 -34.53
C PRO B 217 34.87 -18.49 -35.28
N GLY B 218 34.96 -18.49 -36.61
CA GLY B 218 33.83 -18.84 -37.43
C GLY B 218 32.72 -17.81 -37.43
N GLU B 219 31.61 -18.09 -36.75
CA GLU B 219 30.51 -17.12 -36.65
C GLU B 219 29.72 -17.28 -35.34
N SER B 220 29.22 -16.15 -34.84
CA SER B 220 28.30 -16.11 -33.71
C SER B 220 26.88 -16.27 -34.25
N HIS B 221 25.94 -16.57 -33.38
CA HIS B 221 24.54 -16.81 -33.75
C HIS B 221 23.62 -16.15 -32.74
N ASP B 222 22.79 -15.22 -33.21
CA ASP B 222 21.84 -14.50 -32.35
C ASP B 222 20.41 -14.75 -32.85
N VAL B 223 19.51 -15.20 -31.97
CA VAL B 223 18.08 -15.28 -32.29
C VAL B 223 17.40 -14.05 -31.74
N LEU B 224 16.60 -13.39 -32.55
CA LEU B 224 16.02 -12.09 -32.21
C LEU B 224 14.54 -12.11 -31.84
N SER B 225 13.80 -13.13 -32.30
CA SER B 225 12.37 -13.25 -32.02
C SER B 225 11.99 -14.72 -32.07
N TRP B 226 10.83 -15.07 -31.54
CA TRP B 226 10.37 -16.47 -31.54
C TRP B 226 8.87 -16.56 -31.38
N SER B 227 8.27 -17.42 -32.20
CA SER B 227 6.88 -17.84 -32.05
C SER B 227 6.76 -19.35 -32.15
N PHE B 228 5.85 -19.91 -31.39
CA PHE B 228 5.54 -21.31 -31.48
C PHE B 228 4.08 -21.55 -31.18
N ALA B 229 3.50 -22.52 -31.87
CA ALA B 229 2.16 -23.01 -31.52
C ALA B 229 2.13 -24.51 -31.74
N SER B 230 1.49 -25.24 -30.85
CA SER B 230 1.30 -26.67 -31.03
C SER B 230 -0.10 -27.06 -30.67
N ASN B 231 -0.61 -28.07 -31.35
CA ASN B 231 -2.02 -28.51 -31.19
C ASN B 231 -2.06 -30.02 -31.22
N LEU B 232 -2.50 -30.64 -30.13
CA LEU B 232 -2.57 -32.12 -30.07
C LEU B 232 -4.01 -32.58 -29.84
N PRO B 233 -4.65 -33.19 -30.88
CA PRO B 233 -6.10 -33.56 -30.84
C PRO B 233 -6.47 -34.76 -29.97
N ALA C 1 -43.03 -28.16 20.45
CA ALA C 1 -43.16 -27.20 19.32
C ALA C 1 -43.94 -25.96 19.77
N GLU C 2 -43.23 -24.82 19.81
CA GLU C 2 -43.77 -23.53 20.28
C GLU C 2 -44.38 -22.79 19.11
N THR C 3 -45.63 -22.32 19.22
CA THR C 3 -46.25 -21.48 18.20
C THR C 3 -46.82 -20.22 18.81
N VAL C 4 -46.93 -19.20 17.97
CA VAL C 4 -47.76 -18.08 18.29
C VAL C 4 -48.44 -17.61 17.00
N SER C 5 -49.62 -17.03 17.13
CA SER C 5 -50.26 -16.36 16.02
C SER C 5 -51.00 -15.14 16.50
N PHE C 6 -51.23 -14.20 15.59
CA PHE C 6 -52.31 -13.23 15.80
C PHE C 6 -52.79 -12.68 14.48
N SER C 7 -53.91 -12.00 14.53
CA SER C 7 -54.29 -11.17 13.40
C SER C 7 -55.24 -10.09 13.84
N TRP C 8 -55.16 -8.95 13.15
CA TRP C 8 -56.25 -7.99 13.17
C TRP C 8 -56.36 -7.27 11.86
N ASN C 9 -57.54 -6.74 11.60
CA ASN C 9 -57.72 -5.94 10.39
C ASN C 9 -57.80 -4.44 10.66
N LYS C 10 -57.90 -4.04 11.94
CA LYS C 10 -57.73 -2.65 12.38
C LYS C 10 -56.62 -2.64 13.43
N PHE C 11 -55.87 -1.54 13.48
CA PHE C 11 -55.18 -1.15 14.68
C PHE C 11 -56.14 -0.26 15.47
N VAL C 12 -55.75 0.04 16.70
CA VAL C 12 -56.64 0.76 17.62
C VAL C 12 -55.82 1.45 18.71
N PRO C 13 -56.14 2.75 19.00
CA PRO C 13 -55.35 3.63 19.88
C PRO C 13 -54.93 2.99 21.21
N LYS C 14 -53.66 3.17 21.59
CA LYS C 14 -53.11 2.69 22.87
C LYS C 14 -53.22 1.18 23.07
N GLN C 15 -53.36 0.40 22.00
CA GLN C 15 -53.40 -1.05 22.16
C GLN C 15 -52.09 -1.53 22.78
N PRO C 16 -52.15 -2.24 23.91
CA PRO C 16 -50.94 -2.55 24.67
C PRO C 16 -50.15 -3.77 24.16
N ASN C 17 -50.52 -4.31 23.00
CA ASN C 17 -49.75 -5.36 22.36
C ASN C 17 -48.88 -4.83 21.25
N MET C 18 -48.65 -3.53 21.26
CA MET C 18 -47.93 -2.86 20.19
C MET C 18 -47.00 -1.82 20.80
N ILE C 19 -45.71 -1.84 20.43
CA ILE C 19 -44.73 -0.89 20.93
C ILE C 19 -44.39 0.09 19.81
N LEU C 20 -44.66 1.37 20.06
CA LEU C 20 -44.39 2.44 19.07
C LEU C 20 -43.01 3.05 19.33
N GLN C 21 -42.31 3.39 18.26
CA GLN C 21 -40.99 3.94 18.35
C GLN C 21 -40.87 5.08 17.33
N GLY C 22 -40.10 6.12 17.66
CA GLY C 22 -40.00 7.30 16.82
C GLY C 22 -41.36 7.96 16.57
N ASP C 23 -41.61 8.31 15.31
CA ASP C 23 -42.84 9.06 14.94
C ASP C 23 -44.09 8.20 14.84
N ALA C 24 -43.96 6.88 14.96
CA ALA C 24 -45.08 5.95 14.73
C ALA C 24 -46.27 6.25 15.64
N ILE C 25 -47.46 6.32 15.06
CA ILE C 25 -48.70 6.54 15.81
C ILE C 25 -49.84 5.69 15.22
N VAL C 26 -50.87 5.40 16.02
CA VAL C 26 -52.08 4.74 15.54
C VAL C 26 -53.18 5.80 15.44
N THR C 27 -53.73 5.98 14.24
CA THR C 27 -54.79 6.96 14.01
C THR C 27 -56.11 6.45 14.60
N SER C 28 -57.08 7.34 14.75
CA SER C 28 -58.44 6.95 15.16
C SER C 28 -59.09 6.06 14.11
N SER C 29 -58.71 6.23 12.84
CA SER C 29 -59.23 5.36 11.77
C SER C 29 -58.61 3.95 11.75
N GLY C 30 -57.66 3.69 12.66
CA GLY C 30 -57.11 2.34 12.80
C GLY C 30 -55.92 2.01 11.92
N LYS C 31 -55.23 3.04 11.42
CA LYS C 31 -54.02 2.90 10.60
C LYS C 31 -52.79 3.01 11.49
N LEU C 32 -51.77 2.20 11.22
CA LEU C 32 -50.46 2.35 11.80
C LEU C 32 -49.71 3.34 10.92
N GLN C 33 -49.76 4.62 11.28
CA GLN C 33 -48.98 5.65 10.57
C GLN C 33 -47.58 5.63 11.04
N LEU C 34 -46.65 5.18 10.22
CA LEU C 34 -45.23 5.10 10.63
C LEU C 34 -44.53 6.47 10.60
N ASN C 35 -44.99 7.38 9.72
CA ASN C 35 -44.28 8.63 9.41
C ASN C 35 -45.15 9.89 9.60
N LYS C 36 -44.55 11.03 9.99
CA LYS C 36 -45.25 12.29 10.35
C LYS C 36 -45.88 12.90 9.12
N VAL C 37 -47.10 13.44 9.31
CA VAL C 37 -47.94 13.97 8.22
C VAL C 37 -48.43 15.35 8.63
N ASP C 38 -48.31 16.39 7.79
CA ASP C 38 -48.94 17.68 8.11
C ASP C 38 -50.46 17.62 7.87
N GLU C 39 -51.17 18.72 8.15
CA GLU C 39 -52.64 18.74 8.18
C GLU C 39 -53.35 18.24 6.92
N ASN C 40 -52.74 18.47 5.76
CA ASN C 40 -53.34 18.08 4.48
C ASN C 40 -52.85 16.73 3.90
N GLY C 41 -51.97 16.05 4.63
CA GLY C 41 -51.50 14.69 4.25
C GLY C 41 -50.04 14.59 3.83
N THR C 42 -49.31 15.70 3.82
CA THR C 42 -47.94 15.70 3.30
C THR C 42 -46.92 15.29 4.35
N PRO C 43 -46.02 14.34 3.98
CA PRO C 43 -45.00 13.95 4.95
C PRO C 43 -43.96 15.03 5.20
N LYS C 44 -43.43 15.01 6.42
CA LYS C 44 -42.27 15.83 6.77
C LYS C 44 -41.01 15.06 6.41
N PRO C 45 -39.97 15.76 5.91
CA PRO C 45 -38.65 15.19 5.76
C PRO C 45 -38.09 14.65 7.09
N SER C 46 -37.13 13.72 6.99
CA SER C 46 -36.43 13.13 8.17
C SER C 46 -37.32 12.40 9.18
N SER C 47 -38.57 12.10 8.80
CA SER C 47 -39.43 11.27 9.63
C SER C 47 -38.97 9.81 9.64
N LEU C 48 -39.15 9.19 10.80
CA LEU C 48 -38.89 7.78 10.95
C LEU C 48 -39.73 7.25 12.08
N GLY C 49 -40.35 6.12 11.81
CA GLY C 49 -41.11 5.42 12.83
C GLY C 49 -41.01 3.92 12.68
N ARG C 50 -41.14 3.25 13.82
CA ARG C 50 -41.26 1.82 13.84
C ARG C 50 -42.44 1.44 14.74
N ALA C 51 -42.96 0.23 14.52
CA ALA C 51 -43.91 -0.35 15.47
C ALA C 51 -43.64 -1.83 15.57
N LEU C 52 -43.61 -2.34 16.79
CA LEU C 52 -43.25 -3.72 17.02
C LEU C 52 -44.35 -4.43 17.77
N TYR C 53 -44.49 -5.72 17.54
CA TYR C 53 -45.40 -6.53 18.30
C TYR C 53 -44.77 -6.80 19.66
N SER C 54 -45.55 -6.61 20.73
CA SER C 54 -45.04 -6.71 22.14
C SER C 54 -44.27 -8.00 22.40
N THR C 55 -44.85 -9.12 22.01
CA THR C 55 -44.32 -10.38 22.41
C THR C 55 -43.16 -10.85 21.56
N PRO C 56 -42.05 -11.18 22.20
CA PRO C 56 -40.91 -11.72 21.49
C PRO C 56 -41.25 -13.05 20.85
N ILE C 57 -40.67 -13.33 19.67
CA ILE C 57 -40.80 -14.63 19.04
C ILE C 57 -39.53 -15.44 19.19
N HIS C 58 -39.67 -16.70 19.56
CA HIS C 58 -38.55 -17.63 19.55
C HIS C 58 -38.32 -18.09 18.09
N ILE C 59 -37.24 -17.58 17.52
CA ILE C 59 -36.83 -17.81 16.14
C ILE C 59 -35.97 -19.04 15.92
N TRP C 60 -35.10 -19.35 16.88
CA TRP C 60 -34.28 -20.56 16.80
C TRP C 60 -33.69 -20.88 18.17
N ASP C 61 -33.14 -22.09 18.27
CA ASP C 61 -32.71 -22.63 19.53
C ASP C 61 -31.29 -23.18 19.41
N LYS C 62 -30.40 -22.76 20.31
CA LYS C 62 -29.02 -23.18 20.19
C LYS C 62 -28.82 -24.62 20.65
N GLU C 63 -29.46 -25.00 21.76
CA GLU C 63 -29.40 -26.38 22.24
C GLU C 63 -29.66 -27.40 21.10
N THR C 64 -30.82 -27.29 20.46
CA THR C 64 -31.24 -28.24 19.43
C THR C 64 -30.80 -27.86 18.01
N GLY C 65 -30.46 -26.59 17.80
CA GLY C 65 -30.12 -26.09 16.48
C GLY C 65 -31.28 -25.95 15.50
N SER C 66 -32.52 -26.11 15.98
CA SER C 66 -33.68 -26.00 15.10
C SER C 66 -34.15 -24.55 14.93
N VAL C 67 -34.83 -24.29 13.82
CA VAL C 67 -35.15 -22.93 13.43
C VAL C 67 -36.63 -22.86 13.02
N ALA C 68 -37.23 -21.71 13.25
CA ALA C 68 -38.66 -21.52 13.11
C ALA C 68 -39.07 -21.35 11.67
N SER C 69 -40.26 -21.83 11.34
CA SER C 69 -40.91 -21.37 10.11
C SER C 69 -41.94 -20.32 10.52
N PHE C 70 -42.20 -19.36 9.66
CA PHE C 70 -43.18 -18.34 9.98
C PHE C 70 -43.75 -17.68 8.75
N ALA C 71 -44.79 -16.89 8.99
CA ALA C 71 -45.49 -16.25 7.91
C ALA C 71 -46.08 -14.93 8.40
N ALA C 72 -45.98 -13.91 7.56
CA ALA C 72 -46.47 -12.59 7.94
C ALA C 72 -47.20 -11.99 6.77
N SER C 73 -48.42 -11.48 7.03
CA SER C 73 -49.11 -10.71 5.99
C SER C 73 -49.54 -9.36 6.51
N PHE C 74 -49.57 -8.39 5.59
CA PHE C 74 -50.11 -7.08 5.93
C PHE C 74 -50.54 -6.35 4.69
N ASN C 75 -51.50 -5.45 4.87
CA ASN C 75 -51.83 -4.46 3.87
C ASN C 75 -51.10 -3.16 4.20
N PHE C 76 -50.54 -2.50 3.19
CA PHE C 76 -49.94 -1.17 3.37
C PHE C 76 -50.14 -0.26 2.17
N THR C 77 -50.13 1.04 2.42
CA THR C 77 -50.21 2.02 1.36
C THR C 77 -49.07 3.02 1.53
N PHE C 78 -48.84 3.81 0.48
CA PHE C 78 -48.01 4.99 0.58
C PHE C 78 -48.65 6.16 -0.09
N TYR C 79 -48.34 7.36 0.44
CA TYR C 79 -48.72 8.58 -0.30
C TYR C 79 -47.47 9.37 -0.61
N ALA C 80 -47.17 9.50 -1.90
CA ALA C 80 -46.15 10.41 -2.41
C ALA C 80 -46.86 11.64 -2.99
N PRO C 81 -46.57 12.83 -2.46
CA PRO C 81 -47.15 14.06 -3.00
C PRO C 81 -46.59 14.36 -4.39
N ASP C 82 -45.27 14.18 -4.54
CA ASP C 82 -44.56 14.24 -5.80
C ASP C 82 -44.21 12.83 -6.23
N THR C 83 -44.95 12.36 -7.22
CA THR C 83 -44.82 10.99 -7.69
C THR C 83 -43.47 10.69 -8.40
N LYS C 84 -42.72 11.74 -8.72
CA LYS C 84 -41.44 11.67 -9.42
C LYS C 84 -40.24 11.78 -8.43
N ARG C 85 -40.50 11.68 -7.12
CA ARG C 85 -39.46 11.88 -6.11
C ARG C 85 -39.80 11.13 -4.82
N LEU C 86 -39.24 9.92 -4.64
CA LEU C 86 -39.67 8.99 -3.55
C LEU C 86 -38.63 8.79 -2.45
N ALA C 87 -39.12 8.50 -1.23
CA ALA C 87 -38.39 8.68 0.05
C ALA C 87 -38.03 7.42 0.79
N ASP C 88 -36.97 6.80 0.32
CA ASP C 88 -36.34 5.68 1.03
C ASP C 88 -37.19 4.44 1.14
N GLY C 89 -38.23 4.42 1.98
CA GLY C 89 -39.09 3.23 2.04
C GLY C 89 -39.55 2.65 3.35
N LEU C 90 -39.97 1.39 3.29
CA LEU C 90 -40.62 0.65 4.40
C LEU C 90 -40.04 -0.77 4.52
N ALA C 91 -39.94 -1.30 5.75
CA ALA C 91 -39.48 -2.67 5.97
C ALA C 91 -40.34 -3.41 6.99
N PHE C 92 -40.47 -4.71 6.77
CA PHE C 92 -40.90 -5.58 7.81
C PHE C 92 -39.62 -6.29 8.30
N PHE C 93 -39.46 -6.49 9.61
CA PHE C 93 -38.18 -6.95 10.09
C PHE C 93 -38.20 -7.69 11.42
N LEU C 94 -37.13 -8.46 11.62
CA LEU C 94 -36.89 -9.20 12.85
C LEU C 94 -35.59 -8.73 13.46
N ALA C 95 -35.62 -8.42 14.77
CA ALA C 95 -34.43 -7.90 15.42
C ALA C 95 -34.42 -8.30 16.90
N PRO C 96 -33.31 -8.08 17.62
CA PRO C 96 -33.26 -8.50 19.02
C PRO C 96 -34.32 -7.80 19.90
N ILE C 97 -34.70 -8.47 20.98
CA ILE C 97 -35.76 -8.03 21.91
C ILE C 97 -35.77 -6.52 22.14
N ASP C 98 -34.60 -6.01 22.47
CA ASP C 98 -34.46 -4.64 22.97
C ASP C 98 -34.07 -3.65 21.86
N THR C 99 -34.36 -4.03 20.63
CA THR C 99 -34.06 -3.23 19.45
C THR C 99 -34.60 -1.80 19.56
N LYS C 100 -33.72 -0.86 19.20
CA LYS C 100 -34.01 0.58 19.19
C LYS C 100 -33.89 1.09 17.76
N PRO C 101 -34.58 2.22 17.42
CA PRO C 101 -34.44 2.87 16.09
C PRO C 101 -33.00 3.23 15.74
N GLN C 102 -32.57 2.92 14.51
CA GLN C 102 -31.20 3.21 14.05
C GLN C 102 -31.27 4.41 13.08
N THR C 103 -30.28 4.55 12.19
CA THR C 103 -30.21 5.68 11.28
C THR C 103 -31.40 5.73 10.35
N HIS C 104 -31.87 6.94 10.08
CA HIS C 104 -33.11 7.16 9.34
C HIS C 104 -32.82 7.28 7.83
N ALA C 105 -33.74 7.88 7.07
CA ALA C 105 -33.58 8.02 5.64
C ALA C 105 -33.29 6.66 4.95
N GLY C 106 -32.22 6.59 4.15
CA GLY C 106 -31.88 5.39 3.36
C GLY C 106 -31.56 4.12 4.15
N TYR C 107 -31.26 4.26 5.46
CA TYR C 107 -31.01 3.13 6.36
C TYR C 107 -32.29 2.58 7.00
N LEU C 108 -33.42 3.28 6.76
CA LEU C 108 -34.78 2.79 7.09
C LEU C 108 -35.02 2.50 8.57
N GLY C 109 -34.21 3.07 9.44
CA GLY C 109 -34.37 2.86 10.86
C GLY C 109 -33.86 1.52 11.33
N LEU C 110 -33.12 0.81 10.48
CA LEU C 110 -32.72 -0.56 10.75
C LEU C 110 -31.21 -0.79 10.86
N PHE C 111 -30.44 -0.09 10.04
CA PHE C 111 -28.97 -0.25 10.02
C PHE C 111 -28.27 1.11 10.20
N ASN C 112 -26.94 1.11 10.20
CA ASN C 112 -26.18 2.37 10.37
C ASN C 112 -25.08 2.54 9.40
N GLU C 113 -24.65 3.80 9.21
CA GLU C 113 -23.41 4.03 8.48
C GLU C 113 -22.23 3.37 9.22
N ASN C 114 -22.24 3.31 10.57
CA ASN C 114 -21.21 2.61 11.33
C ASN C 114 -21.22 1.09 11.09
N ASP C 118 -27.57 -3.54 15.37
CA ASP C 118 -28.28 -4.79 15.69
C ASP C 118 -27.83 -5.98 14.79
N GLN C 119 -28.36 -7.17 15.13
CA GLN C 119 -28.39 -8.29 14.21
C GLN C 119 -29.80 -8.27 13.58
N VAL C 120 -29.94 -7.81 12.35
CA VAL C 120 -31.26 -7.54 11.81
C VAL C 120 -31.46 -8.30 10.50
N VAL C 121 -32.69 -8.79 10.33
CA VAL C 121 -33.11 -9.34 9.06
C VAL C 121 -34.39 -8.62 8.69
N ALA C 122 -34.48 -8.22 7.43
CA ALA C 122 -35.65 -7.47 6.98
C ALA C 122 -36.04 -7.79 5.54
N VAL C 123 -37.30 -7.51 5.23
CA VAL C 123 -37.74 -7.50 3.86
C VAL C 123 -38.12 -6.07 3.58
N GLU C 124 -37.40 -5.47 2.64
CA GLU C 124 -37.49 -4.04 2.42
C GLU C 124 -38.28 -3.73 1.17
N PHE C 125 -38.95 -2.58 1.23
CA PHE C 125 -39.71 -2.02 0.15
C PHE C 125 -39.13 -0.65 -0.08
N ASP C 126 -38.21 -0.58 -1.03
CA ASP C 126 -37.22 0.49 -1.12
C ASP C 126 -37.50 1.37 -2.32
N THR C 127 -37.77 2.66 -2.06
CA THR C 127 -38.20 3.60 -3.10
C THR C 127 -37.08 4.45 -3.70
N PHE C 128 -35.98 4.64 -2.98
CA PHE C 128 -34.90 5.46 -3.45
C PHE C 128 -33.58 4.70 -3.61
N ARG C 129 -32.86 4.98 -4.70
CA ARG C 129 -31.55 4.36 -5.00
C ARG C 129 -30.40 5.04 -4.23
N ASN C 130 -29.94 4.37 -3.21
CA ASN C 130 -28.69 4.65 -2.55
C ASN C 130 -27.54 4.04 -3.35
N SER C 131 -26.30 4.32 -2.93
CA SER C 131 -25.09 3.79 -3.58
C SER C 131 -25.06 2.26 -3.59
N TRP C 132 -25.62 1.63 -2.55
CA TRP C 132 -25.64 0.17 -2.43
C TRP C 132 -26.83 -0.48 -3.15
N ASP C 133 -27.71 0.34 -3.73
CA ASP C 133 -29.00 -0.14 -4.26
C ASP C 133 -28.94 -0.48 -5.73
N PRO C 134 -29.81 -1.39 -6.16
CA PRO C 134 -30.04 -1.51 -7.59
C PRO C 134 -30.84 -0.29 -8.06
N PRO C 135 -30.98 -0.12 -9.37
CA PRO C 135 -31.76 1.00 -9.92
C PRO C 135 -33.24 0.80 -9.65
N ASN C 136 -33.96 1.89 -9.35
CA ASN C 136 -35.42 1.90 -9.30
C ASN C 136 -36.00 1.17 -8.05
N PRO C 137 -37.27 1.45 -7.72
CA PRO C 137 -37.92 0.83 -6.58
C PRO C 137 -37.89 -0.70 -6.66
N HIS C 138 -37.69 -1.35 -5.50
CA HIS C 138 -37.42 -2.81 -5.42
C HIS C 138 -37.88 -3.38 -4.08
N ILE C 139 -38.14 -4.67 -4.11
CA ILE C 139 -38.26 -5.47 -2.90
C ILE C 139 -36.83 -6.01 -2.69
N GLY C 140 -36.44 -6.11 -1.43
CA GLY C 140 -35.12 -6.64 -1.09
C GLY C 140 -35.15 -7.51 0.15
N ILE C 141 -34.32 -8.55 0.14
CA ILE C 141 -34.09 -9.39 1.30
C ILE C 141 -32.77 -8.92 1.92
N ASN C 142 -32.83 -8.39 3.15
CA ASN C 142 -31.66 -7.83 3.84
C ASN C 142 -31.22 -8.68 5.02
N VAL C 143 -29.97 -9.15 4.99
CA VAL C 143 -29.38 -9.95 6.06
C VAL C 143 -28.17 -9.19 6.66
N ASN C 144 -28.43 -8.58 7.82
CA ASN C 144 -27.44 -7.78 8.59
C ASN C 144 -26.80 -6.65 7.83
N SER C 145 -27.52 -6.15 6.82
CA SER C 145 -26.99 -5.11 5.95
C SER C 145 -28.10 -4.51 5.10
N ILE C 146 -28.02 -3.19 4.87
CA ILE C 146 -28.96 -2.47 4.02
C ILE C 146 -28.76 -2.79 2.51
N ARG C 147 -27.60 -3.34 2.17
CA ARG C 147 -27.33 -3.91 0.83
C ARG C 147 -27.97 -5.28 0.76
N SER C 148 -29.10 -5.36 0.06
CA SER C 148 -29.93 -6.57 0.00
C SER C 148 -29.12 -7.70 -0.63
N ILE C 149 -29.22 -8.92 -0.08
CA ILE C 149 -28.54 -10.10 -0.67
C ILE C 149 -29.18 -10.48 -2.02
N LYS C 150 -30.44 -10.07 -2.19
CA LYS C 150 -31.17 -10.24 -3.44
C LYS C 150 -32.31 -9.23 -3.54
N THR C 151 -32.66 -8.85 -4.76
CA THR C 151 -33.77 -7.93 -4.96
C THR C 151 -34.55 -8.26 -6.19
N THR C 152 -35.74 -7.69 -6.28
CA THR C 152 -36.52 -7.72 -7.51
C THR C 152 -37.23 -6.41 -7.65
N SER C 153 -37.71 -6.19 -8.86
CA SER C 153 -38.47 -5.00 -9.22
C SER C 153 -39.74 -4.88 -8.37
N TRP C 154 -40.01 -3.66 -7.93
CA TRP C 154 -41.27 -3.36 -7.26
C TRP C 154 -42.12 -2.41 -8.13
N ASP C 155 -43.23 -2.91 -8.71
CA ASP C 155 -44.27 -2.07 -9.35
C ASP C 155 -45.06 -1.23 -8.36
N LEU C 156 -44.40 -0.21 -7.85
CA LEU C 156 -45.06 0.89 -7.12
C LEU C 156 -46.46 1.25 -7.64
N ALA C 157 -47.35 1.61 -6.73
CA ALA C 157 -48.56 2.28 -7.14
C ALA C 157 -49.00 3.20 -6.00
N ASN C 158 -49.09 4.50 -6.28
CA ASN C 158 -49.34 5.46 -5.25
C ASN C 158 -50.74 5.27 -4.66
N ASN C 159 -50.84 5.35 -3.32
CA ASN C 159 -52.13 5.29 -2.61
C ASN C 159 -52.82 3.94 -2.58
N LYS C 160 -52.47 3.03 -3.51
CA LYS C 160 -53.22 1.78 -3.63
C LYS C 160 -52.72 0.79 -2.59
N VAL C 161 -53.60 -0.15 -2.27
CA VAL C 161 -53.30 -1.15 -1.25
C VAL C 161 -52.40 -2.24 -1.77
N ALA C 162 -51.26 -2.43 -1.10
CA ALA C 162 -50.33 -3.53 -1.39
C ALA C 162 -50.55 -4.64 -0.33
N LYS C 163 -50.87 -5.84 -0.79
CA LYS C 163 -51.15 -6.99 0.03
C LYS C 163 -49.85 -7.80 0.04
N VAL C 164 -49.20 -7.90 1.19
CA VAL C 164 -47.91 -8.53 1.31
C VAL C 164 -48.04 -9.89 1.98
N LEU C 165 -47.18 -10.81 1.54
CA LEU C 165 -47.06 -12.09 2.16
C LEU C 165 -45.57 -12.40 2.28
N ILE C 166 -45.07 -12.62 3.50
CA ILE C 166 -43.69 -13.02 3.69
C ILE C 166 -43.67 -14.37 4.37
N THR C 167 -42.86 -15.30 3.84
CA THR C 167 -42.81 -16.63 4.38
C THR C 167 -41.37 -17.09 4.54
N TYR C 168 -41.14 -17.88 5.59
CA TYR C 168 -39.81 -18.44 5.78
C TYR C 168 -39.93 -19.89 6.09
N ASP C 169 -39.28 -20.71 5.27
CA ASP C 169 -39.31 -22.17 5.42
C ASP C 169 -37.96 -22.64 5.98
N ALA C 170 -37.93 -23.03 7.25
CA ALA C 170 -36.71 -23.51 7.87
C ALA C 170 -36.12 -24.74 7.18
N SER C 171 -36.96 -25.60 6.61
CA SER C 171 -36.46 -26.84 5.99
C SER C 171 -35.58 -26.57 4.77
N THR C 172 -35.80 -25.43 4.09
CA THR C 172 -35.01 -25.01 2.94
C THR C 172 -34.24 -23.70 3.19
N SER C 173 -34.47 -23.10 4.36
CA SER C 173 -33.95 -21.77 4.69
C SER C 173 -34.38 -20.68 3.72
N LEU C 174 -35.49 -20.89 3.03
CA LEU C 174 -35.91 -20.02 1.94
C LEU C 174 -36.88 -18.95 2.42
N LEU C 175 -36.47 -17.68 2.33
CA LEU C 175 -37.37 -16.58 2.49
C LEU C 175 -38.01 -16.25 1.18
N VAL C 176 -39.29 -15.98 1.26
CA VAL C 176 -40.05 -15.52 0.09
C VAL C 176 -40.90 -14.34 0.49
N ALA C 177 -40.84 -13.27 -0.28
CA ALA C 177 -41.73 -12.15 -0.04
C ALA C 177 -42.42 -11.82 -1.35
N SER C 178 -43.74 -11.70 -1.29
CA SER C 178 -44.55 -11.34 -2.44
C SER C 178 -45.37 -10.09 -2.11
N LEU C 179 -45.66 -9.32 -3.14
CA LEU C 179 -46.48 -8.13 -3.01
C LEU C 179 -47.46 -8.10 -4.17
N VAL C 180 -48.72 -7.81 -3.84
CA VAL C 180 -49.80 -7.73 -4.83
C VAL C 180 -50.60 -6.42 -4.64
N TYR C 181 -50.86 -5.71 -5.73
CA TYR C 181 -51.80 -4.55 -5.73
C TYR C 181 -53.08 -5.08 -6.39
N PRO C 182 -54.07 -5.54 -5.60
CA PRO C 182 -55.30 -6.14 -6.14
C PRO C 182 -55.99 -5.26 -7.16
N SER C 183 -56.08 -3.97 -6.90
CA SER C 183 -56.77 -3.05 -7.84
C SER C 183 -56.08 -2.99 -9.21
N GLN C 184 -54.74 -3.14 -9.22
CA GLN C 184 -53.92 -3.15 -10.46
C GLN C 184 -53.74 -4.55 -11.04
N ARG C 185 -54.11 -5.58 -10.29
CA ARG C 185 -53.77 -6.95 -10.63
C ARG C 185 -52.26 -7.15 -10.92
N THR C 186 -51.38 -6.42 -10.24
CA THR C 186 -49.94 -6.62 -10.41
C THR C 186 -49.39 -7.42 -9.26
N SER C 187 -48.31 -8.16 -9.55
CA SER C 187 -47.75 -9.11 -8.60
C SER C 187 -46.23 -9.04 -8.67
N ASN C 188 -45.56 -9.09 -7.50
CA ASN C 188 -44.10 -9.16 -7.43
C ASN C 188 -43.66 -10.24 -6.47
N ILE C 189 -42.51 -10.86 -6.73
CA ILE C 189 -42.03 -11.97 -5.87
C ILE C 189 -40.50 -12.02 -5.85
N LEU C 190 -39.93 -12.27 -4.66
CA LEU C 190 -38.50 -12.35 -4.41
C LEU C 190 -38.26 -13.55 -3.50
N SER C 191 -37.17 -14.26 -3.76
CA SER C 191 -36.79 -15.40 -2.92
C SER C 191 -35.27 -15.53 -2.81
N ASP C 192 -34.81 -15.81 -1.61
CA ASP C 192 -33.41 -16.18 -1.40
C ASP C 192 -33.23 -16.83 -0.05
N VAL C 193 -32.04 -17.35 0.15
CA VAL C 193 -31.71 -18.13 1.34
C VAL C 193 -31.28 -17.20 2.48
N VAL C 194 -31.62 -17.56 3.72
CA VAL C 194 -31.17 -16.82 4.93
C VAL C 194 -30.87 -17.82 6.05
N ASP C 195 -29.66 -17.79 6.60
CA ASP C 195 -29.36 -18.63 7.78
C ASP C 195 -29.64 -17.79 9.01
N LEU C 196 -30.77 -18.08 9.65
CA LEU C 196 -31.25 -17.31 10.80
C LEU C 196 -30.31 -17.47 12.01
N LYS C 197 -29.74 -18.66 12.16
CA LYS C 197 -28.86 -19.01 13.27
C LYS C 197 -27.64 -18.08 13.38
N THR C 198 -27.13 -17.67 12.21
CA THR C 198 -25.92 -16.86 12.15
C THR C 198 -26.23 -15.37 11.89
N SER C 199 -27.51 -15.01 11.75
CA SER C 199 -27.85 -13.60 11.46
C SER C 199 -28.86 -12.97 12.45
N LEU C 200 -29.35 -13.76 13.39
CA LEU C 200 -30.34 -13.28 14.37
C LEU C 200 -30.17 -13.96 15.73
N PRO C 201 -30.55 -13.27 16.81
CA PRO C 201 -30.58 -13.93 18.14
C PRO C 201 -31.71 -14.95 18.22
N GLU C 202 -31.67 -15.81 19.23
CA GLU C 202 -32.64 -16.87 19.44
C GLU C 202 -34.06 -16.30 19.53
N TRP C 203 -34.18 -15.18 20.24
CA TRP C 203 -35.48 -14.51 20.41
C TRP C 203 -35.36 -13.16 19.77
N VAL C 204 -36.47 -12.71 19.25
CA VAL C 204 -36.54 -11.42 18.57
C VAL C 204 -37.88 -10.78 18.79
N ARG C 205 -37.98 -9.52 18.46
CA ARG C 205 -39.27 -8.93 18.17
C ARG C 205 -39.40 -8.81 16.66
N ILE C 206 -40.63 -8.60 16.23
CA ILE C 206 -40.90 -8.30 14.84
C ILE C 206 -41.66 -7.02 14.71
N GLY C 207 -41.62 -6.47 13.50
CA GLY C 207 -42.43 -5.31 13.24
C GLY C 207 -42.06 -4.54 12.01
N PHE C 208 -42.46 -3.27 12.01
CA PHE C 208 -42.29 -2.42 10.87
C PHE C 208 -41.38 -1.24 11.18
N SER C 209 -40.74 -0.77 10.11
CA SER C 209 -39.91 0.43 10.16
C SER C 209 -40.05 1.14 8.83
N ALA C 210 -40.19 2.46 8.84
CA ALA C 210 -40.36 3.23 7.62
C ALA C 210 -39.68 4.60 7.76
N ALA C 211 -38.94 4.97 6.71
CA ALA C 211 -38.20 6.21 6.69
C ALA C 211 -38.72 7.09 5.53
N THR C 212 -38.93 8.38 5.81
CA THR C 212 -39.18 9.38 4.77
C THR C 212 -37.81 9.93 4.32
N GLY C 213 -37.81 10.81 3.32
CA GLY C 213 -36.56 11.33 2.71
C GLY C 213 -35.84 12.33 3.61
N LEU C 214 -34.52 12.43 3.45
CA LEU C 214 -33.69 13.39 4.22
C LEU C 214 -34.15 14.84 3.99
N ASP C 215 -33.97 15.33 2.76
CA ASP C 215 -34.20 16.72 2.43
C ASP C 215 -35.53 16.91 1.66
N ILE C 216 -36.27 15.81 1.44
CA ILE C 216 -37.51 15.84 0.68
C ILE C 216 -38.62 15.09 1.44
N PRO C 217 -39.91 15.43 1.12
CA PRO C 217 -41.06 14.71 1.67
C PRO C 217 -41.03 13.22 1.29
N GLY C 218 -40.92 12.94 0.00
CA GLY C 218 -40.95 11.58 -0.55
C GLY C 218 -42.29 10.90 -0.38
N GLU C 219 -42.42 9.98 0.58
CA GLU C 219 -43.69 9.30 0.78
C GLU C 219 -43.90 8.84 2.22
N SER C 220 -45.17 8.84 2.63
CA SER C 220 -45.57 8.36 3.93
C SER C 220 -45.81 6.86 3.79
N HIS C 221 -45.86 6.16 4.93
CA HIS C 221 -46.07 4.71 4.90
C HIS C 221 -47.07 4.33 5.99
N ASP C 222 -48.19 3.71 5.58
CA ASP C 222 -49.25 3.30 6.51
C ASP C 222 -49.50 1.79 6.42
N VAL C 223 -49.38 1.06 7.55
CA VAL C 223 -49.73 -0.38 7.64
C VAL C 223 -51.17 -0.45 8.14
N LEU C 224 -51.99 -1.25 7.46
CA LEU C 224 -53.46 -1.21 7.64
C LEU C 224 -54.05 -2.44 8.34
N SER C 225 -53.43 -3.61 8.11
CA SER C 225 -53.83 -4.87 8.74
C SER C 225 -52.58 -5.67 9.00
N TRP C 226 -52.65 -6.71 9.82
CA TRP C 226 -51.43 -7.45 10.11
C TRP C 226 -51.72 -8.81 10.69
N SER C 227 -51.05 -9.83 10.13
CA SER C 227 -51.17 -11.18 10.63
C SER C 227 -49.81 -11.84 10.73
N PHE C 228 -49.67 -12.71 11.71
CA PHE C 228 -48.41 -13.36 11.91
C PHE C 228 -48.62 -14.72 12.54
N ALA C 229 -47.72 -15.63 12.19
CA ALA C 229 -47.70 -16.96 12.81
C ALA C 229 -46.30 -17.51 12.77
N SER C 230 -45.90 -18.19 13.81
CA SER C 230 -44.60 -18.82 13.85
C SER C 230 -44.72 -20.19 14.48
N ASN C 231 -43.87 -21.10 14.03
CA ASN C 231 -43.80 -22.42 14.63
C ASN C 231 -42.33 -22.80 14.79
N LEU C 232 -41.87 -22.99 16.02
CA LEU C 232 -40.51 -23.44 16.27
C LEU C 232 -40.55 -24.83 16.84
N PRO C 233 -40.24 -25.85 16.02
CA PRO C 233 -40.17 -27.22 16.51
C PRO C 233 -38.95 -27.42 17.44
N HIS C 234 -39.02 -28.28 18.45
CA HIS C 234 -37.75 -28.72 19.10
C HIS C 234 -36.60 -29.05 18.09
N ALA D 1 16.62 -58.88 9.35
CA ALA D 1 16.42 -57.97 10.54
C ALA D 1 16.66 -56.52 10.13
N GLU D 2 15.60 -55.72 10.00
CA GLU D 2 15.69 -54.36 9.50
C GLU D 2 15.84 -53.42 10.67
N THR D 3 16.73 -52.45 10.51
CA THR D 3 16.95 -51.44 11.54
C THR D 3 17.02 -50.06 10.92
N VAL D 4 16.70 -49.07 11.73
CA VAL D 4 16.82 -47.67 11.36
C VAL D 4 17.06 -46.88 12.62
N SER D 5 17.85 -45.82 12.51
CA SER D 5 18.00 -44.91 13.63
C SER D 5 18.33 -43.53 13.13
N PHE D 6 18.04 -42.54 13.96
CA PHE D 6 18.50 -41.18 13.73
C PHE D 6 18.59 -40.41 15.03
N SER D 7 19.41 -39.38 15.07
CA SER D 7 19.39 -38.47 16.21
C SER D 7 19.89 -37.11 15.84
N TRP D 8 19.36 -36.10 16.51
CA TRP D 8 19.87 -34.75 16.37
C TRP D 8 19.45 -33.89 17.52
N ASN D 9 20.24 -32.85 17.77
CA ASN D 9 20.08 -32.02 18.96
C ASN D 9 19.65 -30.59 18.64
N LYS D 10 19.63 -30.20 17.36
CA LYS D 10 18.86 -29.04 16.93
C LYS D 10 18.08 -29.42 15.68
N PHE D 11 17.02 -28.67 15.42
CA PHE D 11 16.42 -28.74 14.11
C PHE D 11 17.05 -27.64 13.26
N VAL D 12 17.05 -27.81 11.94
CA VAL D 12 17.54 -26.81 11.02
C VAL D 12 16.48 -26.53 9.94
N PRO D 13 16.20 -25.23 9.65
CA PRO D 13 15.13 -24.89 8.72
C PRO D 13 15.22 -25.57 7.37
N LYS D 14 14.06 -25.95 6.83
CA LYS D 14 13.98 -26.62 5.55
C LYS D 14 14.74 -27.95 5.46
N GLN D 15 15.04 -28.58 6.57
CA GLN D 15 15.69 -29.88 6.56
C GLN D 15 14.74 -30.87 5.87
N PRO D 16 15.21 -31.55 4.81
CA PRO D 16 14.31 -32.37 4.01
C PRO D 16 14.08 -33.79 4.54
N ASN D 17 14.51 -34.06 5.77
CA ASN D 17 14.21 -35.32 6.43
C ASN D 17 13.04 -35.14 7.40
N MET D 18 12.30 -34.06 7.23
CA MET D 18 11.24 -33.70 8.17
C MET D 18 10.05 -33.19 7.35
N ILE D 19 8.83 -33.68 7.65
CA ILE D 19 7.61 -33.22 6.95
C ILE D 19 6.78 -32.40 7.93
N LEU D 20 6.60 -31.13 7.62
CA LEU D 20 5.84 -30.25 8.48
C LEU D 20 4.38 -30.15 8.05
N GLN D 21 3.49 -30.04 9.02
CA GLN D 21 2.07 -29.99 8.79
C GLN D 21 1.47 -28.90 9.71
N GLY D 22 0.40 -28.27 9.23
CA GLY D 22 -0.29 -27.20 9.96
C GLY D 22 0.63 -26.05 10.31
N ASP D 23 0.60 -25.61 11.55
CA ASP D 23 1.34 -24.42 11.99
C ASP D 23 2.82 -24.66 12.29
N ALA D 24 3.28 -25.88 12.21
CA ALA D 24 4.64 -26.20 12.60
C ALA D 24 5.69 -25.47 11.78
N ILE D 25 6.70 -24.90 12.44
CA ILE D 25 7.89 -24.37 11.76
C ILE D 25 9.15 -24.61 12.56
N VAL D 26 10.30 -24.49 11.87
CA VAL D 26 11.63 -24.66 12.51
C VAL D 26 12.24 -23.26 12.65
N THR D 27 12.51 -22.83 13.87
CA THR D 27 12.97 -21.46 14.12
C THR D 27 14.46 -21.34 13.82
N SER D 28 14.92 -20.10 13.74
CA SER D 28 16.34 -19.81 13.60
C SER D 28 17.13 -20.30 14.81
N SER D 29 16.50 -20.32 15.98
CA SER D 29 17.13 -20.83 17.21
C SER D 29 17.20 -22.37 17.25
N GLY D 30 16.68 -23.04 16.22
CA GLY D 30 16.81 -24.50 16.08
C GLY D 30 15.76 -25.32 16.80
N LYS D 31 14.61 -24.71 17.08
CA LYS D 31 13.51 -25.37 17.76
C LYS D 31 12.46 -25.81 16.74
N LEU D 32 11.84 -26.96 17.01
CA LEU D 32 10.63 -27.35 16.29
C LEU D 32 9.47 -26.68 17.00
N GLN D 33 9.06 -25.53 16.50
CA GLN D 33 7.90 -24.79 17.07
C GLN D 33 6.63 -25.39 16.49
N LEU D 34 5.89 -26.14 17.27
CA LEU D 34 4.74 -26.80 16.74
C LEU D 34 3.52 -25.89 16.59
N ASN D 35 3.42 -24.83 17.41
CA ASN D 35 2.27 -23.92 17.38
C ASN D 35 2.59 -22.50 16.95
N LYS D 36 1.58 -21.81 16.45
CA LYS D 36 1.66 -20.37 16.13
C LYS D 36 1.91 -19.57 17.40
N VAL D 37 2.72 -18.52 17.23
CA VAL D 37 3.03 -17.57 18.26
C VAL D 37 2.93 -16.16 17.65
N ASP D 38 2.37 -15.21 18.40
CA ASP D 38 2.36 -13.83 17.91
C ASP D 38 3.75 -13.18 18.06
N GLU D 39 3.87 -11.93 17.61
CA GLU D 39 5.14 -11.22 17.46
C GLU D 39 6.03 -11.19 18.73
N ASN D 40 5.43 -11.17 19.91
CA ASN D 40 6.18 -11.10 21.16
C ASN D 40 6.34 -12.45 21.90
N GLY D 41 5.84 -13.54 21.33
CA GLY D 41 6.05 -14.88 21.91
C GLY D 41 4.79 -15.60 22.37
N THR D 42 3.65 -14.92 22.35
CA THR D 42 2.43 -15.47 22.95
C THR D 42 1.69 -16.42 21.99
N PRO D 43 1.29 -17.60 22.45
CA PRO D 43 0.62 -18.59 21.61
C PRO D 43 -0.78 -18.16 21.15
N LYS D 44 -1.16 -18.52 19.95
CA LYS D 44 -2.47 -18.13 19.41
C LYS D 44 -3.43 -19.29 19.63
N PRO D 45 -4.70 -18.97 19.92
CA PRO D 45 -5.81 -19.93 19.95
C PRO D 45 -5.98 -20.74 18.68
N SER D 46 -6.54 -21.95 18.79
CA SER D 46 -6.83 -22.85 17.65
C SER D 46 -5.63 -23.22 16.77
N SER D 47 -4.43 -23.02 17.28
CA SER D 47 -3.23 -23.54 16.62
C SER D 47 -3.11 -25.05 16.71
N LEU D 48 -2.59 -25.63 15.65
CA LEU D 48 -2.29 -27.04 15.57
C LEU D 48 -1.10 -27.21 14.64
N GLY D 49 -0.09 -27.95 15.12
CA GLY D 49 1.06 -28.29 14.29
C GLY D 49 1.47 -29.74 14.46
N ARG D 50 1.99 -30.31 13.38
CA ARG D 50 2.60 -31.62 13.45
C ARG D 50 3.90 -31.64 12.67
N ALA D 51 4.78 -32.56 13.02
CA ALA D 51 5.97 -32.83 12.25
C ALA D 51 6.21 -34.34 12.23
N LEU D 52 6.53 -34.86 11.04
CA LEU D 52 6.84 -36.26 10.87
C LEU D 52 8.28 -36.41 10.41
N TYR D 53 8.88 -37.52 10.79
CA TYR D 53 10.12 -37.96 10.16
C TYR D 53 9.76 -38.42 8.75
N SER D 54 10.53 -37.97 7.76
CA SER D 54 10.35 -38.40 6.36
C SER D 54 10.21 -39.89 6.20
N THR D 55 11.12 -40.64 6.82
CA THR D 55 11.26 -42.08 6.57
C THR D 55 10.13 -42.86 7.18
N PRO D 56 9.43 -43.65 6.36
CA PRO D 56 8.46 -44.57 6.94
C PRO D 56 9.18 -45.60 7.78
N ILE D 57 8.55 -46.05 8.86
CA ILE D 57 9.13 -47.08 9.71
C ILE D 57 8.35 -48.39 9.55
N HIS D 58 9.05 -49.49 9.34
CA HIS D 58 8.42 -50.78 9.26
C HIS D 58 8.18 -51.35 10.66
N ILE D 59 6.94 -51.26 11.13
CA ILE D 59 6.55 -51.56 12.51
C ILE D 59 6.16 -53.03 12.75
N TRP D 60 5.50 -53.63 11.76
CA TRP D 60 5.27 -55.08 11.82
C TRP D 60 5.18 -55.67 10.42
N ASP D 61 5.29 -56.97 10.34
CA ASP D 61 5.32 -57.68 9.06
C ASP D 61 4.22 -58.71 9.04
N LYS D 62 3.36 -58.69 8.02
CA LYS D 62 2.20 -59.58 7.97
C LYS D 62 2.62 -61.02 7.65
N GLU D 63 3.51 -61.18 6.68
CA GLU D 63 4.07 -62.48 6.32
C GLU D 63 4.51 -63.28 7.55
N THR D 64 5.45 -62.72 8.30
CA THR D 64 6.08 -63.38 9.45
C THR D 64 5.35 -63.15 10.77
N GLY D 65 4.51 -62.14 10.83
CA GLY D 65 3.84 -61.79 12.07
C GLY D 65 4.74 -61.15 13.14
N SER D 66 5.99 -60.84 12.81
CA SER D 66 6.91 -60.29 13.79
C SER D 66 6.81 -58.77 13.88
N VAL D 67 7.17 -58.23 15.04
CA VAL D 67 6.87 -56.85 15.40
C VAL D 67 8.16 -56.16 15.82
N ALA D 68 8.27 -54.89 15.48
CA ALA D 68 9.46 -54.18 15.81
C ALA D 68 9.48 -53.74 17.28
N SER D 69 10.68 -53.62 17.83
CA SER D 69 10.90 -52.91 19.07
C SER D 69 11.53 -51.58 18.70
N PHE D 70 11.28 -50.57 19.51
CA PHE D 70 11.79 -49.26 19.20
C PHE D 70 11.90 -48.36 20.42
N ALA D 71 12.60 -47.26 20.24
CA ALA D 71 12.83 -46.30 21.30
C ALA D 71 12.86 -44.90 20.72
N ALA D 72 12.27 -43.96 21.42
CA ALA D 72 12.31 -42.59 20.98
C ALA D 72 12.54 -41.70 22.19
N SER D 73 13.34 -40.68 22.00
CA SER D 73 13.63 -39.73 23.03
C SER D 73 13.65 -38.31 22.47
N PHE D 74 13.31 -37.34 23.31
CA PHE D 74 13.31 -35.95 22.91
C PHE D 74 13.12 -35.03 24.08
N ASN D 75 13.60 -33.80 23.91
CA ASN D 75 13.43 -32.72 24.88
C ASN D 75 12.37 -31.76 24.37
N PHE D 76 11.52 -31.31 25.27
CA PHE D 76 10.50 -30.36 24.90
C PHE D 76 10.08 -29.45 26.04
N THR D 77 9.65 -28.24 25.68
CA THR D 77 9.20 -27.22 26.62
C THR D 77 7.82 -26.76 26.22
N PHE D 78 7.16 -26.04 27.11
CA PHE D 78 6.03 -25.23 26.71
C PHE D 78 6.08 -23.88 27.43
N TYR D 79 5.43 -22.92 26.81
CA TYR D 79 5.27 -21.60 27.39
C TYR D 79 3.78 -21.33 27.59
N ALA D 80 3.36 -21.22 28.85
CA ALA D 80 2.02 -20.82 29.21
C ALA D 80 2.08 -19.39 29.76
N PRO D 81 1.40 -18.43 29.12
CA PRO D 81 1.43 -17.08 29.67
C PRO D 81 0.57 -16.98 30.93
N ASP D 82 -0.58 -17.66 30.95
CA ASP D 82 -1.40 -17.81 32.16
C ASP D 82 -1.33 -19.26 32.60
N THR D 83 -0.57 -19.47 33.66
CA THR D 83 -0.28 -20.83 34.15
C THR D 83 -1.49 -21.59 34.71
N LYS D 84 -2.58 -20.87 34.97
CA LYS D 84 -3.81 -21.45 35.51
C LYS D 84 -4.83 -21.83 34.45
N ARG D 85 -4.51 -21.61 33.18
CA ARG D 85 -5.42 -21.95 32.08
C ARG D 85 -4.61 -22.53 30.91
N LEU D 86 -4.61 -23.87 30.80
CA LEU D 86 -3.72 -24.60 29.90
C LEU D 86 -4.40 -25.20 28.66
N ALA D 87 -3.60 -25.48 27.63
CA ALA D 87 -4.10 -25.67 26.24
C ALA D 87 -3.97 -27.03 25.63
N ASP D 88 -4.76 -27.99 26.09
CA ASP D 88 -4.81 -29.33 25.43
C ASP D 88 -3.53 -30.13 25.50
N GLY D 89 -2.49 -29.78 24.77
CA GLY D 89 -1.20 -30.45 24.93
C GLY D 89 -0.40 -30.90 23.71
N LEU D 90 0.49 -31.89 23.95
CA LEU D 90 1.48 -32.41 22.97
C LEU D 90 1.54 -33.92 22.96
N ALA D 91 1.91 -34.49 21.82
CA ALA D 91 1.99 -35.92 21.71
C ALA D 91 3.05 -36.41 20.73
N PHE D 92 3.62 -37.58 21.08
CA PHE D 92 4.42 -38.36 20.14
C PHE D 92 3.48 -39.41 19.58
N PHE D 93 3.58 -39.70 18.29
CA PHE D 93 2.65 -40.67 17.70
C PHE D 93 3.17 -41.44 16.51
N LEU D 94 2.51 -42.57 16.27
CA LEU D 94 2.66 -43.39 15.07
C LEU D 94 1.34 -43.33 14.31
N ALA D 95 1.39 -43.10 12.99
CA ALA D 95 0.19 -43.07 12.14
C ALA D 95 0.55 -43.61 10.75
N PRO D 96 -0.45 -43.79 9.88
CA PRO D 96 -0.16 -44.24 8.50
C PRO D 96 0.76 -43.32 7.73
N ILE D 97 1.50 -43.90 6.79
CA ILE D 97 2.37 -43.17 5.84
C ILE D 97 1.76 -41.81 5.45
N ASP D 98 0.48 -41.84 5.09
CA ASP D 98 -0.18 -40.69 4.48
C ASP D 98 -0.95 -39.83 5.48
N THR D 99 -0.60 -39.97 6.74
CA THR D 99 -1.33 -39.27 7.80
C THR D 99 -1.40 -37.77 7.62
N LYS D 100 -2.59 -37.20 7.79
CA LYS D 100 -2.78 -35.75 7.79
C LYS D 100 -3.35 -35.32 9.15
N PRO D 101 -3.27 -34.02 9.48
CA PRO D 101 -3.79 -33.55 10.76
C PRO D 101 -5.32 -33.73 10.92
N GLN D 102 -5.75 -34.09 12.11
CA GLN D 102 -7.15 -34.34 12.42
C GLN D 102 -7.68 -33.21 13.29
N THR D 103 -8.75 -33.45 14.06
CA THR D 103 -9.42 -32.39 14.83
C THR D 103 -8.51 -31.78 15.84
N HIS D 104 -8.64 -30.48 16.04
CA HIS D 104 -7.75 -29.64 16.84
C HIS D 104 -8.12 -29.59 18.31
N ALA D 105 -7.50 -28.69 19.07
CA ALA D 105 -7.82 -28.52 20.48
C ALA D 105 -7.66 -29.86 21.27
N GLY D 106 -8.69 -30.29 21.99
CA GLY D 106 -8.62 -31.48 22.82
C GLY D 106 -8.37 -32.82 22.15
N TYR D 107 -8.58 -32.88 20.82
CA TYR D 107 -8.26 -34.08 20.01
C TYR D 107 -6.80 -34.10 19.52
N LEU D 108 -6.09 -33.01 19.79
CA LEU D 108 -4.64 -32.89 19.63
C LEU D 108 -4.13 -33.12 18.20
N GLY D 109 -4.99 -32.98 17.22
CA GLY D 109 -4.63 -33.21 15.82
C GLY D 109 -4.46 -34.65 15.44
N LEU D 110 -4.89 -35.54 16.31
CA LEU D 110 -4.63 -36.95 16.13
C LEU D 110 -5.85 -37.80 15.91
N PHE D 111 -6.96 -37.45 16.58
CA PHE D 111 -8.21 -38.21 16.49
C PHE D 111 -9.39 -37.31 16.13
N ASN D 112 -10.57 -37.92 16.04
CA ASN D 112 -11.84 -37.22 15.83
C ASN D 112 -12.92 -37.78 16.77
N GLU D 113 -13.99 -37.02 17.03
CA GLU D 113 -15.03 -37.48 17.94
C GLU D 113 -15.74 -38.72 17.42
N ASN D 114 -16.02 -38.73 16.12
CA ASN D 114 -16.62 -39.90 15.47
C ASN D 114 -15.70 -41.13 15.48
N GLU D 115 -16.22 -42.25 14.99
CA GLU D 115 -15.50 -43.53 14.93
C GLU D 115 -13.98 -43.31 14.71
N SER D 116 -13.61 -42.80 13.55
CA SER D 116 -12.19 -42.56 13.27
C SER D 116 -11.97 -41.93 11.90
N GLY D 117 -10.70 -41.57 11.65
CA GLY D 117 -10.17 -41.41 10.31
C GLY D 117 -8.97 -42.34 10.15
N ASP D 118 -7.88 -42.01 10.87
CA ASP D 118 -6.66 -42.82 10.90
C ASP D 118 -6.67 -43.91 12.01
N GLN D 119 -5.69 -44.82 11.90
CA GLN D 119 -5.27 -45.68 12.98
C GLN D 119 -4.08 -45.04 13.64
N VAL D 120 -4.24 -44.50 14.82
CA VAL D 120 -3.13 -43.78 15.47
C VAL D 120 -2.82 -44.36 16.85
N VAL D 121 -1.55 -44.50 17.16
CA VAL D 121 -1.06 -44.81 18.51
C VAL D 121 -0.25 -43.63 18.97
N ALA D 122 -0.45 -43.21 20.19
CA ALA D 122 0.29 -42.07 20.68
C ALA D 122 0.56 -42.09 22.18
N VAL D 123 1.51 -41.25 22.58
CA VAL D 123 1.75 -40.97 24.00
C VAL D 123 1.55 -39.50 24.14
N GLU D 124 0.53 -39.13 24.91
CA GLU D 124 0.12 -37.73 25.05
C GLU D 124 0.64 -37.14 26.34
N PHE D 125 0.86 -35.84 26.27
CA PHE D 125 1.15 -34.99 27.43
C PHE D 125 0.08 -33.93 27.44
N ASP D 126 -0.93 -34.21 28.26
CA ASP D 126 -2.25 -33.61 28.15
C ASP D 126 -2.46 -32.63 29.27
N THR D 127 -2.67 -31.35 28.92
CA THR D 127 -2.76 -30.27 29.89
C THR D 127 -4.18 -29.88 30.33
N PHE D 128 -5.16 -30.18 29.50
CA PHE D 128 -6.53 -29.75 29.76
C PHE D 128 -7.47 -30.93 29.96
N ARG D 129 -8.38 -30.75 30.92
CA ARG D 129 -9.33 -31.80 31.24
C ARG D 129 -10.58 -31.75 30.35
N ASN D 130 -10.62 -32.66 29.36
CA ASN D 130 -11.81 -32.91 28.58
C ASN D 130 -12.72 -33.88 29.33
N SER D 131 -13.91 -34.12 28.81
CA SER D 131 -14.89 -35.00 29.46
C SER D 131 -14.39 -36.43 29.62
N TRP D 132 -13.59 -36.89 28.68
CA TRP D 132 -13.03 -38.25 28.68
C TRP D 132 -11.78 -38.38 29.55
N ASP D 133 -11.29 -37.24 30.07
CA ASP D 133 -10.00 -37.18 30.76
C ASP D 133 -10.11 -37.42 32.26
N PRO D 134 -9.05 -37.96 32.86
CA PRO D 134 -8.96 -37.89 34.29
C PRO D 134 -8.67 -36.47 34.73
N PRO D 135 -8.83 -36.18 36.03
CA PRO D 135 -8.50 -34.85 36.52
C PRO D 135 -7.01 -34.63 36.47
N ASN D 136 -6.62 -33.38 36.24
CA ASN D 136 -5.21 -32.98 36.32
C ASN D 136 -4.34 -33.39 35.13
N PRO D 137 -3.35 -32.55 34.79
CA PRO D 137 -2.51 -32.90 33.66
C PRO D 137 -1.83 -34.25 33.85
N HIS D 138 -1.63 -34.93 32.74
CA HIS D 138 -1.27 -36.35 32.75
C HIS D 138 -0.52 -36.77 31.51
N ILE D 139 0.20 -37.87 31.66
CA ILE D 139 0.75 -38.58 30.55
C ILE D 139 -0.23 -39.67 30.24
N GLY D 140 -0.41 -39.98 28.95
CA GLY D 140 -1.43 -40.95 28.55
C GLY D 140 -1.02 -41.77 27.36
N ILE D 141 -1.41 -43.03 27.36
CA ILE D 141 -1.17 -43.92 26.23
C ILE D 141 -2.47 -44.05 25.49
N ASN D 142 -2.49 -43.63 24.24
CA ASN D 142 -3.71 -43.65 23.43
C ASN D 142 -3.61 -44.67 22.31
N VAL D 143 -4.62 -45.53 22.22
CA VAL D 143 -4.69 -46.50 21.14
C VAL D 143 -5.95 -46.34 20.32
N ASN D 144 -5.84 -45.66 19.19
CA ASN D 144 -6.97 -45.42 18.26
C ASN D 144 -8.14 -44.69 18.90
N SER D 145 -7.86 -43.93 19.96
CA SER D 145 -8.85 -43.17 20.70
C SER D 145 -8.17 -42.10 21.54
N ILE D 146 -8.79 -40.92 21.65
CA ILE D 146 -8.26 -39.87 22.52
C ILE D 146 -8.50 -40.17 24.02
N ARG D 147 -9.39 -41.11 24.31
CA ARG D 147 -9.52 -41.68 25.66
C ARG D 147 -8.39 -42.66 25.87
N SER D 148 -7.42 -42.24 26.68
CA SER D 148 -6.20 -43.01 26.91
C SER D 148 -6.54 -44.33 27.58
N ILE D 149 -5.91 -45.41 27.17
CA ILE D 149 -6.10 -46.72 27.80
C ILE D 149 -5.55 -46.75 29.22
N LYS D 150 -4.60 -45.88 29.48
CA LYS D 150 -4.10 -45.67 30.82
C LYS D 150 -3.38 -44.32 30.91
N THR D 151 -3.43 -43.71 32.10
CA THR D 151 -2.76 -42.44 32.34
C THR D 151 -2.02 -42.46 33.67
N THR D 152 -1.13 -41.48 33.84
CA THR D 152 -0.51 -41.22 35.12
C THR D 152 -0.32 -39.72 35.23
N SER D 153 -0.05 -39.27 36.44
CA SER D 153 0.12 -37.86 36.69
C SER D 153 1.34 -37.29 35.97
N TRP D 154 1.20 -36.07 35.45
CA TRP D 154 2.30 -35.31 34.87
C TRP D 154 2.62 -34.08 35.72
N ASP D 155 3.78 -34.07 36.36
CA ASP D 155 4.32 -32.86 36.93
C ASP D 155 4.75 -31.78 35.99
N LEU D 156 3.83 -31.21 35.23
CA LEU D 156 4.08 -29.97 34.51
C LEU D 156 5.01 -28.97 35.20
N ALA D 157 5.81 -28.29 34.39
CA ALA D 157 6.64 -27.16 34.83
C ALA D 157 6.86 -26.25 33.63
N ASN D 158 6.41 -25.00 33.77
CA ASN D 158 6.42 -24.05 32.66
C ASN D 158 7.83 -23.77 32.20
N ASN D 159 8.04 -23.74 30.89
CA ASN D 159 9.33 -23.37 30.30
C ASN D 159 10.50 -24.31 30.48
N LYS D 160 10.43 -25.24 31.44
CA LYS D 160 11.56 -26.14 31.73
C LYS D 160 11.62 -27.24 30.70
N VAL D 161 12.82 -27.78 30.50
CA VAL D 161 13.08 -28.90 29.59
C VAL D 161 12.59 -30.23 30.18
N ALA D 162 11.65 -30.86 29.49
CA ALA D 162 11.23 -32.23 29.78
C ALA D 162 12.00 -33.18 28.88
N LYS D 163 12.67 -34.16 29.47
CA LYS D 163 13.40 -35.15 28.70
C LYS D 163 12.50 -36.39 28.73
N VAL D 164 12.00 -36.79 27.56
CA VAL D 164 11.10 -37.95 27.43
C VAL D 164 11.84 -39.15 26.87
N LEU D 165 11.48 -40.33 27.33
CA LEU D 165 11.94 -41.57 26.76
C LEU D 165 10.72 -42.48 26.58
N ILE D 166 10.53 -42.98 25.36
CA ILE D 166 9.44 -43.89 25.04
C ILE D 166 10.04 -45.14 24.43
N THR D 167 9.58 -46.30 24.90
CA THR D 167 10.09 -47.59 24.41
C THR D 167 8.95 -48.53 24.17
N TYR D 168 9.11 -49.38 23.18
CA TYR D 168 8.19 -50.46 22.95
C TYR D 168 8.98 -51.76 22.86
N ASP D 169 8.63 -52.72 23.68
CA ASP D 169 9.26 -54.04 23.66
C ASP D 169 8.30 -55.06 23.05
N ALA D 170 8.61 -55.49 21.85
CA ALA D 170 7.77 -56.42 21.14
C ALA D 170 7.61 -57.77 21.87
N SER D 171 8.62 -58.21 22.62
CA SER D 171 8.53 -59.51 23.29
C SER D 171 7.44 -59.55 24.36
N THR D 172 7.12 -58.38 24.96
CA THR D 172 6.07 -58.25 25.97
C THR D 172 4.92 -57.35 25.54
N SER D 173 5.06 -56.76 24.33
CA SER D 173 4.13 -55.77 23.81
C SER D 173 3.96 -54.56 24.71
N LEU D 174 4.97 -54.27 25.53
CA LEU D 174 4.83 -53.24 26.53
C LEU D 174 5.38 -51.91 26.06
N LEU D 175 4.51 -50.90 26.01
CA LEU D 175 4.90 -49.52 25.72
C LEU D 175 5.12 -48.79 27.03
N VAL D 176 6.29 -48.18 27.17
CA VAL D 176 6.67 -47.49 28.39
C VAL D 176 7.08 -46.08 28.00
N ALA D 177 6.64 -45.13 28.80
CA ALA D 177 6.87 -43.73 28.56
C ALA D 177 7.24 -43.08 29.87
N SER D 178 8.36 -42.37 29.90
CA SER D 178 8.85 -41.67 31.09
C SER D 178 9.15 -40.21 30.75
N LEU D 179 8.97 -39.34 31.73
CA LEU D 179 9.26 -37.92 31.59
C LEU D 179 10.04 -37.42 32.78
N VAL D 180 11.07 -36.66 32.51
CA VAL D 180 11.99 -36.20 33.51
C VAL D 180 12.21 -34.68 33.36
N TYR D 181 12.15 -33.95 34.48
CA TYR D 181 12.56 -32.54 34.49
C TYR D 181 13.83 -32.47 35.31
N PRO D 182 14.99 -32.47 34.65
CA PRO D 182 16.23 -32.55 35.44
C PRO D 182 16.40 -31.39 36.42
N SER D 183 16.01 -30.18 36.02
CA SER D 183 16.12 -29.03 36.90
C SER D 183 15.29 -29.19 38.18
N GLN D 184 14.16 -29.88 38.09
CA GLN D 184 13.28 -30.15 39.23
C GLN D 184 13.57 -31.46 39.94
N ARG D 185 14.41 -32.31 39.33
CA ARG D 185 14.58 -33.70 39.79
C ARG D 185 13.24 -34.46 39.91
N THR D 186 12.26 -34.16 39.08
CA THR D 186 11.00 -34.91 39.12
C THR D 186 10.96 -35.92 37.99
N SER D 187 10.25 -37.03 38.22
CA SER D 187 10.15 -38.12 37.28
C SER D 187 8.72 -38.62 37.21
N ASN D 188 8.27 -39.01 36.02
CA ASN D 188 7.01 -39.73 35.90
C ASN D 188 7.19 -40.89 34.92
N ILE D 189 6.33 -41.90 35.05
CA ILE D 189 6.43 -43.10 34.22
C ILE D 189 5.07 -43.80 34.10
N LEU D 190 4.87 -44.44 32.97
CA LEU D 190 3.60 -45.03 32.59
C LEU D 190 3.86 -46.22 31.68
N SER D 191 3.11 -47.29 31.87
CA SER D 191 3.27 -48.46 31.01
C SER D 191 1.98 -49.19 30.76
N ASP D 192 1.76 -49.58 29.52
CA ASP D 192 0.69 -50.52 29.23
C ASP D 192 1.00 -51.34 28.02
N VAL D 193 0.19 -52.36 27.80
CA VAL D 193 0.32 -53.24 26.66
C VAL D 193 -0.38 -52.63 25.43
N VAL D 194 0.19 -52.83 24.24
CA VAL D 194 -0.40 -52.36 22.99
C VAL D 194 -0.09 -53.34 21.88
N ASP D 195 -1.12 -53.81 21.19
CA ASP D 195 -0.96 -54.70 20.05
C ASP D 195 -0.86 -53.86 18.79
N LEU D 196 0.35 -53.74 18.27
CA LEU D 196 0.66 -52.95 17.10
C LEU D 196 -0.04 -53.48 15.87
N LYS D 197 -0.11 -54.81 15.75
CA LYS D 197 -0.70 -55.39 14.55
C LYS D 197 -2.16 -55.03 14.32
N THR D 198 -2.88 -54.82 15.40
CA THR D 198 -4.30 -54.51 15.33
C THR D 198 -4.58 -53.01 15.51
N SER D 199 -3.55 -52.19 15.68
CA SER D 199 -3.78 -50.76 15.85
C SER D 199 -3.01 -49.83 14.90
N LEU D 200 -2.13 -50.42 14.08
CA LEU D 200 -1.33 -49.66 13.09
C LEU D 200 -1.11 -50.46 11.82
N PRO D 201 -0.90 -49.79 10.70
CA PRO D 201 -0.50 -50.53 9.50
C PRO D 201 0.96 -50.99 9.61
N GLU D 202 1.38 -51.84 8.66
CA GLU D 202 2.71 -52.44 8.70
C GLU D 202 3.79 -51.36 8.68
N TRP D 203 3.57 -50.32 7.86
CA TRP D 203 4.47 -49.21 7.75
C TRP D 203 3.77 -47.99 8.28
N VAL D 204 4.51 -47.14 8.95
CA VAL D 204 3.97 -45.94 9.57
C VAL D 204 4.93 -44.81 9.46
N ARG D 205 4.45 -43.63 9.78
CA ARG D 205 5.33 -42.50 9.99
C ARG D 205 5.20 -42.06 11.44
N ILE D 206 6.28 -41.52 12.00
CA ILE D 206 6.28 -41.12 13.41
C ILE D 206 6.49 -39.64 13.51
N GLY D 207 6.04 -39.08 14.62
CA GLY D 207 6.28 -37.69 14.82
C GLY D 207 5.53 -37.08 15.95
N PHE D 208 5.39 -35.75 15.90
CA PHE D 208 4.79 -34.97 16.96
C PHE D 208 3.55 -34.26 16.50
N SER D 209 2.60 -34.11 17.42
CA SER D 209 1.44 -33.27 17.21
C SER D 209 1.18 -32.50 18.49
N ALA D 210 0.84 -31.23 18.36
CA ALA D 210 0.54 -30.43 19.55
C ALA D 210 -0.45 -29.36 19.23
N ALA D 211 -1.42 -29.19 20.10
CA ALA D 211 -2.51 -28.26 19.87
C ALA D 211 -2.64 -27.28 21.02
N THR D 212 -3.00 -26.08 20.66
CA THR D 212 -3.27 -25.03 21.62
C THR D 212 -4.80 -25.03 21.87
N GLY D 213 -5.28 -24.19 22.80
CA GLY D 213 -6.71 -24.22 23.18
C GLY D 213 -7.62 -23.57 22.12
N LEU D 214 -8.90 -23.97 22.11
CA LEU D 214 -9.86 -23.38 21.18
C LEU D 214 -10.05 -21.87 21.39
N ASP D 215 -10.55 -21.48 22.57
CA ASP D 215 -10.88 -20.07 22.88
C ASP D 215 -9.68 -19.34 23.47
N ILE D 216 -8.79 -20.10 24.08
CA ILE D 216 -7.74 -19.49 24.90
C ILE D 216 -6.36 -19.83 24.36
N PRO D 217 -5.36 -19.03 24.74
CA PRO D 217 -4.02 -19.35 24.28
C PRO D 217 -3.47 -20.65 24.89
N GLY D 218 -3.58 -20.81 26.19
CA GLY D 218 -3.05 -22.00 26.87
C GLY D 218 -1.52 -22.04 26.89
N GLU D 219 -0.93 -22.88 26.05
CA GLU D 219 0.54 -23.02 25.99
C GLU D 219 1.02 -23.43 24.61
N SER D 220 2.20 -22.94 24.26
CA SER D 220 2.89 -23.34 23.05
C SER D 220 3.69 -24.59 23.36
N HIS D 221 4.15 -25.27 22.32
CA HIS D 221 4.90 -26.51 22.50
C HIS D 221 6.09 -26.52 21.55
N ASP D 222 7.30 -26.62 22.11
CA ASP D 222 8.51 -26.69 21.31
C ASP D 222 9.28 -27.99 21.59
N VAL D 223 9.64 -28.71 20.53
CA VAL D 223 10.54 -29.88 20.67
C VAL D 223 11.93 -29.47 20.25
N LEU D 224 12.91 -29.76 21.10
CA LEU D 224 14.27 -29.28 20.91
C LEU D 224 15.27 -30.31 20.40
N SER D 225 15.02 -31.60 20.63
CA SER D 225 15.88 -32.67 20.15
C SER D 225 15.03 -33.89 19.85
N TRP D 226 15.58 -34.84 19.09
CA TRP D 226 14.87 -36.08 18.77
C TRP D 226 15.81 -37.21 18.43
N SER D 227 15.57 -38.35 19.02
CA SER D 227 16.24 -39.58 18.69
C SER D 227 15.24 -40.71 18.53
N PHE D 228 15.57 -41.63 17.64
CA PHE D 228 14.71 -42.76 17.45
C PHE D 228 15.54 -43.94 16.90
N ALA D 229 15.23 -45.16 17.35
CA ALA D 229 15.77 -46.39 16.76
C ALA D 229 14.70 -47.44 16.73
N SER D 230 14.76 -48.27 15.71
CA SER D 230 13.81 -49.34 15.55
C SER D 230 14.50 -50.58 15.02
N ASN D 231 14.01 -51.73 15.44
CA ASN D 231 14.55 -53.01 15.00
C ASN D 231 13.37 -53.97 14.73
N LEU D 232 13.24 -54.44 13.50
CA LEU D 232 12.24 -55.44 13.14
C LEU D 232 12.95 -56.76 12.83
N PRO D 233 12.88 -57.72 13.75
CA PRO D 233 13.49 -59.01 13.44
C PRO D 233 12.69 -59.82 12.43
N HIS D 234 13.40 -60.70 11.72
CA HIS D 234 12.88 -61.86 10.94
C HIS D 234 11.47 -62.34 11.29
N ALA E 1 51.08 17.80 10.10
CA ALA E 1 51.90 16.56 9.90
C ALA E 1 51.34 15.76 8.72
N GLU E 2 50.48 14.73 8.86
CA GLU E 2 50.27 13.81 7.76
C GLU E 2 48.97 14.14 7.04
N THR E 3 49.01 14.14 5.72
CA THR E 3 47.81 14.35 4.93
C THR E 3 47.82 13.42 3.73
N VAL E 4 46.63 13.15 3.22
CA VAL E 4 46.45 12.41 1.97
C VAL E 4 45.11 12.83 1.39
N SER E 5 45.00 12.80 0.08
CA SER E 5 43.74 13.12 -0.58
C SER E 5 43.70 12.45 -1.94
N PHE E 6 42.51 12.28 -2.47
CA PHE E 6 42.31 11.87 -3.85
C PHE E 6 40.91 12.22 -4.31
N SER E 7 40.72 12.20 -5.63
CA SER E 7 39.41 12.41 -6.21
C SER E 7 39.33 11.95 -7.63
N TRP E 8 38.16 11.49 -8.03
CA TRP E 8 37.86 11.26 -9.44
C TRP E 8 36.38 11.19 -9.67
N ASN E 9 36.01 11.41 -10.92
CA ASN E 9 34.62 11.51 -11.31
C ASN E 9 34.15 10.33 -12.18
N LYS E 10 35.06 9.45 -12.59
CA LYS E 10 34.73 8.09 -13.10
C LYS E 10 35.65 7.08 -12.45
N PHE E 11 35.21 5.86 -12.37
CA PHE E 11 36.12 4.77 -12.07
C PHE E 11 36.58 4.17 -13.38
N VAL E 12 37.76 3.55 -13.37
CA VAL E 12 38.33 2.89 -14.55
C VAL E 12 38.65 1.43 -14.23
N PRO E 13 38.23 0.47 -15.09
CA PRO E 13 38.41 -0.96 -14.83
C PRO E 13 39.83 -1.36 -14.42
N LYS E 14 39.93 -2.28 -13.46
CA LYS E 14 41.21 -2.79 -13.03
C LYS E 14 42.17 -1.73 -12.47
N GLN E 15 41.65 -0.56 -12.05
CA GLN E 15 42.51 0.49 -11.45
C GLN E 15 43.14 -0.08 -10.18
N PRO E 16 44.47 -0.07 -10.10
CA PRO E 16 45.17 -0.74 -8.99
C PRO E 16 45.22 0.04 -7.68
N ASN E 17 44.51 1.17 -7.60
CA ASN E 17 44.38 1.94 -6.36
C ASN E 17 43.05 1.65 -5.67
N MET E 18 42.42 0.56 -6.06
CA MET E 18 41.13 0.14 -5.51
C MET E 18 41.20 -1.38 -5.28
N ILE E 19 40.73 -1.83 -4.12
CA ILE E 19 40.62 -3.26 -3.83
C ILE E 19 39.14 -3.64 -3.90
N LEU E 20 38.79 -4.51 -4.85
CA LEU E 20 37.44 -5.02 -4.97
C LEU E 20 37.26 -6.31 -4.19
N GLN E 21 36.07 -6.47 -3.62
CA GLN E 21 35.72 -7.63 -2.81
C GLN E 21 34.31 -8.06 -3.15
N GLY E 22 34.04 -9.36 -3.02
CA GLY E 22 32.73 -9.92 -3.34
C GLY E 22 32.32 -9.65 -4.77
N ASP E 23 31.09 -9.22 -4.97
CA ASP E 23 30.52 -9.06 -6.30
C ASP E 23 30.92 -7.74 -7.01
N ALA E 24 31.64 -6.89 -6.32
CA ALA E 24 31.99 -5.59 -6.83
C ALA E 24 32.75 -5.64 -8.16
N ILE E 25 32.34 -4.81 -9.12
CA ILE E 25 33.09 -4.58 -10.34
C ILE E 25 33.12 -3.09 -10.72
N VAL E 26 34.10 -2.70 -11.54
CA VAL E 26 34.08 -1.40 -12.21
C VAL E 26 33.64 -1.63 -13.65
N THR E 27 32.54 -1.02 -14.07
CA THR E 27 32.02 -1.20 -15.43
C THR E 27 32.83 -0.42 -16.43
N SER E 28 32.65 -0.76 -17.71
CA SER E 28 33.27 -0.02 -18.81
C SER E 28 32.75 1.42 -18.85
N SER E 29 31.51 1.64 -18.40
CA SER E 29 30.92 2.97 -18.35
C SER E 29 31.43 3.81 -17.15
N GLY E 30 32.32 3.25 -16.33
CA GLY E 30 32.97 4.00 -15.26
C GLY E 30 32.24 4.06 -13.93
N LYS E 31 31.35 3.12 -13.68
CA LYS E 31 30.66 3.06 -12.40
C LYS E 31 31.26 1.99 -11.52
N LEU E 32 31.25 2.25 -10.22
CA LEU E 32 31.58 1.26 -9.24
C LEU E 32 30.31 0.49 -8.93
N GLN E 33 30.12 -0.63 -9.61
CA GLN E 33 28.92 -1.45 -9.43
C GLN E 33 29.15 -2.39 -8.27
N LEU E 34 28.52 -2.13 -7.12
CA LEU E 34 28.80 -2.94 -5.95
C LEU E 34 28.09 -4.30 -5.97
N ASN E 35 26.94 -4.38 -6.62
CA ASN E 35 26.17 -5.60 -6.64
C ASN E 35 26.09 -6.25 -8.02
N LYS E 36 25.90 -7.59 -8.03
CA LYS E 36 25.62 -8.34 -9.26
C LYS E 36 24.33 -7.86 -9.89
N VAL E 37 24.32 -7.83 -11.21
CA VAL E 37 23.23 -7.19 -11.96
C VAL E 37 23.06 -7.98 -13.25
N ASP E 38 21.81 -8.30 -13.62
CA ASP E 38 21.55 -9.00 -14.88
C ASP E 38 21.67 -8.03 -16.06
N GLU E 39 21.49 -8.51 -17.28
CA GLU E 39 21.93 -7.75 -18.44
C GLU E 39 21.13 -6.42 -18.67
N ASN E 40 19.93 -6.25 -18.11
CA ASN E 40 19.21 -4.98 -18.21
C ASN E 40 19.32 -4.05 -16.98
N GLY E 41 20.09 -4.46 -15.98
CA GLY E 41 20.37 -3.63 -14.79
C GLY E 41 19.77 -4.11 -13.47
N THR E 42 19.05 -5.22 -13.51
CA THR E 42 18.32 -5.75 -12.38
C THR E 42 19.16 -6.53 -11.39
N PRO E 43 19.07 -6.17 -10.08
CA PRO E 43 19.89 -6.80 -9.04
C PRO E 43 19.58 -8.26 -8.80
N LYS E 44 20.59 -9.05 -8.52
CA LYS E 44 20.42 -10.45 -8.12
C LYS E 44 20.32 -10.50 -6.60
N PRO E 45 19.45 -11.36 -6.05
CA PRO E 45 19.39 -11.60 -4.61
C PRO E 45 20.70 -12.13 -4.01
N SER E 46 20.86 -11.94 -2.71
CA SER E 46 22.08 -12.32 -1.96
C SER E 46 23.42 -11.81 -2.50
N SER E 47 23.37 -10.76 -3.30
CA SER E 47 24.59 -10.02 -3.69
C SER E 47 25.15 -9.18 -2.58
N LEU E 48 26.48 -9.14 -2.56
CA LEU E 48 27.26 -8.36 -1.61
C LEU E 48 28.55 -7.94 -2.32
N GLY E 49 28.81 -6.64 -2.34
CA GLY E 49 30.06 -6.16 -2.92
C GLY E 49 30.66 -5.04 -2.08
N ARG E 50 31.99 -5.02 -2.00
CA ARG E 50 32.66 -3.94 -1.37
C ARG E 50 33.83 -3.47 -2.22
N ALA E 51 34.30 -2.29 -1.85
CA ALA E 51 35.35 -1.60 -2.56
C ALA E 51 36.13 -0.75 -1.61
N LEU E 52 37.46 -0.89 -1.60
CA LEU E 52 38.30 -0.17 -0.67
C LEU E 52 39.34 0.63 -1.42
N TYR E 53 39.73 1.77 -0.86
CA TYR E 53 40.87 2.51 -1.37
C TYR E 53 42.13 1.79 -0.95
N SER E 54 43.04 1.61 -1.85
CA SER E 54 44.22 0.84 -1.62
C SER E 54 44.98 1.25 -0.43
N THR E 55 45.27 2.12 -0.15
CA THR E 55 46.12 2.89 0.69
C THR E 55 45.51 3.16 2.04
N PRO E 56 46.24 2.73 2.96
CA PRO E 56 45.79 2.86 4.33
C PRO E 56 45.84 4.31 4.77
N ILE E 57 44.90 4.70 5.62
CA ILE E 57 44.84 6.06 6.14
C ILE E 57 45.25 6.07 7.61
N HIS E 58 46.17 6.96 7.98
CA HIS E 58 46.56 7.10 9.37
C HIS E 58 45.53 7.95 10.11
N ILE E 59 44.68 7.30 10.89
CA ILE E 59 43.48 7.93 11.40
C ILE E 59 43.58 8.45 12.84
N TRP E 60 44.36 7.77 13.66
CA TRP E 60 44.82 8.34 14.93
C TRP E 60 46.18 7.74 15.32
N ASP E 61 46.81 8.34 16.32
CA ASP E 61 48.15 7.97 16.76
C ASP E 61 48.17 7.74 18.26
N LYS E 62 48.69 6.61 18.69
CA LYS E 62 48.70 6.21 20.11
C LYS E 62 49.66 7.07 20.92
N GLU E 63 50.87 7.20 20.40
CA GLU E 63 51.93 8.03 20.99
C GLU E 63 51.40 9.40 21.45
N THR E 64 50.89 10.17 20.49
CA THR E 64 50.44 11.55 20.72
C THR E 64 48.97 11.66 21.10
N GLY E 65 48.20 10.63 20.84
CA GLY E 65 46.77 10.68 21.15
C GLY E 65 45.95 11.53 20.16
N SER E 66 46.57 12.06 19.10
CA SER E 66 45.86 12.95 18.20
C SER E 66 45.13 12.18 17.09
N VAL E 67 44.08 12.80 16.56
CA VAL E 67 43.05 12.16 15.76
C VAL E 67 42.88 12.95 14.47
N ALA E 68 42.60 12.25 13.38
CA ALA E 68 42.51 12.93 12.11
C ALA E 68 41.15 13.60 11.92
N SER E 69 41.16 14.66 11.12
CA SER E 69 39.95 15.17 10.56
C SER E 69 39.93 14.74 9.09
N PHE E 70 38.74 14.39 8.57
CA PHE E 70 38.62 14.00 7.16
C PHE E 70 37.30 14.36 6.56
N ALA E 71 37.27 14.39 5.23
CA ALA E 71 36.05 14.60 4.49
C ALA E 71 35.95 13.59 3.37
N ALA E 72 34.73 13.18 3.09
CA ALA E 72 34.47 12.26 2.00
C ALA E 72 33.24 12.65 1.27
N SER E 73 33.29 12.55 -0.03
CA SER E 73 32.14 12.83 -0.85
C SER E 73 32.05 11.86 -2.03
N PHE E 74 30.82 11.62 -2.48
CA PHE E 74 30.58 10.75 -3.60
C PHE E 74 29.16 10.88 -4.10
N ASN E 75 28.97 10.58 -5.37
CA ASN E 75 27.67 10.50 -6.01
C ASN E 75 27.28 9.04 -6.16
N PHE E 76 26.05 8.70 -5.81
CA PHE E 76 25.57 7.32 -5.92
C PHE E 76 24.11 7.24 -6.31
N THR E 77 23.75 6.09 -6.90
CA THR E 77 22.39 5.84 -7.33
C THR E 77 21.98 4.44 -6.95
N PHE E 78 20.70 4.16 -7.06
CA PHE E 78 20.24 2.81 -6.95
C PHE E 78 19.10 2.55 -7.95
N TYR E 79 18.98 1.27 -8.32
CA TYR E 79 17.86 0.83 -9.14
C TYR E 79 17.08 -0.21 -8.39
N ALA E 80 15.83 0.13 -8.08
CA ALA E 80 14.88 -0.82 -7.57
C ALA E 80 13.90 -1.17 -8.71
N PRO E 81 13.80 -2.46 -9.05
CA PRO E 81 12.80 -2.83 -10.02
C PRO E 81 11.39 -2.75 -9.41
N ASP E 82 11.25 -3.15 -8.15
CA ASP E 82 10.00 -2.99 -7.42
C ASP E 82 10.19 -1.99 -6.33
N THR E 83 9.57 -0.84 -6.54
CA THR E 83 9.77 0.31 -5.70
C THR E 83 9.21 0.15 -4.26
N LYS E 84 8.36 -0.85 -4.04
CA LYS E 84 7.79 -1.04 -2.68
C LYS E 84 8.38 -2.28 -1.99
N ARG E 85 9.58 -2.68 -2.42
CA ARG E 85 10.26 -3.84 -1.83
C ARG E 85 11.78 -3.68 -1.99
N LEU E 86 12.45 -3.18 -0.95
CA LEU E 86 13.83 -2.68 -1.05
C LEU E 86 14.85 -3.49 -0.22
N ALA E 87 16.11 -3.42 -0.66
CA ALA E 87 17.19 -4.40 -0.38
C ALA E 87 18.29 -3.96 0.53
N ASP E 88 18.03 -3.79 1.81
CA ASP E 88 19.08 -3.56 2.80
C ASP E 88 19.82 -2.23 2.64
N GLY E 89 20.67 -2.08 1.64
CA GLY E 89 21.28 -0.78 1.35
C GLY E 89 22.78 -0.68 1.08
N LEU E 90 23.32 0.53 1.29
CA LEU E 90 24.68 0.95 0.96
C LEU E 90 25.36 1.60 2.17
N ALA E 91 26.68 1.52 2.21
CA ALA E 91 27.41 2.15 3.29
C ALA E 91 28.81 2.60 2.88
N PHE E 92 29.22 3.73 3.46
CA PHE E 92 30.60 4.19 3.45
C PHE E 92 31.17 3.83 4.80
N PHE E 93 32.43 3.45 4.85
CA PHE E 93 32.98 2.98 6.13
C PHE E 93 34.47 2.92 6.23
N LEU E 94 34.91 2.79 7.46
CA LEU E 94 36.30 2.63 7.80
C LEU E 94 36.47 1.39 8.64
N ALA E 95 37.54 0.66 8.35
CA ALA E 95 37.81 -0.62 9.01
C ALA E 95 39.31 -0.88 9.01
N PRO E 96 39.76 -1.94 9.72
CA PRO E 96 41.18 -2.31 9.70
C PRO E 96 41.72 -2.60 8.30
N ILE E 97 43.02 -2.36 8.11
CA ILE E 97 43.77 -2.66 6.88
C ILE E 97 43.21 -3.89 6.15
N ASP E 98 43.11 -4.98 6.91
CA ASP E 98 42.88 -6.29 6.34
C ASP E 98 41.40 -6.68 6.33
N THR E 99 40.51 -5.68 6.43
CA THR E 99 39.08 -5.94 6.49
C THR E 99 38.58 -6.79 5.34
N LYS E 100 37.77 -7.78 5.68
CA LYS E 100 37.10 -8.62 4.69
C LYS E 100 35.59 -8.53 4.85
N PRO E 101 34.83 -8.96 3.83
CA PRO E 101 33.37 -8.93 3.89
C PRO E 101 32.76 -9.73 5.04
N GLN E 102 31.75 -9.17 5.69
CA GLN E 102 31.09 -9.79 6.83
C GLN E 102 29.70 -10.30 6.38
N THR E 103 28.74 -10.41 7.27
CA THR E 103 27.47 -11.00 6.88
C THR E 103 26.71 -10.09 5.94
N HIS E 104 25.96 -10.71 5.04
CA HIS E 104 25.25 -10.09 3.93
C HIS E 104 23.88 -9.54 4.31
N ALA E 105 23.10 -9.16 3.31
CA ALA E 105 21.73 -8.65 3.54
C ALA E 105 21.69 -7.50 4.54
N GLY E 106 20.89 -7.62 5.60
CA GLY E 106 20.70 -6.55 6.58
C GLY E 106 21.92 -6.08 7.37
N TYR E 107 22.98 -6.89 7.40
CA TYR E 107 24.24 -6.49 8.05
C TYR E 107 25.21 -5.78 7.09
N LEU E 108 24.81 -5.68 5.82
CA LEU E 108 25.46 -4.82 4.83
C LEU E 108 26.91 -5.12 4.52
N GLY E 109 27.34 -6.33 4.83
CA GLY E 109 28.72 -6.74 4.61
C GLY E 109 29.70 -6.13 5.59
N LEU E 110 29.20 -5.51 6.65
CA LEU E 110 30.03 -4.74 7.61
C LEU E 110 30.14 -5.36 8.99
N PHE E 111 29.00 -5.85 9.47
CA PHE E 111 28.83 -6.34 10.83
C PHE E 111 28.27 -7.77 10.82
N ASN E 112 28.11 -8.34 12.02
CA ASN E 112 27.56 -9.72 12.19
C ASN E 112 26.56 -9.77 13.34
N GLU E 113 25.72 -10.81 13.34
CA GLU E 113 24.77 -11.04 14.45
C GLU E 113 25.51 -11.28 15.76
N ASN E 114 26.62 -12.03 15.69
CA ASN E 114 27.44 -12.30 16.89
C ASN E 114 28.16 -11.04 17.39
N ASP E 118 35.12 -7.19 12.98
CA ASP E 118 36.01 -6.03 12.89
C ASP E 118 35.68 -4.94 13.96
N GLN E 119 36.52 -3.92 14.01
CA GLN E 119 36.17 -2.62 14.58
C GLN E 119 35.77 -1.73 13.42
N VAL E 120 34.48 -1.49 13.23
CA VAL E 120 34.00 -0.83 12.02
C VAL E 120 33.16 0.37 12.33
N VAL E 121 33.36 1.44 11.56
CA VAL E 121 32.51 2.62 11.63
C VAL E 121 32.02 2.90 10.24
N ALA E 122 30.72 3.19 10.12
CA ALA E 122 30.13 3.48 8.81
C ALA E 122 29.03 4.51 8.85
N VAL E 123 28.75 5.05 7.67
CA VAL E 123 27.56 5.84 7.41
C VAL E 123 26.73 5.02 6.48
N GLU E 124 25.56 4.58 6.94
CA GLU E 124 24.70 3.68 6.19
C GLU E 124 23.58 4.42 5.51
N PHE E 125 23.17 3.89 4.38
CA PHE E 125 21.99 4.34 3.68
C PHE E 125 21.12 3.10 3.49
N ASP E 126 20.18 2.96 4.42
CA ASP E 126 19.51 1.73 4.76
C ASP E 126 18.10 1.75 4.23
N THR E 127 17.79 0.78 3.38
CA THR E 127 16.48 0.72 2.71
C THR E 127 15.44 -0.20 3.36
N PHE E 128 15.90 -1.20 4.10
CA PHE E 128 15.02 -2.23 4.67
C PHE E 128 14.99 -2.20 6.19
N ARG E 129 13.78 -2.30 6.76
CA ARG E 129 13.60 -2.26 8.20
C ARG E 129 13.82 -3.62 8.87
N ASN E 130 15.01 -3.84 9.45
CA ASN E 130 15.27 -5.03 10.25
C ASN E 130 14.79 -4.73 11.70
N SER E 131 14.92 -5.71 12.58
CA SER E 131 14.46 -5.60 13.96
C SER E 131 15.12 -4.46 14.73
N TRP E 132 16.38 -4.18 14.43
CA TRP E 132 17.15 -3.11 15.13
C TRP E 132 16.89 -1.72 14.54
N ASP E 133 16.13 -1.64 13.44
CA ASP E 133 16.04 -0.42 12.63
C ASP E 133 14.87 0.43 13.00
N PRO E 134 14.98 1.74 12.73
CA PRO E 134 13.81 2.57 12.79
C PRO E 134 12.93 2.30 11.58
N PRO E 135 11.70 2.86 11.63
CA PRO E 135 10.86 2.79 10.45
C PRO E 135 11.44 3.64 9.34
N ASN E 136 11.15 3.18 8.11
CA ASN E 136 11.43 3.95 6.89
C ASN E 136 12.93 3.99 6.51
N PRO E 137 13.22 4.06 5.20
CA PRO E 137 14.60 4.26 4.72
C PRO E 137 15.26 5.46 5.41
N HIS E 138 16.54 5.31 5.78
CA HIS E 138 17.24 6.25 6.62
C HIS E 138 18.72 6.33 6.30
N ILE E 139 19.33 7.43 6.73
CA ILE E 139 20.77 7.49 6.88
C ILE E 139 21.02 7.11 8.32
N GLY E 140 22.10 6.38 8.58
CA GLY E 140 22.46 6.01 9.94
C GLY E 140 23.96 6.11 10.17
N ILE E 141 24.34 6.47 11.40
CA ILE E 141 25.74 6.42 11.77
C ILE E 141 25.93 5.22 12.67
N ASN E 142 26.82 4.33 12.21
CA ASN E 142 27.07 3.07 12.87
C ASN E 142 28.46 3.02 13.49
N VAL E 143 28.50 2.76 14.79
CA VAL E 143 29.73 2.56 15.53
C VAL E 143 29.78 1.15 16.10
N ASN E 144 30.55 0.29 15.41
CA ASN E 144 30.83 -1.09 15.86
C ASN E 144 29.58 -1.95 16.03
N SER E 145 28.53 -1.59 15.31
CA SER E 145 27.23 -2.23 15.45
C SER E 145 26.31 -1.75 14.34
N ILE E 146 25.46 -2.67 13.86
CA ILE E 146 24.49 -2.31 12.82
C ILE E 146 23.29 -1.52 13.36
N ARG E 147 23.13 -1.50 14.69
CA ARG E 147 22.19 -0.61 15.40
C ARG E 147 22.84 0.79 15.40
N SER E 148 22.39 1.69 14.52
CA SER E 148 22.99 3.02 14.39
C SER E 148 22.80 3.78 15.68
N ILE E 149 23.81 4.54 16.09
CA ILE E 149 23.69 5.40 17.29
C ILE E 149 22.72 6.54 17.03
N LYS E 150 22.53 6.88 15.76
CA LYS E 150 21.52 7.82 15.34
C LYS E 150 21.11 7.56 13.90
N THR E 151 19.84 7.82 13.58
CA THR E 151 19.38 7.84 12.21
C THR E 151 18.61 9.12 11.91
N THR E 152 18.43 9.38 10.61
CA THR E 152 17.46 10.34 10.18
C THR E 152 16.83 9.84 8.92
N SER E 153 15.67 10.45 8.61
CA SER E 153 14.88 10.09 7.44
C SER E 153 15.67 10.31 6.14
N TRP E 154 15.53 9.36 5.23
CA TRP E 154 16.17 9.39 3.94
C TRP E 154 15.10 9.55 2.85
N ASP E 155 15.10 10.71 2.17
CA ASP E 155 14.16 10.87 1.06
C ASP E 155 14.63 10.21 -0.23
N LEU E 156 14.59 8.88 -0.22
CA LEU E 156 14.78 8.05 -1.41
C LEU E 156 14.34 8.66 -2.73
N ALA E 157 15.11 8.43 -3.77
CA ALA E 157 14.64 8.59 -5.14
C ALA E 157 15.27 7.53 -5.99
N ASN E 158 14.44 6.69 -6.62
CA ASN E 158 14.94 5.65 -7.50
C ASN E 158 15.71 6.26 -8.66
N ASN E 159 16.87 5.69 -8.98
CA ASN E 159 17.66 6.14 -10.13
C ASN E 159 18.33 7.51 -10.07
N LYS E 160 17.89 8.37 -9.19
CA LYS E 160 18.39 9.75 -9.18
C LYS E 160 19.73 9.82 -8.46
N VAL E 161 20.52 10.83 -8.78
CA VAL E 161 21.85 11.01 -8.18
C VAL E 161 21.78 11.65 -6.81
N ALA E 162 22.34 10.93 -5.84
CA ALA E 162 22.53 11.41 -4.47
C ALA E 162 23.98 11.90 -4.31
N LYS E 163 24.16 13.18 -3.97
CA LYS E 163 25.47 13.77 -3.69
C LYS E 163 25.64 13.72 -2.19
N VAL E 164 26.61 12.94 -1.72
CA VAL E 164 26.85 12.76 -0.29
C VAL E 164 28.10 13.51 0.14
N LEU E 165 28.05 14.06 1.35
CA LEU E 165 29.22 14.63 1.96
C LEU E 165 29.27 14.14 3.40
N ILE E 166 30.39 13.55 3.79
CA ILE E 166 30.61 13.09 5.15
C ILE E 166 31.83 13.80 5.71
N THR E 167 31.71 14.41 6.89
CA THR E 167 32.84 15.10 7.50
C THR E 167 33.04 14.59 8.91
N TYR E 168 34.31 14.57 9.34
CA TYR E 168 34.62 14.29 10.73
C TYR E 168 35.56 15.34 11.25
N ASP E 169 35.14 16.02 12.32
CA ASP E 169 35.95 17.07 12.94
C ASP E 169 36.51 16.53 14.28
N ALA E 170 37.81 16.25 14.30
CA ALA E 170 38.43 15.72 15.49
C ALA E 170 38.33 16.66 16.71
N SER E 171 38.30 17.96 16.48
CA SER E 171 38.26 18.89 17.59
C SER E 171 36.95 18.82 18.40
N THR E 172 35.86 18.39 17.75
CA THR E 172 34.57 18.18 18.39
C THR E 172 34.12 16.73 18.39
N SER E 173 34.89 15.86 17.75
CA SER E 173 34.52 14.45 17.56
C SER E 173 33.20 14.26 16.79
N LEU E 174 32.83 15.26 16.00
CA LEU E 174 31.53 15.21 15.37
C LEU E 174 31.59 14.66 13.96
N LEU E 175 30.82 13.60 13.74
CA LEU E 175 30.65 13.06 12.41
C LEU E 175 29.34 13.59 11.85
N VAL E 176 29.41 14.11 10.65
CA VAL E 176 28.26 14.75 10.03
C VAL E 176 28.12 14.17 8.62
N ALA E 177 26.92 13.72 8.25
CA ALA E 177 26.72 13.22 6.92
C ALA E 177 25.47 13.84 6.35
N SER E 178 25.60 14.37 5.13
CA SER E 178 24.51 14.99 4.42
C SER E 178 24.31 14.29 3.08
N LEU E 179 23.08 14.32 2.59
CA LEU E 179 22.75 13.81 1.29
C LEU E 179 21.83 14.75 0.56
N VAL E 180 22.11 14.96 -0.71
CA VAL E 180 21.37 15.91 -1.51
C VAL E 180 21.02 15.30 -2.87
N TYR E 181 19.75 15.44 -3.29
CA TYR E 181 19.29 15.04 -4.62
C TYR E 181 19.06 16.31 -5.40
N PRO E 182 20.04 16.72 -6.21
CA PRO E 182 19.87 18.01 -6.84
C PRO E 182 18.64 18.09 -7.75
N SER E 183 18.35 17.01 -8.48
CA SER E 183 17.17 16.95 -9.33
C SER E 183 15.87 17.17 -8.56
N GLN E 184 15.81 16.74 -7.30
CA GLN E 184 14.61 16.93 -6.44
C GLN E 184 14.70 18.17 -5.56
N ARG E 185 15.88 18.80 -5.51
CA ARG E 185 16.20 19.80 -4.49
C ARG E 185 15.86 19.35 -3.05
N THR E 186 16.02 18.06 -2.74
CA THR E 186 15.80 17.54 -1.39
C THR E 186 17.13 17.38 -0.69
N SER E 187 17.12 17.51 0.62
CA SER E 187 18.34 17.49 1.41
C SER E 187 18.10 16.73 2.71
N ASN E 188 19.10 16.00 3.18
CA ASN E 188 19.04 15.30 4.49
C ASN E 188 20.33 15.48 5.22
N ILE E 189 20.26 15.44 6.54
CA ILE E 189 21.44 15.66 7.34
C ILE E 189 21.35 14.95 8.70
N LEU E 190 22.51 14.56 9.20
CA LEU E 190 22.62 13.71 10.37
C LEU E 190 23.93 14.00 11.07
N SER E 191 23.94 14.05 12.39
CA SER E 191 25.19 14.31 13.09
C SER E 191 25.19 13.67 14.48
N ASP E 192 26.31 13.04 14.83
CA ASP E 192 26.53 12.58 16.20
C ASP E 192 28.03 12.49 16.49
N VAL E 193 28.35 12.33 17.76
CA VAL E 193 29.74 12.18 18.22
C VAL E 193 30.22 10.76 18.05
N VAL E 194 31.49 10.59 17.72
CA VAL E 194 32.15 9.29 17.63
C VAL E 194 33.60 9.40 18.10
N ASP E 195 33.97 8.55 19.06
CA ASP E 195 35.37 8.47 19.55
C ASP E 195 36.09 7.48 18.69
N LEU E 196 36.93 7.98 17.79
CA LEU E 196 37.70 7.15 16.87
C LEU E 196 38.67 6.25 17.58
N LYS E 197 39.29 6.78 18.63
CA LYS E 197 40.33 6.05 19.37
C LYS E 197 39.84 4.72 19.93
N THR E 198 38.57 4.68 20.31
CA THR E 198 37.98 3.49 20.93
C THR E 198 37.12 2.71 19.97
N SER E 199 37.00 3.13 18.71
CA SER E 199 36.15 2.41 17.74
C SER E 199 36.83 2.02 16.43
N LEU E 200 38.06 2.43 16.22
CA LEU E 200 38.83 2.03 15.05
C LEU E 200 40.31 1.84 15.41
N PRO E 201 41.04 1.02 14.64
CA PRO E 201 42.50 0.94 14.76
C PRO E 201 43.19 2.22 14.25
N GLU E 202 44.46 2.38 14.59
CA GLU E 202 45.24 3.56 14.22
C GLU E 202 45.23 3.79 12.72
N TRP E 203 45.41 2.70 12.00
CA TRP E 203 45.48 2.72 10.57
C TRP E 203 44.24 2.01 10.04
N VAL E 204 43.63 2.54 9.00
CA VAL E 204 42.42 1.94 8.46
C VAL E 204 42.43 1.99 6.96
N ARG E 205 41.51 1.24 6.36
CA ARG E 205 41.15 1.43 4.98
C ARG E 205 39.72 1.97 4.94
N ILE E 206 39.41 2.74 3.90
CA ILE E 206 38.09 3.32 3.74
C ILE E 206 37.42 2.71 2.49
N GLY E 207 36.10 2.73 2.46
CA GLY E 207 35.43 2.27 1.28
C GLY E 207 33.95 2.11 1.39
N PHE E 208 33.41 1.30 0.49
CA PHE E 208 31.99 1.10 0.38
C PHE E 208 31.61 -0.36 0.51
N SER E 209 30.41 -0.57 0.98
CA SER E 209 29.80 -1.87 0.97
C SER E 209 28.33 -1.70 0.64
N ALA E 210 27.79 -2.60 -0.16
CA ALA E 210 26.35 -2.59 -0.44
C ALA E 210 25.82 -4.00 -0.52
N ALA E 211 24.70 -4.22 0.15
CA ALA E 211 24.02 -5.51 0.19
C ALA E 211 22.69 -5.42 -0.52
N THR E 212 22.38 -6.43 -1.31
CA THR E 212 21.06 -6.58 -1.89
C THR E 212 20.26 -7.51 -0.92
N GLY E 213 18.97 -7.76 -1.19
CA GLY E 213 18.14 -8.53 -0.27
C GLY E 213 18.43 -10.03 -0.27
N LEU E 214 18.11 -10.69 0.85
CA LEU E 214 18.28 -12.15 0.96
C LEU E 214 17.45 -12.89 -0.10
N ASP E 215 16.12 -12.81 0.01
CA ASP E 215 15.21 -13.59 -0.87
C ASP E 215 14.82 -12.77 -2.11
N ILE E 216 14.97 -11.45 -2.02
CA ILE E 216 14.46 -10.57 -3.03
C ILE E 216 15.58 -9.83 -3.75
N PRO E 217 15.30 -9.35 -4.98
CA PRO E 217 16.22 -8.48 -5.69
C PRO E 217 16.51 -7.18 -4.91
N GLY E 218 15.45 -6.48 -4.53
CA GLY E 218 15.56 -5.21 -3.82
C GLY E 218 16.10 -4.10 -4.70
N GLU E 219 17.35 -3.71 -4.50
CA GLU E 219 17.97 -2.63 -5.28
C GLU E 219 19.47 -2.79 -5.44
N SER E 220 19.96 -2.35 -6.61
CA SER E 220 21.38 -2.32 -6.91
C SER E 220 21.94 -1.02 -6.38
N HIS E 221 23.26 -0.98 -6.22
CA HIS E 221 23.90 0.22 -5.71
C HIS E 221 25.16 0.54 -6.50
N ASP E 222 25.17 1.74 -7.07
CA ASP E 222 26.27 2.22 -7.89
C ASP E 222 26.89 3.49 -7.32
N VAL E 223 28.21 3.48 -7.10
CA VAL E 223 28.91 4.70 -6.77
C VAL E 223 29.58 5.25 -8.01
N LEU E 224 29.40 6.54 -8.28
CA LEU E 224 29.79 7.15 -9.56
C LEU E 224 31.01 8.06 -9.52
N SER E 225 31.31 8.61 -8.37
CA SER E 225 32.45 9.52 -8.15
C SER E 225 32.85 9.41 -6.67
N TRP E 226 34.05 9.87 -6.31
CA TRP E 226 34.58 9.71 -4.95
C TRP E 226 35.73 10.69 -4.70
N SER E 227 35.65 11.38 -3.56
CA SER E 227 36.73 12.23 -3.06
C SER E 227 36.94 12.00 -1.59
N PHE E 228 38.18 12.11 -1.17
CA PHE E 228 38.51 11.96 0.23
C PHE E 228 39.76 12.75 0.56
N ALA E 229 39.77 13.34 1.73
CA ALA E 229 40.94 14.08 2.25
C ALA E 229 41.03 13.84 3.72
N SER E 230 42.26 13.75 4.21
CA SER E 230 42.46 13.51 5.63
C SER E 230 43.71 14.24 6.11
N ASN E 231 43.65 14.68 7.35
CA ASN E 231 44.73 15.41 7.98
C ASN E 231 44.92 14.91 9.40
N LEU E 232 46.10 14.38 9.71
CA LEU E 232 46.46 13.92 11.05
C LEU E 232 47.54 14.82 11.61
N PRO E 233 47.18 15.73 12.52
CA PRO E 233 48.23 16.58 13.11
C PRO E 233 49.09 15.82 14.13
N HIS E 234 50.35 16.21 14.29
CA HIS E 234 51.31 15.64 15.27
C HIS E 234 50.65 15.12 16.55
N ALA F 1 -8.42 -0.51 47.12
CA ALA F 1 -7.40 0.42 46.50
C ALA F 1 -6.46 0.96 47.60
N GLU F 2 -5.22 0.50 47.59
CA GLU F 2 -4.16 1.27 48.27
C GLU F 2 -3.63 2.32 47.32
N THR F 3 -3.50 3.54 47.83
CA THR F 3 -2.83 4.62 47.09
C THR F 3 -1.80 5.28 47.96
N VAL F 4 -0.83 5.87 47.31
CA VAL F 4 0.11 6.73 47.98
C VAL F 4 0.63 7.73 46.97
N SER F 5 0.96 8.92 47.42
CA SER F 5 1.59 9.87 46.52
C SER F 5 2.34 10.90 47.29
N PHE F 6 3.27 11.55 46.60
CA PHE F 6 3.99 12.70 47.19
C PHE F 6 4.56 13.57 46.11
N SER F 7 4.83 14.83 46.45
CA SER F 7 5.58 15.67 45.53
C SER F 7 6.21 16.82 46.22
N TRP F 8 7.36 17.23 45.66
CA TRP F 8 8.00 18.47 46.05
C TRP F 8 8.90 19.00 44.97
N ASN F 9 9.18 20.28 45.06
CA ASN F 9 9.97 20.95 44.04
C ASN F 9 11.29 21.51 44.54
N LYS F 10 11.52 21.47 45.85
CA LYS F 10 12.88 21.51 46.38
C LYS F 10 13.03 20.42 47.42
N PHE F 11 14.27 20.04 47.67
CA PHE F 11 14.64 19.13 48.75
C PHE F 11 15.07 19.96 49.94
N VAL F 12 15.07 19.37 51.11
CA VAL F 12 15.47 20.11 52.31
C VAL F 12 16.36 19.25 53.21
N PRO F 13 17.50 19.80 53.68
CA PRO F 13 18.50 19.06 54.47
C PRO F 13 17.91 18.26 55.64
N LYS F 14 18.40 17.03 55.82
CA LYS F 14 17.98 16.14 56.89
C LYS F 14 16.47 15.83 56.90
N GLN F 15 15.78 15.97 55.75
CA GLN F 15 14.33 15.68 55.71
C GLN F 15 14.12 14.19 56.01
N PRO F 16 13.29 13.90 57.01
CA PRO F 16 13.12 12.56 57.55
C PRO F 16 12.27 11.61 56.70
N ASN F 17 11.80 12.06 55.55
CA ASN F 17 11.03 11.22 54.61
C ASN F 17 11.90 10.73 53.47
N MET F 18 13.20 10.79 53.66
CA MET F 18 14.21 10.48 52.68
C MET F 18 15.31 9.65 53.38
N ILE F 19 15.77 8.57 52.77
CA ILE F 19 16.91 7.78 53.30
C ILE F 19 18.10 8.00 52.35
N LEU F 20 19.16 8.67 52.82
CA LEU F 20 20.37 8.89 52.00
C LEU F 20 21.40 7.81 52.24
N GLN F 21 22.10 7.46 51.16
CA GLN F 21 23.03 6.37 51.12
C GLN F 21 24.27 6.84 50.32
N GLY F 22 25.44 6.33 50.68
CA GLY F 22 26.71 6.72 50.08
C GLY F 22 26.97 8.21 50.15
N ASP F 23 27.37 8.78 49.02
CA ASP F 23 27.77 10.16 48.91
C ASP F 23 26.64 11.19 48.86
N ALA F 24 25.41 10.72 48.81
CA ALA F 24 24.26 11.60 48.67
C ALA F 24 24.15 12.63 49.78
N ILE F 25 23.91 13.89 49.38
CA ILE F 25 23.47 14.90 50.31
C ILE F 25 22.40 15.81 49.72
N VAL F 26 21.77 16.59 50.58
CA VAL F 26 20.91 17.69 50.18
C VAL F 26 21.59 19.01 50.52
N THR F 27 21.79 19.82 49.49
CA THR F 27 22.44 21.13 49.64
C THR F 27 21.49 22.12 50.29
N SER F 28 22.03 23.22 50.80
CA SER F 28 21.20 24.30 51.33
C SER F 28 20.36 24.93 50.23
N SER F 29 20.85 24.91 48.99
CA SER F 29 20.06 25.43 47.86
C SER F 29 18.90 24.47 47.45
N GLY F 30 18.78 23.32 48.12
CA GLY F 30 17.65 22.42 47.97
C GLY F 30 17.79 21.36 46.89
N LYS F 31 19.02 21.06 46.47
CA LYS F 31 19.21 20.00 45.48
C LYS F 31 19.64 18.73 46.15
N LEU F 32 19.25 17.60 45.58
CA LEU F 32 19.76 16.31 45.99
C LEU F 32 21.02 16.04 45.17
N GLN F 33 22.17 16.39 45.73
CA GLN F 33 23.48 16.10 45.13
C GLN F 33 23.78 14.63 45.35
N LEU F 34 23.78 13.84 44.32
CA LEU F 34 24.04 12.41 44.52
C LEU F 34 25.50 12.04 44.65
N ASN F 35 26.41 12.83 44.09
CA ASN F 35 27.86 12.51 44.01
C ASN F 35 28.75 13.58 44.61
N LYS F 36 29.92 13.21 45.10
CA LYS F 36 30.80 14.20 45.72
C LYS F 36 31.45 15.08 44.68
N VAL F 37 31.69 16.33 45.05
CA VAL F 37 32.18 17.34 44.11
C VAL F 37 33.27 18.15 44.80
N ASP F 38 34.39 18.43 44.11
CA ASP F 38 35.50 19.17 44.73
C ASP F 38 35.20 20.68 44.76
N GLU F 39 36.12 21.43 45.38
CA GLU F 39 35.91 22.84 45.71
C GLU F 39 35.48 23.74 44.52
N ASN F 40 35.96 23.41 43.32
CA ASN F 40 35.68 24.25 42.12
C ASN F 40 34.55 23.72 41.22
N GLY F 41 33.91 22.60 41.61
CA GLY F 41 32.74 22.07 40.88
C GLY F 41 32.93 20.71 40.22
N THR F 42 34.15 20.18 40.27
CA THR F 42 34.48 18.95 39.55
C THR F 42 34.07 17.70 40.32
N PRO F 43 33.40 16.75 39.67
CA PRO F 43 33.12 15.51 40.40
C PRO F 43 34.34 14.66 40.65
N LYS F 44 34.29 13.92 41.75
CA LYS F 44 35.40 13.10 42.18
C LYS F 44 35.16 11.69 41.66
N PRO F 45 36.24 10.99 41.24
CA PRO F 45 36.09 9.60 40.79
C PRO F 45 35.60 8.66 41.89
N SER F 46 35.06 7.53 41.46
CA SER F 46 34.51 6.48 42.35
C SER F 46 33.44 6.93 43.36
N SER F 47 32.84 8.08 43.09
CA SER F 47 31.64 8.55 43.79
C SER F 47 30.41 7.73 43.48
N LEU F 48 29.62 7.51 44.52
CA LEU F 48 28.37 6.79 44.41
C LEU F 48 27.44 7.27 45.51
N GLY F 49 26.24 7.71 45.11
CA GLY F 49 25.22 8.07 46.06
C GLY F 49 23.85 7.61 45.61
N ARG F 50 22.98 7.40 46.60
CA ARG F 50 21.61 7.03 46.37
C ARG F 50 20.71 7.71 47.39
N ALA F 51 19.45 7.92 47.04
CA ALA F 51 18.43 8.41 47.96
C ALA F 51 17.15 7.65 47.73
N LEU F 52 16.52 7.24 48.81
CA LEU F 52 15.28 6.47 48.80
C LEU F 52 14.19 7.24 49.48
N TYR F 53 12.95 7.05 49.03
CA TYR F 53 11.80 7.56 49.76
C TYR F 53 11.60 6.64 50.97
N SER F 54 11.43 7.23 52.14
CA SER F 54 11.28 6.48 53.38
C SER F 54 10.26 5.37 53.30
N THR F 55 9.09 5.71 52.84
CA THR F 55 7.95 4.82 52.93
C THR F 55 8.02 3.73 51.89
N PRO F 56 7.93 2.46 52.33
CA PRO F 56 7.91 1.40 51.33
C PRO F 56 6.59 1.43 50.57
N ILE F 57 6.63 1.07 49.29
CA ILE F 57 5.45 1.08 48.42
C ILE F 57 5.00 -0.33 48.16
N HIS F 58 3.70 -0.56 48.29
CA HIS F 58 3.12 -1.84 47.98
C HIS F 58 2.90 -1.96 46.46
N ILE F 59 3.77 -2.70 45.81
CA ILE F 59 3.82 -2.81 44.34
C ILE F 59 2.96 -3.94 43.78
N TRP F 60 2.90 -5.07 44.49
CA TRP F 60 1.96 -6.14 44.08
C TRP F 60 1.57 -6.99 45.27
N ASP F 61 0.50 -7.76 45.10
CA ASP F 61 -0.07 -8.49 46.21
C ASP F 61 -0.19 -9.97 45.84
N LYS F 62 0.34 -10.86 46.68
CA LYS F 62 0.33 -12.30 46.36
C LYS F 62 -1.08 -12.89 46.50
N GLU F 63 -1.78 -12.53 47.58
CA GLU F 63 -3.19 -12.91 47.83
C GLU F 63 -4.05 -12.77 46.56
N THR F 64 -4.14 -11.54 46.07
CA THR F 64 -5.01 -11.19 44.95
C THR F 64 -4.35 -11.30 43.59
N GLY F 65 -3.01 -11.32 43.56
CA GLY F 65 -2.26 -11.36 42.31
C GLY F 65 -2.27 -10.06 41.52
N SER F 66 -2.81 -8.99 42.08
CA SER F 66 -2.93 -7.75 41.35
C SER F 66 -1.66 -6.89 41.52
N VAL F 67 -1.39 -6.02 40.54
CA VAL F 67 -0.14 -5.27 40.46
C VAL F 67 -0.47 -3.78 40.38
N ALA F 68 0.40 -2.96 40.95
CA ALA F 68 0.20 -1.53 41.00
C ALA F 68 0.52 -0.87 39.68
N SER F 69 -0.18 0.22 39.43
CA SER F 69 0.22 1.15 38.40
C SER F 69 0.73 2.39 39.11
N PHE F 70 1.69 3.08 38.51
CA PHE F 70 2.28 4.23 39.15
C PHE F 70 3.01 5.12 38.15
N ALA F 71 3.45 6.27 38.65
CA ALA F 71 4.17 7.24 37.83
C ALA F 71 5.15 8.01 38.70
N ALA F 72 6.37 8.18 38.22
CA ALA F 72 7.32 9.07 38.87
C ALA F 72 7.77 10.11 37.88
N SER F 73 7.93 11.32 38.38
CA SER F 73 8.55 12.41 37.59
C SER F 73 9.60 13.13 38.44
N PHE F 74 10.61 13.67 37.79
CA PHE F 74 11.68 14.36 38.46
C PHE F 74 12.45 15.22 37.45
N ASN F 75 13.01 16.34 37.92
CA ASN F 75 14.00 17.11 37.16
C ASN F 75 15.38 16.77 37.62
N PHE F 76 16.30 16.55 36.67
CA PHE F 76 17.69 16.33 37.02
C PHE F 76 18.66 17.01 36.03
N THR F 77 19.86 17.32 36.53
CA THR F 77 20.96 17.82 35.73
C THR F 77 22.19 16.97 35.93
N PHE F 78 23.18 17.16 35.05
CA PHE F 78 24.53 16.63 35.20
C PHE F 78 25.55 17.69 34.83
N TYR F 79 26.69 17.73 35.53
CA TYR F 79 27.78 18.61 35.16
C TYR F 79 29.00 17.76 34.83
N ALA F 80 29.45 17.91 33.59
CA ALA F 80 30.66 17.26 33.10
C ALA F 80 31.69 18.34 32.81
N PRO F 81 32.86 18.29 33.48
CA PRO F 81 33.86 19.29 33.12
C PRO F 81 34.52 19.00 31.79
N ASP F 82 34.74 17.73 31.47
CA ASP F 82 35.22 17.30 30.13
C ASP F 82 34.08 16.57 29.44
N THR F 83 33.45 17.27 28.51
CA THR F 83 32.27 16.76 27.82
C THR F 83 32.50 15.52 26.93
N LYS F 84 33.76 15.23 26.64
CA LYS F 84 34.09 14.05 25.82
C LYS F 84 34.38 12.80 26.63
N ARG F 85 34.42 12.92 27.95
CA ARG F 85 34.66 11.76 28.80
C ARG F 85 33.67 11.74 29.97
N LEU F 86 32.58 10.95 29.82
CA LEU F 86 31.44 10.94 30.73
C LEU F 86 31.35 9.67 31.61
N ALA F 87 30.70 9.81 32.77
CA ALA F 87 30.86 8.97 33.98
C ALA F 87 29.70 8.10 34.37
N ASP F 88 29.51 7.02 33.64
CA ASP F 88 28.54 5.99 33.98
C ASP F 88 27.08 6.42 33.98
N GLY F 89 26.64 7.20 34.95
CA GLY F 89 25.27 7.71 34.89
C GLY F 89 24.41 7.74 36.14
N LEU F 90 23.09 7.82 35.92
CA LEU F 90 22.08 7.96 36.99
C LEU F 90 20.83 7.13 36.68
N ALA F 91 20.20 6.59 37.73
CA ALA F 91 19.06 5.71 37.59
C ALA F 91 17.96 5.98 38.62
N PHE F 92 16.71 5.74 38.21
CA PHE F 92 15.57 5.68 39.10
C PHE F 92 15.23 4.21 39.23
N PHE F 93 14.85 3.77 40.42
CA PHE F 93 14.72 2.32 40.61
C PHE F 93 13.85 1.91 41.78
N LEU F 94 13.56 0.61 41.78
CA LEU F 94 12.81 -0.05 42.83
C LEU F 94 13.58 -1.29 43.26
N ALA F 95 13.50 -1.55 44.55
CA ALA F 95 14.23 -2.64 45.20
C ALA F 95 13.59 -2.99 46.53
N PRO F 96 14.04 -4.05 47.22
CA PRO F 96 13.42 -4.32 48.51
C PRO F 96 13.67 -3.23 49.55
N ILE F 97 12.79 -3.19 50.53
CA ILE F 97 12.89 -2.30 51.70
C ILE F 97 14.31 -2.01 52.12
N ASP F 98 15.05 -3.07 52.28
CA ASP F 98 16.33 -2.98 52.94
C ASP F 98 17.50 -2.87 51.93
N THR F 99 17.19 -2.45 50.71
CA THR F 99 18.20 -2.28 49.68
C THR F 99 19.34 -1.36 50.11
N LYS F 100 20.58 -1.83 49.86
CA LYS F 100 21.80 -1.08 50.11
C LYS F 100 22.53 -0.89 48.77
N PRO F 101 23.49 0.06 48.71
CA PRO F 101 24.23 0.31 47.47
C PRO F 101 25.04 -0.89 46.98
N GLN F 102 25.00 -1.10 45.67
CA GLN F 102 25.68 -2.19 45.02
C GLN F 102 26.92 -1.61 44.29
N THR F 103 27.50 -2.37 43.34
CA THR F 103 28.77 -2.00 42.77
C THR F 103 28.67 -0.71 42.00
N HIS F 104 29.75 0.09 42.04
CA HIS F 104 29.70 1.47 41.55
C HIS F 104 30.08 1.56 40.06
N ALA F 105 30.48 2.75 39.61
CA ALA F 105 30.83 2.95 38.23
C ALA F 105 29.74 2.47 37.27
N GLY F 106 30.10 1.63 36.28
CA GLY F 106 29.17 1.14 35.27
C GLY F 106 27.96 0.35 35.72
N TYR F 107 27.97 -0.14 36.97
CA TYR F 107 26.82 -0.84 37.57
C TYR F 107 25.86 0.11 38.31
N LEU F 108 26.26 1.39 38.39
CA LEU F 108 25.37 2.48 38.82
C LEU F 108 24.84 2.35 40.25
N GLY F 109 25.50 1.52 41.07
CA GLY F 109 25.07 1.28 42.44
C GLY F 109 23.84 0.43 42.57
N LEU F 110 23.43 -0.21 41.48
CA LEU F 110 22.21 -1.02 41.48
C LEU F 110 22.44 -2.52 41.37
N PHE F 111 23.34 -2.88 40.48
CA PHE F 111 23.56 -4.27 40.20
C PHE F 111 25.00 -4.70 40.52
N ASN F 112 25.30 -5.98 40.37
CA ASN F 112 26.65 -6.46 40.59
C ASN F 112 27.09 -7.31 39.46
N GLU F 113 28.29 -7.86 39.57
CA GLU F 113 28.76 -8.78 38.56
C GLU F 113 28.11 -10.10 38.88
N ASN F 114 27.95 -10.38 40.15
CA ASN F 114 27.32 -11.62 40.59
C ASN F 114 25.99 -11.97 39.93
N GLU F 115 25.43 -13.07 40.39
CA GLU F 115 24.14 -13.55 39.92
C GLU F 115 23.13 -12.56 40.41
N SER F 116 23.42 -12.00 41.57
CA SER F 116 22.76 -10.80 42.07
C SER F 116 22.95 -10.68 43.60
N GLY F 117 22.54 -9.53 44.12
CA GLY F 117 22.26 -9.37 45.56
C GLY F 117 20.77 -9.17 45.73
N ASP F 118 20.27 -8.03 45.21
CA ASP F 118 18.85 -7.64 45.26
C ASP F 118 18.07 -8.12 43.99
N GLN F 119 16.73 -8.06 44.06
CA GLN F 119 15.83 -8.06 42.88
C GLN F 119 15.52 -6.58 42.60
N VAL F 120 16.12 -6.05 41.55
CA VAL F 120 16.02 -4.63 41.27
C VAL F 120 15.51 -4.39 39.87
N VAL F 121 14.67 -3.36 39.75
CA VAL F 121 14.21 -2.90 38.45
C VAL F 121 14.53 -1.42 38.40
N ALA F 122 15.13 -0.99 37.29
CA ALA F 122 15.52 0.41 37.16
C ALA F 122 15.35 0.97 35.77
N VAL F 123 15.31 2.30 35.69
CA VAL F 123 15.39 3.01 34.46
C VAL F 123 16.69 3.80 34.53
N GLU F 124 17.62 3.48 33.64
CA GLU F 124 18.98 4.01 33.70
C GLU F 124 19.14 5.14 32.68
N PHE F 125 19.98 6.12 33.04
CA PHE F 125 20.43 7.17 32.13
C PHE F 125 21.93 7.09 32.11
N ASP F 126 22.41 6.41 31.10
CA ASP F 126 23.72 5.80 31.07
C ASP F 126 24.62 6.56 30.12
N THR F 127 25.70 7.11 30.63
CA THR F 127 26.59 7.98 29.86
C THR F 127 27.83 7.29 29.28
N PHE F 128 28.25 6.18 29.87
CA PHE F 128 29.47 5.50 29.49
C PHE F 128 29.24 4.10 28.97
N ARG F 129 29.94 3.78 27.87
CA ARG F 129 29.77 2.52 27.19
C ARG F 129 30.62 1.40 27.76
N ASN F 130 29.96 0.52 28.53
CA ASN F 130 30.55 -0.73 28.99
C ASN F 130 30.40 -1.81 27.93
N SER F 131 30.90 -3.00 28.20
CA SER F 131 30.86 -4.09 27.22
C SER F 131 29.44 -4.50 26.83
N TRP F 132 28.52 -4.40 27.79
CA TRP F 132 27.12 -4.77 27.57
C TRP F 132 26.28 -3.60 27.01
N ASP F 133 26.91 -2.47 26.73
CA ASP F 133 26.18 -1.28 26.36
C ASP F 133 26.16 -1.09 24.84
N PRO F 134 25.14 -0.38 24.33
CA PRO F 134 25.30 0.14 22.98
C PRO F 134 26.28 1.32 23.03
N PRO F 135 26.74 1.80 21.87
CA PRO F 135 27.59 2.96 22.02
C PRO F 135 26.73 4.20 22.26
N ASN F 136 27.33 5.19 22.90
CA ASN F 136 26.65 6.46 23.21
C ASN F 136 25.64 6.44 24.32
N PRO F 137 25.46 7.61 24.93
CA PRO F 137 24.47 7.81 25.99
C PRO F 137 23.10 7.27 25.58
N HIS F 138 22.41 6.64 26.53
CA HIS F 138 21.13 6.00 26.28
C HIS F 138 20.29 5.92 27.56
N ILE F 139 18.99 5.82 27.35
CA ILE F 139 18.07 5.49 28.37
C ILE F 139 17.91 3.99 28.29
N GLY F 140 17.72 3.33 29.43
CA GLY F 140 17.54 1.90 29.39
C GLY F 140 16.63 1.40 30.48
N ILE F 141 15.95 0.30 30.16
CA ILE F 141 15.09 -0.40 31.11
C ILE F 141 15.85 -1.64 31.57
N ASN F 142 16.16 -1.71 32.86
CA ASN F 142 16.96 -2.78 33.42
C ASN F 142 16.15 -3.67 34.36
N VAL F 143 16.08 -4.98 34.07
CA VAL F 143 15.35 -5.94 34.90
C VAL F 143 16.29 -6.99 35.47
N ASN F 144 16.56 -6.82 36.76
CA ASN F 144 17.46 -7.66 37.52
C ASN F 144 18.85 -7.78 36.92
N SER F 145 19.27 -6.78 36.15
CA SER F 145 20.55 -6.84 35.47
C SER F 145 20.92 -5.50 34.86
N ILE F 146 22.21 -5.21 34.83
CA ILE F 146 22.75 -4.00 34.24
C ILE F 146 22.69 -3.99 32.70
N ARG F 147 22.54 -5.18 32.11
CA ARG F 147 22.23 -5.30 30.69
C ARG F 147 20.75 -5.02 30.49
N SER F 148 20.46 -3.85 29.94
CA SER F 148 19.08 -3.40 29.81
C SER F 148 18.36 -4.32 28.84
N ILE F 149 17.09 -4.64 29.11
CA ILE F 149 16.30 -5.42 28.15
C ILE F 149 15.96 -4.62 26.90
N LYS F 150 16.04 -3.30 27.01
CA LYS F 150 15.82 -2.42 25.89
C LYS F 150 16.47 -1.06 26.14
N THR F 151 17.00 -0.44 25.08
CA THR F 151 17.57 0.90 25.18
C THR F 151 17.03 1.81 24.11
N THR F 152 17.24 3.10 24.30
CA THR F 152 17.06 4.06 23.24
C THR F 152 18.06 5.17 23.43
N SER F 153 18.34 5.85 22.34
CA SER F 153 19.35 6.89 22.35
C SER F 153 18.93 8.06 23.24
N TRP F 154 19.89 8.60 23.98
CA TRP F 154 19.67 9.68 24.93
C TRP F 154 20.38 10.93 24.49
N ASP F 155 19.62 11.96 24.17
CA ASP F 155 20.20 13.21 23.67
C ASP F 155 20.67 14.13 24.80
N LEU F 156 21.76 13.72 25.45
CA LEU F 156 22.48 14.54 26.44
C LEU F 156 22.49 16.03 26.20
N ALA F 157 22.40 16.77 27.29
CA ALA F 157 22.81 18.16 27.32
C ALA F 157 23.43 18.44 28.69
N ASN F 158 24.67 18.91 28.67
CA ASN F 158 25.38 19.26 29.92
C ASN F 158 24.65 20.34 30.67
N ASN F 159 24.52 20.17 31.97
CA ASN F 159 23.92 21.17 32.88
C ASN F 159 22.45 21.42 32.78
N LYS F 160 21.85 21.11 31.62
CA LYS F 160 20.48 21.52 31.34
C LYS F 160 19.50 20.61 32.03
N VAL F 161 18.30 21.13 32.31
CA VAL F 161 17.29 20.38 33.05
C VAL F 161 16.56 19.39 32.18
N ALA F 162 16.63 18.12 32.60
CA ALA F 162 15.86 17.02 32.01
C ALA F 162 14.62 16.78 32.88
N LYS F 163 13.43 16.88 32.28
CA LYS F 163 12.17 16.58 32.95
C LYS F 163 11.84 15.13 32.55
N VAL F 164 11.86 14.23 33.53
CA VAL F 164 11.60 12.79 33.28
C VAL F 164 10.19 12.41 33.75
N LEU F 165 9.51 11.56 32.97
CA LEU F 165 8.28 10.94 33.37
C LEU F 165 8.42 9.43 33.17
N ILE F 166 8.12 8.69 34.22
CA ILE F 166 8.21 7.24 34.16
C ILE F 166 6.88 6.67 34.62
N THR F 167 6.31 5.75 33.85
CA THR F 167 4.98 5.23 34.20
C THR F 167 4.97 3.73 34.01
N TYR F 168 4.16 3.05 34.83
CA TYR F 168 3.94 1.64 34.69
C TYR F 168 2.46 1.35 34.70
N ASP F 169 1.98 0.70 33.64
CA ASP F 169 0.57 0.32 33.51
C ASP F 169 0.43 -1.19 33.75
N ALA F 170 -0.10 -1.57 34.90
CA ALA F 170 -0.33 -2.97 35.27
C ALA F 170 -1.17 -3.73 34.24
N SER F 171 -2.14 -3.06 33.63
CA SER F 171 -3.05 -3.75 32.72
C SER F 171 -2.36 -4.25 31.44
N THR F 172 -1.27 -3.59 31.05
CA THR F 172 -0.46 -3.99 29.88
C THR F 172 0.95 -4.41 30.25
N SER F 173 1.28 -4.28 31.53
CA SER F 173 2.65 -4.49 32.06
C SER F 173 3.69 -3.60 31.40
N LEU F 174 3.26 -2.47 30.87
CA LEU F 174 4.16 -1.63 30.11
C LEU F 174 4.80 -0.56 30.94
N LEU F 175 6.13 -0.58 30.95
CA LEU F 175 6.94 0.47 31.56
C LEU F 175 7.35 1.45 30.47
N VAL F 176 7.10 2.72 30.70
CA VAL F 176 7.39 3.74 29.73
C VAL F 176 8.18 4.84 30.40
N ALA F 177 9.28 5.25 29.75
CA ALA F 177 10.14 6.27 30.26
C ALA F 177 10.34 7.32 29.20
N SER F 178 10.14 8.57 29.59
CA SER F 178 10.34 9.68 28.66
C SER F 178 11.18 10.76 29.30
N LEU F 179 11.94 11.46 28.49
CA LEU F 179 12.79 12.51 28.99
C LEU F 179 12.80 13.67 28.04
N VAL F 180 12.70 14.87 28.61
CA VAL F 180 12.60 16.09 27.82
C VAL F 180 13.52 17.17 28.35
N TYR F 181 14.17 17.87 27.43
CA TYR F 181 14.94 19.07 27.75
C TYR F 181 14.19 20.25 27.20
N PRO F 182 13.44 20.95 28.05
CA PRO F 182 12.67 22.09 27.48
C PRO F 182 13.53 23.14 26.81
N SER F 183 14.69 23.41 27.37
CA SER F 183 15.64 24.34 26.78
C SER F 183 16.03 23.95 25.34
N GLN F 184 16.11 22.67 25.03
CA GLN F 184 16.45 22.28 23.64
C GLN F 184 15.22 21.88 22.83
N ARG F 185 14.07 21.81 23.46
CA ARG F 185 12.89 21.13 22.88
C ARG F 185 13.17 19.73 22.33
N THR F 186 14.04 18.99 22.98
CA THR F 186 14.35 17.63 22.57
C THR F 186 13.63 16.63 23.46
N SER F 187 13.30 15.47 22.91
CA SER F 187 12.47 14.48 23.58
C SER F 187 12.97 13.08 23.31
N ASN F 188 12.92 12.22 24.32
CA ASN F 188 13.27 10.80 24.18
C ASN F 188 12.24 9.94 24.85
N ILE F 189 12.10 8.71 24.39
CA ILE F 189 11.09 7.81 24.90
C ILE F 189 11.41 6.36 24.59
N LEU F 190 10.98 5.50 25.51
CA LEU F 190 11.42 4.08 25.55
C LEU F 190 10.34 3.29 26.24
N SER F 191 9.91 2.16 25.68
CA SER F 191 8.88 1.35 26.31
C SER F 191 9.16 -0.12 26.17
N ASP F 192 8.92 -0.86 27.24
CA ASP F 192 8.99 -2.34 27.20
C ASP F 192 8.15 -2.94 28.31
N VAL F 193 7.82 -4.21 28.19
CA VAL F 193 7.04 -4.91 29.21
C VAL F 193 7.95 -5.43 30.32
N VAL F 194 7.41 -5.45 31.53
CA VAL F 194 8.07 -6.01 32.70
C VAL F 194 7.04 -6.60 33.65
N ASP F 195 7.28 -7.84 34.05
CA ASP F 195 6.46 -8.49 35.06
C ASP F 195 7.04 -8.17 36.43
N LEU F 196 6.37 -7.30 37.15
CA LEU F 196 6.75 -6.89 38.50
C LEU F 196 6.75 -8.04 39.47
N LYS F 197 5.77 -8.91 39.34
CA LYS F 197 5.60 -10.07 40.23
C LYS F 197 6.82 -10.96 40.29
N THR F 198 7.49 -11.11 39.16
CA THR F 198 8.65 -12.00 39.06
C THR F 198 9.98 -11.26 39.09
N SER F 199 9.96 -9.95 39.26
CA SER F 199 11.23 -9.20 39.32
C SER F 199 11.42 -8.32 40.54
N LEU F 200 10.39 -8.21 41.39
CA LEU F 200 10.45 -7.40 42.61
C LEU F 200 9.60 -8.02 43.73
N PRO F 201 9.92 -7.74 44.99
CA PRO F 201 9.04 -8.23 46.06
C PRO F 201 7.75 -7.37 46.17
N GLU F 202 6.81 -7.84 46.97
CA GLU F 202 5.52 -7.20 47.13
C GLU F 202 5.65 -5.76 47.56
N TRP F 203 6.55 -5.52 48.51
CA TRP F 203 6.81 -4.20 49.00
C TRP F 203 8.21 -3.83 48.63
N VAL F 204 8.42 -2.56 48.36
CA VAL F 204 9.69 -2.08 47.86
C VAL F 204 9.95 -0.67 48.31
N ARG F 205 11.17 -0.21 48.10
CA ARG F 205 11.46 1.21 48.19
C ARG F 205 11.92 1.68 46.83
N ILE F 206 11.63 2.95 46.52
CA ILE F 206 12.04 3.55 45.27
C ILE F 206 13.00 4.68 45.53
N GLY F 207 13.83 4.99 44.54
CA GLY F 207 14.64 6.20 44.61
C GLY F 207 15.68 6.29 43.50
N PHE F 208 16.75 7.04 43.80
CA PHE F 208 17.77 7.40 42.85
C PHE F 208 19.12 6.82 43.21
N SER F 209 19.91 6.60 42.17
CA SER F 209 21.28 6.14 42.30
C SER F 209 22.09 6.78 41.17
N ALA F 210 23.28 7.25 41.48
CA ALA F 210 24.14 7.87 40.47
C ALA F 210 25.60 7.58 40.78
N ALA F 211 26.33 7.15 39.75
CA ALA F 211 27.74 6.79 39.88
C ALA F 211 28.56 7.68 38.99
N THR F 212 29.70 8.13 39.52
CA THR F 212 30.69 8.83 38.75
C THR F 212 31.69 7.77 38.22
N GLY F 213 32.66 8.18 37.39
CA GLY F 213 33.61 7.24 36.76
C GLY F 213 34.66 6.68 37.73
N LEU F 214 35.19 5.50 37.43
CA LEU F 214 36.27 4.89 38.25
C LEU F 214 37.49 5.75 38.34
N ASP F 215 38.18 5.94 37.20
CA ASP F 215 39.48 6.65 37.12
C ASP F 215 39.32 8.12 36.76
N ILE F 216 38.13 8.51 36.40
CA ILE F 216 37.89 9.84 35.83
C ILE F 216 36.71 10.51 36.53
N PRO F 217 36.68 11.86 36.48
CA PRO F 217 35.53 12.60 37.03
C PRO F 217 34.23 12.27 36.36
N GLY F 218 34.20 12.34 35.04
CA GLY F 218 32.97 12.17 34.29
C GLY F 218 31.97 13.29 34.52
N GLU F 219 30.90 12.99 35.27
CA GLU F 219 29.84 13.96 35.56
C GLU F 219 29.16 13.69 36.90
N SER F 220 28.72 14.79 37.53
CA SER F 220 27.91 14.75 38.75
C SER F 220 26.46 14.63 38.34
N HIS F 221 25.60 14.28 39.28
CA HIS F 221 24.19 14.12 39.00
C HIS F 221 23.36 14.73 40.14
N ASP F 222 22.53 15.71 39.83
CA ASP F 222 21.68 16.35 40.83
C ASP F 222 20.20 16.20 40.45
N VAL F 223 19.40 15.78 41.43
CA VAL F 223 17.95 15.74 41.26
C VAL F 223 17.37 16.96 41.96
N LEU F 224 16.47 17.67 41.25
CA LEU F 224 15.97 18.96 41.73
C LEU F 224 14.52 18.91 42.26
N SER F 225 13.68 18.03 41.70
CA SER F 225 12.29 17.86 42.15
C SER F 225 11.91 16.41 42.05
N TRP F 226 10.81 16.01 42.68
CA TRP F 226 10.38 14.65 42.66
C TRP F 226 8.90 14.48 42.90
N SER F 227 8.20 13.71 42.04
CA SER F 227 6.81 13.31 42.27
C SER F 227 6.61 11.85 42.07
N PHE F 228 5.70 11.26 42.82
CA PHE F 228 5.37 9.88 42.66
C PHE F 228 3.93 9.64 43.06
N ALA F 229 3.26 8.73 42.34
CA ALA F 229 1.95 8.25 42.72
C ALA F 229 1.88 6.76 42.38
N SER F 230 1.14 6.01 43.21
CA SER F 230 0.95 4.59 42.96
C SER F 230 -0.43 4.16 43.42
N ASN F 231 -0.99 3.19 42.71
CA ASN F 231 -2.31 2.67 42.96
C ASN F 231 -2.32 1.16 42.83
N LEU F 232 -2.70 0.50 43.92
CA LEU F 232 -2.79 -0.96 43.99
C LEU F 232 -4.26 -1.34 44.11
N PRO F 233 -4.86 -1.82 43.01
CA PRO F 233 -6.26 -2.22 43.16
C PRO F 233 -6.38 -3.59 43.85
N HIS F 234 -7.55 -3.82 44.46
CA HIS F 234 -8.02 -5.09 45.06
C HIS F 234 -7.28 -6.33 44.59
N ALA G 1 -7.18 30.36 41.11
CA ALA G 1 -6.76 29.07 40.49
C ALA G 1 -7.97 28.34 39.92
N GLU G 2 -8.10 28.30 38.60
CA GLU G 2 -9.15 27.50 38.00
C GLU G 2 -8.63 26.12 37.64
N THR G 3 -9.44 25.12 37.93
CA THR G 3 -9.14 23.75 37.47
C THR G 3 -10.35 23.10 36.87
N VAL G 4 -10.09 22.14 36.02
CA VAL G 4 -11.13 21.28 35.51
C VAL G 4 -10.51 19.94 35.14
N SER G 5 -11.30 18.91 35.15
CA SER G 5 -10.83 17.62 34.67
C SER G 5 -12.00 16.77 34.24
N PHE G 6 -11.73 15.78 33.41
CA PHE G 6 -12.67 14.68 33.24
C PHE G 6 -11.93 13.43 32.80
N SER G 7 -12.56 12.29 32.95
CA SER G 7 -12.12 11.11 32.24
C SER G 7 -13.25 10.14 32.03
N TRP G 8 -13.17 9.42 30.92
CA TRP G 8 -13.97 8.22 30.78
C TRP G 8 -13.28 7.21 29.88
N ASN G 9 -13.67 5.97 30.02
CA ASN G 9 -13.04 4.87 29.29
C ASN G 9 -13.94 4.25 28.21
N LYS G 10 -15.22 4.62 28.20
CA LYS G 10 -16.20 4.34 27.14
C LYS G 10 -16.89 5.65 26.79
N PHE G 11 -17.31 5.82 25.54
CA PHE G 11 -18.21 6.90 25.20
C PHE G 11 -19.62 6.35 25.27
N VAL G 12 -20.63 7.21 25.39
CA VAL G 12 -22.01 6.72 25.38
C VAL G 12 -22.86 7.57 24.42
N PRO G 13 -23.68 6.92 23.55
CA PRO G 13 -24.49 7.67 22.57
C PRO G 13 -25.35 8.79 23.16
N LYS G 14 -25.42 9.89 22.42
CA LYS G 14 -26.17 11.08 22.82
C LYS G 14 -25.70 11.71 24.13
N GLN G 15 -24.47 11.43 24.59
CA GLN G 15 -24.03 12.02 25.86
C GLN G 15 -23.96 13.54 25.68
N PRO G 16 -24.61 14.28 26.58
CA PRO G 16 -24.78 15.73 26.49
C PRO G 16 -23.55 16.56 26.89
N ASN G 17 -22.44 15.91 27.18
CA ASN G 17 -21.22 16.63 27.47
C ASN G 17 -20.24 16.57 26.30
N MET G 18 -20.77 16.26 25.13
CA MET G 18 -19.99 16.23 23.90
C MET G 18 -20.77 16.82 22.77
N ILE G 19 -20.05 17.50 21.91
CA ILE G 19 -20.59 18.07 20.69
C ILE G 19 -20.05 17.28 19.51
N LEU G 20 -20.94 16.60 18.78
CA LEU G 20 -20.57 15.88 17.54
C LEU G 20 -20.71 16.79 16.33
N GLN G 21 -19.79 16.62 15.38
CA GLN G 21 -19.77 17.43 14.18
C GLN G 21 -19.40 16.57 12.99
N GLY G 22 -19.92 16.94 11.82
CA GLY G 22 -19.70 16.18 10.58
C GLY G 22 -20.16 14.73 10.71
N ASP G 23 -19.31 13.80 10.30
CA ASP G 23 -19.67 12.38 10.26
C ASP G 23 -19.59 11.64 11.59
N ALA G 24 -19.10 12.31 12.63
CA ALA G 24 -18.84 11.65 13.90
C ALA G 24 -20.10 11.06 14.52
N ILE G 25 -19.98 9.83 15.01
CA ILE G 25 -20.99 9.31 15.93
C ILE G 25 -20.36 8.50 17.06
N VAL G 26 -21.17 8.22 18.06
CA VAL G 26 -20.82 7.30 19.11
C VAL G 26 -21.58 5.99 18.87
N THR G 27 -20.85 4.88 18.71
CA THR G 27 -21.49 3.56 18.47
C THR G 27 -22.09 3.03 19.76
N SER G 28 -22.93 2.01 19.62
CA SER G 28 -23.49 1.31 20.79
C SER G 28 -22.37 0.61 21.57
N SER G 29 -21.31 0.20 20.89
CA SER G 29 -20.16 -0.43 21.55
C SER G 29 -19.26 0.57 22.29
N GLY G 30 -19.62 1.86 22.25
CA GLY G 30 -18.95 2.90 23.04
C GLY G 30 -17.71 3.52 22.44
N LYS G 31 -17.55 3.42 21.12
CA LYS G 31 -16.43 4.04 20.44
C LYS G 31 -16.88 5.37 19.84
N LEU G 32 -15.97 6.33 19.80
CA LEU G 32 -16.21 7.58 19.09
C LEU G 32 -15.72 7.38 17.68
N GLN G 33 -16.62 6.99 16.79
CA GLN G 33 -16.26 6.73 15.41
C GLN G 33 -16.32 8.02 14.63
N LEU G 34 -15.16 8.51 14.25
CA LEU G 34 -15.06 9.81 13.64
C LEU G 34 -15.46 9.83 12.16
N ASN G 35 -15.30 8.72 11.45
CA ASN G 35 -15.50 8.69 9.99
C ASN G 35 -16.53 7.69 9.51
N LYS G 36 -17.14 7.95 8.37
CA LYS G 36 -18.19 7.04 7.85
C LYS G 36 -17.56 5.78 7.28
N VAL G 37 -18.29 4.68 7.43
CA VAL G 37 -17.85 3.38 6.95
C VAL G 37 -19.02 2.72 6.20
N ASP G 38 -18.73 2.06 5.08
CA ASP G 38 -19.78 1.35 4.33
C ASP G 38 -20.12 0.01 4.99
N GLU G 39 -21.11 -0.70 4.42
CA GLU G 39 -21.73 -1.87 5.08
C GLU G 39 -20.76 -2.98 5.48
N ASN G 40 -19.67 -3.15 4.73
CA ASN G 40 -18.70 -4.22 5.01
C ASN G 40 -17.46 -3.78 5.82
N GLY G 41 -17.40 -2.50 6.21
CA GLY G 41 -16.34 -1.98 7.09
C GLY G 41 -15.37 -1.00 6.45
N THR G 42 -15.54 -0.72 5.16
CA THR G 42 -14.60 0.14 4.42
C THR G 42 -14.93 1.64 4.62
N PRO G 43 -13.94 2.46 4.97
CA PRO G 43 -14.22 3.90 5.03
C PRO G 43 -14.54 4.53 3.67
N LYS G 44 -15.40 5.55 3.73
CA LYS G 44 -15.87 6.29 2.56
C LYS G 44 -14.95 7.47 2.34
N PRO G 45 -14.59 7.77 1.08
CA PRO G 45 -13.80 8.98 0.83
C PRO G 45 -14.48 10.27 1.23
N SER G 46 -13.67 11.31 1.39
CA SER G 46 -14.17 12.65 1.77
C SER G 46 -14.96 12.73 3.09
N SER G 47 -14.87 11.68 3.91
CA SER G 47 -15.41 11.71 5.26
C SER G 47 -14.59 12.58 6.20
N LEU G 48 -15.31 13.25 7.07
CA LEU G 48 -14.72 14.08 8.06
C LEU G 48 -15.67 14.15 9.26
N GLY G 49 -15.12 13.85 10.45
CA GLY G 49 -15.79 13.92 11.73
C GLY G 49 -14.98 14.69 12.74
N ARG G 50 -15.70 15.24 13.70
CA ARG G 50 -15.11 15.88 14.85
C ARG G 50 -16.02 15.67 16.08
N ALA G 51 -15.39 15.78 17.24
CA ALA G 51 -16.07 15.79 18.53
C ALA G 51 -15.37 16.77 19.44
N LEU G 52 -16.17 17.51 20.16
CA LEU G 52 -15.71 18.47 21.13
C LEU G 52 -16.24 18.17 22.49
N TYR G 53 -15.45 18.49 23.52
CA TYR G 53 -15.96 18.50 24.86
C TYR G 53 -16.84 19.74 25.01
N SER G 54 -18.06 19.56 25.54
CA SER G 54 -19.01 20.65 25.74
C SER G 54 -18.40 21.87 26.38
N THR G 55 -17.73 21.66 27.49
CA THR G 55 -17.39 22.77 28.34
C THR G 55 -16.13 23.48 27.84
N PRO G 56 -16.24 24.81 27.66
CA PRO G 56 -15.06 25.56 27.24
C PRO G 56 -14.01 25.55 28.33
N ILE G 57 -12.75 25.59 27.93
CA ILE G 57 -11.61 25.55 28.83
C ILE G 57 -10.93 26.92 28.86
N HIS G 58 -10.69 27.45 30.05
CA HIS G 58 -10.00 28.72 30.18
C HIS G 58 -8.48 28.54 30.06
N ILE G 59 -7.92 28.86 28.90
CA ILE G 59 -6.52 28.59 28.53
C ILE G 59 -5.55 29.69 28.89
N TRP G 60 -5.96 30.92 28.76
CA TRP G 60 -5.13 32.01 29.29
C TRP G 60 -5.99 33.23 29.62
N ASP G 61 -5.47 34.07 30.52
CA ASP G 61 -6.21 35.21 31.08
C ASP G 61 -5.51 36.50 30.69
N LYS G 62 -6.28 37.43 30.12
CA LYS G 62 -5.70 38.70 29.63
C LYS G 62 -5.31 39.63 30.78
N GLU G 63 -6.21 39.74 31.75
CA GLU G 63 -5.99 40.48 32.99
C GLU G 63 -4.56 40.24 33.56
N THR G 64 -4.34 38.97 33.94
CA THR G 64 -3.12 38.55 34.65
C THR G 64 -2.01 38.10 33.71
N GLY G 65 -2.34 37.80 32.46
CA GLY G 65 -1.33 37.29 31.53
C GLY G 65 -0.88 35.86 31.76
N SER G 66 -1.52 35.14 32.69
CA SER G 66 -1.09 33.78 33.02
C SER G 66 -1.74 32.75 32.09
N VAL G 67 -1.05 31.62 31.94
CA VAL G 67 -1.40 30.63 30.95
C VAL G 67 -1.58 29.27 31.61
N ALA G 68 -2.50 28.48 31.07
CA ALA G 68 -2.84 27.21 31.66
C ALA G 68 -1.83 26.13 31.33
N SER G 69 -1.71 25.20 32.26
CA SER G 69 -1.04 23.94 32.03
C SER G 69 -2.10 22.89 31.92
N PHE G 70 -1.89 21.89 31.08
CA PHE G 70 -2.90 20.87 30.93
C PHE G 70 -2.35 19.56 30.39
N ALA G 71 -3.15 18.53 30.51
CA ALA G 71 -2.81 17.20 30.00
C ALA G 71 -4.01 16.59 29.33
N ALA G 72 -3.75 15.90 28.23
CA ALA G 72 -4.77 15.08 27.67
C ALA G 72 -4.23 13.71 27.38
N SER G 73 -5.02 12.68 27.65
CA SER G 73 -4.69 11.35 27.15
C SER G 73 -5.89 10.70 26.49
N PHE G 74 -5.64 9.85 25.51
CA PHE G 74 -6.70 9.11 24.86
C PHE G 74 -6.14 7.92 24.12
N ASN G 75 -6.97 6.88 24.00
CA ASN G 75 -6.63 5.71 23.17
C ASN G 75 -7.35 5.83 21.85
N PHE G 76 -6.66 5.52 20.76
CA PHE G 76 -7.25 5.57 19.42
C PHE G 76 -6.71 4.47 18.50
N THR G 77 -7.50 4.10 17.50
CA THR G 77 -7.16 3.06 16.52
C THR G 77 -7.53 3.55 15.13
N PHE G 78 -7.11 2.80 14.12
CA PHE G 78 -7.60 3.02 12.78
C PHE G 78 -7.73 1.70 12.03
N TYR G 79 -8.64 1.70 11.05
CA TYR G 79 -8.84 0.56 10.15
C TYR G 79 -8.46 1.03 8.75
N ALA G 80 -7.41 0.44 8.19
CA ALA G 80 -7.10 0.74 6.81
C ALA G 80 -7.22 -0.56 5.99
N PRO G 81 -8.10 -0.57 5.00
CA PRO G 81 -8.32 -1.81 4.26
C PRO G 81 -7.17 -2.13 3.31
N ASP G 82 -6.64 -1.08 2.66
CA ASP G 82 -5.40 -1.17 1.89
C ASP G 82 -4.30 -0.45 2.69
N THR G 83 -3.45 -1.25 3.28
CA THR G 83 -2.42 -0.73 4.17
C THR G 83 -1.31 0.10 3.45
N LYS G 84 -1.28 0.02 2.12
CA LYS G 84 -0.31 0.75 1.30
C LYS G 84 -0.82 2.12 0.84
N ARG G 85 -2.08 2.45 1.14
CA ARG G 85 -2.66 3.73 0.74
C ARG G 85 -3.48 4.32 1.88
N LEU G 86 -2.89 5.28 2.60
CA LEU G 86 -3.48 5.79 3.84
C LEU G 86 -3.99 7.23 3.74
N ALA G 87 -5.01 7.56 4.55
CA ALA G 87 -5.92 8.69 4.31
C ALA G 87 -5.85 9.84 5.30
N ASP G 88 -4.86 10.68 5.09
CA ASP G 88 -4.74 11.95 5.82
C ASP G 88 -4.50 11.83 7.30
N GLY G 89 -5.49 11.43 8.10
CA GLY G 89 -5.24 11.11 9.52
C GLY G 89 -6.17 11.69 10.59
N LEU G 90 -5.64 11.84 11.80
CA LEU G 90 -6.40 12.30 12.98
C LEU G 90 -5.66 13.35 13.80
N ALA G 91 -6.41 14.21 14.46
CA ALA G 91 -5.85 15.28 15.29
C ALA G 91 -6.58 15.49 16.60
N PHE G 92 -5.80 15.91 17.59
CA PHE G 92 -6.33 16.47 18.83
C PHE G 92 -6.10 17.95 18.74
N PHE G 93 -7.04 18.75 19.21
CA PHE G 93 -6.85 20.18 19.05
C PHE G 93 -7.57 21.06 20.04
N LEU G 94 -7.12 22.31 20.05
CA LEU G 94 -7.78 23.40 20.77
C LEU G 94 -8.19 24.45 19.73
N ALA G 95 -9.43 24.94 19.84
CA ALA G 95 -10.02 25.88 18.87
C ALA G 95 -11.02 26.79 19.56
N PRO G 96 -11.46 27.86 18.90
CA PRO G 96 -12.45 28.76 19.50
C PRO G 96 -13.78 28.07 19.84
N ILE G 97 -14.45 28.58 20.87
CA ILE G 97 -15.73 28.04 21.33
C ILE G 97 -16.65 27.59 20.21
N ASP G 98 -16.77 28.43 19.20
CA ASP G 98 -17.75 28.27 18.13
C ASP G 98 -17.18 27.53 16.91
N THR G 99 -16.13 26.76 17.13
CA THR G 99 -15.42 26.14 16.01
C THR G 99 -16.32 25.18 15.20
N LYS G 100 -16.25 25.29 13.89
CA LYS G 100 -16.94 24.38 12.95
C LYS G 100 -15.91 23.67 12.08
N PRO G 101 -16.31 22.56 11.43
CA PRO G 101 -15.43 21.82 10.52
C PRO G 101 -14.87 22.65 9.36
N GLN G 102 -13.59 22.52 9.06
CA GLN G 102 -12.93 23.22 7.95
C GLN G 102 -12.64 22.24 6.83
N THR G 103 -11.67 22.52 5.95
CA THR G 103 -11.55 21.71 4.74
C THR G 103 -11.07 20.31 5.08
N HIS G 104 -11.56 19.36 4.28
CA HIS G 104 -11.45 17.95 4.60
C HIS G 104 -10.11 17.36 4.13
N ALA G 105 -9.99 16.03 4.12
CA ALA G 105 -8.82 15.41 3.54
C ALA G 105 -7.50 15.87 4.22
N GLY G 106 -6.53 16.32 3.43
CA GLY G 106 -5.23 16.79 3.91
C GLY G 106 -5.21 17.95 4.91
N TYR G 107 -6.29 18.71 4.98
CA TYR G 107 -6.43 19.80 5.96
C TYR G 107 -7.04 19.34 7.30
N LEU G 108 -7.44 18.07 7.34
CA LEU G 108 -7.83 17.38 8.58
C LEU G 108 -9.02 18.01 9.33
N GLY G 109 -9.82 18.80 8.62
CA GLY G 109 -10.96 19.43 9.23
C GLY G 109 -10.64 20.61 10.12
N LEU G 110 -9.39 21.06 10.07
CA LEU G 110 -8.87 22.04 11.03
C LEU G 110 -8.42 23.37 10.40
N PHE G 111 -7.87 23.30 9.19
CA PHE G 111 -7.32 24.45 8.49
C PHE G 111 -7.88 24.52 7.05
N ASN G 112 -7.45 25.57 6.34
CA ASN G 112 -7.83 25.85 4.95
C ASN G 112 -6.61 26.37 4.17
N GLU G 113 -6.66 26.29 2.84
CA GLU G 113 -5.54 26.81 2.04
C GLU G 113 -5.43 28.30 2.18
N ASN G 114 -6.57 29.01 2.25
CA ASN G 114 -6.58 30.47 2.44
C ASN G 114 -5.98 30.88 3.80
N GLU G 115 -5.84 32.20 3.97
CA GLU G 115 -5.20 32.79 5.16
C GLU G 115 -5.55 31.95 6.43
N GLY G 117 -9.39 30.24 8.83
CA GLY G 117 -10.76 30.40 9.34
C GLY G 117 -10.70 30.61 10.84
N ASP G 118 -10.27 29.57 11.53
CA ASP G 118 -10.13 29.58 13.00
C ASP G 118 -8.69 29.89 13.47
N GLN G 119 -8.56 30.05 14.78
CA GLN G 119 -7.27 30.13 15.46
C GLN G 119 -7.05 28.76 16.13
N VAL G 120 -6.21 27.90 15.54
CA VAL G 120 -6.21 26.49 15.96
C VAL G 120 -4.82 26.00 16.28
N VAL G 121 -4.71 25.25 17.38
CA VAL G 121 -3.47 24.59 17.75
C VAL G 121 -3.79 23.11 17.90
N ALA G 122 -2.94 22.25 17.35
CA ALA G 122 -3.24 20.83 17.37
C ALA G 122 -2.02 19.93 17.33
N VAL G 123 -2.28 18.67 17.67
CA VAL G 123 -1.27 17.63 17.57
C VAL G 123 -1.85 16.65 16.56
N GLU G 124 -1.18 16.51 15.42
CA GLU G 124 -1.69 15.71 14.33
C GLU G 124 -1.01 14.34 14.29
N PHE G 125 -1.78 13.36 13.81
CA PHE G 125 -1.30 12.01 13.54
C PHE G 125 -1.60 11.75 12.07
N ASP G 126 -0.60 11.96 11.25
CA ASP G 126 -0.77 12.26 9.84
C ASP G 126 -0.26 11.08 9.00
N THR G 127 -1.15 10.49 8.21
CA THR G 127 -0.85 9.26 7.46
C THR G 127 -0.44 9.47 6.00
N PHE G 128 -0.80 10.61 5.41
CA PHE G 128 -0.53 10.89 3.99
C PHE G 128 0.39 12.08 3.81
N ARG G 129 1.34 11.94 2.90
CA ARG G 129 2.28 13.00 2.56
C ARG G 129 1.71 14.03 1.57
N ASN G 130 1.29 15.18 2.09
CA ASN G 130 0.97 16.36 1.27
C ASN G 130 2.23 17.10 0.93
N SER G 131 2.10 18.16 0.14
CA SER G 131 3.25 18.94 -0.32
C SER G 131 4.04 19.59 0.81
N TRP G 132 3.34 19.96 1.87
CA TRP G 132 4.00 20.60 3.03
C TRP G 132 4.55 19.59 4.04
N ASP G 133 4.33 18.30 3.81
CA ASP G 133 4.64 17.27 4.79
C ASP G 133 6.04 16.72 4.61
N PRO G 134 6.63 16.21 5.72
CA PRO G 134 7.80 15.37 5.59
C PRO G 134 7.37 14.03 4.99
N PRO G 135 8.36 13.22 4.56
CA PRO G 135 7.97 11.90 4.08
C PRO G 135 7.54 11.04 5.24
N ASN G 136 6.64 10.11 4.95
CA ASN G 136 6.26 9.07 5.90
C ASN G 136 5.32 9.55 7.02
N PRO G 137 4.49 8.61 7.53
CA PRO G 137 3.57 8.98 8.58
C PRO G 137 4.31 9.53 9.79
N HIS G 138 3.67 10.48 10.48
CA HIS G 138 4.32 11.28 11.51
C HIS G 138 3.36 11.88 12.49
N ILE G 139 3.93 12.25 13.63
CA ILE G 139 3.20 13.03 14.58
C ILE G 139 3.71 14.46 14.37
N GLY G 140 2.81 15.46 14.42
CA GLY G 140 3.22 16.83 14.19
C GLY G 140 2.53 17.80 15.12
N ILE G 141 3.20 18.90 15.41
CA ILE G 141 2.63 19.96 16.16
C ILE G 141 2.31 21.10 15.22
N ASN G 142 1.05 21.47 15.19
CA ASN G 142 0.54 22.48 14.25
C ASN G 142 0.06 23.73 14.97
N VAL G 143 0.65 24.88 14.64
CA VAL G 143 0.26 26.16 15.25
C VAL G 143 -0.30 27.09 14.17
N ASN G 144 -1.62 27.16 14.06
CA ASN G 144 -2.30 28.03 13.10
C ASN G 144 -1.92 27.73 11.63
N SER G 145 -1.49 26.51 11.35
CA SER G 145 -1.17 26.10 9.98
C SER G 145 -1.02 24.58 9.94
N ILE G 146 -1.37 23.99 8.79
CA ILE G 146 -1.23 22.54 8.58
C ILE G 146 0.23 22.11 8.37
N ARG G 147 1.10 23.05 8.06
CA ARG G 147 2.53 22.80 8.07
C ARG G 147 3.04 22.82 9.50
N SER G 148 3.32 21.63 10.03
CA SER G 148 3.70 21.47 11.43
C SER G 148 4.99 22.21 11.68
N ILE G 149 5.09 22.87 12.83
CA ILE G 149 6.33 23.52 13.22
C ILE G 149 7.42 22.49 13.54
N LYS G 150 6.98 21.28 13.88
CA LYS G 150 7.88 20.16 14.06
C LYS G 150 7.14 18.85 13.86
N THR G 151 7.88 17.83 13.42
CA THR G 151 7.34 16.49 13.35
C THR G 151 8.36 15.46 13.77
N THR G 152 7.88 14.25 14.05
CA THR G 152 8.72 13.09 14.27
C THR G 152 8.02 11.90 13.67
N SER G 153 8.80 10.85 13.46
CA SER G 153 8.31 9.65 12.84
C SER G 153 7.23 8.96 13.68
N TRP G 154 6.18 8.46 13.02
CA TRP G 154 5.10 7.71 13.69
C TRP G 154 5.10 6.26 13.21
N ASP G 155 5.41 5.36 14.13
CA ASP G 155 5.25 3.94 13.87
C ASP G 155 3.85 3.43 13.84
N LEU G 156 3.06 3.86 12.87
CA LEU G 156 1.76 3.26 12.49
C LEU G 156 1.57 1.80 12.84
N ALA G 157 0.40 1.44 13.37
CA ALA G 157 -0.02 0.05 13.35
C ALA G 157 -1.54 0.02 13.11
N ASN G 158 -1.93 -0.64 12.02
CA ASN G 158 -3.34 -0.87 11.69
C ASN G 158 -4.05 -1.59 12.83
N ASN G 159 -5.22 -1.12 13.21
CA ASN G 159 -6.07 -1.73 14.24
C ASN G 159 -5.57 -1.70 15.68
N LYS G 160 -4.29 -1.47 15.91
CA LYS G 160 -3.76 -1.63 17.26
C LYS G 160 -4.02 -0.37 18.08
N VAL G 161 -4.05 -0.54 19.39
CA VAL G 161 -4.42 0.57 20.28
C VAL G 161 -3.24 1.48 20.56
N ALA G 162 -3.41 2.76 20.24
CA ALA G 162 -2.41 3.76 20.48
C ALA G 162 -2.80 4.59 21.73
N LYS G 163 -1.94 4.62 22.73
CA LYS G 163 -2.20 5.37 23.99
C LYS G 163 -1.39 6.64 23.87
N VAL G 164 -2.09 7.77 23.78
CA VAL G 164 -1.51 9.10 23.61
C VAL G 164 -1.47 9.82 24.97
N LEU G 165 -0.42 10.61 25.17
CA LEU G 165 -0.38 11.60 26.21
C LEU G 165 0.10 12.89 25.59
N ILE G 166 -0.66 13.97 25.76
CA ILE G 166 -0.25 15.29 25.34
C ILE G 166 -0.18 16.19 26.56
N THR G 167 0.94 16.88 26.78
CA THR G 167 1.11 17.78 27.93
C THR G 167 1.51 19.15 27.48
N TYR G 168 1.07 20.15 28.24
CA TYR G 168 1.48 21.52 28.00
C TYR G 168 1.91 22.14 29.29
N ASP G 169 3.13 22.64 29.34
CA ASP G 169 3.67 23.23 30.57
C ASP G 169 3.83 24.74 30.35
N ALA G 170 2.97 25.51 30.99
CA ALA G 170 3.00 26.97 30.84
C ALA G 170 4.30 27.63 31.28
N SER G 171 4.98 27.05 32.26
CA SER G 171 6.22 27.66 32.75
C SER G 171 7.35 27.64 31.72
N THR G 172 7.31 26.67 30.80
CA THR G 172 8.28 26.57 29.71
C THR G 172 7.66 26.73 28.32
N SER G 173 6.34 26.87 28.27
CA SER G 173 5.55 26.89 27.03
C SER G 173 5.75 25.65 26.17
N LEU G 174 6.11 24.54 26.80
CA LEU G 174 6.47 23.34 26.06
C LEU G 174 5.31 22.40 25.88
N LEU G 175 4.97 22.13 24.61
CA LEU G 175 3.95 21.14 24.34
C LEU G 175 4.64 19.86 23.93
N VAL G 176 4.25 18.77 24.55
CA VAL G 176 4.86 17.47 24.33
C VAL G 176 3.80 16.47 24.02
N ALA G 177 3.99 15.70 22.96
CA ALA G 177 3.05 14.68 22.55
C ALA G 177 3.80 13.35 22.47
N SER G 178 3.22 12.32 23.08
CA SER G 178 3.80 10.99 22.99
C SER G 178 2.76 9.98 22.60
N LEU G 179 3.20 8.97 21.87
CA LEU G 179 2.31 7.90 21.40
C LEU G 179 2.94 6.58 21.64
N VAL G 180 2.15 5.66 22.20
CA VAL G 180 2.64 4.35 22.53
C VAL G 180 1.69 3.26 22.04
N TYR G 181 2.27 2.20 21.50
CA TYR G 181 1.50 1.00 21.15
C TYR G 181 1.95 -0.09 22.11
N PRO G 182 1.23 -0.29 23.23
CA PRO G 182 1.68 -1.27 24.22
C PRO G 182 1.86 -2.67 23.60
N SER G 183 0.93 -3.07 22.74
CA SER G 183 1.03 -4.38 22.05
C SER G 183 2.31 -4.55 21.24
N GLN G 184 2.81 -3.48 20.65
CA GLN G 184 4.07 -3.49 19.86
C GLN G 184 5.29 -3.09 20.69
N ARG G 185 5.08 -2.61 21.90
CA ARG G 185 6.13 -1.99 22.69
C ARG G 185 6.87 -0.85 21.95
N THR G 186 6.20 -0.10 21.09
CA THR G 186 6.83 1.04 20.40
C THR G 186 6.40 2.35 20.99
N SER G 187 7.27 3.34 20.92
CA SER G 187 7.06 4.64 21.52
C SER G 187 7.51 5.74 20.58
N ASN G 188 6.77 6.84 20.52
CA ASN G 188 7.22 8.01 19.79
C ASN G 188 6.99 9.27 20.62
N ILE G 189 7.80 10.30 20.39
CA ILE G 189 7.68 11.53 21.17
C ILE G 189 8.14 12.75 20.37
N LEU G 190 7.51 13.89 20.65
CA LEU G 190 7.74 15.13 19.93
C LEU G 190 7.54 16.28 20.91
N SER G 191 8.36 17.31 20.83
CA SER G 191 8.18 18.45 21.69
C SER G 191 8.63 19.75 21.05
N ASP G 192 7.83 20.79 21.24
CA ASP G 192 8.21 22.11 20.78
C ASP G 192 7.42 23.18 21.51
N VAL G 193 7.84 24.42 21.34
CA VAL G 193 7.27 25.53 22.08
C VAL G 193 6.04 26.09 21.38
N VAL G 194 5.07 26.56 22.16
CA VAL G 194 3.87 27.21 21.61
C VAL G 194 3.45 28.33 22.56
N ASP G 195 3.30 29.55 22.05
CA ASP G 195 2.75 30.63 22.83
C ASP G 195 1.23 30.59 22.63
N LEU G 196 0.51 30.15 23.66
CA LEU G 196 -0.94 30.05 23.59
C LEU G 196 -1.60 31.43 23.46
N LYS G 197 -1.03 32.43 24.11
CA LYS G 197 -1.57 33.80 24.11
C LYS G 197 -1.71 34.37 22.70
N THR G 198 -0.81 34.01 21.82
CA THR G 198 -0.82 34.53 20.46
C THR G 198 -1.36 33.55 19.44
N SER G 199 -1.77 32.35 19.86
CA SER G 199 -2.29 31.36 18.91
C SER G 199 -3.70 30.83 19.22
N LEU G 200 -4.28 31.28 20.33
CA LEU G 200 -5.60 30.86 20.78
C LEU G 200 -6.31 31.99 21.55
N PRO G 201 -7.66 31.98 21.53
CA PRO G 201 -8.35 32.89 22.45
C PRO G 201 -8.27 32.42 23.89
N GLU G 202 -8.73 33.28 24.80
CA GLU G 202 -8.61 32.98 26.22
C GLU G 202 -9.39 31.72 26.59
N TRP G 203 -10.55 31.53 25.98
CA TRP G 203 -11.41 30.38 26.20
C TRP G 203 -11.44 29.60 24.92
N VAL G 204 -11.41 28.28 25.02
CA VAL G 204 -11.37 27.40 23.88
C VAL G 204 -12.23 26.18 24.14
N ARG G 205 -12.50 25.43 23.07
CA ARG G 205 -12.95 24.07 23.21
C ARG G 205 -11.85 23.14 22.76
N ILE G 206 -11.98 21.90 23.16
CA ILE G 206 -10.99 20.91 22.78
C ILE G 206 -11.67 19.72 22.16
N GLY G 207 -10.99 19.04 21.23
CA GLY G 207 -11.58 17.86 20.68
C GLY G 207 -10.76 17.16 19.64
N PHE G 208 -11.43 16.25 18.96
CA PHE G 208 -10.78 15.44 17.93
C PHE G 208 -11.34 15.75 16.57
N SER G 209 -10.49 15.61 15.57
CA SER G 209 -10.90 15.76 14.18
C SER G 209 -10.17 14.70 13.38
N ALA G 210 -10.86 14.10 12.43
CA ALA G 210 -10.27 13.00 11.66
C ALA G 210 -10.83 12.96 10.27
N ALA G 211 -9.93 12.84 9.29
CA ALA G 211 -10.31 12.91 7.88
C ALA G 211 -9.87 11.68 7.14
N THR G 212 -10.75 11.18 6.30
CA THR G 212 -10.42 10.08 5.40
C THR G 212 -9.91 10.73 4.08
N GLY G 213 -9.49 9.92 3.11
CA GLY G 213 -8.87 10.41 1.85
C GLY G 213 -9.87 11.03 0.89
N LEU G 214 -9.39 11.96 0.05
CA LEU G 214 -10.23 12.63 -0.97
C LEU G 214 -10.84 11.61 -1.95
N ASP G 215 -9.98 10.97 -2.75
CA ASP G 215 -10.42 10.04 -3.83
C ASP G 215 -10.53 8.61 -3.30
N ILE G 216 -9.80 8.32 -2.22
CA ILE G 216 -9.62 6.95 -1.78
C ILE G 216 -10.15 6.74 -0.36
N PRO G 217 -10.46 5.49 0.01
CA PRO G 217 -10.96 5.20 1.34
C PRO G 217 -9.91 5.50 2.43
N GLY G 218 -8.72 4.96 2.29
CA GLY G 218 -7.62 5.21 3.23
C GLY G 218 -7.82 4.53 4.58
N GLU G 219 -8.19 5.27 5.61
CA GLU G 219 -8.41 4.67 6.95
C GLU G 219 -9.45 5.41 7.78
N SER G 220 -10.17 4.64 8.59
CA SER G 220 -11.18 5.18 9.49
C SER G 220 -10.42 5.47 10.81
N HIS G 221 -11.02 6.26 11.70
CA HIS G 221 -10.36 6.67 12.95
C HIS G 221 -11.32 6.58 14.12
N ASP G 222 -10.96 5.82 15.14
CA ASP G 222 -11.78 5.65 16.32
C ASP G 222 -11.06 6.10 17.57
N VAL G 223 -11.71 6.92 18.37
CA VAL G 223 -11.18 7.22 19.71
C VAL G 223 -11.96 6.40 20.71
N LEU G 224 -11.25 5.74 21.62
CA LEU G 224 -11.89 4.84 22.61
C LEU G 224 -12.07 5.37 23.99
N SER G 225 -11.24 6.35 24.39
CA SER G 225 -11.20 6.85 25.79
C SER G 225 -10.61 8.24 25.79
N TRP G 226 -10.81 8.99 26.85
CA TRP G 226 -10.34 10.37 26.90
C TRP G 226 -10.19 10.86 28.34
N SER G 227 -9.05 11.46 28.65
CA SER G 227 -8.84 12.19 29.89
C SER G 227 -8.30 13.57 29.62
N PHE G 228 -8.69 14.52 30.44
CA PHE G 228 -8.18 15.88 30.35
C PHE G 228 -8.12 16.50 31.73
N ALA G 229 -7.09 17.29 31.98
CA ALA G 229 -7.01 18.13 33.16
C ALA G 229 -6.44 19.48 32.74
N SER G 230 -6.93 20.55 33.35
CA SER G 230 -6.32 21.86 33.14
C SER G 230 -6.20 22.59 34.45
N ASN G 231 -5.15 23.39 34.56
CA ASN G 231 -4.97 24.26 35.69
C ASN G 231 -4.55 25.66 35.20
N LEU G 232 -5.34 26.66 35.57
CA LEU G 232 -5.03 28.05 35.23
C LEU G 232 -4.74 28.82 36.50
N PRO G 233 -3.46 29.09 36.79
CA PRO G 233 -3.21 29.84 38.02
C PRO G 233 -3.49 31.34 37.85
N HIS G 234 -3.81 32.02 38.94
CA HIS G 234 -4.07 33.51 38.96
C HIS G 234 -3.27 34.34 37.97
N ALA H 1 -15.37 55.06 -12.21
CA ALA H 1 -16.56 54.29 -11.73
C ALA H 1 -16.18 52.84 -11.48
N GLU H 2 -16.19 52.45 -10.22
CA GLU H 2 -16.20 51.06 -9.85
C GLU H 2 -17.63 50.54 -9.89
N THR H 3 -17.83 49.36 -10.45
CA THR H 3 -19.08 48.66 -10.31
C THR H 3 -18.87 47.22 -9.92
N VAL H 4 -19.89 46.64 -9.31
CA VAL H 4 -19.93 45.21 -9.05
C VAL H 4 -21.38 44.80 -8.99
N SER H 5 -21.72 43.64 -9.55
CA SER H 5 -23.08 43.11 -9.43
C SER H 5 -23.04 41.61 -9.32
N PHE H 6 -24.09 41.05 -8.76
CA PHE H 6 -24.28 39.61 -8.80
C PHE H 6 -25.72 39.25 -8.52
N SER H 7 -26.09 38.05 -8.90
CA SER H 7 -27.40 37.53 -8.58
C SER H 7 -27.42 36.03 -8.68
N TRP H 8 -28.25 35.41 -7.86
CA TRP H 8 -28.64 34.03 -8.05
C TRP H 8 -30.02 33.79 -7.51
N ASN H 9 -30.63 32.72 -8.05
CA ASN H 9 -31.94 32.29 -7.63
C ASN H 9 -31.92 31.05 -6.71
N LYS H 10 -30.74 30.41 -6.53
CA LYS H 10 -30.50 29.42 -5.48
C LYS H 10 -29.13 29.66 -4.90
N PHE H 11 -28.96 29.22 -3.65
CA PHE H 11 -27.61 29.04 -3.09
C PHE H 11 -27.19 27.61 -3.40
N VAL H 12 -25.91 27.36 -3.54
CA VAL H 12 -25.42 25.99 -3.67
C VAL H 12 -24.45 25.65 -2.51
N PRO H 13 -24.56 24.44 -1.95
CA PRO H 13 -23.42 24.06 -1.10
C PRO H 13 -22.15 23.77 -1.94
N LYS H 14 -20.97 24.26 -1.60
CA LYS H 14 -20.69 25.25 -0.58
C LYS H 14 -19.79 26.22 -1.31
N GLN H 15 -20.58 27.03 -1.98
CA GLN H 15 -20.13 28.06 -2.86
C GLN H 15 -19.07 28.90 -2.14
N PRO H 16 -17.90 29.01 -2.77
CA PRO H 16 -16.77 29.78 -2.25
C PRO H 16 -16.89 31.29 -2.37
N ASN H 17 -18.05 31.78 -2.81
CA ASN H 17 -18.30 33.23 -2.86
C ASN H 17 -19.13 33.68 -1.67
N MET H 18 -19.19 32.83 -0.64
CA MET H 18 -19.99 33.17 0.52
C MET H 18 -19.34 32.68 1.76
N ILE H 19 -19.41 33.48 2.80
CA ILE H 19 -18.78 33.16 4.06
C ILE H 19 -19.84 32.95 5.13
N LEU H 20 -19.88 31.74 5.67
CA LEU H 20 -20.89 31.35 6.66
C LEU H 20 -20.38 31.50 8.08
N GLN H 21 -21.29 31.92 8.94
CA GLN H 21 -20.97 32.25 10.32
C GLN H 21 -22.08 31.72 11.23
N GLY H 22 -21.70 31.31 12.44
CA GLY H 22 -22.64 30.71 13.38
C GLY H 22 -23.32 29.49 12.78
N ASP H 23 -24.64 29.42 12.99
CA ASP H 23 -25.40 28.24 12.63
C ASP H 23 -25.77 28.15 11.13
N ALA H 24 -25.42 29.17 10.35
CA ALA H 24 -25.87 29.24 8.97
C ALA H 24 -25.34 28.08 8.12
N ILE H 25 -26.22 27.51 7.31
CA ILE H 25 -25.84 26.57 6.28
C ILE H 25 -26.65 26.78 5.00
N VAL H 26 -26.28 25.98 3.98
CA VAL H 26 -27.01 25.92 2.72
C VAL H 26 -27.50 24.50 2.51
N THR H 27 -28.80 24.36 2.37
CA THR H 27 -29.46 23.05 2.18
C THR H 27 -29.24 22.55 0.76
N SER H 28 -29.49 21.27 0.57
CA SER H 28 -29.46 20.69 -0.78
C SER H 28 -30.53 21.30 -1.67
N SER H 29 -31.64 21.75 -1.08
CA SER H 29 -32.72 22.42 -1.83
C SER H 29 -32.36 23.87 -2.22
N GLY H 30 -31.18 24.34 -1.84
CA GLY H 30 -30.70 25.63 -2.31
C GLY H 30 -31.07 26.84 -1.45
N LYS H 31 -31.44 26.60 -0.19
CA LYS H 31 -31.79 27.66 0.72
C LYS H 31 -30.63 28.00 1.62
N LEU H 32 -30.50 29.28 1.94
CA LEU H 32 -29.64 29.70 3.00
C LEU H 32 -30.42 29.63 4.29
N GLN H 33 -30.25 28.53 5.01
CA GLN H 33 -30.85 28.33 6.31
C GLN H 33 -30.02 29.03 7.34
N LEU H 34 -30.51 30.13 7.90
CA LEU H 34 -29.70 30.87 8.84
C LEU H 34 -29.70 30.28 10.27
N ASN H 35 -30.75 29.52 10.65
CA ASN H 35 -30.89 29.04 12.04
C ASN H 35 -31.01 27.52 12.17
N LYS H 36 -30.62 27.00 13.34
CA LYS H 36 -30.72 25.57 13.61
C LYS H 36 -32.18 25.16 13.73
N VAL H 37 -32.47 23.94 13.30
CA VAL H 37 -33.78 23.36 13.46
C VAL H 37 -33.61 21.92 13.98
N ASP H 38 -34.50 21.49 14.87
CA ASP H 38 -34.45 20.10 15.36
C ASP H 38 -35.04 19.12 14.34
N GLU H 39 -34.96 17.83 14.66
CA GLU H 39 -35.24 16.75 13.70
C GLU H 39 -36.60 16.83 12.99
N ASN H 40 -37.61 17.36 13.68
CA ASN H 40 -38.97 17.42 13.13
C ASN H 40 -39.36 18.78 12.52
N GLY H 41 -38.42 19.74 12.51
CA GLY H 41 -38.65 21.02 11.85
C GLY H 41 -38.70 22.24 12.75
N THR H 42 -38.65 22.03 14.08
CA THR H 42 -38.84 23.15 15.01
C THR H 42 -37.52 23.92 15.25
N PRO H 43 -37.57 25.25 15.17
CA PRO H 43 -36.35 26.04 15.44
C PRO H 43 -35.88 25.94 16.89
N LYS H 44 -34.57 25.98 17.08
CA LYS H 44 -33.92 25.80 18.38
C LYS H 44 -33.70 27.17 18.99
N PRO H 45 -33.94 27.33 20.31
CA PRO H 45 -33.66 28.64 20.91
C PRO H 45 -32.17 29.00 20.91
N SER H 46 -31.88 30.29 21.04
CA SER H 46 -30.53 30.85 21.00
C SER H 46 -29.67 30.52 19.77
N SER H 47 -30.32 30.11 18.69
CA SER H 47 -29.69 30.02 17.39
C SER H 47 -29.42 31.39 16.79
N LEU H 48 -28.28 31.46 16.10
CA LEU H 48 -27.84 32.65 15.42
C LEU H 48 -26.99 32.23 14.23
N GLY H 49 -27.36 32.73 13.05
CA GLY H 49 -26.60 32.49 11.83
C GLY H 49 -26.44 33.75 11.02
N ARG H 50 -25.36 33.79 10.26
CA ARG H 50 -25.02 34.90 9.40
C ARG H 50 -24.38 34.39 8.14
N ALA H 51 -24.59 35.10 7.03
CA ALA H 51 -23.96 34.80 5.75
C ALA H 51 -23.48 36.08 5.13
N LEU H 52 -22.24 36.06 4.64
CA LEU H 52 -21.61 37.23 4.04
C LEU H 52 -21.25 36.91 2.59
N TYR H 53 -21.37 37.88 1.69
CA TYR H 53 -20.76 37.77 0.36
C TYR H 53 -19.25 37.92 0.55
N SER H 54 -18.48 36.99 -0.02
CA SER H 54 -17.00 37.03 0.04
C SER H 54 -16.42 38.38 -0.24
N THR H 55 -16.89 38.97 -0.82
CA THR H 55 -16.11 39.85 -1.62
C THR H 55 -16.15 41.28 -1.09
N PRO H 56 -15.46 42.07 -0.84
CA PRO H 56 -15.75 43.34 -0.22
C PRO H 56 -16.32 44.31 -1.23
N ILE H 57 -17.13 45.22 -0.73
CA ILE H 57 -17.73 46.24 -1.57
C ILE H 57 -17.16 47.61 -1.23
N HIS H 58 -16.70 48.35 -2.25
CA HIS H 58 -16.19 49.69 -2.10
C HIS H 58 -17.32 50.70 -1.97
N ILE H 59 -17.63 51.11 -0.74
CA ILE H 59 -18.82 51.90 -0.43
C ILE H 59 -18.62 53.42 -0.48
N TRP H 60 -17.45 53.85 -0.03
CA TRP H 60 -17.04 55.25 -0.21
C TRP H 60 -15.54 55.37 -0.34
N ASP H 61 -15.11 56.53 -0.84
CA ASP H 61 -13.69 56.81 -1.05
C ASP H 61 -13.31 58.09 -0.31
N LYS H 62 -12.26 58.03 0.50
CA LYS H 62 -11.87 59.18 1.32
C LYS H 62 -11.24 60.29 0.48
N GLU H 63 -10.33 59.91 -0.40
CA GLU H 63 -9.69 60.84 -1.35
C GLU H 63 -10.71 61.79 -2.00
N THR H 64 -11.68 61.20 -2.72
CA THR H 64 -12.64 61.95 -3.51
C THR H 64 -13.91 62.31 -2.74
N GLY H 65 -14.18 61.63 -1.63
CA GLY H 65 -15.39 61.87 -0.85
C GLY H 65 -16.67 61.35 -1.48
N SER H 66 -16.56 60.59 -2.57
CA SER H 66 -17.76 60.12 -3.27
C SER H 66 -18.26 58.80 -2.64
N VAL H 67 -19.54 58.52 -2.82
CA VAL H 67 -20.24 57.44 -2.15
C VAL H 67 -20.99 56.61 -3.19
N ALA H 68 -21.13 55.33 -2.91
CA ALA H 68 -21.78 54.44 -3.86
C ALA H 68 -23.30 54.56 -3.79
N SER H 69 -23.95 54.33 -4.91
CA SER H 69 -25.34 53.96 -4.88
C SER H 69 -25.38 52.45 -5.08
N PHE H 70 -26.40 51.84 -4.50
CA PHE H 70 -26.49 50.39 -4.55
C PHE H 70 -27.89 49.89 -4.28
N ALA H 71 -28.10 48.65 -4.69
CA ALA H 71 -29.38 48.00 -4.69
C ALA H 71 -29.22 46.57 -4.24
N ALA H 72 -30.21 46.08 -3.51
CA ALA H 72 -30.17 44.69 -3.05
C ALA H 72 -31.57 44.14 -3.02
N SER H 73 -31.79 42.96 -3.58
CA SER H 73 -33.03 42.23 -3.41
C SER H 73 -32.81 40.81 -2.96
N PHE H 74 -33.79 40.27 -2.27
CA PHE H 74 -33.80 38.88 -1.95
C PHE H 74 -35.20 38.42 -1.58
N ASN H 75 -35.44 37.12 -1.75
CA ASN H 75 -36.63 36.50 -1.24
C ASN H 75 -36.29 35.76 0.05
N PHE H 76 -37.20 35.82 1.02
CA PHE H 76 -36.98 35.16 2.30
C PHE H 76 -38.31 34.74 2.96
N THR H 77 -38.24 33.72 3.80
CA THR H 77 -39.39 33.18 4.54
C THR H 77 -39.01 32.94 5.98
N PHE H 78 -40.00 32.67 6.80
CA PHE H 78 -39.79 32.19 8.14
C PHE H 78 -40.82 31.13 8.49
N TYR H 79 -40.43 30.16 9.33
CA TYR H 79 -41.30 29.13 9.88
C TYR H 79 -41.43 29.34 11.37
N ALA H 80 -42.63 29.62 11.83
CA ALA H 80 -42.91 29.73 13.25
C ALA H 80 -43.90 28.63 13.62
N PRO H 81 -43.52 27.75 14.57
CA PRO H 81 -44.46 26.70 14.97
C PRO H 81 -45.61 27.26 15.81
N ASP H 82 -45.29 28.22 16.69
CA ASP H 82 -46.33 28.92 17.47
C ASP H 82 -46.40 30.36 16.97
N THR H 83 -47.44 30.65 16.23
CA THR H 83 -47.56 31.94 15.57
C THR H 83 -47.83 33.12 16.54
N LYS H 84 -48.14 32.85 17.80
CA LYS H 84 -48.35 33.92 18.77
C LYS H 84 -47.07 34.28 19.55
N ARG H 85 -45.99 33.52 19.34
CA ARG H 85 -44.73 33.71 20.04
C ARG H 85 -43.57 33.74 19.05
N LEU H 86 -43.11 34.93 18.65
CA LEU H 86 -42.14 35.07 17.58
C LEU H 86 -40.74 35.53 18.04
N ALA H 87 -39.71 35.18 17.25
CA ALA H 87 -38.28 35.08 17.66
C ALA H 87 -37.34 36.10 17.10
N ASP H 88 -37.42 37.33 17.58
CA ASP H 88 -36.45 38.35 17.25
C ASP H 88 -36.41 38.79 15.79
N GLY H 89 -35.89 37.98 14.88
CA GLY H 89 -35.92 38.41 13.49
C GLY H 89 -34.72 38.17 12.58
N LEU H 90 -34.77 38.84 11.42
CA LEU H 90 -33.71 38.75 10.41
C LEU H 90 -33.36 40.10 9.81
N ALA H 91 -32.12 40.22 9.37
CA ALA H 91 -31.63 41.49 8.86
C ALA H 91 -30.64 41.37 7.73
N PHE H 92 -30.63 42.40 6.89
CA PHE H 92 -29.64 42.59 5.86
C PHE H 92 -28.71 43.69 6.35
N PHE H 93 -27.41 43.53 6.20
CA PHE H 93 -26.46 44.52 6.77
C PHE H 93 -25.16 44.67 6.03
N LEU H 94 -24.55 45.81 6.32
CA LEU H 94 -23.21 46.19 5.90
C LEU H 94 -22.35 46.37 7.12
N ALA H 95 -21.10 45.96 7.01
CA ALA H 95 -20.21 46.00 8.15
C ALA H 95 -18.76 45.85 7.70
N PRO H 96 -17.78 46.09 8.60
CA PRO H 96 -16.37 45.95 8.22
C PRO H 96 -16.01 44.57 7.71
N ILE H 97 -15.00 44.51 6.85
CA ILE H 97 -14.56 43.27 6.22
C ILE H 97 -14.51 42.09 7.21
N ASP H 98 -13.97 42.34 8.40
CA ASP H 98 -13.66 41.31 9.37
C ASP H 98 -14.77 41.09 10.39
N THR H 99 -15.99 41.49 10.05
CA THR H 99 -17.11 41.38 10.98
C THR H 99 -17.37 39.95 11.46
N LYS H 100 -17.57 39.79 12.75
CA LYS H 100 -17.94 38.52 13.36
C LYS H 100 -19.30 38.64 14.04
N PRO H 101 -19.98 37.53 14.30
CA PRO H 101 -21.27 37.54 14.98
C PRO H 101 -21.25 38.17 16.37
N GLN H 102 -22.28 38.99 16.68
CA GLN H 102 -22.39 39.68 17.98
C GLN H 102 -23.49 39.04 18.81
N THR H 103 -24.11 39.75 19.75
CA THR H 103 -24.98 39.04 20.68
C THR H 103 -26.27 38.63 19.99
N HIS H 104 -26.80 37.51 20.47
CA HIS H 104 -27.88 36.79 19.77
C HIS H 104 -29.26 37.32 20.18
N ALA H 105 -30.30 36.56 19.88
CA ALA H 105 -31.66 36.91 20.27
C ALA H 105 -32.07 38.33 19.82
N GLY H 106 -32.53 39.19 20.73
CA GLY H 106 -32.97 40.55 20.41
C GLY H 106 -31.97 41.50 19.77
N TYR H 107 -30.68 41.20 19.87
CA TYR H 107 -29.61 41.95 19.23
C TYR H 107 -29.32 41.47 17.78
N LEU H 108 -29.94 40.37 17.38
CA LEU H 108 -29.96 39.87 15.99
C LEU H 108 -28.58 39.53 15.41
N GLY H 109 -27.59 39.32 16.26
CA GLY H 109 -26.26 38.99 15.78
C GLY H 109 -25.49 40.17 15.28
N LEU H 110 -26.01 41.38 15.51
CA LEU H 110 -25.46 42.61 14.92
C LEU H 110 -24.96 43.66 15.91
N PHE H 111 -25.52 43.69 17.10
CA PHE H 111 -25.15 44.67 18.12
C PHE H 111 -25.03 44.03 19.50
N ASN H 112 -24.64 44.83 20.48
CA ASN H 112 -24.44 44.40 21.86
C ASN H 112 -25.04 45.39 22.85
N GLU H 113 -25.24 44.98 24.08
CA GLU H 113 -25.78 45.90 25.10
C GLU H 113 -24.79 47.03 25.39
N ASN H 114 -23.50 46.72 25.40
CA ASN H 114 -22.47 47.75 25.58
C ASN H 114 -22.40 48.72 24.41
N GLU H 115 -21.55 49.75 24.55
CA GLU H 115 -21.35 50.79 23.53
C GLU H 115 -21.54 50.27 22.10
N ASP H 118 -18.47 46.73 16.25
CA ASP H 118 -18.37 47.04 14.82
C ASP H 118 -19.05 48.41 14.46
N GLN H 119 -18.81 48.86 13.23
CA GLN H 119 -19.59 49.93 12.60
C GLN H 119 -20.56 49.25 11.64
N VAL H 120 -21.83 49.14 12.02
CA VAL H 120 -22.81 48.32 11.32
C VAL H 120 -24.05 49.10 10.95
N VAL H 121 -24.50 48.95 9.70
CA VAL H 121 -25.72 49.54 9.18
C VAL H 121 -26.57 48.40 8.63
N ALA H 122 -27.85 48.41 8.97
CA ALA H 122 -28.68 47.27 8.72
C ALA H 122 -30.16 47.64 8.48
N VAL H 123 -30.88 46.77 7.78
CA VAL H 123 -32.31 46.86 7.65
C VAL H 123 -32.84 45.62 8.32
N GLU H 124 -33.59 45.80 9.40
CA GLU H 124 -34.07 44.69 10.22
C GLU H 124 -35.53 44.38 9.90
N PHE H 125 -35.85 43.09 10.03
CA PHE H 125 -37.21 42.57 9.94
C PHE H 125 -37.44 41.88 11.28
N ASP H 126 -38.06 42.63 12.19
CA ASP H 126 -38.00 42.37 13.61
C ASP H 126 -39.37 41.86 14.08
N THR H 127 -39.39 40.66 14.66
CA THR H 127 -40.63 39.99 15.05
C THR H 127 -41.03 40.17 16.53
N PHE H 128 -40.05 40.43 17.40
CA PHE H 128 -40.30 40.49 18.84
C PHE H 128 -40.05 41.87 19.41
N ARG H 129 -40.94 42.29 20.30
CA ARG H 129 -40.88 43.60 20.90
C ARG H 129 -39.95 43.66 22.13
N ASN H 130 -38.73 44.18 21.93
CA ASN H 130 -37.84 44.48 23.02
C ASN H 130 -38.18 45.88 23.57
N SER H 131 -37.45 46.30 24.61
CA SER H 131 -37.72 47.57 25.28
C SER H 131 -37.54 48.78 24.36
N TRP H 132 -36.61 48.68 23.42
CA TRP H 132 -36.33 49.78 22.46
C TRP H 132 -37.23 49.73 21.21
N ASP H 133 -38.13 48.76 21.15
CA ASP H 133 -38.91 48.53 19.95
C ASP H 133 -40.28 49.20 20.01
N PRO H 134 -40.86 49.48 18.86
CA PRO H 134 -42.30 49.74 18.78
C PRO H 134 -43.06 48.45 19.04
N PRO H 135 -44.35 48.56 19.32
CA PRO H 135 -45.06 47.31 19.37
C PRO H 135 -45.25 46.76 17.97
N ASN H 136 -45.45 45.47 17.89
CA ASN H 136 -45.66 44.76 16.60
C ASN H 136 -44.47 44.61 15.71
N PRO H 137 -44.50 43.53 14.93
CA PRO H 137 -43.39 43.37 14.03
C PRO H 137 -43.28 44.55 13.07
N HIS H 138 -42.05 44.81 12.65
CA HIS H 138 -41.71 46.01 11.93
C HIS H 138 -40.44 45.84 11.11
N ILE H 139 -40.33 46.68 10.09
CA ILE H 139 -39.10 46.86 9.37
C ILE H 139 -38.44 48.04 10.07
N GLY H 140 -37.13 48.03 10.13
CA GLY H 140 -36.44 49.16 10.67
C GLY H 140 -35.07 49.38 10.07
N ILE H 141 -34.64 50.63 10.11
CA ILE H 141 -33.32 51.03 9.66
C ILE H 141 -32.46 51.27 10.89
N ASN H 142 -31.41 50.48 11.04
CA ASN H 142 -30.55 50.56 12.21
C ASN H 142 -29.16 51.07 11.83
N VAL H 143 -28.73 52.14 12.49
CA VAL H 143 -27.42 52.74 12.21
C VAL H 143 -26.53 52.74 13.47
N ASN H 144 -25.64 51.74 13.55
CA ASN H 144 -24.72 51.54 14.68
C ASN H 144 -25.43 51.40 16.04
N SER H 145 -26.68 50.95 16.03
CA SER H 145 -27.49 50.78 17.23
C SER H 145 -28.69 49.88 16.92
N ILE H 146 -29.09 49.05 17.89
CA ILE H 146 -30.27 48.19 17.76
C ILE H 146 -31.60 48.98 17.83
N ARG H 147 -31.54 50.19 18.38
CA ARG H 147 -32.68 51.11 18.30
C ARG H 147 -32.70 51.74 16.93
N SER H 148 -33.68 51.32 16.15
CA SER H 148 -33.78 51.76 14.76
C SER H 148 -34.01 53.27 14.72
N ILE H 149 -33.37 53.96 13.78
CA ILE H 149 -33.62 55.40 13.60
C ILE H 149 -35.01 55.66 13.04
N LYS H 150 -35.60 54.65 12.41
CA LYS H 150 -36.97 54.72 11.96
C LYS H 150 -37.53 53.31 11.75
N THR H 151 -38.84 53.17 11.95
CA THR H 151 -39.50 51.89 11.68
C THR H 151 -40.84 52.08 11.01
N THR H 152 -41.34 51.00 10.44
CA THR H 152 -42.69 50.96 9.91
C THR H 152 -43.24 49.57 10.12
N SER H 153 -44.55 49.47 10.09
CA SER H 153 -45.21 48.21 10.38
C SER H 153 -44.88 47.16 9.29
N TRP H 154 -44.66 45.92 9.73
CA TRP H 154 -44.33 44.81 8.85
C TRP H 154 -45.43 43.77 8.90
N ASP H 155 -46.18 43.62 7.80
CA ASP H 155 -47.25 42.64 7.68
C ASP H 155 -46.77 41.21 7.45
N LEU H 156 -46.15 40.64 8.49
CA LEU H 156 -45.90 39.22 8.62
C LEU H 156 -46.83 38.29 7.87
N ALA H 157 -46.25 37.25 7.28
CA ALA H 157 -46.98 36.03 6.95
C ALA H 157 -46.03 34.85 7.17
N ASN H 158 -46.47 33.93 8.00
CA ASN H 158 -45.71 32.70 8.25
C ASN H 158 -45.51 31.92 6.96
N ASN H 159 -44.30 31.44 6.72
CA ASN H 159 -43.96 30.61 5.55
C ASN H 159 -44.00 31.25 4.18
N LYS H 160 -44.67 32.37 4.03
CA LYS H 160 -44.88 32.90 2.72
C LYS H 160 -43.66 33.72 2.27
N VAL H 161 -43.50 33.86 0.97
CA VAL H 161 -42.32 34.49 0.39
C VAL H 161 -42.41 36.02 0.44
N ALA H 162 -41.43 36.63 1.09
CA ALA H 162 -41.23 38.07 1.12
C ALA H 162 -40.19 38.46 0.08
N LYS H 163 -40.56 39.35 -0.83
CA LYS H 163 -39.64 39.87 -1.87
C LYS H 163 -39.20 41.23 -1.33
N VAL H 164 -37.93 41.38 -0.95
CA VAL H 164 -37.40 42.64 -0.42
C VAL H 164 -36.61 43.37 -1.49
N LEU H 165 -36.69 44.68 -1.50
CA LEU H 165 -35.80 45.51 -2.28
C LEU H 165 -35.28 46.62 -1.36
N ILE H 166 -33.97 46.77 -1.30
CA ILE H 166 -33.36 47.84 -0.56
C ILE H 166 -32.47 48.64 -1.47
N THR H 167 -32.57 49.96 -1.40
CA THR H 167 -31.79 50.84 -2.27
C THR H 167 -31.21 51.99 -1.49
N TYR H 168 -30.03 52.44 -1.89
CA TYR H 168 -29.37 53.60 -1.33
C TYR H 168 -28.99 54.54 -2.45
N ASP H 169 -29.49 55.76 -2.40
CA ASP H 169 -29.20 56.76 -3.41
C ASP H 169 -28.23 57.81 -2.79
N ALA H 170 -26.98 57.77 -3.25
CA ALA H 170 -25.94 58.66 -2.77
C ALA H 170 -26.28 60.15 -2.96
N SER H 171 -27.00 60.48 -4.02
CA SER H 171 -27.30 61.89 -4.32
C SER H 171 -28.22 62.53 -3.28
N THR H 172 -29.06 61.73 -2.63
CA THR H 172 -29.95 62.21 -1.56
C THR H 172 -29.66 61.59 -0.21
N SER H 173 -28.71 60.66 -0.17
CA SER H 173 -28.40 59.90 1.04
C SER H 173 -29.59 59.08 1.57
N LEU H 174 -30.54 58.78 0.68
CA LEU H 174 -31.77 58.16 1.15
C LEU H 174 -31.70 56.64 1.02
N LEU H 175 -31.89 55.97 2.15
CA LEU H 175 -32.03 54.54 2.16
C LEU H 175 -33.51 54.20 2.15
N VAL H 176 -33.86 53.27 1.27
CA VAL H 176 -35.26 52.87 1.08
C VAL H 176 -35.36 51.37 1.08
N ALA H 177 -36.27 50.84 1.89
CA ALA H 177 -36.46 49.40 2.01
C ALA H 177 -37.94 49.09 1.84
N SER H 178 -38.23 48.16 0.97
CA SER H 178 -39.61 47.74 0.73
C SER H 178 -39.72 46.23 0.84
N LEU H 179 -40.86 45.77 1.29
CA LEU H 179 -41.14 44.36 1.39
C LEU H 179 -42.52 44.06 0.80
N VAL H 180 -42.57 43.02 0.00
CA VAL H 180 -43.79 42.62 -0.65
C VAL H 180 -44.06 41.12 -0.46
N TYR H 181 -45.31 40.79 -0.17
CA TYR H 181 -45.74 39.40 -0.09
C TYR H 181 -46.69 39.14 -1.24
N PRO H 182 -46.18 38.62 -2.35
CA PRO H 182 -47.07 38.61 -3.50
C PRO H 182 -48.32 37.79 -3.31
N SER H 183 -48.20 36.64 -2.66
CA SER H 183 -49.37 35.80 -2.39
C SER H 183 -50.46 36.54 -1.58
N GLN H 184 -50.03 37.45 -0.70
CA GLN H 184 -50.93 38.24 0.15
CA GLN H 184 -50.88 38.26 0.20
C GLN H 184 -51.28 39.60 -0.46
N ARG H 185 -50.63 39.96 -1.57
CA ARG H 185 -50.63 41.34 -2.13
C ARG H 185 -50.46 42.44 -1.11
N THR H 186 -49.63 42.20 -0.12
CA THR H 186 -49.33 43.24 0.87
C THR H 186 -47.99 43.87 0.57
N SER H 187 -47.86 45.13 0.93
CA SER H 187 -46.67 45.93 0.59
C SER H 187 -46.28 46.77 1.78
N ASN H 188 -44.98 46.90 2.07
CA ASN H 188 -44.52 47.80 3.14
C ASN H 188 -43.33 48.59 2.64
N ILE H 189 -43.12 49.79 3.16
CA ILE H 189 -42.00 50.60 2.71
C ILE H 189 -41.57 51.58 3.81
N LEU H 190 -40.27 51.87 3.83
CA LEU H 190 -39.66 52.66 4.91
C LEU H 190 -38.47 53.39 4.35
N SER H 191 -38.32 54.68 4.62
CA SER H 191 -37.22 55.45 4.07
C SER H 191 -36.71 56.50 5.05
N ASP H 192 -35.38 56.61 5.13
CA ASP H 192 -34.75 57.65 5.94
C ASP H 192 -33.34 57.91 5.44
N VAL H 193 -32.77 59.03 5.86
CA VAL H 193 -31.43 59.41 5.43
C VAL H 193 -30.35 58.75 6.30
N VAL H 194 -29.23 58.40 5.68
CA VAL H 194 -28.10 57.79 6.37
C VAL H 194 -26.79 58.28 5.77
N ASP H 195 -25.89 58.73 6.63
CA ASP H 195 -24.57 59.17 6.21
C ASP H 195 -23.64 57.99 6.29
N LEU H 196 -23.28 57.46 5.14
CA LEU H 196 -22.42 56.28 5.09
C LEU H 196 -21.00 56.57 5.52
N LYS H 197 -20.54 57.79 5.27
CA LYS H 197 -19.16 58.13 5.62
C LYS H 197 -18.90 58.12 7.12
N THR H 198 -19.92 58.38 7.91
CA THR H 198 -19.81 58.41 9.35
C THR H 198 -20.36 57.15 10.02
N SER H 199 -20.86 56.18 9.25
CA SER H 199 -21.41 54.96 9.84
C SER H 199 -20.84 53.65 9.32
N LEU H 200 -19.97 53.71 8.31
CA LEU H 200 -19.28 52.53 7.82
C LEU H 200 -17.86 52.89 7.32
N PRO H 201 -16.97 51.88 7.27
CA PRO H 201 -15.67 52.06 6.63
C PRO H 201 -15.81 52.17 5.09
N GLU H 202 -14.74 52.58 4.43
CA GLU H 202 -14.74 52.70 2.97
C GLU H 202 -15.07 51.37 2.30
N TRP H 203 -14.57 50.28 2.85
CA TRP H 203 -14.83 48.97 2.31
C TRP H 203 -15.64 48.20 3.32
N VAL H 204 -16.60 47.42 2.83
CA VAL H 204 -17.49 46.66 3.70
C VAL H 204 -17.75 45.29 3.11
N ARG H 205 -18.29 44.41 3.92
CA ARG H 205 -18.93 43.23 3.43
C ARG H 205 -20.43 43.36 3.73
N ILE H 206 -21.23 42.61 3.00
CA ILE H 206 -22.69 42.65 3.14
C ILE H 206 -23.21 41.25 3.37
N GLY H 207 -24.37 41.14 3.97
CA GLY H 207 -24.88 39.84 4.32
C GLY H 207 -26.17 39.85 5.07
N PHE H 208 -26.52 38.67 5.55
CA PHE H 208 -27.70 38.52 6.39
C PHE H 208 -27.30 38.02 7.78
N SER H 209 -28.14 38.35 8.73
CA SER H 209 -28.04 37.84 10.09
C SER H 209 -29.46 37.56 10.57
N ALA H 210 -29.65 36.44 11.25
CA ALA H 210 -30.98 36.13 11.78
C ALA H 210 -30.87 35.34 13.07
N ALA H 211 -31.66 35.77 14.05
CA ALA H 211 -31.60 35.09 15.35
C ALA H 211 -32.97 34.60 15.73
N THR H 212 -32.94 33.47 16.39
CA THR H 212 -34.14 32.86 16.93
C THR H 212 -34.27 33.34 18.40
N GLY H 213 -35.32 32.96 19.12
CA GLY H 213 -35.57 33.48 20.48
C GLY H 213 -34.66 32.90 21.55
N LEU H 214 -34.48 33.66 22.63
CA LEU H 214 -33.59 33.22 23.71
C LEU H 214 -34.13 31.93 24.38
N ASP H 215 -35.30 31.97 25.00
CA ASP H 215 -35.86 30.79 25.67
C ASP H 215 -36.89 30.08 24.80
N ILE H 216 -37.31 30.71 23.71
CA ILE H 216 -38.35 30.08 22.88
C ILE H 216 -37.82 29.75 21.49
N PRO H 217 -38.48 28.81 20.81
CA PRO H 217 -38.13 28.57 19.41
C PRO H 217 -38.38 29.78 18.53
N GLY H 218 -39.58 30.35 18.60
CA GLY H 218 -39.96 31.50 17.79
C GLY H 218 -40.11 31.19 16.31
N GLU H 219 -39.13 31.57 15.48
CA GLU H 219 -39.17 31.32 14.03
C GLU H 219 -37.79 31.18 13.40
N SER H 220 -37.70 30.32 12.40
CA SER H 220 -36.49 30.11 11.61
C SER H 220 -36.54 31.14 10.46
N HIS H 221 -35.42 31.35 9.81
CA HIS H 221 -35.29 32.34 8.75
C HIS H 221 -34.49 31.78 7.60
N ASP H 222 -35.08 31.80 6.42
CA ASP H 222 -34.46 31.28 5.18
C ASP H 222 -34.38 32.35 4.12
N VAL H 223 -33.18 32.56 3.57
CA VAL H 223 -33.08 33.40 2.38
C VAL H 223 -32.94 32.51 1.17
N LEU H 224 -33.74 32.79 0.14
CA LEU H 224 -33.92 31.90 -1.01
C LEU H 224 -33.22 32.37 -2.30
N SER H 225 -32.99 33.69 -2.45
CA SER H 225 -32.34 34.30 -3.64
C SER H 225 -31.69 35.60 -3.20
N TRP H 226 -30.79 36.12 -4.01
CA TRP H 226 -30.08 37.35 -3.64
C TRP H 226 -29.52 38.06 -4.87
N SER H 227 -29.76 39.35 -4.97
CA SER H 227 -29.10 40.22 -5.97
C SER H 227 -28.60 41.48 -5.37
N PHE H 228 -27.53 41.98 -5.95
CA PHE H 228 -26.89 43.18 -5.49
C PHE H 228 -26.18 43.87 -6.63
N ALA H 229 -26.24 45.19 -6.66
CA ALA H 229 -25.43 45.97 -7.58
C ALA H 229 -24.99 47.24 -6.91
N SER H 230 -23.78 47.66 -7.21
CA SER H 230 -23.23 48.85 -6.60
C SER H 230 -22.42 49.61 -7.62
N ASN H 231 -22.44 50.93 -7.48
CA ASN H 231 -21.74 51.84 -8.38
C ASN H 231 -21.05 52.91 -7.51
N LEU H 232 -19.74 53.01 -7.62
CA LEU H 232 -19.02 54.10 -6.94
C LEU H 232 -18.42 55.01 -7.99
N PRO H 233 -19.01 56.20 -8.15
CA PRO H 233 -18.40 57.12 -9.10
C PRO H 233 -17.12 57.75 -8.60
N HIS H 234 -16.27 58.16 -9.54
CA HIS H 234 -15.09 59.03 -9.36
C HIS H 234 -15.09 59.90 -8.08
N ALA I 1 -14.21 -28.15 -40.71
CA ALA I 1 -14.39 -27.08 -39.69
C ALA I 1 -14.37 -25.70 -40.40
N GLU I 2 -15.52 -25.03 -40.47
CA GLU I 2 -15.53 -23.67 -40.98
C GLU I 2 -15.32 -22.69 -39.83
N THR I 3 -14.54 -21.66 -40.11
CA THR I 3 -14.41 -20.55 -39.20
C THR I 3 -14.40 -19.24 -39.95
N VAL I 4 -14.79 -18.20 -39.22
CA VAL I 4 -14.64 -16.84 -39.68
C VAL I 4 -14.43 -15.96 -38.47
N SER I 5 -13.69 -14.88 -38.62
CA SER I 5 -13.60 -13.92 -37.56
C SER I 5 -13.30 -12.56 -38.14
N PHE I 6 -13.61 -11.52 -37.39
CA PHE I 6 -13.17 -10.20 -37.75
C PHE I 6 -13.19 -9.28 -36.55
N SER I 7 -12.48 -8.18 -36.63
CA SER I 7 -12.58 -7.18 -35.59
C SER I 7 -12.12 -5.84 -36.06
N TRP I 8 -12.71 -4.81 -35.50
CA TRP I 8 -12.19 -3.48 -35.63
C TRP I 8 -12.62 -2.59 -34.51
N ASN I 9 -11.85 -1.53 -34.28
CA ASN I 9 -12.12 -0.58 -33.22
C ASN I 9 -12.62 0.78 -33.71
N LYS I 10 -12.61 1.01 -35.02
CA LYS I 10 -13.38 2.10 -35.63
C LYS I 10 -14.22 1.52 -36.75
N PHE I 11 -15.32 2.21 -37.05
CA PHE I 11 -15.92 2.05 -38.35
C PHE I 11 -15.34 3.13 -39.25
N VAL I 12 -15.64 3.00 -40.55
CA VAL I 12 -15.05 3.85 -41.59
C VAL I 12 -16.06 4.07 -42.71
N PRO I 13 -16.31 5.33 -43.14
CA PRO I 13 -17.40 5.61 -44.09
C PRO I 13 -17.32 4.81 -45.39
N LYS I 14 -18.48 4.39 -45.87
CA LYS I 14 -18.61 3.61 -47.09
C LYS I 14 -17.85 2.28 -47.07
N GLN I 15 -17.54 1.74 -45.90
CA GLN I 15 -16.81 0.47 -45.85
C GLN I 15 -17.69 -0.63 -46.43
N PRO I 16 -17.17 -1.35 -47.43
CA PRO I 16 -18.03 -2.29 -48.16
C PRO I 16 -18.18 -3.67 -47.51
N ASN I 17 -17.71 -3.82 -46.26
CA ASN I 17 -17.93 -5.05 -45.46
C ASN I 17 -19.10 -4.87 -44.52
N MET I 18 -19.90 -3.84 -44.77
CA MET I 18 -20.97 -3.41 -43.86
C MET I 18 -22.20 -3.10 -44.72
N ILE I 19 -23.38 -3.68 -44.40
CA ILE I 19 -24.62 -3.38 -45.12
C ILE I 19 -25.49 -2.51 -44.20
N LEU I 20 -25.76 -1.28 -44.63
CA LEU I 20 -26.57 -0.38 -43.83
C LEU I 20 -28.02 -0.40 -44.28
N GLN I 21 -28.91 -0.23 -43.31
CA GLN I 21 -30.33 -0.20 -43.52
C GLN I 21 -30.94 0.92 -42.69
N GLY I 22 -32.06 1.46 -43.17
CA GLY I 22 -32.75 2.54 -42.49
C GLY I 22 -31.89 3.77 -42.31
N ASP I 23 -31.92 4.33 -41.12
CA ASP I 23 -31.26 5.60 -40.82
C ASP I 23 -29.76 5.49 -40.52
N ALA I 24 -29.23 4.26 -40.53
CA ALA I 24 -27.84 3.98 -40.20
C ALA I 24 -26.85 4.81 -41.03
N ILE I 25 -25.88 5.44 -40.39
CA ILE I 25 -24.66 5.87 -41.09
C ILE I 25 -23.40 5.71 -40.25
N VAL I 26 -22.26 5.76 -40.92
CA VAL I 26 -20.98 5.79 -40.25
C VAL I 26 -20.45 7.21 -40.30
N THR I 27 -20.18 7.80 -39.14
CA THR I 27 -19.70 9.18 -39.05
C THR I 27 -18.22 9.25 -39.41
N SER I 28 -17.74 10.48 -39.68
CA SER I 28 -16.32 10.76 -39.87
C SER I 28 -15.51 10.37 -38.66
N SER I 29 -16.10 10.54 -37.47
CA SER I 29 -15.44 10.19 -36.22
C SER I 29 -15.38 8.69 -35.95
N GLY I 30 -15.93 7.87 -36.86
CA GLY I 30 -15.77 6.43 -36.81
C GLY I 30 -16.82 5.66 -36.02
N LYS I 31 -17.97 6.29 -35.76
CA LYS I 31 -19.08 5.68 -35.02
C LYS I 31 -20.10 5.12 -36.01
N LEU I 32 -20.69 3.98 -35.67
CA LEU I 32 -21.87 3.50 -36.37
C LEU I 32 -23.06 4.13 -35.71
N GLN I 33 -23.51 5.26 -36.26
CA GLN I 33 -24.70 5.97 -35.77
C GLN I 33 -25.93 5.26 -36.29
N LEU I 34 -26.66 4.60 -35.42
CA LEU I 34 -27.79 3.79 -35.87
C LEU I 34 -29.04 4.62 -36.17
N ASN I 35 -29.21 5.77 -35.50
CA ASN I 35 -30.43 6.58 -35.62
C ASN I 35 -30.17 7.98 -36.20
N LYS I 36 -31.20 8.56 -36.83
CA LYS I 36 -31.19 9.95 -37.29
C LYS I 36 -31.04 10.86 -36.09
N VAL I 37 -30.30 11.95 -36.31
CA VAL I 37 -29.89 12.83 -35.24
C VAL I 37 -29.85 14.26 -35.79
N ASP I 38 -30.34 15.22 -35.03
CA ASP I 38 -30.23 16.62 -35.49
C ASP I 38 -28.81 17.16 -35.30
N GLU I 39 -28.57 18.38 -35.76
CA GLU I 39 -27.25 19.01 -35.83
C GLU I 39 -26.41 18.94 -34.54
N ASN I 40 -27.08 19.05 -33.40
CA ASN I 40 -26.39 19.08 -32.10
C ASN I 40 -26.36 17.74 -31.35
N GLY I 41 -26.91 16.69 -31.95
CA GLY I 41 -26.83 15.35 -31.38
C GLY I 41 -28.15 14.71 -30.99
N THR I 42 -29.25 15.47 -31.03
CA THR I 42 -30.53 15.03 -30.48
C THR I 42 -31.28 14.12 -31.43
N PRO I 43 -31.74 12.94 -30.90
CA PRO I 43 -32.38 11.95 -31.75
C PRO I 43 -33.77 12.38 -32.23
N LYS I 44 -34.12 11.96 -33.44
CA LYS I 44 -35.48 12.23 -33.91
C LYS I 44 -36.34 11.01 -33.58
N PRO I 45 -37.61 11.25 -33.28
CA PRO I 45 -38.56 10.15 -33.12
C PRO I 45 -38.77 9.32 -34.39
N SER I 46 -39.31 8.12 -34.21
CA SER I 46 -39.49 7.06 -35.24
C SER I 46 -38.31 6.77 -36.15
N SER I 47 -37.13 7.07 -35.66
CA SER I 47 -35.89 6.59 -36.26
C SER I 47 -35.68 5.10 -36.05
N LEU I 48 -35.14 4.46 -37.07
CA LEU I 48 -34.69 3.09 -36.99
C LEU I 48 -33.56 2.88 -37.94
N GLY I 49 -32.52 2.24 -37.45
CA GLY I 49 -31.35 1.89 -38.26
C GLY I 49 -30.86 0.49 -37.95
N ARG I 50 -30.39 -0.19 -38.98
CA ARG I 50 -29.75 -1.47 -38.84
C ARG I 50 -28.46 -1.50 -39.62
N ALA I 51 -27.63 -2.46 -39.27
CA ALA I 51 -26.37 -2.66 -39.97
C ALA I 51 -25.95 -4.12 -39.80
N LEU I 52 -25.56 -4.72 -40.92
CA LEU I 52 -25.17 -6.12 -40.97
C LEU I 52 -23.74 -6.22 -41.41
N TYR I 53 -23.07 -7.28 -40.93
CA TYR I 53 -21.81 -7.70 -41.49
C TYR I 53 -22.11 -8.29 -42.87
N SER I 54 -21.34 -7.88 -43.88
CA SER I 54 -21.52 -8.36 -45.25
C SER I 54 -21.64 -9.87 -45.37
N THR I 55 -20.69 -10.56 -44.76
CA THR I 55 -20.48 -11.99 -44.97
C THR I 55 -21.54 -12.78 -44.24
N PRO I 56 -22.28 -13.66 -44.96
CA PRO I 56 -23.20 -14.60 -44.32
C PRO I 56 -22.38 -15.57 -43.44
N ILE I 57 -22.95 -15.97 -42.31
CA ILE I 57 -22.30 -16.86 -41.35
C ILE I 57 -22.97 -18.22 -41.41
N HIS I 58 -22.19 -19.30 -41.51
CA HIS I 58 -22.78 -20.64 -41.55
C HIS I 58 -23.01 -21.13 -40.12
N ILE I 59 -24.27 -21.11 -39.73
CA ILE I 59 -24.67 -21.26 -38.32
C ILE I 59 -25.02 -22.70 -37.93
N TRP I 60 -25.60 -23.44 -38.86
CA TRP I 60 -25.77 -24.89 -38.68
C TRP I 60 -25.83 -25.57 -40.05
N ASP I 61 -25.65 -26.88 -40.03
CA ASP I 61 -25.62 -27.68 -41.23
C ASP I 61 -26.66 -28.80 -41.15
N LYS I 62 -27.51 -28.91 -42.18
CA LYS I 62 -28.60 -29.90 -42.19
C LYS I 62 -28.05 -31.32 -42.33
N GLU I 63 -27.14 -31.49 -43.28
CA GLU I 63 -26.48 -32.77 -43.53
C GLU I 63 -25.95 -33.42 -42.23
N THR I 64 -25.08 -32.71 -41.53
CA THR I 64 -24.42 -33.25 -40.33
C THR I 64 -25.18 -32.96 -39.04
N GLY I 65 -26.09 -31.99 -39.05
CA GLY I 65 -26.83 -31.58 -37.85
C GLY I 65 -26.00 -30.83 -36.81
N SER I 66 -24.79 -30.42 -37.18
CA SER I 66 -23.94 -29.68 -36.23
C SER I 66 -24.27 -28.18 -36.23
N VAL I 67 -23.94 -27.55 -35.12
CA VAL I 67 -24.29 -26.17 -34.84
C VAL I 67 -23.03 -25.38 -34.50
N ALA I 68 -23.00 -24.12 -34.92
CA ALA I 68 -21.88 -23.25 -34.70
C ALA I 68 -21.82 -22.75 -33.26
N SER I 69 -20.61 -22.54 -32.77
CA SER I 69 -20.40 -21.73 -31.57
C SER I 69 -19.82 -20.41 -32.03
N PHE I 70 -20.08 -19.36 -31.27
CA PHE I 70 -19.62 -18.05 -31.68
C PHE I 70 -19.55 -17.06 -30.53
N ALA I 71 -18.86 -15.97 -30.78
CA ALA I 71 -18.73 -14.94 -29.81
C ALA I 71 -18.76 -13.57 -30.49
N ALA I 72 -19.44 -12.61 -29.88
CA ALA I 72 -19.48 -11.25 -30.42
C ALA I 72 -19.28 -10.27 -29.30
N SER I 73 -18.46 -9.27 -29.54
CA SER I 73 -18.22 -8.21 -28.56
C SER I 73 -18.25 -6.85 -29.24
N PHE I 74 -18.67 -5.83 -28.51
CA PHE I 74 -18.76 -4.49 -29.05
C PHE I 74 -18.94 -3.48 -27.95
N ASN I 75 -18.52 -2.26 -28.23
CA ASN I 75 -18.77 -1.13 -27.36
C ASN I 75 -19.91 -0.29 -27.95
N PHE I 76 -20.87 0.12 -27.10
CA PHE I 76 -21.96 1.01 -27.53
C PHE I 76 -22.31 2.06 -26.47
N THR I 77 -22.78 3.21 -26.94
CA THR I 77 -23.21 4.32 -26.10
C THR I 77 -24.62 4.73 -26.50
N PHE I 78 -25.25 5.55 -25.68
CA PHE I 78 -26.50 6.21 -26.07
C PHE I 78 -26.56 7.61 -25.50
N TYR I 79 -27.29 8.48 -26.20
CA TYR I 79 -27.54 9.83 -25.70
C TYR I 79 -29.03 10.04 -25.57
N ALA I 80 -29.47 10.22 -24.34
CA ALA I 80 -30.85 10.58 -24.08
C ALA I 80 -30.87 12.03 -23.58
N PRO I 81 -31.60 12.91 -24.29
CA PRO I 81 -31.70 14.31 -23.84
C PRO I 81 -32.53 14.44 -22.58
N ASP I 82 -33.65 13.70 -22.53
CA ASP I 82 -34.44 13.58 -21.32
C ASP I 82 -34.25 12.16 -20.77
N THR I 83 -33.49 12.07 -19.70
CA THR I 83 -33.14 10.80 -19.09
C THR I 83 -34.37 10.06 -18.47
N LYS I 84 -35.50 10.73 -18.31
CA LYS I 84 -36.65 10.04 -17.75
C LYS I 84 -37.70 9.66 -18.79
N ARG I 85 -37.35 9.77 -20.06
CA ARG I 85 -38.24 9.33 -21.15
C ARG I 85 -37.40 8.69 -22.26
N LEU I 86 -37.37 7.36 -22.28
CA LEU I 86 -36.41 6.62 -23.09
C LEU I 86 -37.02 5.84 -24.26
N ALA I 87 -36.17 5.52 -25.23
CA ALA I 87 -36.60 5.17 -26.61
C ALA I 87 -36.40 3.76 -27.08
N ASP I 88 -37.13 2.81 -26.52
CA ASP I 88 -37.11 1.44 -27.03
C ASP I 88 -35.79 0.71 -26.87
N GLY I 89 -34.75 1.04 -27.65
CA GLY I 89 -33.41 0.46 -27.40
C GLY I 89 -32.61 -0.04 -28.59
N LEU I 90 -31.66 -0.95 -28.29
CA LEU I 90 -30.71 -1.51 -29.26
C LEU I 90 -30.54 -3.03 -29.09
N ALA I 91 -30.24 -3.73 -30.19
CA ALA I 91 -30.07 -5.18 -30.15
C ALA I 91 -29.02 -5.69 -31.12
N PHE I 92 -28.33 -6.76 -30.70
CA PHE I 92 -27.50 -7.54 -31.59
C PHE I 92 -28.31 -8.75 -32.01
N PHE I 93 -28.25 -9.12 -33.29
CA PHE I 93 -29.12 -10.19 -33.78
C PHE I 93 -28.55 -11.01 -34.93
N LEU I 94 -29.07 -12.21 -35.06
CA LEU I 94 -28.89 -13.01 -36.25
C LEU I 94 -30.24 -13.16 -36.94
N ALA I 95 -30.17 -13.15 -38.26
CA ALA I 95 -31.33 -13.09 -39.13
C ALA I 95 -31.01 -13.76 -40.47
N PRO I 96 -32.03 -14.03 -41.30
CA PRO I 96 -31.74 -14.59 -42.62
C PRO I 96 -30.84 -13.70 -43.49
N ILE I 97 -30.12 -14.35 -44.40
CA ILE I 97 -29.29 -13.72 -45.47
C ILE I 97 -29.91 -12.38 -45.92
N ASP I 98 -31.19 -12.43 -46.25
CA ASP I 98 -31.82 -11.31 -46.96
C ASP I 98 -32.63 -10.41 -46.03
N THR I 99 -32.30 -10.44 -44.74
CA THR I 99 -33.11 -9.74 -43.73
C THR I 99 -33.27 -8.27 -44.01
N LYS I 100 -34.51 -7.78 -43.89
CA LYS I 100 -34.77 -6.35 -43.95
C LYS I 100 -35.44 -5.89 -42.66
N PRO I 101 -35.53 -4.55 -42.47
CA PRO I 101 -36.13 -3.98 -41.27
C PRO I 101 -37.59 -4.36 -41.01
N GLN I 102 -37.90 -4.65 -39.75
CA GLN I 102 -39.24 -5.05 -39.30
C GLN I 102 -39.89 -3.86 -38.58
N THR I 103 -40.88 -4.08 -37.71
CA THR I 103 -41.61 -2.98 -37.08
C THR I 103 -40.66 -2.17 -36.20
N HIS I 104 -40.81 -0.87 -36.11
CA HIS I 104 -39.80 -0.09 -35.36
C HIS I 104 -40.26 0.17 -33.91
N ALA I 105 -39.77 1.23 -33.27
CA ALA I 105 -40.15 1.52 -31.89
C ALA I 105 -39.90 0.30 -30.95
N GLY I 106 -40.91 -0.11 -30.21
CA GLY I 106 -40.76 -1.21 -29.28
C GLY I 106 -40.45 -2.59 -29.82
N TYR I 107 -40.63 -2.79 -31.13
CA TYR I 107 -40.25 -4.05 -31.78
C TYR I 107 -38.78 -4.00 -32.30
N LEU I 108 -38.14 -2.84 -32.15
CA LEU I 108 -36.68 -2.68 -32.37
C LEU I 108 -36.19 -2.95 -33.79
N GLY I 109 -37.08 -2.97 -34.75
CA GLY I 109 -36.73 -3.26 -36.14
C GLY I 109 -36.47 -4.74 -36.38
N LEU I 110 -36.79 -5.59 -35.42
CA LEU I 110 -36.42 -7.00 -35.48
C LEU I 110 -37.58 -7.98 -35.52
N PHE I 111 -38.71 -7.62 -34.91
CA PHE I 111 -39.90 -8.48 -34.87
C PHE I 111 -41.16 -7.68 -35.15
N ASN I 112 -42.30 -8.36 -35.10
CA ASN I 112 -43.62 -7.78 -35.46
C ASN I 112 -44.70 -8.25 -34.53
N GLU I 113 -45.78 -7.50 -34.41
CA GLU I 113 -46.84 -7.94 -33.53
C GLU I 113 -47.53 -9.19 -34.05
N ASN I 114 -47.68 -9.32 -35.36
CA ASN I 114 -48.21 -10.56 -35.98
C ASN I 114 -47.29 -11.75 -35.77
N GLU I 115 -47.75 -12.91 -36.22
CA GLU I 115 -47.02 -14.17 -36.11
C GLU I 115 -45.48 -13.94 -36.22
N SER I 116 -45.05 -13.54 -37.42
CA SER I 116 -43.69 -13.19 -37.78
C SER I 116 -43.59 -12.81 -39.28
N GLY I 117 -42.39 -12.36 -39.66
CA GLY I 117 -41.91 -12.28 -41.03
C GLY I 117 -40.56 -12.98 -41.11
N ASP I 118 -39.54 -12.51 -40.38
CA ASP I 118 -38.27 -13.25 -40.30
C ASP I 118 -38.19 -14.24 -39.12
N GLN I 119 -37.16 -15.08 -39.17
CA GLN I 119 -36.72 -15.89 -38.08
C GLN I 119 -35.55 -15.17 -37.45
N VAL I 120 -35.74 -14.60 -36.25
CA VAL I 120 -34.70 -13.76 -35.64
C VAL I 120 -34.36 -14.23 -34.24
N VAL I 121 -33.07 -14.21 -33.95
CA VAL I 121 -32.56 -14.48 -32.61
C VAL I 121 -31.74 -13.27 -32.21
N ALA I 122 -31.98 -12.74 -31.01
CA ALA I 122 -31.42 -11.44 -30.66
C ALA I 122 -31.16 -11.24 -29.19
N VAL I 123 -30.26 -10.35 -28.86
CA VAL I 123 -30.05 -9.96 -27.50
C VAL I 123 -30.30 -8.47 -27.46
N GLU I 124 -31.32 -8.09 -26.69
CA GLU I 124 -31.84 -6.73 -26.67
C GLU I 124 -31.36 -5.97 -25.46
N PHE I 125 -31.22 -4.67 -25.65
CA PHE I 125 -30.92 -3.73 -24.61
C PHE I 125 -32.02 -2.69 -24.67
N ASP I 126 -33.02 -2.93 -23.80
CA ASP I 126 -34.34 -2.40 -23.92
C ASP I 126 -34.56 -1.31 -22.88
N THR I 127 -34.87 -0.10 -23.35
CA THR I 127 -34.98 1.07 -22.49
C THR I 127 -36.44 1.42 -22.09
N PHE I 128 -37.42 1.01 -22.88
CA PHE I 128 -38.79 1.39 -22.62
C PHE I 128 -39.70 0.21 -22.32
N ARG I 129 -40.62 0.43 -21.38
CA ARG I 129 -41.50 -0.64 -20.93
C ARG I 129 -42.76 -0.80 -21.77
N ASN I 130 -42.76 -1.79 -22.65
CA ASN I 130 -43.96 -2.16 -23.39
C ASN I 130 -44.81 -3.11 -22.55
N SER I 131 -45.98 -3.46 -23.06
CA SER I 131 -46.92 -4.31 -22.34
C SER I 131 -46.34 -5.72 -22.04
N TRP I 132 -45.49 -6.21 -22.94
CA TRP I 132 -44.84 -7.53 -22.77
C TRP I 132 -43.57 -7.48 -21.94
N ASP I 133 -43.16 -6.29 -21.51
CA ASP I 133 -41.88 -6.10 -20.87
C ASP I 133 -41.96 -6.21 -19.35
N PRO I 134 -40.86 -6.61 -18.71
CA PRO I 134 -40.83 -6.38 -17.27
C PRO I 134 -40.58 -4.90 -17.02
N PRO I 135 -40.71 -4.49 -15.74
CA PRO I 135 -40.42 -3.12 -15.32
C PRO I 135 -38.95 -2.81 -15.49
N ASN I 136 -38.64 -1.57 -15.90
CA ASN I 136 -37.28 -1.04 -15.96
C ASN I 136 -36.41 -1.56 -17.10
N PRO I 137 -35.43 -0.75 -17.49
CA PRO I 137 -34.59 -1.20 -18.57
C PRO I 137 -33.86 -2.49 -18.22
N HIS I 138 -33.60 -3.25 -19.28
CA HIS I 138 -33.16 -4.62 -19.14
C HIS I 138 -32.43 -5.14 -20.36
N ILE I 139 -31.69 -6.20 -20.12
CA ILE I 139 -31.13 -6.98 -21.18
C ILE I 139 -32.10 -8.11 -21.37
N GLY I 140 -32.24 -8.57 -22.60
CA GLY I 140 -33.13 -9.70 -22.88
C GLY I 140 -32.64 -10.59 -23.97
N ILE I 141 -32.97 -11.88 -23.85
CA ILE I 141 -32.73 -12.85 -24.90
C ILE I 141 -34.05 -13.09 -25.61
N ASN I 142 -34.10 -12.76 -26.90
CA ASN I 142 -35.30 -12.86 -27.69
C ASN I 142 -35.19 -13.95 -28.76
N VAL I 143 -36.11 -14.91 -28.76
CA VAL I 143 -36.09 -15.98 -29.76
C VAL I 143 -37.40 -15.98 -30.56
N ASN I 144 -37.33 -15.43 -31.77
CA ASN I 144 -38.48 -15.29 -32.70
C ASN I 144 -39.65 -14.51 -32.09
N SER I 145 -39.38 -13.65 -31.13
CA SER I 145 -40.43 -12.88 -30.48
C SER I 145 -39.82 -11.73 -29.68
N ILE I 146 -40.52 -10.59 -29.63
CA ILE I 146 -40.10 -9.43 -28.81
C ILE I 146 -40.25 -9.66 -27.31
N ARG I 147 -41.07 -10.63 -26.95
CA ARG I 147 -41.17 -11.10 -25.59
C ARG I 147 -39.96 -11.99 -25.29
N SER I 148 -39.02 -11.46 -24.51
CA SER I 148 -37.75 -12.13 -24.25
C SER I 148 -38.04 -13.42 -23.45
N ILE I 149 -37.37 -14.53 -23.77
CA ILE I 149 -37.56 -15.75 -23.00
C ILE I 149 -36.96 -15.63 -21.60
N LYS I 150 -36.00 -14.69 -21.45
CA LYS I 150 -35.50 -14.30 -20.16
C LYS I 150 -34.95 -12.88 -20.21
N THR I 151 -35.07 -12.16 -19.10
CA THR I 151 -34.48 -10.83 -18.95
C THR I 151 -33.70 -10.70 -17.68
N THR I 152 -32.91 -9.64 -17.60
CA THR I 152 -32.31 -9.21 -16.36
C THR I 152 -32.14 -7.71 -16.39
N SER I 153 -31.97 -7.15 -15.22
CA SER I 153 -31.84 -5.71 -15.06
C SER I 153 -30.63 -5.18 -15.81
N TRP I 154 -30.78 -4.03 -16.43
CA TRP I 154 -29.67 -3.36 -17.09
C TRP I 154 -29.43 -1.98 -16.46
N ASP I 155 -28.29 -1.85 -15.80
CA ASP I 155 -27.81 -0.59 -15.16
C ASP I 155 -27.38 0.45 -16.17
N LEU I 156 -28.32 0.98 -16.94
CA LEU I 156 -28.09 2.14 -17.81
C LEU I 156 -27.14 3.17 -17.27
N ALA I 157 -26.40 3.75 -18.21
CA ALA I 157 -25.67 4.98 -17.96
C ALA I 157 -25.71 5.79 -19.24
N ASN I 158 -26.27 7.00 -19.16
CA ASN I 158 -26.30 7.90 -20.32
C ASN I 158 -24.88 8.21 -20.77
N ASN I 159 -24.65 8.16 -22.09
CA ASN I 159 -23.36 8.52 -22.69
C ASN I 159 -22.17 7.60 -22.44
N LYS I 160 -22.23 6.76 -21.40
CA LYS I 160 -21.04 5.97 -21.02
C LYS I 160 -20.91 4.76 -21.89
N VAL I 161 -19.68 4.27 -21.96
CA VAL I 161 -19.34 3.13 -22.80
C VAL I 161 -19.75 1.80 -22.14
N ALA I 162 -20.59 1.07 -22.87
CA ALA I 162 -20.97 -0.29 -22.51
C ALA I 162 -20.13 -1.29 -23.31
N LYS I 163 -19.38 -2.16 -22.64
CA LYS I 163 -18.61 -3.24 -23.29
C LYS I 163 -19.49 -4.47 -23.20
N VAL I 164 -19.94 -4.99 -24.33
CA VAL I 164 -20.80 -6.17 -24.36
C VAL I 164 -20.00 -7.40 -24.80
N LEU I 165 -20.28 -8.55 -24.21
CA LEU I 165 -19.79 -9.81 -24.69
C LEU I 165 -20.97 -10.75 -24.82
N ILE I 166 -21.11 -11.37 -25.99
CA ILE I 166 -22.18 -12.32 -26.22
C ILE I 166 -21.61 -13.60 -26.75
N THR I 167 -21.97 -14.72 -26.15
CA THR I 167 -21.40 -16.01 -26.52
C THR I 167 -22.47 -17.04 -26.70
N TYR I 168 -22.23 -17.99 -27.60
CA TYR I 168 -23.11 -19.10 -27.77
C TYR I 168 -22.32 -20.37 -27.79
N ASP I 169 -22.65 -21.30 -26.90
CA ASP I 169 -21.97 -22.61 -26.78
C ASP I 169 -22.88 -23.69 -27.33
N ALA I 170 -22.55 -24.21 -28.49
CA ALA I 170 -23.36 -25.27 -29.11
C ALA I 170 -23.45 -26.54 -28.28
N SER I 171 -22.41 -26.86 -27.52
CA SER I 171 -22.40 -28.10 -26.74
C SER I 171 -23.50 -28.09 -25.64
N THR I 172 -23.88 -26.91 -25.16
CA THR I 172 -24.94 -26.73 -24.17
C THR I 172 -26.14 -25.93 -24.69
N SER I 173 -26.03 -25.43 -25.91
CA SER I 173 -26.99 -24.53 -26.50
C SER I 173 -27.21 -23.26 -25.69
N LEU I 174 -26.23 -22.86 -24.88
CA LEU I 174 -26.40 -21.73 -23.96
C LEU I 174 -25.93 -20.42 -24.59
N LEU I 175 -26.85 -19.48 -24.70
CA LEU I 175 -26.52 -18.12 -25.08
C LEU I 175 -26.30 -17.31 -23.80
N VAL I 176 -25.19 -16.58 -23.78
CA VAL I 176 -24.81 -15.80 -22.63
C VAL I 176 -24.47 -14.41 -23.07
N ALA I 177 -25.01 -13.42 -22.38
CA ALA I 177 -24.73 -12.06 -22.71
C ALA I 177 -24.42 -11.29 -21.45
N SER I 178 -23.33 -10.55 -21.50
CA SER I 178 -22.90 -9.75 -20.38
C SER I 178 -22.66 -8.31 -20.83
N LEU I 179 -22.88 -7.37 -19.92
CA LEU I 179 -22.64 -5.96 -20.18
C LEU I 179 -21.89 -5.35 -19.05
N VAL I 180 -20.88 -4.56 -19.39
CA VAL I 180 -20.03 -3.94 -18.41
C VAL I 180 -19.86 -2.44 -18.73
N TYR I 181 -19.95 -1.60 -17.69
CA TYR I 181 -19.63 -0.16 -17.79
C TYR I 181 -18.36 0.06 -17.01
N PRO I 182 -17.22 0.07 -17.71
CA PRO I 182 -16.03 0.09 -16.87
C PRO I 182 -15.89 1.35 -16.02
N SER I 183 -16.33 2.51 -16.53
CA SER I 183 -16.30 3.74 -15.74
C SER I 183 -17.11 3.64 -14.44
N GLN I 184 -18.20 2.85 -14.45
CA GLN I 184 -19.04 2.64 -13.26
C GLN I 184 -18.66 1.38 -12.48
N ARG I 185 -17.78 0.56 -13.04
CA ARG I 185 -17.52 -0.79 -12.52
C ARG I 185 -18.79 -1.62 -12.28
N THR I 186 -19.82 -1.44 -13.12
CA THR I 186 -21.06 -2.22 -13.01
C THR I 186 -21.07 -3.31 -14.06
N SER I 187 -21.72 -4.43 -13.71
CA SER I 187 -21.83 -5.56 -14.61
C SER I 187 -23.24 -6.12 -14.59
N ASN I 188 -23.68 -6.66 -15.71
CA ASN I 188 -24.95 -7.41 -15.80
C ASN I 188 -24.74 -8.64 -16.65
N ILE I 189 -25.58 -9.65 -16.42
CA ILE I 189 -25.42 -10.90 -17.11
C ILE I 189 -26.72 -11.67 -17.23
N LEU I 190 -26.80 -12.48 -18.27
CA LEU I 190 -28.00 -13.18 -18.64
C LEU I 190 -27.63 -14.45 -19.36
N SER I 191 -28.37 -15.52 -19.14
CA SER I 191 -28.16 -16.73 -19.94
C SER I 191 -29.41 -17.54 -20.07
N ASP I 192 -29.67 -18.04 -21.28
CA ASP I 192 -30.68 -19.05 -21.47
C ASP I 192 -30.32 -19.95 -22.65
N VAL I 193 -31.02 -21.06 -22.77
CA VAL I 193 -30.84 -21.98 -23.89
C VAL I 193 -31.64 -21.53 -25.12
N VAL I 194 -31.07 -21.77 -26.30
CA VAL I 194 -31.68 -21.42 -27.60
C VAL I 194 -31.30 -22.47 -28.65
N ASP I 195 -32.28 -23.08 -29.29
CA ASP I 195 -32.03 -24.03 -30.35
C ASP I 195 -31.96 -23.26 -31.66
N LEU I 196 -30.76 -23.13 -32.20
CA LEU I 196 -30.53 -22.44 -33.46
C LEU I 196 -31.19 -23.11 -34.64
N LYS I 197 -31.18 -24.45 -34.62
CA LYS I 197 -31.74 -25.27 -35.70
C LYS I 197 -33.22 -24.97 -35.98
N THR I 198 -33.94 -24.66 -34.91
CA THR I 198 -35.39 -24.42 -35.00
C THR I 198 -35.74 -22.95 -34.98
N SER I 199 -34.76 -22.05 -34.88
CA SER I 199 -35.07 -20.62 -34.82
C SER I 199 -34.37 -19.74 -35.86
N LEU I 200 -33.48 -20.35 -36.66
CA LEU I 200 -32.69 -19.64 -37.68
C LEU I 200 -32.45 -20.54 -38.90
N PRO I 201 -32.28 -19.94 -40.10
CA PRO I 201 -31.82 -20.73 -41.25
C PRO I 201 -30.34 -21.13 -41.11
N GLU I 202 -29.89 -22.04 -41.95
CA GLU I 202 -28.52 -22.56 -41.94
C GLU I 202 -27.51 -21.45 -42.04
N TRP I 203 -27.77 -20.50 -42.93
CA TRP I 203 -26.89 -19.36 -43.13
C TRP I 203 -27.63 -18.14 -42.65
N VAL I 204 -26.95 -17.24 -41.93
CA VAL I 204 -27.56 -16.00 -41.45
C VAL I 204 -26.62 -14.85 -41.66
N ARG I 205 -27.14 -13.64 -41.48
CA ARG I 205 -26.29 -12.48 -41.28
C ARG I 205 -26.47 -11.99 -39.86
N ILE I 206 -25.42 -11.39 -39.29
CA ILE I 206 -25.46 -10.84 -37.95
C ILE I 206 -25.34 -9.33 -38.02
N GLY I 207 -25.84 -8.65 -37.01
CA GLY I 207 -25.74 -7.20 -36.99
C GLY I 207 -26.46 -6.54 -35.84
N PHE I 208 -26.67 -5.24 -35.98
CA PHE I 208 -27.28 -4.42 -34.95
C PHE I 208 -28.54 -3.76 -35.46
N SER I 209 -29.54 -3.64 -34.60
CA SER I 209 -30.72 -2.83 -34.89
C SER I 209 -30.99 -1.96 -33.68
N ALA I 210 -31.29 -0.68 -33.94
CA ALA I 210 -31.60 0.24 -32.87
C ALA I 210 -32.74 1.16 -33.25
N ALA I 211 -33.72 1.30 -32.37
CA ALA I 211 -34.87 2.11 -32.66
C ALA I 211 -35.05 3.18 -31.61
N THR I 212 -35.50 4.31 -32.06
CA THR I 212 -35.83 5.43 -31.19
C THR I 212 -37.36 5.35 -30.92
N GLY I 213 -37.88 6.26 -30.10
CA GLY I 213 -39.31 6.19 -29.71
C GLY I 213 -40.27 6.66 -30.79
N LEU I 214 -41.51 6.20 -30.71
CA LEU I 214 -42.53 6.58 -31.70
C LEU I 214 -42.83 8.09 -31.64
N ASP I 215 -43.35 8.60 -30.52
CA ASP I 215 -43.74 10.02 -30.40
C ASP I 215 -42.65 10.86 -29.76
N ILE I 216 -41.65 10.21 -29.18
CA ILE I 216 -40.65 10.91 -28.39
C ILE I 216 -39.24 10.65 -28.97
N PRO I 217 -38.30 11.59 -28.73
CA PRO I 217 -36.94 11.35 -29.14
C PRO I 217 -36.31 10.13 -28.43
N GLY I 218 -36.41 10.09 -27.10
CA GLY I 218 -35.83 9.02 -26.30
C GLY I 218 -34.31 9.03 -26.29
N GLU I 219 -33.66 8.15 -27.02
CA GLU I 219 -32.18 8.06 -27.03
C GLU I 219 -31.65 7.56 -28.38
N SER I 220 -30.48 8.08 -28.74
CA SER I 220 -29.75 7.62 -29.92
C SER I 220 -28.89 6.44 -29.50
N HIS I 221 -28.40 5.70 -30.48
CA HIS I 221 -27.60 4.51 -30.23
C HIS I 221 -26.41 4.45 -31.16
N ASP I 222 -25.20 4.42 -30.58
CA ASP I 222 -23.95 4.38 -31.35
C ASP I 222 -23.15 3.12 -31.00
N VAL I 223 -22.77 2.36 -32.01
CA VAL I 223 -21.85 1.26 -31.80
C VAL I 223 -20.46 1.75 -32.23
N LEU I 224 -19.45 1.52 -31.41
CA LEU I 224 -18.11 2.08 -31.59
C LEU I 224 -17.04 1.09 -32.08
N SER I 225 -17.24 -0.20 -31.76
CA SER I 225 -16.30 -1.26 -32.13
C SER I 225 -17.06 -2.56 -32.28
N TRP I 226 -16.44 -3.55 -32.91
CA TRP I 226 -17.12 -4.83 -33.13
C TRP I 226 -16.14 -5.95 -33.36
N SER I 227 -16.33 -7.06 -32.66
CA SER I 227 -15.63 -8.30 -32.96
C SER I 227 -16.56 -9.45 -33.05
N PHE I 228 -16.26 -10.38 -33.92
CA PHE I 228 -17.03 -11.58 -33.98
C PHE I 228 -16.14 -12.74 -34.42
N ALA I 229 -16.42 -13.93 -33.93
CA ALA I 229 -15.72 -15.12 -34.40
C ALA I 229 -16.65 -16.30 -34.25
N SER I 230 -16.65 -17.21 -35.23
CA SER I 230 -17.59 -18.30 -35.27
C SER I 230 -16.91 -19.55 -35.79
N ASN I 231 -17.41 -20.68 -35.34
CA ASN I 231 -16.79 -21.96 -35.63
C ASN I 231 -17.86 -23.01 -35.81
N LEU I 232 -17.91 -23.62 -37.00
CA LEU I 232 -18.86 -24.68 -37.28
C LEU I 232 -18.09 -25.97 -37.53
N PRO I 233 -18.01 -26.86 -36.52
CA PRO I 233 -17.37 -28.14 -36.74
C PRO I 233 -18.28 -29.12 -37.46
N HIS I 234 -17.71 -30.23 -37.93
CA HIS I 234 -18.53 -31.41 -38.38
C HIS I 234 -19.58 -32.05 -37.42
N ALA J 1 -30.04 30.65 -12.29
CA ALA J 1 -29.19 31.49 -13.21
C ALA J 1 -28.29 32.42 -12.35
N GLU J 2 -27.00 32.14 -12.32
CA GLU J 2 -26.10 32.96 -11.54
C GLU J 2 -25.41 33.96 -12.45
N THR J 3 -25.37 35.22 -12.01
CA THR J 3 -24.58 36.24 -12.71
C THR J 3 -23.60 36.91 -11.79
N VAL J 4 -22.54 37.42 -12.37
CA VAL J 4 -21.61 38.27 -11.66
C VAL J 4 -20.98 39.21 -12.66
N SER J 5 -20.73 40.45 -12.25
CA SER J 5 -20.02 41.42 -13.08
C SER J 5 -19.24 42.36 -12.22
N PHE J 6 -18.23 42.96 -12.82
CA PHE J 6 -17.52 44.06 -12.21
C PHE J 6 -16.79 44.87 -13.26
N SER J 7 -16.45 46.11 -12.93
CA SER J 7 -15.64 46.94 -13.80
C SER J 7 -15.01 48.07 -13.05
N TRP J 8 -13.82 48.47 -13.50
CA TRP J 8 -13.24 49.75 -13.10
C TRP J 8 -12.16 50.15 -14.10
N ASN J 9 -11.85 51.43 -14.05
CA ASN J 9 -10.89 52.05 -14.97
C ASN J 9 -9.57 52.45 -14.33
N LYS J 10 -9.47 52.32 -13.00
CA LYS J 10 -8.24 52.57 -12.20
C LYS J 10 -8.16 51.48 -11.14
N PHE J 11 -6.96 50.98 -10.83
CA PHE J 11 -6.76 50.10 -9.70
C PHE J 11 -6.41 50.98 -8.51
N VAL J 12 -6.73 50.55 -7.29
CA VAL J 12 -6.28 51.26 -6.09
C VAL J 12 -5.44 50.33 -5.19
N PRO J 13 -4.30 50.81 -4.67
CA PRO J 13 -3.41 49.93 -3.91
C PRO J 13 -4.08 49.21 -2.74
N LYS J 14 -3.63 47.98 -2.52
CA LYS J 14 -4.17 47.07 -1.51
C LYS J 14 -5.68 46.86 -1.58
N GLN J 15 -6.26 47.04 -2.75
CA GLN J 15 -7.68 46.78 -2.91
C GLN J 15 -7.97 45.31 -2.62
N PRO J 16 -8.90 45.07 -1.70
CA PRO J 16 -9.22 43.74 -1.16
C PRO J 16 -9.99 42.81 -2.08
N ASN J 17 -10.31 43.25 -3.29
CA ASN J 17 -11.02 42.42 -4.26
C ASN J 17 -10.06 41.87 -5.31
N MET J 18 -8.77 41.90 -5.00
CA MET J 18 -7.73 41.51 -5.94
C MET J 18 -6.67 40.71 -5.16
N ILE J 19 -6.21 39.58 -5.69
CA ILE J 19 -5.15 38.77 -5.06
C ILE J 19 -3.89 38.86 -5.91
N LEU J 20 -2.84 39.43 -5.35
CA LEU J 20 -1.59 39.65 -6.08
C LEU J 20 -0.61 38.52 -5.85
N GLN J 21 0.14 38.17 -6.88
CA GLN J 21 1.04 37.04 -6.82
C GLN J 21 2.35 37.37 -7.50
N GLY J 22 3.44 36.80 -7.01
CA GLY J 22 4.73 37.08 -7.56
C GLY J 22 5.10 38.55 -7.49
N ASP J 23 5.64 39.07 -8.60
CA ASP J 23 6.16 40.42 -8.66
C ASP J 23 5.07 41.51 -8.83
N ALA J 24 3.81 41.12 -8.98
CA ALA J 24 2.75 42.09 -9.24
C ALA J 24 2.62 43.12 -8.13
N ILE J 25 2.47 44.39 -8.53
CA ILE J 25 2.10 45.47 -7.62
C ILE J 25 1.13 46.45 -8.29
N VAL J 26 0.56 47.33 -7.45
CA VAL J 26 -0.36 48.37 -7.90
C VAL J 26 0.28 49.73 -7.61
N THR J 27 0.49 50.52 -8.66
CA THR J 27 1.17 51.82 -8.50
C THR J 27 0.21 52.86 -7.93
N SER J 28 0.76 53.97 -7.47
CA SER J 28 -0.02 55.16 -7.06
C SER J 28 -0.87 55.67 -8.19
N SER J 29 -0.32 55.59 -9.39
CA SER J 29 -1.03 56.06 -10.58
C SER J 29 -2.15 55.11 -11.03
N GLY J 30 -2.34 54.02 -10.31
CA GLY J 30 -3.50 53.14 -10.53
C GLY J 30 -3.30 52.03 -11.54
N LYS J 31 -2.05 51.68 -11.85
CA LYS J 31 -1.72 50.65 -12.85
C LYS J 31 -1.42 49.34 -12.15
N LEU J 32 -1.84 48.23 -12.78
CA LEU J 32 -1.47 46.90 -12.33
C LEU J 32 -0.16 46.55 -13.02
N GLN J 33 0.94 46.80 -12.32
CA GLN J 33 2.28 46.45 -12.78
C GLN J 33 2.49 44.98 -12.57
N LEU J 34 2.48 44.15 -13.60
CA LEU J 34 2.66 42.71 -13.40
C LEU J 34 4.14 42.31 -13.19
N ASN J 35 5.07 43.09 -13.73
CA ASN J 35 6.50 42.77 -13.71
C ASN J 35 7.35 43.83 -13.01
N LYS J 36 8.50 43.39 -12.45
CA LYS J 36 9.43 44.26 -11.70
C LYS J 36 10.06 45.29 -12.63
N VAL J 37 10.21 46.52 -12.14
CA VAL J 37 10.80 47.60 -12.95
C VAL J 37 11.87 48.27 -12.11
N ASP J 38 13.05 48.53 -12.67
CA ASP J 38 14.07 49.25 -11.90
C ASP J 38 13.78 50.76 -11.87
N GLU J 39 14.63 51.52 -11.17
CA GLU J 39 14.33 52.93 -10.84
C GLU J 39 14.05 53.85 -12.04
N ASN J 40 14.65 53.55 -13.19
CA ASN J 40 14.44 54.37 -14.39
C ASN J 40 13.39 53.86 -15.38
N GLY J 41 12.74 52.74 -15.06
CA GLY J 41 11.62 52.22 -15.84
C GLY J 41 11.85 50.87 -16.50
N THR J 42 13.08 50.34 -16.42
CA THR J 42 13.42 49.13 -17.19
C THR J 42 13.00 47.84 -16.47
N PRO J 43 12.34 46.92 -17.20
CA PRO J 43 12.00 45.64 -16.59
C PRO J 43 13.23 44.78 -16.29
N LYS J 44 13.12 43.98 -15.22
CA LYS J 44 14.16 43.08 -14.81
C LYS J 44 13.91 41.72 -15.45
N PRO J 45 14.96 41.01 -15.91
CA PRO J 45 14.75 39.64 -16.39
C PRO J 45 14.23 38.69 -15.30
N SER J 46 13.69 37.56 -15.74
CA SER J 46 13.12 36.55 -14.83
C SER J 46 12.02 37.05 -13.86
N SER J 47 11.45 38.22 -14.15
CA SER J 47 10.23 38.68 -13.50
C SER J 47 9.01 37.89 -13.94
N LEU J 48 8.12 37.67 -12.97
CA LEU J 48 6.85 37.05 -13.19
C LEU J 48 5.86 37.57 -12.16
N GLY J 49 4.70 38.01 -12.66
CA GLY J 49 3.60 38.44 -11.80
C GLY J 49 2.28 37.92 -12.27
N ARG J 50 1.37 37.80 -11.32
CA ARG J 50 0.00 37.47 -11.61
C ARG J 50 -0.91 38.32 -10.72
N ALA J 51 -2.18 38.46 -11.17
CA ALA J 51 -3.23 39.07 -10.36
C ALA J 51 -4.53 38.38 -10.63
N LEU J 52 -5.25 38.06 -9.54
CA LEU J 52 -6.49 37.29 -9.63
C LEU J 52 -7.64 38.13 -9.04
N TYR J 53 -8.83 38.06 -9.60
CA TYR J 53 -10.01 38.66 -9.01
C TYR J 53 -10.42 37.80 -7.85
N SER J 54 -10.67 38.41 -6.69
CA SER J 54 -10.98 37.68 -5.45
C SER J 54 -12.05 36.62 -5.61
N THR J 55 -13.18 37.06 -6.14
CA THR J 55 -14.40 36.28 -6.10
C THR J 55 -14.34 35.15 -7.11
N PRO J 56 -14.56 33.91 -6.66
CA PRO J 56 -14.50 32.81 -7.62
C PRO J 56 -15.71 32.83 -8.53
N ILE J 57 -15.51 32.38 -9.76
CA ILE J 57 -16.57 32.38 -10.75
C ILE J 57 -17.07 30.99 -11.02
N HIS J 58 -18.40 30.85 -11.06
CA HIS J 58 -19.00 29.57 -11.34
C HIS J 58 -19.11 29.35 -12.85
N ILE J 59 -18.19 28.55 -13.39
CA ILE J 59 -17.97 28.40 -14.82
C ILE J 59 -18.76 27.28 -15.49
N TRP J 60 -18.96 26.18 -14.77
CA TRP J 60 -19.91 25.15 -15.21
C TRP J 60 -20.46 24.39 -14.02
N ASP J 61 -21.55 23.67 -14.28
CA ASP J 61 -22.27 22.96 -13.24
C ASP J 61 -22.39 21.49 -13.60
N LYS J 62 -21.97 20.59 -12.70
CA LYS J 62 -21.96 19.15 -12.96
C LYS J 62 -23.38 18.58 -12.98
N GLU J 63 -24.18 18.96 -11.99
CA GLU J 63 -25.57 18.50 -11.91
C GLU J 63 -26.31 18.71 -13.25
N THR J 64 -26.38 19.97 -13.71
CA THR J 64 -27.14 20.31 -14.92
C THR J 64 -26.35 20.21 -16.21
N GLY J 65 -25.02 20.18 -16.12
CA GLY J 65 -24.18 20.15 -17.32
C GLY J 65 -24.11 21.45 -18.11
N SER J 66 -24.64 22.54 -17.56
CA SER J 66 -24.60 23.82 -18.28
C SER J 66 -23.29 24.58 -18.03
N VAL J 67 -22.96 25.45 -18.97
CA VAL J 67 -21.71 26.17 -18.98
C VAL J 67 -22.00 27.66 -19.01
N ALA J 68 -21.10 28.45 -18.45
CA ALA J 68 -21.23 29.90 -18.43
C ALA J 68 -20.89 30.49 -19.78
N SER J 69 -21.57 31.60 -20.12
CA SER J 69 -21.06 32.50 -21.14
C SER J 69 -20.46 33.69 -20.42
N PHE J 70 -19.37 34.25 -20.93
CA PHE J 70 -18.78 35.37 -20.25
C PHE J 70 -18.01 36.28 -21.17
N ALA J 71 -17.60 37.41 -20.60
CA ALA J 71 -16.91 38.41 -21.33
C ALA J 71 -15.93 39.15 -20.46
N ALA J 72 -14.78 39.48 -21.02
CA ALA J 72 -13.76 40.17 -20.26
C ALA J 72 -13.12 41.21 -21.16
N SER J 73 -12.99 42.44 -20.65
CA SER J 73 -12.26 43.47 -21.36
C SER J 73 -11.24 44.15 -20.48
N PHE J 74 -10.16 44.59 -21.09
CA PHE J 74 -9.10 45.26 -20.36
C PHE J 74 -8.24 46.06 -21.29
N ASN J 75 -7.66 47.14 -20.77
CA ASN J 75 -6.61 47.88 -21.47
C ASN J 75 -5.27 47.49 -20.92
N PHE J 76 -4.30 47.25 -21.80
CA PHE J 76 -2.93 47.02 -21.34
C PHE J 76 -1.89 47.58 -22.26
N THR J 77 -0.69 47.72 -21.70
CA THR J 77 0.45 48.28 -22.40
C THR J 77 1.69 47.48 -22.06
N PHE J 78 2.76 47.70 -22.81
CA PHE J 78 4.04 47.10 -22.53
C PHE J 78 5.16 48.04 -22.97
N TYR J 79 6.27 48.03 -22.23
CA TYR J 79 7.45 48.81 -22.56
C TYR J 79 8.61 47.88 -22.80
N ALA J 80 9.10 47.90 -24.04
CA ALA J 80 10.34 47.26 -24.47
C ALA J 80 11.39 48.34 -24.65
N PRO J 81 12.50 48.26 -23.89
CA PRO J 81 13.55 49.24 -24.15
C PRO J 81 14.27 48.95 -25.46
N ASP J 82 14.49 47.68 -25.77
CA ASP J 82 15.00 47.26 -27.07
C ASP J 82 13.88 46.55 -27.82
N THR J 83 13.36 47.26 -28.80
CA THR J 83 12.20 46.81 -29.58
C THR J 83 12.47 45.54 -30.43
N LYS J 84 13.75 45.18 -30.61
CA LYS J 84 14.15 44.03 -31.42
C LYS J 84 14.39 42.78 -30.58
N ARG J 85 14.15 42.83 -29.26
CA ARG J 85 14.41 41.66 -28.40
C ARG J 85 13.44 41.66 -27.20
N LEU J 86 12.42 40.80 -27.33
CA LEU J 86 11.15 40.88 -26.58
C LEU J 86 10.84 39.61 -25.75
N ALA J 87 10.07 39.79 -24.68
CA ALA J 87 10.12 38.93 -23.48
C ALA J 87 8.89 38.12 -23.16
N ASP J 88 8.71 37.05 -23.90
CA ASP J 88 7.68 36.06 -23.58
C ASP J 88 6.25 36.56 -23.70
N GLY J 89 5.77 37.39 -22.78
CA GLY J 89 4.45 37.99 -22.94
C GLY J 89 3.47 38.07 -21.77
N LEU J 90 2.19 38.23 -22.11
CA LEU J 90 1.09 38.47 -21.15
C LEU J 90 -0.13 37.62 -21.48
N ALA J 91 -0.89 37.25 -20.44
CA ALA J 91 -2.02 36.35 -20.59
C ALA J 91 -3.20 36.71 -19.70
N PHE J 92 -4.41 36.54 -20.24
CA PHE J 92 -5.59 36.53 -19.39
C PHE J 92 -5.94 35.05 -19.23
N PHE J 93 -6.30 34.63 -18.02
CA PHE J 93 -6.48 33.21 -17.79
C PHE J 93 -7.51 32.85 -16.75
N LEU J 94 -7.96 31.60 -16.84
CA LEU J 94 -8.91 30.99 -15.89
C LEU J 94 -8.24 29.73 -15.34
N ALA J 95 -8.31 29.56 -14.01
CA ALA J 95 -7.64 28.44 -13.36
C ALA J 95 -8.33 28.12 -12.04
N PRO J 96 -7.95 27.04 -11.35
CA PRO J 96 -8.65 26.71 -10.09
C PRO J 96 -8.50 27.78 -9.01
N ILE J 97 -9.47 27.81 -8.11
CA ILE J 97 -9.52 28.78 -7.00
C ILE J 97 -8.14 29.06 -6.40
N ASP J 98 -7.42 27.97 -6.12
CA ASP J 98 -6.18 28.00 -5.36
C ASP J 98 -4.93 28.07 -6.23
N THR J 99 -5.11 28.55 -7.45
CA THR J 99 -4.01 28.60 -8.42
C THR J 99 -2.80 29.38 -7.90
N LYS J 100 -1.62 28.79 -8.11
CA LYS J 100 -0.30 29.36 -7.78
C LYS J 100 0.48 29.59 -9.07
N PRO J 101 1.47 30.50 -9.05
CA PRO J 101 2.34 30.70 -10.22
C PRO J 101 3.13 29.46 -10.64
N GLN J 102 3.22 29.23 -11.94
CA GLN J 102 4.00 28.11 -12.48
C GLN J 102 5.32 28.65 -13.03
N THR J 103 5.99 27.93 -13.93
CA THR J 103 7.32 28.34 -14.38
C THR J 103 7.24 29.63 -15.16
N HIS J 104 8.32 30.41 -15.03
CA HIS J 104 8.40 31.79 -15.48
C HIS J 104 8.82 31.87 -16.98
N ALA J 105 9.19 33.06 -17.44
CA ALA J 105 9.66 33.27 -18.81
C ALA J 105 8.71 32.69 -19.87
N GLY J 106 9.18 31.80 -20.75
CA GLY J 106 8.34 31.29 -21.85
C GLY J 106 7.11 30.47 -21.47
N TYR J 107 7.03 30.01 -20.22
CA TYR J 107 5.84 29.31 -19.76
C TYR J 107 4.80 30.28 -19.14
N LEU J 108 5.17 31.58 -19.05
CA LEU J 108 4.24 32.68 -18.74
C LEU J 108 3.55 32.58 -17.38
N GLY J 109 4.11 31.79 -16.47
CA GLY J 109 3.50 31.64 -15.17
C GLY J 109 2.29 30.73 -15.14
N LEU J 110 2.04 30.03 -16.24
CA LEU J 110 0.81 29.26 -16.43
C LEU J 110 1.03 27.74 -16.52
N PHE J 111 2.14 27.33 -17.14
CA PHE J 111 2.40 25.91 -17.36
C PHE J 111 3.83 25.55 -16.96
N ASN J 112 4.18 24.28 -17.16
CA ASN J 112 5.51 23.73 -16.88
C ASN J 112 6.00 22.85 -18.04
N GLU J 113 7.27 22.47 -18.04
CA GLU J 113 7.83 21.58 -19.05
C GLU J 113 7.14 20.21 -19.02
N ASN J 114 6.93 19.71 -17.82
CA ASN J 114 6.21 18.43 -17.64
C ASN J 114 4.71 18.57 -18.02
N GLU J 115 3.98 17.47 -17.96
CA GLU J 115 2.55 17.45 -18.31
C GLU J 115 1.83 18.74 -17.92
N SER J 116 1.74 18.98 -16.60
CA SER J 116 1.08 20.18 -16.07
C SER J 116 1.13 20.20 -14.53
N GLN J 119 -5.14 22.96 -14.08
CA GLN J 119 -6.01 22.92 -15.25
C GLN J 119 -6.23 24.36 -15.67
N VAL J 120 -5.57 24.81 -16.74
CA VAL J 120 -5.62 26.21 -17.11
C VAL J 120 -6.12 26.44 -18.52
N VAL J 121 -6.91 27.49 -18.69
CA VAL J 121 -7.38 27.96 -20.02
C VAL J 121 -7.04 29.43 -20.11
N ALA J 122 -6.36 29.85 -21.18
CA ALA J 122 -5.88 31.21 -21.28
C ALA J 122 -5.85 31.76 -22.70
N VAL J 123 -5.80 33.09 -22.77
CA VAL J 123 -5.63 33.77 -24.03
C VAL J 123 -4.33 34.53 -23.90
N GLU J 124 -3.37 34.15 -24.73
CA GLU J 124 -2.00 34.62 -24.57
C GLU J 124 -1.69 35.70 -25.60
N PHE J 125 -0.81 36.62 -25.20
CA PHE J 125 -0.23 37.59 -26.13
C PHE J 125 1.27 37.42 -25.99
N ASP J 126 1.80 36.65 -26.93
CA ASP J 126 3.09 35.97 -26.85
C ASP J 126 4.09 36.68 -27.75
N THR J 127 5.15 37.22 -27.16
CA THR J 127 6.12 38.04 -27.87
C THR J 127 7.37 37.29 -28.35
N PHE J 128 7.71 36.16 -27.72
CA PHE J 128 8.92 35.44 -28.06
C PHE J 128 8.63 34.05 -28.63
N ARG J 129 9.46 33.65 -29.57
CA ARG J 129 9.29 32.36 -30.23
C ARG J 129 10.00 31.20 -29.51
N ASN J 130 9.23 30.41 -28.75
CA ASN J 130 9.73 29.19 -28.14
C ASN J 130 9.61 28.04 -29.14
N SER J 131 10.08 26.86 -28.76
CA SER J 131 10.12 25.69 -29.67
C SER J 131 8.73 25.25 -30.14
N TRP J 132 7.75 25.42 -29.27
CA TRP J 132 6.36 25.03 -29.57
C TRP J 132 5.57 26.12 -30.30
N ASP J 133 6.19 27.29 -30.50
CA ASP J 133 5.49 28.47 -31.04
C ASP J 133 5.55 28.56 -32.54
N PRO J 134 4.54 29.18 -33.16
CA PRO J 134 4.75 29.53 -34.55
C PRO J 134 5.62 30.77 -34.61
N PRO J 135 6.06 31.13 -35.84
CA PRO J 135 6.91 32.30 -35.95
C PRO J 135 6.10 33.57 -35.72
N ASN J 136 6.77 34.59 -35.20
CA ASN J 136 6.24 35.94 -35.02
C ASN J 136 5.26 36.09 -33.85
N PRO J 137 5.26 37.27 -33.20
CA PRO J 137 4.36 37.56 -32.08
C PRO J 137 2.91 37.29 -32.46
N HIS J 138 2.16 36.74 -31.51
CA HIS J 138 0.85 36.19 -31.78
C HIS J 138 -0.10 36.29 -30.59
N ILE J 139 -1.38 36.26 -30.88
CA ILE J 139 -2.38 35.95 -29.87
C ILE J 139 -2.58 34.46 -29.99
N GLY J 140 -2.79 33.77 -28.88
CA GLY J 140 -3.06 32.35 -28.91
C GLY J 140 -4.09 31.94 -27.89
N ILE J 141 -4.81 30.87 -28.21
CA ILE J 141 -5.73 30.26 -27.30
C ILE J 141 -5.09 28.99 -26.78
N ASN J 142 -4.90 28.95 -25.46
CA ASN J 142 -4.18 27.87 -24.82
C ASN J 142 -5.06 27.04 -23.92
N VAL J 143 -5.09 25.72 -24.15
CA VAL J 143 -5.93 24.79 -23.38
C VAL J 143 -5.04 23.75 -22.68
N ASN J 144 -4.80 23.97 -21.39
CA ASN J 144 -4.03 23.05 -20.57
C ASN J 144 -2.58 22.83 -21.02
N SER J 145 -2.04 23.79 -21.78
CA SER J 145 -0.73 23.64 -22.39
C SER J 145 -0.30 24.99 -22.99
N ILE J 146 1.01 25.24 -22.96
CA ILE J 146 1.58 26.47 -23.54
C ILE J 146 1.63 26.43 -25.09
N ARG J 147 1.48 25.22 -25.66
CA ARG J 147 1.25 25.04 -27.10
C ARG J 147 -0.21 25.38 -27.40
N SER J 148 -0.41 26.56 -28.00
CA SER J 148 -1.75 27.07 -28.31
C SER J 148 -2.45 26.13 -29.27
N ILE J 149 -3.73 25.90 -29.05
CA ILE J 149 -4.50 25.09 -30.02
C ILE J 149 -4.70 25.88 -31.33
N LYS J 150 -4.56 27.19 -31.28
CA LYS J 150 -4.64 28.05 -32.45
C LYS J 150 -4.07 29.43 -32.15
N THR J 151 -3.42 30.04 -33.14
CA THR J 151 -2.85 31.38 -32.99
C THR J 151 -3.21 32.26 -34.19
N THR J 152 -3.03 33.57 -34.01
CA THR J 152 -3.08 34.52 -35.11
C THR J 152 -2.04 35.58 -34.86
N SER J 153 -1.72 36.28 -35.94
CA SER J 153 -0.77 37.35 -35.93
C SER J 153 -1.18 38.46 -34.98
N TRP J 154 -0.19 38.97 -34.23
CA TRP J 154 -0.43 40.08 -33.31
C TRP J 154 0.41 41.28 -33.71
N ASP J 155 -0.25 42.34 -34.21
CA ASP J 155 0.43 43.59 -34.58
C ASP J 155 0.82 44.44 -33.36
N LEU J 156 1.82 43.95 -32.63
CA LEU J 156 2.53 44.71 -31.58
C LEU J 156 2.67 46.21 -31.82
N ALA J 157 2.50 46.99 -30.76
CA ALA J 157 2.89 48.39 -30.76
C ALA J 157 3.42 48.74 -29.39
N ASN J 158 4.68 49.15 -29.33
CA ASN J 158 5.35 49.42 -28.06
C ASN J 158 4.67 50.58 -27.33
N ASN J 159 4.43 50.43 -26.03
CA ASN J 159 3.85 51.50 -25.19
C ASN J 159 2.40 51.88 -25.43
N LYS J 160 1.84 51.52 -26.57
CA LYS J 160 0.51 51.96 -26.98
C LYS J 160 -0.55 51.13 -26.27
N VAL J 161 -1.72 51.73 -26.12
CA VAL J 161 -2.81 51.11 -25.39
C VAL J 161 -3.55 50.08 -26.27
N ALA J 162 -3.60 48.85 -25.78
CA ALA J 162 -4.36 47.79 -26.43
C ALA J 162 -5.67 47.56 -25.69
N LYS J 163 -6.78 47.68 -26.43
CA LYS J 163 -8.12 47.44 -25.92
C LYS J 163 -8.44 46.00 -26.28
N VAL J 164 -8.65 45.18 -25.25
CA VAL J 164 -8.88 43.75 -25.44
C VAL J 164 -10.33 43.41 -25.14
N LEU J 165 -10.87 42.47 -25.92
CA LEU J 165 -12.18 41.93 -25.64
C LEU J 165 -12.12 40.43 -25.79
N ILE J 166 -12.46 39.68 -24.75
CA ILE J 166 -12.49 38.24 -24.81
C ILE J 166 -13.89 37.77 -24.45
N THR J 167 -14.42 36.84 -25.22
CA THR J 167 -15.79 36.40 -25.02
C THR J 167 -15.88 34.90 -25.21
N TYR J 168 -16.83 34.29 -24.48
CA TYR J 168 -17.08 32.88 -24.59
C TYR J 168 -18.56 32.67 -24.75
N ASP J 169 -18.94 31.99 -25.84
CA ASP J 169 -20.34 31.63 -26.09
C ASP J 169 -20.54 30.14 -25.79
N ALA J 170 -21.19 29.83 -24.68
CA ALA J 170 -21.41 28.45 -24.29
C ALA J 170 -22.26 27.67 -25.32
N SER J 171 -23.17 28.34 -26.03
CA SER J 171 -24.05 27.65 -26.99
C SER J 171 -23.27 27.04 -28.16
N THR J 172 -22.11 27.65 -28.50
CA THR J 172 -21.21 27.17 -29.57
C THR J 172 -19.83 26.75 -29.06
N SER J 173 -19.61 26.94 -27.76
CA SER J 173 -18.30 26.74 -27.09
C SER J 173 -17.19 27.56 -27.70
N LEU J 174 -17.53 28.68 -28.35
CA LEU J 174 -16.54 29.45 -29.09
C LEU J 174 -15.92 30.54 -28.23
N LEU J 175 -14.60 30.46 -28.05
CA LEU J 175 -13.82 31.48 -27.37
C LEU J 175 -13.26 32.42 -28.43
N VAL J 176 -13.46 33.71 -28.22
CA VAL J 176 -13.07 34.70 -29.19
C VAL J 176 -12.32 35.80 -28.49
N ALA J 177 -11.22 36.20 -29.12
CA ALA J 177 -10.32 37.18 -28.57
C ALA J 177 -10.03 38.21 -29.63
N SER J 178 -10.24 39.48 -29.29
CA SER J 178 -9.87 40.55 -30.20
C SER J 178 -8.95 41.53 -29.49
N LEU J 179 -8.06 42.15 -30.28
CA LEU J 179 -7.16 43.18 -29.78
C LEU J 179 -7.16 44.36 -30.72
N VAL J 180 -7.25 45.56 -30.15
CA VAL J 180 -7.35 46.80 -30.91
C VAL J 180 -6.38 47.83 -30.37
N TYR J 181 -5.63 48.49 -31.26
CA TYR J 181 -4.81 49.62 -30.86
C TYR J 181 -5.44 50.85 -31.49
N PRO J 182 -6.23 51.58 -30.70
CA PRO J 182 -7.00 52.73 -31.24
C PRO J 182 -6.15 53.74 -31.96
N SER J 183 -4.99 54.06 -31.39
CA SER J 183 -4.10 55.05 -32.01
C SER J 183 -3.62 54.65 -33.40
N GLN J 184 -3.46 53.34 -33.63
CA GLN J 184 -2.97 52.79 -34.90
C GLN J 184 -4.15 52.39 -35.82
N ARG J 185 -5.37 52.35 -35.27
CA ARG J 185 -6.51 51.69 -35.93
C ARG J 185 -6.17 50.27 -36.45
N THR J 186 -5.32 49.53 -35.72
CA THR J 186 -5.04 48.15 -36.08
C THR J 186 -5.89 47.22 -35.25
N SER J 187 -6.27 46.07 -35.82
CA SER J 187 -7.17 45.14 -35.17
C SER J 187 -6.72 43.72 -35.42
N ASN J 188 -6.89 42.86 -34.42
CA ASN J 188 -6.61 41.45 -34.58
C ASN J 188 -7.71 40.62 -33.95
N ILE J 189 -7.86 39.38 -34.42
CA ILE J 189 -8.92 38.54 -33.95
C ILE J 189 -8.63 37.06 -34.12
N LEU J 190 -9.20 36.28 -33.21
CA LEU J 190 -8.93 34.87 -33.07
C LEU J 190 -10.18 34.20 -32.52
N SER J 191 -10.40 32.98 -32.96
CA SER J 191 -11.56 32.20 -32.55
C SER J 191 -11.27 30.71 -32.60
N ASP J 192 -11.72 29.99 -31.58
CA ASP J 192 -11.62 28.53 -31.59
C ASP J 192 -12.50 27.95 -30.49
N VAL J 193 -12.79 26.67 -30.61
CA VAL J 193 -13.70 25.98 -29.69
C VAL J 193 -12.94 25.47 -28.46
N VAL J 194 -13.60 25.51 -27.30
CA VAL J 194 -13.06 24.95 -26.06
C VAL J 194 -14.15 24.38 -25.19
N ASP J 195 -13.98 23.15 -24.75
CA ASP J 195 -14.91 22.53 -23.82
C ASP J 195 -14.38 22.82 -22.40
N LEU J 196 -15.09 23.70 -21.72
CA LEU J 196 -14.70 24.13 -20.39
C LEU J 196 -14.83 23.01 -19.37
N LYS J 197 -15.82 22.14 -19.55
CA LYS J 197 -16.07 21.07 -18.58
C LYS J 197 -14.90 20.08 -18.47
N THR J 198 -14.16 19.90 -19.57
CA THR J 198 -13.03 18.98 -19.62
C THR J 198 -11.69 19.70 -19.49
N SER J 199 -11.68 21.03 -19.35
CA SER J 199 -10.41 21.77 -19.22
C SER J 199 -10.28 22.67 -18.01
N LEU J 200 -11.36 22.80 -17.23
CA LEU J 200 -11.35 23.61 -15.99
C LEU J 200 -12.29 23.05 -14.94
N PRO J 201 -12.05 23.39 -13.67
CA PRO J 201 -13.00 22.95 -12.66
C PRO J 201 -14.25 23.81 -12.66
N GLU J 202 -15.26 23.41 -11.89
CA GLU J 202 -16.54 24.08 -11.92
C GLU J 202 -16.45 25.52 -11.50
N TRP J 203 -15.68 25.75 -10.47
CA TRP J 203 -15.42 27.10 -9.97
C TRP J 203 -13.99 27.42 -10.24
N VAL J 204 -13.72 28.66 -10.55
CA VAL J 204 -12.39 29.08 -10.93
C VAL J 204 -12.16 30.50 -10.46
N ARG J 205 -10.91 30.93 -10.63
CA ARG J 205 -10.55 32.32 -10.53
C ARG J 205 -10.04 32.78 -11.88
N ILE J 206 -10.12 34.08 -12.10
CA ILE J 206 -9.70 34.70 -13.35
C ILE J 206 -8.63 35.72 -13.07
N GLY J 207 -7.75 35.97 -14.03
CA GLY J 207 -6.80 37.04 -13.84
C GLY J 207 -5.80 37.19 -14.96
N PHE J 208 -4.70 37.83 -14.61
CA PHE J 208 -3.62 38.00 -15.53
C PHE J 208 -2.35 37.35 -15.05
N SER J 209 -1.50 37.01 -16.02
CA SER J 209 -0.16 36.52 -15.74
C SER J 209 0.75 37.08 -16.84
N ALA J 210 1.94 37.50 -16.44
CA ALA J 210 2.86 38.13 -17.40
C ALA J 210 4.30 37.86 -17.02
N ALA J 211 5.10 37.44 -18.00
CA ALA J 211 6.51 37.05 -17.74
C ALA J 211 7.43 37.87 -18.61
N THR J 212 8.53 38.31 -18.00
CA THR J 212 9.59 38.97 -18.72
C THR J 212 10.61 37.88 -19.16
N GLY J 213 11.65 38.24 -19.91
CA GLY J 213 12.60 37.29 -20.51
C GLY J 213 13.57 36.68 -19.50
N LEU J 214 14.05 35.50 -19.79
CA LEU J 214 15.06 34.94 -18.94
C LEU J 214 16.28 35.83 -18.97
N ASP J 215 17.25 35.38 -19.76
CA ASP J 215 18.53 36.07 -19.94
C ASP J 215 18.29 37.47 -20.32
N ILE J 216 17.17 37.69 -20.98
CA ILE J 216 16.90 38.97 -21.58
C ILE J 216 15.83 39.72 -20.86
N PRO J 217 16.01 41.11 -20.84
CA PRO J 217 14.95 41.81 -20.07
C PRO J 217 13.65 41.56 -20.77
N GLY J 218 13.47 42.30 -21.85
CA GLY J 218 12.37 42.05 -22.77
C GLY J 218 11.42 43.20 -22.86
N GLU J 219 10.27 43.03 -22.23
CA GLU J 219 9.20 44.03 -22.03
C GLU J 219 8.44 43.83 -20.73
N SER J 220 8.01 44.95 -20.14
CA SER J 220 7.12 44.94 -18.97
C SER J 220 5.69 44.86 -19.50
N HIS J 221 4.76 44.56 -18.59
CA HIS J 221 3.33 44.40 -18.92
C HIS J 221 2.47 45.03 -17.83
N ASP J 222 1.66 46.01 -18.20
CA ASP J 222 0.79 46.71 -17.27
C ASP J 222 -0.67 46.62 -17.77
N VAL J 223 -1.57 46.25 -16.87
CA VAL J 223 -2.99 46.35 -17.17
C VAL J 223 -3.53 47.61 -16.49
N LEU J 224 -4.33 48.35 -17.22
CA LEU J 224 -4.83 49.65 -16.78
C LEU J 224 -6.29 49.67 -16.36
N SER J 225 -7.10 48.72 -16.83
CA SER J 225 -8.53 48.68 -16.53
C SER J 225 -9.01 47.25 -16.68
N TRP J 226 -10.20 46.93 -16.14
CA TRP J 226 -10.72 45.58 -16.20
C TRP J 226 -12.22 45.54 -16.06
N SER J 227 -12.88 44.80 -16.96
CA SER J 227 -14.28 44.46 -16.81
C SER J 227 -14.52 43.01 -17.07
N PHE J 228 -15.55 42.50 -16.42
CA PHE J 228 -15.92 41.13 -16.57
C PHE J 228 -17.39 40.93 -16.27
N ALA J 229 -18.04 40.04 -17.01
CA ALA J 229 -19.36 39.58 -16.64
C ALA J 229 -19.50 38.12 -17.04
N SER J 230 -20.15 37.33 -16.21
CA SER J 230 -20.43 35.95 -16.56
C SER J 230 -21.86 35.64 -16.22
N ASN J 231 -22.44 34.71 -16.97
CA ASN J 231 -23.78 34.25 -16.73
C ASN J 231 -23.82 32.74 -16.85
N LEU J 232 -24.24 32.07 -15.78
CA LEU J 232 -24.37 30.64 -15.77
C LEU J 232 -25.85 30.26 -15.70
N PRO J 233 -26.44 29.83 -16.83
CA PRO J 233 -27.83 29.41 -16.77
C PRO J 233 -28.00 28.07 -16.07
N HIS J 234 -29.19 27.85 -15.49
CA HIS J 234 -29.67 26.53 -15.06
C HIS J 234 -30.17 25.75 -16.26
N ALA K 1 5.57 -7.18 -28.45
CA ALA K 1 4.26 -7.72 -27.93
C ALA K 1 4.41 -9.18 -27.56
N GLU K 2 4.42 -9.47 -26.24
CA GLU K 2 4.55 -10.83 -25.72
C GLU K 2 3.17 -11.46 -25.61
N THR K 3 3.05 -12.70 -26.05
CA THR K 3 1.80 -13.45 -25.88
C THR K 3 2.06 -14.85 -25.43
N VAL K 4 1.07 -15.42 -24.78
CA VAL K 4 1.10 -16.83 -24.42
C VAL K 4 -0.34 -17.29 -24.32
N SER K 5 -0.59 -18.54 -24.68
CA SER K 5 -1.88 -19.14 -24.47
C SER K 5 -1.73 -20.64 -24.28
N PHE K 6 -2.72 -21.24 -23.66
CA PHE K 6 -2.88 -22.69 -23.68
C PHE K 6 -4.35 -23.04 -23.43
N SER K 7 -4.68 -24.29 -23.72
CA SER K 7 -5.94 -24.84 -23.28
C SER K 7 -5.89 -26.35 -23.25
N TRP K 8 -6.64 -26.93 -22.33
CA TRP K 8 -6.95 -28.32 -22.40
C TRP K 8 -8.31 -28.62 -21.79
N ASN K 9 -8.87 -29.75 -22.27
CA ASN K 9 -10.19 -30.35 -21.96
C ASN K 9 -10.17 -31.29 -20.77
N LYS K 10 -9.02 -31.96 -20.60
CA LYS K 10 -8.83 -32.95 -19.53
C LYS K 10 -7.39 -32.84 -19.03
N PHE K 11 -7.18 -33.16 -17.76
CA PHE K 11 -5.86 -33.15 -17.16
C PHE K 11 -5.30 -34.58 -17.28
N VAL K 12 -3.99 -34.75 -17.36
CA VAL K 12 -3.39 -36.10 -17.35
C VAL K 12 -2.33 -36.20 -16.23
N PRO K 13 -2.36 -37.30 -15.47
CA PRO K 13 -1.46 -37.50 -14.33
C PRO K 13 0.03 -37.22 -14.64
N LYS K 14 0.71 -36.58 -13.68
CA LYS K 14 2.14 -36.24 -13.79
C LYS K 14 2.46 -35.35 -15.00
N GLN K 15 1.49 -34.61 -15.52
CA GLN K 15 1.80 -33.71 -16.63
C GLN K 15 2.78 -32.64 -16.13
N PRO K 16 3.92 -32.49 -16.83
CA PRO K 16 4.98 -31.63 -16.28
C PRO K 16 4.81 -30.14 -16.57
N ASN K 17 3.66 -29.73 -17.09
CA ASN K 17 3.38 -28.32 -17.28
C ASN K 17 2.45 -27.79 -16.18
N MET K 18 2.39 -28.54 -15.09
CA MET K 18 1.54 -28.23 -13.97
C MET K 18 2.32 -28.47 -12.69
N ILE K 19 2.14 -27.57 -11.72
CA ILE K 19 2.81 -27.69 -10.45
C ILE K 19 1.78 -27.91 -9.36
N LEU K 20 1.81 -29.10 -8.74
CA LEU K 20 0.83 -29.43 -7.69
C LEU K 20 1.38 -29.14 -6.31
N GLN K 21 0.49 -28.75 -5.44
CA GLN K 21 0.84 -28.35 -4.09
C GLN K 21 -0.23 -28.85 -3.12
N GLY K 22 0.18 -29.16 -1.89
CA GLY K 22 -0.72 -29.68 -0.86
C GLY K 22 -1.42 -30.96 -1.31
N ASP K 23 -2.72 -31.03 -1.11
CA ASP K 23 -3.50 -32.26 -1.37
C ASP K 23 -3.86 -32.49 -2.84
N ALA K 24 -3.54 -31.53 -3.70
CA ALA K 24 -4.00 -31.61 -5.08
C ALA K 24 -3.43 -32.80 -5.83
N ILE K 25 -4.28 -33.50 -6.57
CA ILE K 25 -3.84 -34.52 -7.52
C ILE K 25 -4.65 -34.45 -8.83
N VAL K 26 -4.14 -35.09 -9.88
CA VAL K 26 -4.89 -35.34 -11.11
C VAL K 26 -5.35 -36.81 -11.06
N THR K 27 -6.66 -37.03 -11.14
CA THR K 27 -7.23 -38.37 -11.13
C THR K 27 -7.00 -39.05 -12.48
N SER K 28 -7.20 -40.36 -12.54
CA SER K 28 -7.13 -41.10 -13.79
C SER K 28 -8.27 -40.67 -14.73
N SER K 29 -9.40 -40.22 -14.17
CA SER K 29 -10.50 -39.70 -14.98
C SER K 29 -10.24 -38.32 -15.56
N GLY K 30 -9.09 -37.74 -15.25
CA GLY K 30 -8.68 -36.47 -15.89
C GLY K 30 -9.12 -35.20 -15.17
N LYS K 31 -9.47 -35.30 -13.89
CA LYS K 31 -9.87 -34.13 -13.07
C LYS K 31 -8.72 -33.65 -12.26
N LEU K 32 -8.64 -32.34 -12.07
CA LEU K 32 -7.77 -31.73 -11.09
C LEU K 32 -8.50 -31.72 -9.77
N GLN K 33 -8.29 -32.75 -8.97
CA GLN K 33 -8.92 -32.89 -7.66
C GLN K 33 -8.11 -32.11 -6.64
N LEU K 34 -8.60 -30.95 -6.20
CA LEU K 34 -7.85 -30.08 -5.32
C LEU K 34 -7.85 -30.59 -3.86
N ASN K 35 -8.88 -31.29 -3.43
CA ASN K 35 -8.95 -31.69 -2.01
C ASN K 35 -8.89 -33.20 -1.79
N LYS K 36 -8.46 -33.61 -0.59
CA LYS K 36 -8.51 -35.04 -0.23
C LYS K 36 -9.96 -35.49 -0.10
N VAL K 37 -10.15 -36.75 -0.45
CA VAL K 37 -11.46 -37.40 -0.48
C VAL K 37 -11.25 -38.84 0.02
N ASP K 38 -12.17 -39.34 0.87
CA ASP K 38 -12.15 -40.72 1.31
C ASP K 38 -12.64 -41.67 0.21
N GLU K 39 -12.64 -42.99 0.48
CA GLU K 39 -12.80 -43.99 -0.60
C GLU K 39 -14.09 -43.88 -1.42
N ASN K 40 -15.16 -43.35 -0.83
CA ASN K 40 -16.45 -43.21 -1.56
C ASN K 40 -16.71 -41.82 -2.14
N GLY K 41 -15.75 -40.88 -1.98
CA GLY K 41 -15.87 -39.55 -2.59
C GLY K 41 -16.00 -38.37 -1.62
N THR K 42 -16.09 -38.66 -0.33
CA THR K 42 -16.36 -37.62 0.66
C THR K 42 -15.13 -36.86 1.10
N PRO K 43 -15.22 -35.50 1.11
CA PRO K 43 -14.09 -34.65 1.49
C PRO K 43 -13.66 -34.78 2.93
N LYS K 44 -12.36 -34.66 3.18
CA LYS K 44 -11.82 -34.62 4.53
C LYS K 44 -11.75 -33.18 4.99
N PRO K 45 -12.03 -32.95 6.28
CA PRO K 45 -11.78 -31.62 6.86
C PRO K 45 -10.30 -31.19 6.78
N SER K 46 -10.09 -29.88 6.90
CA SER K 46 -8.77 -29.21 6.81
C SER K 46 -7.90 -29.56 5.59
N SER K 47 -8.54 -30.04 4.53
CA SER K 47 -7.86 -30.24 3.25
C SER K 47 -7.57 -28.92 2.54
N LEU K 48 -6.44 -28.90 1.86
CA LEU K 48 -6.02 -27.74 1.08
C LEU K 48 -5.17 -28.23 -0.09
N GLY K 49 -5.57 -27.88 -1.32
CA GLY K 49 -4.79 -28.19 -2.51
C GLY K 49 -4.67 -26.99 -3.43
N ARG K 50 -3.56 -26.95 -4.16
CA ARG K 50 -3.37 -25.93 -5.17
C ARG K 50 -2.70 -26.56 -6.39
N ALA K 51 -2.86 -25.87 -7.53
CA ALA K 51 -2.20 -26.24 -8.76
C ALA K 51 -1.88 -24.97 -9.53
N LEU K 52 -0.63 -24.85 -10.02
CA LEU K 52 -0.17 -23.73 -10.82
C LEU K 52 0.21 -24.22 -12.22
N TYR K 53 0.04 -23.35 -13.20
CA TYR K 53 0.62 -23.56 -14.52
C TYR K 53 2.13 -23.32 -14.38
N SER K 54 2.94 -24.27 -14.87
CA SER K 54 4.41 -24.19 -14.78
C SER K 54 4.96 -22.85 -15.16
N THR K 55 4.67 -22.34 -15.83
CA THR K 55 5.27 -21.39 -16.70
C THR K 55 4.96 -19.98 -16.34
N PRO K 56 5.84 -19.15 -16.01
CA PRO K 56 5.40 -17.86 -15.50
C PRO K 56 4.86 -16.93 -16.54
N ILE K 57 3.96 -16.06 -16.15
CA ILE K 57 3.32 -15.13 -17.04
C ILE K 57 3.89 -13.72 -16.83
N HIS K 58 4.19 -13.03 -17.93
CA HIS K 58 4.67 -11.66 -17.87
C HIS K 58 3.50 -10.68 -17.77
N ILE K 59 3.24 -10.21 -16.55
CA ILE K 59 2.00 -9.51 -16.22
C ILE K 59 2.08 -7.98 -16.33
N TRP K 60 3.22 -7.42 -16.01
CA TRP K 60 3.51 -6.05 -16.47
C TRP K 60 5.01 -5.95 -16.84
N ASP K 61 5.39 -5.00 -17.68
CA ASP K 61 6.77 -4.81 -18.14
C ASP K 61 7.35 -3.59 -17.46
N LYS K 62 8.53 -3.73 -16.85
CA LYS K 62 9.08 -2.62 -16.09
C LYS K 62 9.63 -1.53 -16.98
N GLU K 63 10.36 -1.91 -18.03
CA GLU K 63 10.88 -0.94 -18.99
C GLU K 63 9.81 0.05 -19.47
N THR K 64 8.71 -0.45 -20.02
CA THR K 64 7.67 0.40 -20.60
C THR K 64 6.57 0.78 -19.61
N GLY K 65 6.45 0.05 -18.50
CA GLY K 65 5.38 0.32 -17.53
C GLY K 65 3.99 -0.14 -17.98
N SER K 66 3.90 -0.87 -19.11
CA SER K 66 2.62 -1.32 -19.63
C SER K 66 2.14 -2.61 -18.94
N VAL K 67 0.82 -2.80 -18.93
CA VAL K 67 0.20 -3.89 -18.21
C VAL K 67 -0.39 -4.90 -19.18
N ALA K 68 -0.33 -6.18 -18.82
CA ALA K 68 -0.89 -7.24 -19.65
C ALA K 68 -2.42 -7.28 -19.54
N SER K 69 -3.04 -7.69 -20.64
CA SER K 69 -4.44 -8.04 -20.65
C SER K 69 -4.52 -9.56 -20.76
N PHE K 70 -5.49 -10.19 -20.11
CA PHE K 70 -5.55 -11.64 -20.13
C PHE K 70 -6.93 -12.16 -19.89
N ALA K 71 -7.09 -13.45 -20.16
CA ALA K 71 -8.34 -14.13 -20.04
C ALA K 71 -8.12 -15.56 -19.56
N ALA K 72 -9.01 -16.01 -18.71
CA ALA K 72 -8.92 -17.34 -18.11
C ALA K 72 -10.30 -17.94 -18.08
N SER K 73 -10.42 -19.20 -18.51
CA SER K 73 -11.67 -19.95 -18.35
C SER K 73 -11.42 -21.34 -17.85
N PHE K 74 -12.39 -21.88 -17.14
CA PHE K 74 -12.33 -23.22 -16.63
C PHE K 74 -13.71 -23.70 -16.22
N ASN K 75 -13.92 -25.01 -16.29
CA ASN K 75 -15.10 -25.64 -15.71
C ASN K 75 -14.71 -26.24 -14.36
N PHE K 76 -15.55 -26.07 -13.35
CA PHE K 76 -15.31 -26.70 -12.05
C PHE K 76 -16.59 -27.08 -11.34
N THR K 77 -16.50 -28.10 -10.50
CA THR K 77 -17.63 -28.65 -9.75
C THR K 77 -17.27 -28.80 -8.30
N PHE K 78 -18.27 -29.06 -7.47
CA PHE K 78 -18.01 -29.45 -6.10
C PHE K 78 -19.01 -30.51 -5.66
N TYR K 79 -18.59 -31.32 -4.70
CA TYR K 79 -19.48 -32.32 -4.07
C TYR K 79 -19.57 -32.02 -2.59
N ALA K 80 -20.78 -31.66 -2.15
CA ALA K 80 -21.09 -31.47 -0.74
C ALA K 80 -22.00 -32.61 -0.30
N PRO K 81 -21.56 -33.44 0.65
CA PRO K 81 -22.45 -34.50 1.13
C PRO K 81 -23.59 -33.94 1.98
N ASP K 82 -23.30 -32.93 2.81
CA ASP K 82 -24.33 -32.16 3.49
C ASP K 82 -24.41 -30.79 2.87
N THR K 83 -25.46 -30.59 2.08
CA THR K 83 -25.68 -29.35 1.35
C THR K 83 -25.96 -28.11 2.25
N LYS K 84 -26.25 -28.33 3.52
CA LYS K 84 -26.50 -27.22 4.44
C LYS K 84 -25.31 -26.90 5.34
N ARG K 85 -24.15 -27.46 5.04
CA ARG K 85 -22.91 -27.14 5.76
C ARG K 85 -21.71 -27.16 4.81
N LEU K 86 -21.28 -25.97 4.37
CA LEU K 86 -20.32 -25.83 3.24
C LEU K 86 -18.98 -25.21 3.60
N ALA K 87 -17.94 -25.59 2.82
CA ALA K 87 -16.54 -25.54 3.28
C ALA K 87 -15.62 -24.58 2.57
N ASP K 88 -15.74 -23.33 2.95
CA ASP K 88 -14.82 -22.29 2.52
C ASP K 88 -14.81 -21.99 1.04
N GLY K 89 -14.27 -22.84 0.18
CA GLY K 89 -14.38 -22.60 -1.25
C GLY K 89 -13.18 -22.82 -2.16
N LEU K 90 -13.24 -22.21 -3.36
CA LEU K 90 -12.17 -22.29 -4.38
C LEU K 90 -11.85 -20.93 -4.99
N ALA K 91 -10.64 -20.80 -5.49
CA ALA K 91 -10.16 -19.53 -6.06
C ALA K 91 -9.22 -19.70 -7.23
N PHE K 92 -9.32 -18.77 -8.18
CA PHE K 92 -8.35 -18.60 -9.24
C PHE K 92 -7.45 -17.48 -8.83
N PHE K 93 -6.13 -17.62 -9.01
CA PHE K 93 -5.21 -16.59 -8.56
C PHE K 93 -3.98 -16.38 -9.40
N LEU K 94 -3.40 -15.18 -9.23
CA LEU K 94 -2.08 -14.83 -9.70
C LEU K 94 -1.20 -14.50 -8.48
N ALA K 95 0.04 -14.90 -8.51
CA ALA K 95 0.91 -14.73 -7.34
C ALA K 95 2.36 -14.88 -7.77
N PRO K 96 3.33 -14.60 -6.87
CA PRO K 96 4.73 -14.66 -7.26
C PRO K 96 5.18 -16.05 -7.69
N ILE K 97 6.19 -16.09 -8.56
CA ILE K 97 6.69 -17.35 -9.10
C ILE K 97 6.89 -18.43 -8.01
N ASP K 98 7.39 -18.05 -6.84
CA ASP K 98 7.77 -19.03 -5.80
C ASP K 98 6.66 -19.26 -4.78
N THR K 99 5.42 -18.91 -5.15
CA THR K 99 4.28 -19.00 -4.23
C THR K 99 4.11 -20.39 -3.62
N LYS K 100 3.90 -20.40 -2.31
CA LYS K 100 3.58 -21.62 -1.58
C LYS K 100 2.23 -21.50 -0.91
N PRO K 101 1.65 -22.65 -0.48
CA PRO K 101 0.40 -22.72 0.31
C PRO K 101 0.41 -21.85 1.58
N GLN K 102 -0.64 -21.05 1.81
CA GLN K 102 -0.77 -20.25 3.03
C GLN K 102 -1.80 -20.92 3.95
N THR K 103 -2.45 -20.17 4.86
CA THR K 103 -3.34 -20.81 5.82
C THR K 103 -4.56 -21.38 5.09
N HIS K 104 -5.07 -22.48 5.62
CA HIS K 104 -6.12 -23.27 4.97
C HIS K 104 -7.52 -22.78 5.33
N ALA K 105 -8.53 -23.60 5.08
CA ALA K 105 -9.93 -23.27 5.44
C ALA K 105 -10.38 -21.90 4.91
N GLY K 106 -10.83 -20.99 5.76
CA GLY K 106 -11.34 -19.69 5.34
C GLY K 106 -10.38 -18.75 4.61
N TYR K 107 -9.07 -18.99 4.78
CA TYR K 107 -8.04 -18.21 4.08
C TYR K 107 -7.69 -18.80 2.69
N LEU K 108 -8.29 -19.95 2.38
CA LEU K 108 -8.32 -20.50 1.04
C LEU K 108 -6.92 -20.84 0.46
N GLY K 109 -5.93 -21.01 1.34
CA GLY K 109 -4.59 -21.35 0.92
C GLY K 109 -3.84 -20.20 0.29
N LEU K 110 -4.37 -18.97 0.42
CA LEU K 110 -3.81 -17.79 -0.30
C LEU K 110 -3.33 -16.67 0.60
N PHE K 111 -4.01 -16.45 1.71
CA PHE K 111 -3.64 -15.40 2.63
C PHE K 111 -3.49 -15.93 4.06
N ASN K 112 -3.17 -15.00 4.98
CA ASN K 112 -3.03 -15.28 6.42
C ASN K 112 -3.65 -14.19 7.27
N GLU K 113 -3.95 -14.48 8.53
CA GLU K 113 -4.48 -13.48 9.47
C GLU K 113 -3.47 -12.34 9.65
N ASN K 114 -2.18 -12.69 9.75
CA ASN K 114 -1.11 -11.72 9.89
C ASN K 114 -0.97 -10.81 8.66
N GLU K 115 -0.09 -9.83 8.78
CA GLU K 115 0.18 -8.85 7.71
C GLU K 115 0.00 -9.43 6.32
N ASP K 118 2.64 -13.39 0.49
CA ASP K 118 2.79 -13.13 -0.96
C ASP K 118 2.17 -11.77 -1.38
N GLN K 119 2.39 -11.42 -2.65
CA GLN K 119 1.54 -10.45 -3.34
C GLN K 119 0.56 -11.26 -4.19
N VAL K 120 -0.69 -11.38 -3.74
CA VAL K 120 -1.65 -12.27 -4.37
C VAL K 120 -2.90 -11.54 -4.81
N VAL K 121 -3.35 -11.86 -6.03
CA VAL K 121 -4.63 -11.39 -6.55
C VAL K 121 -5.44 -12.64 -6.89
N ALA K 122 -6.70 -12.61 -6.48
CA ALA K 122 -7.57 -13.75 -6.72
C ALA K 122 -9.00 -13.37 -7.00
N VAL K 123 -9.70 -14.35 -7.58
CA VAL K 123 -11.12 -14.32 -7.65
C VAL K 123 -11.58 -15.53 -6.89
N GLU K 124 -12.32 -15.31 -5.81
CA GLU K 124 -12.75 -16.39 -4.94
C GLU K 124 -14.20 -16.77 -5.21
N PHE K 125 -14.46 -18.05 -4.97
CA PHE K 125 -15.78 -18.63 -5.00
C PHE K 125 -16.01 -19.25 -3.63
N ASP K 126 -16.63 -18.45 -2.76
CA ASP K 126 -16.55 -18.62 -1.32
C ASP K 126 -17.88 -19.10 -0.78
N THR K 127 -17.85 -20.28 -0.14
CA THR K 127 -19.06 -20.99 0.31
C THR K 127 -19.44 -20.75 1.78
N PHE K 128 -18.47 -20.34 2.60
CA PHE K 128 -18.72 -20.18 4.03
C PHE K 128 -18.49 -18.74 4.48
N ARG K 129 -19.38 -18.27 5.35
CA ARG K 129 -19.32 -16.94 5.95
C ARG K 129 -18.34 -16.82 7.12
N ASN K 130 -17.16 -16.28 6.85
CA ASN K 130 -16.24 -15.85 7.89
C ASN K 130 -16.67 -14.46 8.37
N SER K 131 -15.98 -13.94 9.39
CA SER K 131 -16.32 -12.63 9.98
C SER K 131 -16.22 -11.49 8.96
N TRP K 132 -15.28 -11.61 8.02
CA TRP K 132 -15.07 -10.59 6.97
C TRP K 132 -15.99 -10.74 5.76
N ASP K 133 -16.85 -11.75 5.77
CA ASP K 133 -17.63 -12.08 4.58
C ASP K 133 -19.02 -11.48 4.61
N PRO K 134 -19.60 -11.26 3.42
CA PRO K 134 -21.02 -10.98 3.36
C PRO K 134 -21.80 -12.26 3.63
N PRO K 135 -23.11 -12.13 3.85
CA PRO K 135 -23.88 -13.35 4.00
C PRO K 135 -24.02 -14.05 2.65
N ASN K 136 -24.16 -15.36 2.70
CA ASN K 136 -24.30 -16.23 1.51
C ASN K 136 -23.10 -16.42 0.64
N PRO K 137 -23.09 -17.54 -0.06
CA PRO K 137 -22.07 -17.80 -1.05
C PRO K 137 -21.91 -16.65 -2.02
N HIS K 138 -20.68 -16.37 -2.41
CA HIS K 138 -20.36 -15.21 -3.24
C HIS K 138 -19.13 -15.46 -4.12
N ILE K 139 -19.04 -14.61 -5.13
CA ILE K 139 -17.86 -14.42 -5.91
C ILE K 139 -17.21 -13.19 -5.32
N GLY K 140 -15.88 -13.16 -5.25
CA GLY K 140 -15.17 -12.01 -4.70
C GLY K 140 -13.88 -11.74 -5.45
N ILE K 141 -13.52 -10.46 -5.54
CA ILE K 141 -12.23 -10.01 -6.06
C ILE K 141 -11.36 -9.66 -4.85
N ASN K 142 -10.28 -10.42 -4.67
CA ASN K 142 -9.39 -10.25 -3.53
C ASN K 142 -8.04 -9.68 -3.97
N VAL K 143 -7.64 -8.54 -3.39
CA VAL K 143 -6.35 -7.89 -3.71
C VAL K 143 -5.46 -7.82 -2.46
N ASN K 144 -4.52 -8.75 -2.37
CA ASN K 144 -3.59 -8.83 -1.24
C ASN K 144 -4.28 -9.02 0.12
N SER K 145 -5.53 -9.53 0.12
CA SER K 145 -6.34 -9.65 1.34
C SER K 145 -7.52 -10.59 1.12
N ILE K 146 -7.86 -11.39 2.13
CA ILE K 146 -9.04 -12.29 2.10
C ILE K 146 -10.36 -11.52 2.19
N ARG K 147 -10.31 -10.27 2.65
CA ARG K 147 -11.47 -9.38 2.57
C ARG K 147 -11.54 -8.81 1.16
N SER K 148 -12.50 -9.32 0.38
CA SER K 148 -12.63 -8.96 -1.04
C SER K 148 -12.94 -7.48 -1.15
N ILE K 149 -12.33 -6.80 -2.11
CA ILE K 149 -12.70 -5.37 -2.38
C ILE K 149 -14.11 -5.25 -2.90
N LYS K 150 -14.62 -6.32 -3.47
CA LYS K 150 -15.99 -6.36 -3.93
C LYS K 150 -16.48 -7.81 -4.05
N THR K 151 -17.76 -8.03 -3.77
CA THR K 151 -18.37 -9.34 -3.99
C THR K 151 -19.73 -9.22 -4.64
N THR K 152 -20.21 -10.32 -5.17
CA THR K 152 -21.56 -10.46 -5.64
C THR K 152 -22.03 -11.85 -5.30
N SER K 153 -23.34 -12.00 -5.33
CA SER K 153 -23.95 -13.27 -4.95
C SER K 153 -23.58 -14.39 -5.93
N TRP K 154 -23.30 -15.58 -5.42
CA TRP K 154 -22.94 -16.75 -6.20
C TRP K 154 -24.02 -17.83 -6.04
N ASP K 155 -24.73 -18.12 -7.11
CA ASP K 155 -25.85 -19.09 -7.08
C ASP K 155 -25.35 -20.55 -7.18
N LEU K 156 -24.65 -21.02 -6.15
CA LEU K 156 -24.28 -22.44 -5.95
C LEU K 156 -25.20 -23.48 -6.54
N ALA K 157 -24.61 -24.52 -7.11
CA ALA K 157 -25.30 -25.75 -7.43
C ALA K 157 -24.35 -26.90 -7.17
N ASN K 158 -24.74 -27.80 -6.27
CA ASN K 158 -23.94 -28.98 -5.93
C ASN K 158 -23.75 -29.86 -7.17
N ASN K 159 -22.53 -30.33 -7.38
CA ASN K 159 -22.19 -31.26 -8.47
C ASN K 159 -22.19 -30.73 -9.87
N LYS K 160 -22.90 -29.62 -10.11
CA LYS K 160 -23.06 -29.11 -11.48
C LYS K 160 -21.84 -28.40 -11.95
N VAL K 161 -21.67 -28.38 -13.27
CA VAL K 161 -20.57 -27.68 -13.92
C VAL K 161 -20.77 -26.16 -13.91
N ALA K 162 -19.83 -25.46 -13.28
CA ALA K 162 -19.67 -24.03 -13.37
C ALA K 162 -18.69 -23.70 -14.49
N LYS K 163 -19.13 -22.91 -15.48
CA LYS K 163 -18.24 -22.39 -16.51
C LYS K 163 -17.83 -21.01 -16.07
N VAL K 164 -16.54 -20.82 -15.82
CA VAL K 164 -16.01 -19.55 -15.35
C VAL K 164 -15.24 -18.85 -16.45
N LEU K 165 -15.32 -17.53 -16.45
CA LEU K 165 -14.51 -16.73 -17.33
C LEU K 165 -14.01 -15.54 -16.50
N ILE K 166 -12.71 -15.32 -16.46
CA ILE K 166 -12.14 -14.15 -15.84
C ILE K 166 -11.31 -13.40 -16.85
N THR K 167 -11.49 -12.08 -16.91
CA THR K 167 -10.80 -11.26 -17.87
C THR K 167 -10.25 -10.02 -17.20
N TYR K 168 -9.15 -9.52 -17.72
CA TYR K 168 -8.58 -8.30 -17.28
C TYR K 168 -8.25 -7.43 -18.48
N ASP K 169 -8.74 -6.20 -18.45
CA ASP K 169 -8.48 -5.27 -19.52
C ASP K 169 -7.56 -4.15 -18.97
N ALA K 170 -6.30 -4.18 -19.41
CA ALA K 170 -5.33 -3.19 -18.95
C ALA K 170 -5.71 -1.76 -19.30
N SER K 171 -6.42 -1.55 -20.42
CA SER K 171 -6.76 -0.21 -20.85
C SER K 171 -7.70 0.52 -19.86
N THR K 172 -8.50 -0.24 -19.11
CA THR K 172 -9.40 0.30 -18.06
C THR K 172 -9.07 -0.22 -16.67
N SER K 173 -8.10 -1.13 -16.58
CA SER K 173 -7.76 -1.84 -15.35
C SER K 173 -8.90 -2.66 -14.76
N LEU K 174 -9.87 -3.03 -15.59
CA LEU K 174 -11.04 -3.73 -15.12
C LEU K 174 -10.88 -5.23 -15.11
N LEU K 175 -11.03 -5.82 -13.92
CA LEU K 175 -11.16 -7.26 -13.79
C LEU K 175 -12.62 -7.63 -13.77
N VAL K 176 -12.98 -8.60 -14.61
CA VAL K 176 -14.33 -9.11 -14.67
C VAL K 176 -14.33 -10.62 -14.52
N ALA K 177 -15.19 -11.11 -13.65
CA ALA K 177 -15.30 -12.55 -13.38
C ALA K 177 -16.76 -12.91 -13.53
N SER K 178 -17.06 -13.89 -14.39
CA SER K 178 -18.42 -14.34 -14.61
C SER K 178 -18.49 -15.86 -14.35
N LEU K 179 -19.65 -16.31 -13.90
CA LEU K 179 -19.88 -17.72 -13.61
C LEU K 179 -21.22 -18.14 -14.14
N VAL K 180 -21.26 -19.27 -14.83
CA VAL K 180 -22.48 -19.76 -15.45
C VAL K 180 -22.68 -21.26 -15.17
N TYR K 181 -23.90 -21.63 -14.80
CA TYR K 181 -24.29 -23.04 -14.64
C TYR K 181 -25.22 -23.36 -15.81
N PRO K 182 -24.69 -23.97 -16.87
CA PRO K 182 -25.55 -24.11 -18.04
C PRO K 182 -26.77 -24.98 -17.78
N SER K 183 -26.63 -26.03 -16.96
CA SER K 183 -27.79 -26.88 -16.61
C SER K 183 -28.91 -26.09 -15.93
N GLN K 184 -28.55 -25.06 -15.16
CA GLN K 184 -29.54 -24.25 -14.44
CA GLN K 184 -29.49 -24.22 -14.41
C GLN K 184 -29.89 -22.96 -15.21
N ARG K 185 -29.18 -22.68 -16.30
CA ARG K 185 -29.16 -21.40 -17.00
C ARG K 185 -29.09 -20.18 -16.04
N THR K 186 -28.29 -20.31 -14.97
CA THR K 186 -28.04 -19.18 -14.04
C THR K 186 -26.71 -18.55 -14.37
N SER K 187 -26.62 -17.26 -14.12
CA SER K 187 -25.43 -16.44 -14.44
C SER K 187 -25.10 -15.52 -13.31
N ASN K 188 -23.81 -15.32 -13.08
CA ASN K 188 -23.32 -14.28 -12.15
C ASN K 188 -22.17 -13.53 -12.72
N ILE K 189 -21.95 -12.35 -12.20
CA ILE K 189 -20.90 -11.50 -12.72
C ILE K 189 -20.48 -10.44 -11.70
N LEU K 190 -19.19 -10.12 -11.70
CA LEU K 190 -18.55 -9.21 -10.74
C LEU K 190 -17.50 -8.42 -11.48
N SER K 191 -17.40 -7.12 -11.25
CA SER K 191 -16.37 -6.31 -11.90
C SER K 191 -15.86 -5.21 -10.98
N ASP K 192 -14.56 -5.02 -10.99
CA ASP K 192 -13.95 -3.93 -10.24
C ASP K 192 -12.57 -3.64 -10.82
N VAL K 193 -12.04 -2.47 -10.48
CA VAL K 193 -10.74 -2.02 -10.98
C VAL K 193 -9.62 -2.57 -10.08
N VAL K 194 -8.47 -2.89 -10.68
CA VAL K 194 -7.31 -3.43 -9.95
C VAL K 194 -6.02 -2.97 -10.61
N ASP K 195 -5.12 -2.41 -9.83
CA ASP K 195 -3.83 -1.95 -10.35
C ASP K 195 -2.83 -3.09 -10.15
N LEU K 196 -2.51 -3.78 -11.23
CA LEU K 196 -1.63 -4.94 -11.18
C LEU K 196 -0.20 -4.54 -10.82
N LYS K 197 0.22 -3.35 -11.24
CA LYS K 197 1.61 -2.90 -10.97
C LYS K 197 1.90 -2.77 -9.48
N THR K 198 0.89 -2.45 -8.68
CA THR K 198 1.08 -2.32 -7.24
C THR K 198 0.60 -3.55 -6.45
N SER K 199 0.08 -4.56 -7.11
CA SER K 199 -0.43 -5.71 -6.37
C SER K 199 0.15 -7.05 -6.77
N LEU K 200 0.95 -7.09 -7.84
CA LEU K 200 1.68 -8.28 -8.25
C LEU K 200 3.07 -7.93 -8.75
N PRO K 201 4.00 -8.92 -8.68
CA PRO K 201 5.30 -8.72 -9.33
C PRO K 201 5.18 -8.79 -10.88
N GLU K 202 6.24 -8.36 -11.57
CA GLU K 202 6.32 -8.34 -13.03
C GLU K 202 5.92 -9.65 -13.64
N TRP K 203 6.49 -10.69 -13.06
CA TRP K 203 6.27 -12.06 -13.49
C TRP K 203 5.53 -12.77 -12.37
N VAL K 204 4.54 -13.59 -12.74
CA VAL K 204 3.72 -14.32 -11.79
C VAL K 204 3.47 -15.73 -12.30
N ARG K 205 2.89 -16.53 -11.43
CA ARG K 205 2.34 -17.81 -11.77
C ARG K 205 0.83 -17.77 -11.50
N ILE K 206 0.06 -18.56 -12.25
CA ILE K 206 -1.40 -18.61 -12.12
C ILE K 206 -1.83 -19.98 -11.67
N GLY K 207 -2.94 -20.06 -10.97
CA GLY K 207 -3.42 -21.36 -10.56
C GLY K 207 -4.73 -21.34 -9.82
N PHE K 208 -5.05 -22.52 -9.29
CA PHE K 208 -6.22 -22.68 -8.46
C PHE K 208 -5.81 -23.06 -7.03
N SER K 209 -6.60 -22.59 -6.08
CA SER K 209 -6.48 -23.00 -4.70
C SER K 209 -7.87 -23.32 -4.19
N ALA K 210 -8.01 -24.39 -3.41
CA ALA K 210 -9.32 -24.72 -2.85
C ALA K 210 -9.17 -25.39 -1.49
N ALA K 211 -9.98 -24.93 -0.56
CA ALA K 211 -9.91 -25.41 0.82
C ALA K 211 -11.22 -25.97 1.26
N THR K 212 -11.14 -27.03 2.04
CA THR K 212 -12.30 -27.63 2.66
C THR K 212 -12.43 -27.04 4.09
N GLY K 213 -13.46 -27.39 4.84
CA GLY K 213 -13.75 -26.76 6.14
C GLY K 213 -12.83 -27.24 7.26
N LEU K 214 -12.63 -26.40 8.28
CA LEU K 214 -11.80 -26.78 9.42
C LEU K 214 -12.35 -28.01 10.15
N ASP K 215 -13.52 -27.85 10.78
CA ASP K 215 -14.13 -28.91 11.59
C ASP K 215 -15.05 -29.78 10.73
N ILE K 216 -15.52 -29.23 9.61
CA ILE K 216 -16.53 -29.93 8.79
C ILE K 216 -15.94 -30.39 7.46
N PRO K 217 -16.48 -31.47 6.88
CA PRO K 217 -16.03 -31.81 5.52
C PRO K 217 -16.44 -30.74 4.49
N GLY K 218 -17.69 -30.34 4.50
CA GLY K 218 -18.18 -29.29 3.60
C GLY K 218 -18.29 -29.75 2.15
N GLU K 219 -17.35 -29.32 1.30
CA GLU K 219 -17.38 -29.69 -0.15
C GLU K 219 -16.00 -29.84 -0.75
N SER K 220 -15.86 -30.77 -1.67
CA SER K 220 -14.63 -30.98 -2.46
C SER K 220 -14.69 -30.05 -3.64
N HIS K 221 -13.54 -29.85 -4.30
CA HIS K 221 -13.45 -28.91 -5.44
C HIS K 221 -12.65 -29.53 -6.58
N ASP K 222 -13.29 -29.73 -7.73
CA ASP K 222 -12.64 -30.30 -8.90
C ASP K 222 -12.62 -29.30 -10.07
N VAL K 223 -11.45 -29.07 -10.64
CA VAL K 223 -11.37 -28.33 -11.89
C VAL K 223 -11.26 -29.31 -13.02
N LEU K 224 -12.02 -29.07 -14.09
CA LEU K 224 -12.18 -30.03 -15.17
C LEU K 224 -11.47 -29.68 -16.47
N SER K 225 -11.41 -28.38 -16.77
CA SER K 225 -10.78 -27.85 -17.98
C SER K 225 -10.15 -26.51 -17.66
N TRP K 226 -9.29 -26.00 -18.53
CA TRP K 226 -8.57 -24.75 -18.27
C TRP K 226 -8.06 -24.11 -19.55
N SER K 227 -8.34 -22.83 -19.74
CA SER K 227 -7.73 -22.05 -20.82
C SER K 227 -7.22 -20.74 -20.30
N PHE K 228 -6.15 -20.26 -20.93
CA PHE K 228 -5.59 -18.99 -20.56
C PHE K 228 -4.88 -18.34 -21.74
N ALA K 229 -4.99 -17.03 -21.83
CA ALA K 229 -4.29 -16.27 -22.84
C ALA K 229 -3.91 -14.91 -22.28
N SER K 230 -2.71 -14.44 -22.58
CA SER K 230 -2.27 -13.14 -22.13
C SER K 230 -1.57 -12.43 -23.28
N ASN K 231 -1.70 -11.10 -23.27
CA ASN K 231 -1.06 -10.26 -24.22
C ASN K 231 -0.44 -9.07 -23.50
N LEU K 232 0.87 -8.90 -23.61
CA LEU K 232 1.55 -7.74 -23.06
C LEU K 232 2.09 -6.89 -24.19
N PRO K 233 1.42 -5.77 -24.50
CA PRO K 233 2.01 -4.88 -25.47
C PRO K 233 3.22 -4.11 -24.90
N HIS K 234 4.16 -3.74 -25.77
CA HIS K 234 5.22 -2.73 -25.50
C HIS K 234 4.86 -1.69 -24.42
N ALA L 1 25.25 -32.54 16.55
CA ALA L 1 25.65 -33.87 16.00
C ALA L 1 24.43 -34.55 15.35
N GLU L 2 24.45 -34.65 14.05
CA GLU L 2 23.39 -35.36 13.33
C GLU L 2 23.87 -36.79 13.05
N THR L 3 23.09 -37.80 13.41
CA THR L 3 23.38 -39.15 12.91
C THR L 3 22.15 -39.75 12.25
N VAL L 4 22.40 -40.71 11.37
CA VAL L 4 21.35 -41.51 10.76
C VAL L 4 21.96 -42.88 10.42
N SER L 5 21.18 -43.93 10.48
CA SER L 5 21.66 -45.21 10.00
C SER L 5 20.50 -46.10 9.67
N PHE L 6 20.76 -47.12 8.87
CA PHE L 6 19.80 -48.19 8.64
C PHE L 6 20.51 -49.45 8.20
N SER L 7 19.79 -50.56 8.27
CA SER L 7 20.28 -51.78 7.61
C SER L 7 19.15 -52.74 7.32
N TRP L 8 19.32 -53.47 6.23
CA TRP L 8 18.50 -54.63 5.97
C TRP L 8 19.24 -55.65 5.13
N ASN L 9 18.68 -56.84 5.10
CA ASN L 9 19.27 -57.97 4.43
C ASN L 9 18.35 -58.64 3.39
N LYS L 10 17.09 -58.24 3.34
CA LYS L 10 16.30 -58.45 2.14
C LYS L 10 15.62 -57.14 1.78
N PHE L 11 15.31 -56.98 0.51
CA PHE L 11 14.41 -55.91 0.12
C PHE L 11 13.00 -56.48 0.10
N VAL L 12 12.00 -55.62 0.28
CA VAL L 12 10.60 -56.03 0.12
C VAL L 12 9.90 -55.19 -0.95
N PRO L 13 9.11 -55.83 -1.83
CA PRO L 13 8.40 -55.07 -2.89
C PRO L 13 7.60 -53.90 -2.38
N LYS L 14 7.59 -52.82 -3.16
CA LYS L 14 6.85 -51.60 -2.82
C LYS L 14 7.29 -50.95 -1.50
N GLN L 15 8.49 -51.25 -1.01
CA GLN L 15 8.94 -50.69 0.27
C GLN L 15 9.05 -49.17 0.12
N PRO L 16 8.34 -48.40 0.96
CA PRO L 16 8.23 -46.95 0.82
C PRO L 16 9.45 -46.13 1.27
N ASN L 17 10.51 -46.81 1.71
CA ASN L 17 11.74 -46.15 2.11
C ASN L 17 12.79 -46.23 1.00
N MET L 18 12.33 -46.52 -0.22
CA MET L 18 13.20 -46.70 -1.37
C MET L 18 12.50 -46.03 -2.58
N ILE L 19 13.25 -45.25 -3.36
CA ILE L 19 12.80 -44.68 -4.63
C ILE L 19 13.43 -45.46 -5.77
N LEU L 20 12.62 -46.14 -6.56
CA LEU L 20 13.10 -46.87 -7.73
C LEU L 20 13.03 -46.00 -8.97
N GLN L 21 13.99 -46.18 -9.85
CA GLN L 21 14.08 -45.39 -11.05
C GLN L 21 14.48 -46.33 -12.20
N GLY L 22 14.04 -46.01 -13.41
CA GLY L 22 14.34 -46.83 -14.57
C GLY L 22 13.81 -48.24 -14.43
N ASP L 23 14.64 -49.20 -14.82
CA ASP L 23 14.24 -50.60 -14.88
C ASP L 23 14.23 -51.33 -13.52
N ALA L 24 14.66 -50.65 -12.47
CA ALA L 24 14.80 -51.24 -11.15
C ALA L 24 13.48 -51.84 -10.64
N ILE L 25 13.53 -53.06 -10.12
CA ILE L 25 12.48 -53.51 -9.22
C ILE L 25 13.03 -54.36 -8.08
N VAL L 26 12.18 -54.63 -7.11
CA VAL L 26 12.47 -55.61 -6.10
C VAL L 26 11.66 -56.88 -6.43
N THR L 27 12.38 -58.00 -6.52
CA THR L 27 11.75 -59.29 -6.77
C THR L 27 11.04 -59.79 -5.53
N SER L 28 10.17 -60.79 -5.71
CA SER L 28 9.52 -61.43 -4.58
C SER L 28 10.55 -62.12 -3.68
N SER L 29 11.63 -62.59 -4.28
CA SER L 29 12.69 -63.24 -3.52
C SER L 29 13.56 -62.24 -2.72
N GLY L 30 13.26 -60.95 -2.82
CA GLY L 30 13.87 -59.92 -2.00
C GLY L 30 15.16 -59.33 -2.52
N LYS L 31 15.41 -59.45 -3.82
CA LYS L 31 16.57 -58.84 -4.42
C LYS L 31 16.20 -57.51 -5.06
N LEU L 32 17.13 -56.56 -5.02
CA LEU L 32 17.02 -55.34 -5.78
C LEU L 32 17.60 -55.62 -7.16
N GLN L 33 16.74 -55.96 -8.09
CA GLN L 33 17.13 -56.20 -9.49
C GLN L 33 17.21 -54.88 -10.20
N LEU L 34 18.43 -54.44 -10.51
CA LEU L 34 18.64 -53.16 -11.15
C LEU L 34 18.30 -53.17 -12.64
N ASN L 35 18.44 -54.31 -13.32
CA ASN L 35 18.26 -54.35 -14.77
C ASN L 35 17.19 -55.30 -15.26
N LYS L 36 16.61 -55.03 -16.43
CA LYS L 36 15.65 -55.96 -17.03
C LYS L 36 16.40 -57.21 -17.52
N VAL L 37 15.70 -58.35 -17.42
CA VAL L 37 16.25 -59.68 -17.74
C VAL L 37 15.13 -60.51 -18.38
N ASP L 38 15.44 -61.26 -19.41
CA ASP L 38 14.37 -61.99 -20.12
C ASP L 38 14.03 -63.30 -19.41
N GLU L 39 13.02 -64.01 -19.93
CA GLU L 39 12.41 -65.13 -19.20
C GLU L 39 13.38 -66.26 -18.78
N ASN L 40 14.45 -66.46 -19.56
CA ASN L 40 15.42 -67.55 -19.26
C ASN L 40 16.68 -67.10 -18.52
N GLY L 41 16.76 -65.81 -18.16
CA GLY L 41 17.85 -65.28 -17.33
C GLY L 41 18.81 -64.33 -18.03
N THR L 42 18.61 -64.08 -19.31
CA THR L 42 19.54 -63.26 -20.07
C THR L 42 19.25 -61.74 -19.89
N PRO L 43 20.28 -60.93 -19.57
CA PRO L 43 20.12 -59.49 -19.51
C PRO L 43 19.73 -58.87 -20.85
N LYS L 44 18.90 -57.83 -20.83
CA LYS L 44 18.49 -57.11 -22.05
C LYS L 44 19.45 -55.96 -22.25
N PRO L 45 19.87 -55.67 -23.49
CA PRO L 45 20.74 -54.50 -23.65
C PRO L 45 20.02 -53.18 -23.40
N SER L 46 20.80 -52.13 -23.21
CA SER L 46 20.28 -50.80 -22.92
C SER L 46 19.33 -50.67 -21.71
N SER L 47 19.34 -51.68 -20.84
CA SER L 47 18.78 -51.56 -19.49
C SER L 47 19.58 -50.64 -18.61
N LEU L 48 18.86 -49.91 -17.78
CA LEU L 48 19.44 -49.06 -16.77
C LEU L 48 18.44 -48.97 -15.60
N GLY L 49 18.94 -49.21 -14.39
CA GLY L 49 18.08 -49.08 -13.21
C GLY L 49 18.84 -48.45 -12.06
N ARG L 50 18.11 -47.70 -11.25
CA ARG L 50 18.64 -47.06 -10.08
C ARG L 50 17.70 -47.21 -8.91
N ALA L 51 18.23 -47.09 -7.70
CA ALA L 51 17.45 -47.12 -6.47
C ALA L 51 18.09 -46.18 -5.47
N LEU L 52 17.25 -45.45 -4.78
CA LEU L 52 17.64 -44.41 -3.85
C LEU L 52 17.00 -44.69 -2.50
N TYR L 53 17.75 -44.44 -1.42
CA TYR L 53 17.15 -44.43 -0.09
C TYR L 53 16.33 -43.14 0.00
N SER L 54 15.09 -43.26 0.46
CA SER L 54 14.14 -42.12 0.51
C SER L 54 14.73 -40.88 1.17
N THR L 55 15.31 -41.08 2.34
CA THR L 55 15.62 -39.98 3.16
C THR L 55 16.94 -39.31 2.76
N PRO L 56 16.85 -37.99 2.60
CA PRO L 56 18.04 -37.26 2.25
C PRO L 56 19.05 -37.31 3.38
N ILE L 57 20.34 -37.28 3.03
CA ILE L 57 21.41 -37.40 3.99
C ILE L 57 22.15 -36.06 4.07
N HIS L 58 22.35 -35.56 5.29
CA HIS L 58 23.03 -34.28 5.46
C HIS L 58 24.55 -34.51 5.52
N ILE L 59 25.23 -34.27 4.39
CA ILE L 59 26.62 -34.66 4.18
C ILE L 59 27.64 -33.60 4.60
N TRP L 60 27.32 -32.32 4.40
CA TRP L 60 28.16 -31.26 4.96
C TRP L 60 27.35 -30.00 5.22
N ASP L 61 27.92 -29.09 5.99
CA ASP L 61 27.24 -27.89 6.41
C ASP L 61 28.04 -26.66 6.00
N LYS L 62 27.41 -25.71 5.32
CA LYS L 62 28.12 -24.51 4.83
C LYS L 62 28.46 -23.55 5.96
N GLU L 63 27.47 -23.30 6.83
CA GLU L 63 27.66 -22.46 8.02
C GLU L 63 28.98 -22.80 8.75
N THR L 64 29.06 -24.05 9.21
CA THR L 64 30.16 -24.50 10.05
C THR L 64 31.35 -25.06 9.26
N GLY L 65 31.13 -25.44 7.99
CA GLY L 65 32.22 -26.04 7.19
C GLY L 65 32.54 -27.49 7.56
N SER L 66 31.73 -28.11 8.44
CA SER L 66 31.99 -29.48 8.85
C SER L 66 31.44 -30.51 7.87
N VAL L 67 32.05 -31.70 7.86
CA VAL L 67 31.78 -32.72 6.87
C VAL L 67 31.50 -34.04 7.57
N ALA L 68 30.58 -34.82 7.03
CA ALA L 68 30.19 -36.04 7.66
C ALA L 68 31.18 -37.16 7.39
N SER L 69 31.21 -38.10 8.33
CA SER L 69 31.85 -39.38 8.12
C SER L 69 30.75 -40.41 7.91
N PHE L 70 30.98 -41.39 7.04
CA PHE L 70 29.96 -42.37 6.79
C PHE L 70 30.52 -43.72 6.37
N ALA L 71 29.69 -44.74 6.47
CA ALA L 71 30.04 -46.06 6.04
C ALA L 71 28.84 -46.67 5.30
N ALA L 72 29.15 -47.41 4.23
CA ALA L 72 28.14 -48.07 3.43
C ALA L 72 28.58 -49.50 3.15
N SER L 73 27.73 -50.48 3.34
CA SER L 73 28.06 -51.85 2.98
C SER L 73 26.86 -52.51 2.27
N PHE L 74 27.15 -53.46 1.39
CA PHE L 74 26.14 -54.20 0.67
C PHE L 74 26.71 -55.47 0.08
N ASN L 75 25.85 -56.47 -0.13
CA ASN L 75 26.19 -57.64 -0.95
C ASN L 75 25.58 -57.46 -2.33
N PHE L 76 26.33 -57.78 -3.37
CA PHE L 76 25.75 -57.81 -4.70
C PHE L 76 26.34 -58.89 -5.59
N THR L 77 25.62 -59.21 -6.66
CA THR L 77 26.07 -60.22 -7.62
C THR L 77 25.79 -59.77 -9.02
N PHE L 78 26.38 -60.45 -9.98
CA PHE L 78 26.05 -60.24 -11.37
C PHE L 78 25.94 -61.57 -12.09
N TYR L 79 25.09 -61.59 -13.12
CA TYR L 79 24.95 -62.74 -13.98
C TYR L 79 25.38 -62.33 -15.38
N ALA L 80 26.47 -62.92 -15.87
CA ALA L 80 26.88 -62.82 -17.26
C ALA L 80 26.58 -64.13 -17.96
N PRO L 81 25.74 -64.10 -19.01
CA PRO L 81 25.53 -65.32 -19.81
C PRO L 81 26.78 -65.69 -20.58
N ASP L 82 27.44 -64.68 -21.15
CA ASP L 82 28.74 -64.85 -21.76
C ASP L 82 29.78 -64.15 -20.88
N THR L 83 30.55 -64.97 -20.18
CA THR L 83 31.53 -64.49 -19.24
C THR L 83 32.69 -63.68 -19.86
N LYS L 84 32.85 -63.79 -21.18
CA LYS L 84 33.89 -63.18 -21.96
C LYS L 84 33.49 -61.80 -22.53
N ARG L 85 32.25 -61.35 -22.28
CA ARG L 85 31.74 -60.10 -22.84
C ARG L 85 30.80 -59.41 -21.86
N LEU L 86 31.32 -58.38 -21.17
CA LEU L 86 30.66 -57.78 -19.99
C LEU L 86 30.14 -56.35 -20.22
N ALA L 87 29.11 -55.98 -19.46
CA ALA L 87 28.19 -54.86 -19.71
C ALA L 87 28.29 -53.66 -18.78
N ASP L 88 29.33 -52.87 -18.94
CA ASP L 88 29.45 -51.59 -18.24
C ASP L 88 29.61 -51.69 -16.74
N GLY L 89 28.57 -52.02 -15.99
CA GLY L 89 28.76 -52.21 -14.54
C GLY L 89 27.73 -51.65 -13.57
N LEU L 90 28.15 -51.58 -12.31
CA LEU L 90 27.30 -51.17 -11.18
C LEU L 90 28.01 -50.16 -10.28
N ALA L 91 27.22 -49.30 -9.63
CA ALA L 91 27.76 -48.21 -8.83
C ALA L 91 26.94 -47.93 -7.57
N PHE L 92 27.65 -47.50 -6.53
CA PHE L 92 27.03 -46.88 -5.35
C PHE L 92 27.33 -45.41 -5.45
N PHE L 93 26.37 -44.56 -5.14
CA PHE L 93 26.58 -43.14 -5.35
C PHE L 93 25.83 -42.23 -4.40
N LEU L 94 26.26 -40.96 -4.45
CA LEU L 94 25.60 -39.87 -3.76
C LEU L 94 25.41 -38.74 -4.75
N ALA L 95 24.27 -38.09 -4.71
CA ALA L 95 23.87 -37.08 -5.70
C ALA L 95 22.82 -36.15 -5.08
N PRO L 96 22.48 -35.03 -5.76
CA PRO L 96 21.42 -34.12 -5.26
C PRO L 96 20.10 -34.80 -5.01
N ILE L 97 19.35 -34.26 -4.04
CA ILE L 97 18.06 -34.82 -3.63
C ILE L 97 17.21 -35.27 -4.82
N ASP L 98 17.13 -34.43 -5.84
CA ASP L 98 16.20 -34.64 -6.94
C ASP L 98 16.86 -35.29 -8.16
N THR L 99 17.96 -35.98 -7.92
CA THR L 99 18.68 -36.71 -8.96
C THR L 99 17.80 -37.65 -9.76
N LYS L 100 17.98 -37.57 -11.09
CA LYS L 100 17.31 -38.43 -12.07
C LYS L 100 18.38 -39.23 -12.83
N PRO L 101 17.98 -40.34 -13.48
CA PRO L 101 18.88 -41.16 -14.32
C PRO L 101 19.54 -40.35 -15.45
N GLN L 102 20.85 -40.55 -15.65
CA GLN L 102 21.62 -39.89 -16.71
C GLN L 102 21.88 -40.91 -17.82
N THR L 103 22.90 -40.67 -18.65
CA THR L 103 23.20 -41.53 -19.82
C THR L 103 23.46 -42.94 -19.38
N HIS L 104 23.02 -43.91 -20.16
CA HIS L 104 23.14 -45.32 -19.74
C HIS L 104 24.42 -45.96 -20.28
N ALA L 105 24.44 -47.28 -20.42
CA ALA L 105 25.63 -47.97 -20.91
C ALA L 105 26.89 -47.59 -20.08
N GLY L 106 27.97 -47.19 -20.75
CA GLY L 106 29.24 -46.83 -20.12
C GLY L 106 29.24 -45.70 -19.09
N TYR L 107 28.20 -44.85 -19.11
CA TYR L 107 28.05 -43.76 -18.13
C TYR L 107 27.27 -44.20 -16.88
N LEU L 108 26.76 -45.43 -16.90
CA LEU L 108 26.21 -46.12 -15.73
C LEU L 108 24.99 -45.43 -15.09
N GLY L 109 24.31 -44.58 -15.85
CA GLY L 109 23.16 -43.89 -15.32
C GLY L 109 23.49 -42.75 -14.40
N LEU L 110 24.77 -42.37 -14.34
CA LEU L 110 25.21 -41.39 -13.35
C LEU L 110 25.80 -40.12 -13.92
N PHE L 111 26.46 -40.21 -15.07
CA PHE L 111 27.10 -39.04 -15.68
C PHE L 111 26.68 -38.90 -17.16
N ASN L 112 27.20 -37.85 -17.80
CA ASN L 112 27.07 -37.57 -19.22
C ASN L 112 28.43 -37.07 -19.77
N GLU L 113 28.63 -37.21 -21.09
CA GLU L 113 29.85 -36.74 -21.76
C GLU L 113 30.01 -35.24 -21.61
N ASN L 114 28.90 -34.48 -21.73
CA ASN L 114 28.94 -33.02 -21.59
C ASN L 114 29.30 -32.55 -20.19
N GLU L 115 29.50 -31.22 -20.08
CA GLU L 115 29.94 -30.62 -18.82
C GLU L 115 29.35 -31.32 -17.60
N ASP L 118 24.15 -33.16 -12.74
CA ASP L 118 24.24 -33.27 -11.27
C ASP L 118 25.72 -33.05 -10.77
N GLN L 119 25.87 -32.89 -9.45
CA GLN L 119 27.17 -33.00 -8.74
C GLN L 119 27.17 -34.42 -8.15
N VAL L 120 27.96 -35.33 -8.73
CA VAL L 120 27.78 -36.74 -8.36
C VAL L 120 29.07 -37.39 -7.97
N VAL L 121 29.01 -38.19 -6.91
CA VAL L 121 30.17 -38.92 -6.47
C VAL L 121 29.78 -40.37 -6.35
N ALA L 122 30.65 -41.24 -6.86
CA ALA L 122 30.32 -42.65 -6.99
C ALA L 122 31.50 -43.58 -6.75
N VAL L 123 31.21 -44.80 -6.38
CA VAL L 123 32.18 -45.84 -6.45
C VAL L 123 31.65 -46.82 -7.44
N GLU L 124 32.44 -47.04 -8.48
CA GLU L 124 32.00 -47.81 -9.58
C GLU L 124 32.64 -49.20 -9.60
N PHE L 125 31.89 -50.16 -10.13
CA PHE L 125 32.35 -51.52 -10.34
C PHE L 125 32.13 -51.82 -11.80
N ASP L 126 33.19 -51.65 -12.55
CA ASP L 126 33.11 -51.34 -13.97
C ASP L 126 33.67 -52.54 -14.75
N THR L 127 32.84 -53.06 -15.65
CA THR L 127 33.12 -54.30 -16.33
C THR L 127 33.65 -54.12 -17.72
N PHE L 128 33.48 -52.93 -18.27
CA PHE L 128 33.75 -52.75 -19.67
C PHE L 128 34.57 -51.55 -19.92
N ARG L 129 35.54 -51.72 -20.80
CA ARG L 129 36.49 -50.66 -21.04
C ARG L 129 36.11 -49.64 -22.05
N ASN L 130 35.78 -48.47 -21.56
CA ASN L 130 35.50 -47.31 -22.40
C ASN L 130 36.80 -46.54 -22.66
N SER L 131 36.77 -45.53 -23.51
CA SER L 131 37.97 -44.77 -23.89
C SER L 131 38.65 -44.07 -22.70
N TRP L 132 37.83 -43.66 -21.74
CA TRP L 132 38.33 -43.00 -20.52
C TRP L 132 38.79 -43.95 -19.44
N ASP L 133 38.59 -45.27 -19.66
CA ASP L 133 38.84 -46.30 -18.63
C ASP L 133 40.24 -46.84 -18.66
N PRO L 134 40.75 -47.29 -17.52
CA PRO L 134 41.95 -48.12 -17.60
C PRO L 134 41.56 -49.51 -18.08
N PRO L 135 42.55 -50.34 -18.42
CA PRO L 135 42.21 -51.63 -19.01
C PRO L 135 41.32 -52.85 -18.94
N ASN L 136 41.27 -53.47 -17.75
CA ASN L 136 40.35 -54.57 -17.47
C ASN L 136 39.37 -54.13 -16.37
N PRO L 137 38.50 -55.05 -15.93
CA PRO L 137 37.49 -54.72 -14.93
C PRO L 137 38.12 -54.16 -13.65
N HIS L 138 37.47 -53.17 -13.05
CA HIS L 138 38.08 -52.39 -12.00
C HIS L 138 37.06 -51.77 -11.06
N ILE L 139 37.53 -51.45 -9.86
CA ILE L 139 36.80 -50.60 -8.93
C ILE L 139 37.32 -49.21 -9.20
N GLY L 140 36.45 -48.22 -9.11
CA GLY L 140 36.84 -46.83 -9.37
C GLY L 140 36.18 -45.85 -8.45
N ILE L 141 36.89 -44.80 -8.08
CA ILE L 141 36.34 -43.67 -7.33
C ILE L 141 36.10 -42.55 -8.31
N ASN L 142 34.84 -42.18 -8.48
CA ASN L 142 34.43 -41.18 -9.46
C ASN L 142 33.95 -39.91 -8.81
N VAL L 143 34.56 -38.79 -9.18
CA VAL L 143 34.20 -37.48 -8.66
C VAL L 143 33.74 -36.57 -9.82
N ASN L 144 32.43 -36.45 -9.98
CA ASN L 144 31.83 -35.48 -10.91
C ASN L 144 32.13 -35.81 -12.40
N SER L 145 32.45 -37.06 -12.68
CA SER L 145 32.92 -37.50 -13.99
C SER L 145 33.06 -39.02 -13.99
N ILE L 146 32.79 -39.61 -15.16
CA ILE L 146 32.91 -41.05 -15.36
C ILE L 146 34.38 -41.53 -15.43
N ARG L 147 35.30 -40.59 -15.68
CA ARG L 147 36.73 -40.87 -15.56
C ARG L 147 37.14 -40.84 -14.11
N SER L 148 37.37 -42.03 -13.56
CA SER L 148 37.68 -42.19 -12.15
C SER L 148 38.94 -41.43 -11.82
N ILE L 149 38.97 -40.79 -10.64
CA ILE L 149 40.21 -40.17 -10.13
C ILE L 149 41.27 -41.23 -9.82
N LYS L 150 40.81 -42.46 -9.57
CA LYS L 150 41.71 -43.58 -9.28
C LYS L 150 40.96 -44.90 -9.37
N THR L 151 41.67 -45.93 -9.80
CA THR L 151 41.10 -47.26 -9.95
C THR L 151 42.01 -48.34 -9.38
N THR L 152 41.44 -49.52 -9.19
CA THR L 152 42.20 -50.73 -8.92
C THR L 152 41.55 -51.88 -9.60
N SER L 153 42.27 -52.96 -9.71
CA SER L 153 41.78 -54.17 -10.32
C SER L 153 40.58 -54.75 -9.54
N TRP L 154 39.60 -55.24 -10.27
CA TRP L 154 38.49 -55.96 -9.67
C TRP L 154 38.51 -57.41 -10.14
N ASP L 155 38.82 -58.35 -9.24
CA ASP L 155 38.69 -59.77 -9.57
C ASP L 155 37.26 -60.28 -9.53
N LEU L 156 36.53 -59.90 -10.57
CA LEU L 156 35.23 -60.48 -10.89
C LEU L 156 35.04 -61.95 -10.51
N ALA L 157 33.85 -62.29 -10.07
CA ALA L 157 33.42 -63.67 -10.11
C ALA L 157 31.95 -63.71 -10.47
N ASN L 158 31.61 -64.40 -11.53
CA ASN L 158 30.23 -64.47 -12.00
C ASN L 158 29.34 -65.13 -10.96
N ASN L 159 28.16 -64.56 -10.69
CA ASN L 159 27.17 -65.12 -9.75
C ASN L 159 27.54 -65.12 -8.28
N LYS L 160 28.82 -64.98 -7.94
CA LYS L 160 29.28 -65.08 -6.56
C LYS L 160 29.00 -63.79 -5.81
N VAL L 161 28.85 -63.93 -4.49
CA VAL L 161 28.50 -62.80 -3.65
C VAL L 161 29.70 -61.92 -3.36
N ALA L 162 29.56 -60.64 -3.69
CA ALA L 162 30.58 -59.64 -3.41
C ALA L 162 30.15 -58.80 -2.23
N LYS L 163 30.98 -58.78 -1.18
CA LYS L 163 30.67 -58.05 0.04
C LYS L 163 31.48 -56.77 -0.03
N VAL L 164 30.78 -55.62 -0.12
CA VAL L 164 31.40 -54.29 -0.29
C VAL L 164 31.36 -53.53 1.02
N LEU L 165 32.43 -52.81 1.32
CA LEU L 165 32.40 -51.80 2.35
C LEU L 165 33.03 -50.54 1.80
N ILE L 166 32.30 -49.44 1.91
CA ILE L 166 32.79 -48.12 1.53
C ILE L 166 32.78 -47.22 2.74
N THR L 167 33.88 -46.54 3.02
CA THR L 167 33.97 -45.64 4.15
C THR L 167 34.49 -44.30 3.70
N TYR L 168 34.06 -43.26 4.41
CA TYR L 168 34.56 -41.93 4.24
C TYR L 168 34.94 -41.34 5.57
N ASP L 169 36.19 -40.94 5.72
CA ASP L 169 36.68 -40.33 6.96
C ASP L 169 36.89 -38.83 6.73
N ALA L 170 36.01 -38.00 7.28
CA ALA L 170 36.10 -36.55 7.11
C ALA L 170 37.42 -35.96 7.64
N SER L 171 37.99 -36.55 8.67
CA SER L 171 39.24 -36.00 9.26
C SER L 171 40.43 -36.06 8.30
N THR L 172 40.40 -37.02 7.37
CA THR L 172 41.44 -37.18 6.35
C THR L 172 40.90 -37.02 4.91
N SER L 173 39.60 -36.82 4.78
CA SER L 173 38.92 -36.78 3.50
C SER L 173 39.10 -38.06 2.65
N LEU L 174 39.39 -39.15 3.34
CA LEU L 174 39.79 -40.39 2.68
C LEU L 174 38.58 -41.27 2.40
N LEU L 175 38.35 -41.57 1.13
CA LEU L 175 37.31 -42.48 0.75
C LEU L 175 37.96 -43.82 0.45
N VAL L 176 37.46 -44.88 1.07
CA VAL L 176 38.05 -46.21 0.92
C VAL L 176 36.95 -47.16 0.54
N ALA L 177 37.19 -47.96 -0.47
CA ALA L 177 36.20 -48.95 -0.88
C ALA L 177 36.90 -50.27 -1.02
N SER L 178 36.32 -51.28 -0.39
CA SER L 178 36.88 -52.60 -0.40
C SER L 178 35.84 -53.59 -0.91
N LEU L 179 36.30 -54.66 -1.55
CA LEU L 179 35.40 -55.66 -2.09
C LEU L 179 35.96 -57.05 -1.86
N VAL L 180 35.12 -57.95 -1.38
CA VAL L 180 35.53 -59.28 -1.03
C VAL L 180 34.57 -60.32 -1.57
N TYR L 181 35.11 -61.41 -2.11
CA TYR L 181 34.30 -62.58 -2.50
C TYR L 181 34.65 -63.69 -1.52
N PRO L 182 33.82 -63.87 -0.48
CA PRO L 182 34.10 -64.91 0.50
C PRO L 182 34.32 -66.29 -0.10
N SER L 183 33.51 -66.65 -1.09
CA SER L 183 33.64 -67.95 -1.72
C SER L 183 35.03 -68.15 -2.38
N GLN L 184 35.62 -67.07 -2.90
CA GLN L 184 36.96 -67.14 -3.52
C GLN L 184 38.08 -66.77 -2.56
N ARG L 185 37.74 -66.29 -1.37
CA ARG L 185 38.74 -65.64 -0.48
C ARG L 185 39.56 -64.53 -1.18
N THR L 186 39.00 -63.84 -2.17
CA THR L 186 39.72 -62.79 -2.87
C THR L 186 39.29 -61.43 -2.34
N SER L 187 40.21 -60.46 -2.39
CA SER L 187 39.96 -59.15 -1.79
C SER L 187 40.52 -58.05 -2.69
N ASN L 188 39.83 -56.94 -2.76
CA ASN L 188 40.30 -55.77 -3.52
C ASN L 188 40.09 -54.52 -2.72
N ILE L 189 40.88 -53.48 -2.99
CA ILE L 189 40.69 -52.26 -2.24
C ILE L 189 41.30 -51.05 -2.92
N LEU L 190 40.68 -49.90 -2.69
CA LEU L 190 40.99 -48.65 -3.32
C LEU L 190 40.87 -47.56 -2.27
N SER L 191 41.72 -46.57 -2.35
CA SER L 191 41.55 -45.40 -1.49
C SER L 191 42.08 -44.14 -2.14
N ASP L 192 41.33 -43.06 -2.03
CA ASP L 192 41.83 -41.76 -2.49
C ASP L 192 41.04 -40.65 -1.79
N VAL L 193 41.54 -39.43 -1.92
CA VAL L 193 40.96 -38.24 -1.28
C VAL L 193 39.79 -37.71 -2.10
N VAL L 194 38.76 -37.19 -1.41
CA VAL L 194 37.62 -36.52 -2.05
C VAL L 194 37.15 -35.37 -1.17
N ASP L 195 37.09 -34.17 -1.74
CA ASP L 195 36.55 -33.02 -1.02
C ASP L 195 35.05 -32.96 -1.35
N LEU L 196 34.26 -33.34 -0.37
CA LEU L 196 32.81 -33.35 -0.50
C LEU L 196 32.23 -31.96 -0.67
N LYS L 197 32.84 -30.99 0.01
CA LYS L 197 32.33 -29.61 -0.01
C LYS L 197 32.32 -29.01 -1.41
N THR L 198 33.26 -29.42 -2.26
CA THR L 198 33.36 -28.91 -3.63
C THR L 198 32.82 -29.88 -4.66
N SER L 199 32.31 -31.02 -4.25
CA SER L 199 31.81 -31.97 -5.23
C SER L 199 30.36 -32.44 -4.99
N LEU L 200 29.75 -32.02 -3.90
CA LEU L 200 28.36 -32.40 -3.55
C LEU L 200 27.65 -31.24 -2.86
N PRO L 201 26.31 -31.17 -3.02
CA PRO L 201 25.50 -30.28 -2.21
C PRO L 201 25.49 -30.71 -0.73
N GLU L 202 25.05 -29.83 0.16
CA GLU L 202 24.99 -30.10 1.58
C GLU L 202 24.14 -31.34 1.88
N TRP L 203 23.03 -31.47 1.17
CA TRP L 203 22.11 -32.56 1.34
C TRP L 203 22.09 -33.36 0.07
N VAL L 204 21.95 -34.67 0.20
CA VAL L 204 22.05 -35.59 -0.92
C VAL L 204 21.13 -36.77 -0.71
N ARG L 205 21.05 -37.60 -1.74
CA ARG L 205 20.45 -38.91 -1.65
C ARG L 205 21.50 -39.93 -2.09
N ILE L 206 21.41 -41.14 -1.56
CA ILE L 206 22.36 -42.15 -1.91
C ILE L 206 21.66 -43.37 -2.48
N GLY L 207 22.37 -44.15 -3.27
CA GLY L 207 21.84 -45.44 -3.72
C GLY L 207 22.67 -46.12 -4.78
N PHE L 208 22.01 -46.89 -5.62
CA PHE L 208 22.68 -47.72 -6.59
C PHE L 208 22.26 -47.37 -8.01
N SER L 209 23.21 -47.52 -8.93
CA SER L 209 22.91 -47.44 -10.37
C SER L 209 23.63 -48.56 -11.05
N ALA L 210 22.98 -49.23 -11.99
CA ALA L 210 23.67 -50.28 -12.75
C ALA L 210 23.12 -50.37 -14.16
N ALA L 211 24.04 -50.46 -15.10
CA ALA L 211 23.74 -50.37 -16.54
C ALA L 211 24.23 -51.61 -17.24
N THR L 212 23.40 -52.09 -18.17
CA THR L 212 23.74 -53.20 -19.02
C THR L 212 24.36 -52.62 -20.31
N GLY L 213 24.86 -53.49 -21.21
CA GLY L 213 25.56 -53.06 -22.45
C GLY L 213 24.62 -52.45 -23.48
N LEU L 214 25.17 -51.55 -24.31
CA LEU L 214 24.41 -50.92 -25.38
C LEU L 214 23.83 -51.93 -26.36
N ASP L 215 24.71 -52.57 -27.11
CA ASP L 215 24.35 -53.50 -28.19
C ASP L 215 24.34 -54.95 -27.67
N ILE L 216 24.94 -55.18 -26.51
CA ILE L 216 25.09 -56.55 -26.00
C ILE L 216 24.40 -56.72 -24.65
N PRO L 217 24.03 -57.96 -24.31
CA PRO L 217 23.43 -58.22 -23.02
C PRO L 217 24.40 -57.91 -21.86
N GLY L 218 25.61 -58.48 -21.93
CA GLY L 218 26.61 -58.30 -20.90
C GLY L 218 26.26 -58.98 -19.59
N GLU L 219 25.84 -58.21 -18.58
CA GLU L 219 25.51 -58.79 -17.28
C GLU L 219 24.45 -58.00 -16.53
N SER L 220 23.68 -58.72 -15.73
CA SER L 220 22.67 -58.13 -14.86
C SER L 220 23.33 -57.78 -13.55
N HIS L 221 22.66 -56.97 -12.74
CA HIS L 221 23.21 -56.54 -11.47
C HIS L 221 22.15 -56.58 -10.39
N ASP L 222 22.42 -57.35 -9.33
CA ASP L 222 21.49 -57.52 -8.23
C ASP L 222 22.12 -57.13 -6.91
N VAL L 223 21.49 -56.24 -6.14
CA VAL L 223 21.95 -55.93 -4.80
C VAL L 223 21.06 -56.65 -3.81
N LEU L 224 21.69 -57.31 -2.83
CA LEU L 224 20.99 -58.21 -1.91
C LEU L 224 20.72 -57.66 -0.51
N SER L 225 21.57 -56.73 -0.06
CA SER L 225 21.48 -56.20 1.30
C SER L 225 22.15 -54.84 1.32
N TRP L 226 21.93 -54.06 2.36
CA TRP L 226 22.43 -52.70 2.38
C TRP L 226 22.46 -52.13 3.79
N SER L 227 23.58 -51.54 4.16
CA SER L 227 23.70 -50.82 5.42
C SER L 227 24.37 -49.49 5.22
N PHE L 228 24.01 -48.57 6.09
CA PHE L 228 24.58 -47.23 5.99
C PHE L 228 24.50 -46.51 7.31
N ALA L 229 25.53 -45.76 7.63
CA ALA L 229 25.50 -44.89 8.81
C ALA L 229 26.28 -43.64 8.51
N SER L 230 25.76 -42.51 8.98
CA SER L 230 26.41 -41.23 8.82
C SER L 230 26.42 -40.47 10.11
N ASN L 231 27.49 -39.72 10.31
CA ASN L 231 27.58 -38.85 11.45
C ASN L 231 28.12 -37.50 11.01
N LEU L 232 27.34 -36.44 11.20
CA LEU L 232 27.75 -35.09 10.90
C LEU L 232 27.97 -34.33 12.21
N PRO L 233 29.24 -34.15 12.63
CA PRO L 233 29.68 -33.37 13.76
C PRO L 233 29.23 -31.91 13.66
N HIS L 234 29.82 -31.08 14.51
CA HIS L 234 29.58 -29.68 14.48
C HIS L 234 30.70 -28.88 15.20
N PRO M 2 -48.69 0.73 -18.89
CA PRO M 2 -49.41 1.43 -19.96
C PRO M 2 -48.59 1.53 -21.26
N ASP M 3 -48.89 0.72 -22.27
CA ASP M 3 -48.09 0.78 -23.49
C ASP M 3 -48.71 1.66 -24.57
N THR M 4 -47.86 2.24 -25.41
CA THR M 4 -48.30 3.23 -26.37
C THR M 4 -48.93 2.70 -27.62
N ARG M 5 -49.42 3.64 -28.42
CA ARG M 5 -49.66 3.42 -29.86
C ARG M 5 -50.37 4.63 -30.50
N ASP N 3 1.71 41.14 12.36
CA ASP N 3 3.10 41.66 12.19
C ASP N 3 3.24 43.10 12.69
N THR N 4 4.24 43.32 13.54
CA THR N 4 4.55 44.62 14.09
C THR N 4 4.64 45.68 12.99
N ASP O 3 15.28 27.24 -29.22
CA ASP O 3 14.74 27.90 -27.98
C ASP O 3 15.77 27.90 -26.81
N THR O 4 15.88 29.02 -26.09
CA THR O 4 16.64 29.08 -24.84
C THR O 4 15.95 28.25 -23.73
N ASP P 3 38.18 -34.35 -42.39
CA ASP P 3 37.48 -33.45 -41.40
C ASP P 3 38.30 -33.29 -40.11
N THR P 4 38.25 -32.09 -39.53
CA THR P 4 39.04 -31.70 -38.35
C THR P 4 38.62 -32.40 -37.04
N ARG P 5 39.31 -32.04 -35.95
CA ARG P 5 38.78 -32.17 -34.57
C ARG P 5 39.77 -31.57 -33.55
N THR Q 4 -26.46 10.96 -1.79
CA THR Q 4 -26.73 12.14 -0.91
C THR Q 4 -26.00 11.97 0.44
N ASP R 3 -17.02 -29.90 29.63
CA ASP R 3 -16.27 -29.81 28.32
C ASP R 3 -16.79 -28.68 27.36
N THR R 4 -15.90 -28.22 26.48
CA THR R 4 -16.04 -26.96 25.74
C THR R 4 -16.39 -27.17 24.27
N PRO S 2 9.06 -8.48 12.51
CA PRO S 2 9.34 -9.83 12.02
C PRO S 2 10.81 -10.05 11.70
N ASP S 3 11.32 -9.36 10.71
CA ASP S 3 12.67 -9.60 10.26
C ASP S 3 12.75 -10.97 9.65
N THR S 4 13.49 -11.05 8.56
CA THR S 4 13.53 -12.19 7.65
C THR S 4 14.64 -13.18 7.97
N ASP T 3 36.26 -47.90 -27.98
CA ASP T 3 34.92 -47.55 -27.39
C ASP T 3 33.81 -47.78 -28.43
N THR T 4 32.65 -48.16 -27.92
CA THR T 4 31.53 -48.56 -28.75
C THR T 4 30.53 -47.42 -28.94
N ARG T 5 29.58 -47.67 -29.84
CA ARG T 5 28.55 -46.72 -30.24
C ARG T 5 27.18 -47.39 -30.21
N ASP U 3 1.13 16.36 -4.98
CA ASP U 3 0.02 16.46 -3.98
C ASP U 3 -1.36 16.46 -4.68
N THR U 4 -2.15 15.40 -4.48
CA THR U 4 -3.45 15.24 -5.14
C THR U 4 -4.22 16.54 -5.42
N PRO V 2 36.88 -3.00 25.12
CA PRO V 2 38.10 -3.10 25.89
C PRO V 2 37.83 -2.44 27.23
N ASP V 3 36.72 -2.84 27.84
CA ASP V 3 36.13 -2.15 28.97
C ASP V 3 37.07 -2.17 30.16
N THR V 4 36.77 -1.25 31.07
CA THR V 4 37.68 -0.76 32.11
C THR V 4 37.61 -1.41 33.49
N ARG V 5 36.92 -2.53 33.59
CA ARG V 5 36.69 -3.14 34.89
C ARG V 5 38.03 -3.35 35.57
N ASP W 3 -17.30 -16.20 13.91
CA ASP W 3 -16.44 -17.07 13.03
C ASP W 3 -15.84 -18.24 13.82
N THR W 4 -15.99 -19.46 13.32
CA THR W 4 -15.16 -20.57 13.78
C THR W 4 -13.68 -20.16 13.70
N ARG W 5 -12.79 -20.92 14.34
CA ARG W 5 -11.33 -20.67 14.18
C ARG W 5 -10.56 -21.92 14.52
N ASP X 3 -38.85 43.43 29.04
CA ASP X 3 -37.96 42.74 28.08
C ASP X 3 -37.20 41.55 28.72
N THR X 4 -37.69 40.34 28.43
CA THR X 4 -37.08 39.06 28.83
C THR X 4 -35.66 39.09 29.41
#